data_4AJ5
#
_entry.id   4AJ5
#
_cell.length_a   174.400
_cell.length_b   193.121
_cell.length_c   198.267
_cell.angle_alpha   90.00
_cell.angle_beta   95.21
_cell.angle_gamma   90.00
#
_symmetry.space_group_name_H-M   'C 1 2 1'
#
loop_
_entity.id
_entity.type
_entity.pdbx_description
1 polymer 'SPINDLE AND KINETOCHORE-ASSOCIATED PROTEIN 3'
2 polymer 'SPINDLE AND KINETOCHORE-ASSOCIATED PROTEIN 1'
3 polymer 'SPINDLE AND KINETOCHORE-ASSOCIATED PROTEIN 2'
#
loop_
_entity_poly.entity_id
_entity_poly.type
_entity_poly.pdbx_seq_one_letter_code
_entity_poly.pdbx_strand_id
1 'polypeptide(L)'
;MDPIRSFCGKLRSLASTLDCETARLQRALDGEESDFEDYPMRILYDLHSEVQTLKDDINILLDKARLENQEGIDFIKATK
VLMEKNSMDIMKIREYFQKYG
;
1,2,3,4,U,V,W,X,Y,Z
2 'polypeptide(L)'
;MASSDLEQLCSHVNEKIGNIKKTLSLRNCGQEPTLKTVLNKIGDEIIVINELLNKLELEIQYQEQTNNSLKELCESLEED
YKDIEHLKENV
;
A,B,C,D,E,F,G,H,I,J
3 'polypeptide(L)'
;GHMEAEVDKLELMFQKAESDLDYIQYRLEYEIKTNHPDSASEKNPVTLLKELSVIKSRYQTLYARFKPVAVEQKESKSRI
CATVKKTMNMIQKLQKQTDLELSPLTKEEKTAAEQFKFHMPDL
;
K,L,M,N,O,P,Q,R,S,T
#
# COMPACT_ATOMS: atom_id res chain seq x y z
N ASP A 2 12.08 4.41 21.28
CA ASP A 2 11.15 4.69 20.18
C ASP A 2 10.41 3.41 19.71
N PRO A 3 10.95 2.66 18.71
CA PRO A 3 10.12 1.62 18.07
C PRO A 3 9.67 0.57 19.05
N ILE A 4 10.32 0.53 20.21
CA ILE A 4 9.94 -0.37 21.29
C ILE A 4 8.60 0.04 21.87
N ARG A 5 8.45 1.33 22.17
CA ARG A 5 7.20 1.79 22.76
C ARG A 5 6.12 2.07 21.73
N SER A 6 6.54 2.54 20.57
CA SER A 6 5.64 2.79 19.45
C SER A 6 4.77 1.57 19.18
N PHE A 7 5.38 0.38 19.24
CA PHE A 7 4.59 -0.85 19.18
C PHE A 7 3.71 -1.00 20.41
N CYS A 8 4.33 -0.94 21.57
CA CYS A 8 3.64 -1.21 22.81
C CYS A 8 2.51 -0.20 23.06
N GLY A 9 2.75 1.06 22.71
CA GLY A 9 1.74 2.10 22.80
C GLY A 9 0.44 1.67 22.14
N LYS A 10 0.54 1.24 20.90
CA LYS A 10 -0.61 0.62 20.22
C LYS A 10 -1.16 -0.56 21.02
N LEU A 11 -0.28 -1.48 21.40
CA LEU A 11 -0.72 -2.65 22.14
C LEU A 11 -1.42 -2.20 23.41
N ARG A 12 -0.79 -1.27 24.10
CA ARG A 12 -1.27 -0.72 25.36
C ARG A 12 -2.69 -0.19 25.31
N SER A 13 -2.96 0.64 24.31
CA SER A 13 -4.28 1.19 24.08
C SER A 13 -5.30 0.07 23.91
N LEU A 14 -4.91 -1.02 23.26
CA LEU A 14 -5.83 -2.13 23.06
C LEU A 14 -6.10 -2.76 24.40
N ALA A 15 -5.11 -2.68 25.27
CA ALA A 15 -5.28 -3.18 26.61
C ALA A 15 -6.20 -2.23 27.35
N SER A 16 -5.78 -0.98 27.53
CA SER A 16 -6.52 0.01 28.32
C SER A 16 -7.98 -0.09 27.96
N THR A 17 -8.24 -0.13 26.66
CA THR A 17 -9.57 -0.37 26.17
C THR A 17 -10.15 -1.67 26.73
N LEU A 18 -9.41 -2.76 26.68
CA LEU A 18 -9.96 -4.01 27.16
C LEU A 18 -10.28 -3.90 28.65
N ASP A 19 -9.40 -3.22 29.37
CA ASP A 19 -9.57 -3.00 30.80
C ASP A 19 -10.87 -2.28 31.06
N CYS A 20 -10.87 -1.01 30.67
CA CYS A 20 -11.96 -0.07 30.89
C CYS A 20 -13.33 -0.63 30.49
N GLU A 21 -13.45 -1.15 29.29
CA GLU A 21 -14.77 -1.51 28.79
C GLU A 21 -15.30 -2.82 29.37
N THR A 22 -14.42 -3.70 29.82
CA THR A 22 -14.91 -4.94 30.39
C THR A 22 -15.50 -4.62 31.74
N ALA A 23 -14.82 -3.71 32.43
CA ALA A 23 -15.24 -3.23 33.72
C ALA A 23 -16.65 -2.73 33.60
N ARG A 24 -16.79 -1.65 32.86
CA ARG A 24 -18.06 -0.97 32.77
C ARG A 24 -19.17 -1.86 32.22
N LEU A 25 -18.90 -2.56 31.14
CA LEU A 25 -19.90 -3.47 30.59
C LEU A 25 -20.44 -4.47 31.60
N GLN A 26 -19.62 -4.89 32.56
CA GLN A 26 -20.13 -5.75 33.63
C GLN A 26 -21.11 -4.92 34.44
N ARG A 27 -20.66 -3.77 34.92
CA ARG A 27 -21.51 -2.88 35.70
C ARG A 27 -22.84 -2.63 34.99
N ALA A 28 -22.75 -2.18 33.75
CA ALA A 28 -23.91 -1.96 32.90
C ALA A 28 -24.84 -3.18 32.88
N LEU A 29 -24.26 -4.36 32.81
CA LEU A 29 -25.03 -5.59 32.82
C LEU A 29 -25.74 -5.70 34.15
N ASP A 30 -25.07 -5.22 35.19
CA ASP A 30 -25.53 -5.33 36.57
C ASP A 30 -26.47 -4.23 37.01
N GLY A 31 -26.50 -3.12 36.29
CA GLY A 31 -27.40 -2.05 36.65
C GLY A 31 -26.73 -0.86 37.28
N GLU A 32 -25.40 -0.93 37.42
CA GLU A 32 -24.63 0.23 37.84
C GLU A 32 -24.11 1.05 36.66
N GLU A 33 -23.17 1.93 36.96
CA GLU A 33 -22.38 2.69 35.96
C GLU A 33 -23.12 3.85 35.34
N SER A 34 -24.45 3.81 35.39
CA SER A 34 -25.28 4.99 35.21
C SER A 34 -25.22 5.64 33.85
N ASP A 35 -24.16 5.42 33.09
CA ASP A 35 -23.97 6.13 31.83
C ASP A 35 -24.95 5.52 30.85
N PHE A 36 -25.24 4.27 31.08
CA PHE A 36 -26.00 3.46 30.15
C PHE A 36 -27.54 3.59 30.23
N GLU A 37 -28.05 3.95 31.40
CA GLU A 37 -29.44 4.40 31.51
C GLU A 37 -29.63 5.92 31.50
N ASP A 38 -28.56 6.67 31.70
CA ASP A 38 -28.60 8.14 31.68
C ASP A 38 -28.56 8.81 30.31
N TYR A 39 -27.60 8.43 29.46
CA TYR A 39 -27.50 9.00 28.10
C TYR A 39 -28.57 8.60 27.08
N PRO A 40 -28.92 7.30 26.98
CA PRO A 40 -30.01 6.91 26.08
C PRO A 40 -31.30 7.61 26.43
N MET A 41 -31.45 7.92 27.72
CA MET A 41 -32.55 8.78 28.15
C MET A 41 -32.39 10.11 27.42
N ARG A 42 -31.25 10.77 27.63
CA ARG A 42 -31.06 12.13 27.13
C ARG A 42 -31.21 12.25 25.61
N ILE A 43 -30.78 11.25 24.85
CA ILE A 43 -31.02 11.26 23.41
C ILE A 43 -32.43 10.80 23.05
N LEU A 44 -33.02 9.90 23.84
CA LEU A 44 -34.42 9.61 23.60
C LEU A 44 -35.32 10.83 23.89
N TYR A 45 -34.95 11.64 24.87
CA TYR A 45 -35.74 12.82 25.22
C TYR A 45 -35.56 13.91 24.16
N ASP A 46 -34.37 13.97 23.56
CA ASP A 46 -34.16 14.87 22.44
C ASP A 46 -35.00 14.42 21.26
N LEU A 47 -34.92 13.14 20.93
CA LEU A 47 -35.74 12.54 19.88
C LEU A 47 -37.23 12.80 20.09
N HIS A 48 -37.68 12.73 21.34
CA HIS A 48 -39.05 13.06 21.68
C HIS A 48 -39.30 14.53 21.36
N SER A 49 -38.43 15.40 21.84
CA SER A 49 -38.55 16.83 21.63
C SER A 49 -38.60 17.20 20.16
N GLU A 50 -37.89 16.44 19.33
CA GLU A 50 -37.98 16.61 17.88
C GLU A 50 -39.41 16.29 17.41
N VAL A 51 -39.87 15.07 17.65
CA VAL A 51 -41.24 14.67 17.29
C VAL A 51 -42.28 15.65 17.83
N GLN A 52 -42.04 16.12 19.06
CA GLN A 52 -42.90 17.11 19.71
C GLN A 52 -43.02 18.37 18.85
N THR A 53 -41.88 18.99 18.57
CA THR A 53 -41.83 20.19 17.77
C THR A 53 -42.25 19.89 16.33
N LEU A 54 -42.10 18.64 15.91
CA LEU A 54 -42.64 18.21 14.63
C LEU A 54 -44.14 18.35 14.66
N LYS A 55 -44.77 17.73 15.67
CA LYS A 55 -46.22 17.78 15.83
C LYS A 55 -46.75 19.20 15.83
N ASP A 56 -45.97 20.12 16.38
CA ASP A 56 -46.35 21.53 16.44
C ASP A 56 -46.37 22.18 15.06
N ASP A 57 -45.25 22.08 14.34
CA ASP A 57 -45.16 22.68 13.02
C ASP A 57 -46.14 22.02 12.05
N ILE A 58 -46.33 20.72 12.20
CA ILE A 58 -47.28 20.00 11.37
C ILE A 58 -48.71 20.26 11.87
N ASN A 59 -48.86 20.68 13.12
CA ASN A 59 -50.17 21.13 13.59
C ASN A 59 -50.51 22.57 13.25
N ILE A 60 -49.51 23.45 13.20
CA ILE A 60 -49.79 24.85 12.92
C ILE A 60 -50.05 25.05 11.44
N LEU A 61 -49.71 24.06 10.64
CA LEU A 61 -50.06 24.12 9.23
C LEU A 61 -51.52 23.80 9.05
N LEU A 62 -51.93 22.68 9.63
CA LEU A 62 -53.31 22.24 9.60
C LEU A 62 -54.22 23.37 10.01
N ASP A 63 -53.79 24.13 11.00
CA ASP A 63 -54.66 25.17 11.56
C ASP A 63 -54.71 26.43 10.70
N LYS A 64 -53.61 26.74 10.02
CA LYS A 64 -53.63 27.87 9.11
C LYS A 64 -54.31 27.49 7.79
N ALA A 65 -54.46 26.18 7.56
CA ALA A 65 -55.23 25.64 6.43
C ALA A 65 -56.74 25.56 6.67
N ARG A 66 -57.13 25.15 7.87
CA ARG A 66 -58.53 25.18 8.27
C ARG A 66 -58.97 26.63 8.21
N LEU A 67 -58.02 27.51 8.48
CA LEU A 67 -58.25 28.93 8.32
C LEU A 67 -58.28 29.31 6.84
N GLU A 68 -57.52 28.59 6.02
CA GLU A 68 -57.42 28.92 4.60
C GLU A 68 -58.73 28.73 3.87
N ASN A 69 -59.31 27.53 3.95
CA ASN A 69 -60.59 27.31 3.27
C ASN A 69 -61.70 28.13 3.90
N GLN A 70 -61.45 28.69 5.09
CA GLN A 70 -62.38 29.62 5.72
C GLN A 70 -62.30 31.00 5.12
N GLU A 71 -61.09 31.53 4.95
CA GLU A 71 -60.91 32.81 4.28
C GLU A 71 -61.43 32.67 2.87
N GLY A 72 -61.33 31.46 2.31
CA GLY A 72 -61.82 31.16 0.99
C GLY A 72 -63.32 30.96 0.88
N ILE A 73 -63.88 30.13 1.75
CA ILE A 73 -65.32 29.87 1.70
C ILE A 73 -66.10 31.12 2.09
N ASP A 74 -65.74 31.71 3.22
CA ASP A 74 -66.40 32.91 3.72
C ASP A 74 -66.21 34.11 2.81
N PHE A 75 -65.38 33.96 1.79
CA PHE A 75 -65.14 34.98 0.80
C PHE A 75 -66.14 34.86 -0.34
N ILE A 76 -66.08 33.74 -1.04
CA ILE A 76 -66.95 33.49 -2.18
C ILE A 76 -68.42 33.51 -1.79
N LYS A 77 -68.66 33.46 -0.49
CA LYS A 77 -70.00 33.66 0.05
C LYS A 77 -70.37 35.13 -0.09
N ALA A 78 -69.41 36.00 0.22
CA ALA A 78 -69.65 37.44 0.26
C ALA A 78 -69.72 38.07 -1.12
N THR A 79 -68.84 37.68 -2.03
CA THR A 79 -68.91 38.22 -3.40
C THR A 79 -70.08 37.63 -4.17
N LYS A 80 -70.45 36.39 -3.87
CA LYS A 80 -71.69 35.83 -4.39
C LYS A 80 -72.89 36.75 -4.06
N VAL A 81 -72.90 37.28 -2.85
CA VAL A 81 -73.95 38.18 -2.41
C VAL A 81 -73.81 39.56 -3.07
N LEU A 82 -72.58 40.01 -3.30
CA LEU A 82 -72.38 41.30 -3.97
C LEU A 82 -72.62 41.18 -5.46
N MET A 83 -72.36 40.00 -6.02
CA MET A 83 -72.53 39.77 -7.45
C MET A 83 -74.00 39.78 -7.82
N GLU A 84 -74.86 39.30 -6.91
CA GLU A 84 -76.30 39.36 -7.13
C GLU A 84 -76.82 40.79 -7.01
N LYS A 85 -76.44 41.48 -5.95
CA LYS A 85 -76.82 42.89 -5.78
C LYS A 85 -76.15 43.79 -6.82
N ASN A 86 -75.01 43.36 -7.35
CA ASN A 86 -74.38 44.11 -8.43
C ASN A 86 -75.23 44.03 -9.72
N SER A 87 -75.90 42.88 -9.89
CA SER A 87 -76.70 42.59 -11.09
C SER A 87 -78.12 43.17 -11.12
N MET A 88 -78.77 43.28 -9.96
CA MET A 88 -80.00 44.03 -9.90
C MET A 88 -79.67 45.44 -10.38
N ASP A 89 -78.63 46.02 -9.77
CA ASP A 89 -78.18 47.37 -10.10
C ASP A 89 -77.77 47.54 -11.57
N ILE A 90 -77.49 46.43 -12.26
CA ILE A 90 -77.35 46.50 -13.70
C ILE A 90 -78.73 46.45 -14.39
N MET A 91 -79.62 45.57 -13.92
CA MET A 91 -80.95 45.46 -14.53
C MET A 91 -81.73 46.73 -14.24
N LYS A 92 -81.40 47.37 -13.13
CA LYS A 92 -81.97 48.66 -12.78
C LYS A 92 -81.50 49.76 -13.72
N ILE A 93 -80.19 49.85 -13.97
CA ILE A 93 -79.65 50.86 -14.88
C ILE A 93 -80.14 50.63 -16.31
N ARG A 94 -80.51 49.39 -16.63
CA ARG A 94 -80.95 49.02 -17.96
C ARG A 94 -82.38 49.50 -18.23
N GLU A 95 -83.27 49.30 -17.26
CA GLU A 95 -84.62 49.86 -17.31
C GLU A 95 -84.51 51.38 -17.46
N TYR A 96 -83.48 51.96 -16.84
CA TYR A 96 -83.23 53.38 -16.99
C TYR A 96 -82.70 53.72 -18.39
N PHE A 97 -82.08 52.75 -19.05
CA PHE A 97 -81.57 53.00 -20.39
C PHE A 97 -82.69 53.17 -21.42
N GLN A 98 -83.60 52.21 -21.50
CA GLN A 98 -84.68 52.22 -22.49
C GLN A 98 -85.68 53.38 -22.34
N LYS A 99 -85.89 53.84 -21.11
CA LYS A 99 -86.65 55.07 -20.85
C LYS A 99 -85.95 56.27 -21.51
N TYR A 100 -84.76 56.64 -21.01
CA TYR A 100 -83.98 57.71 -21.61
C TYR A 100 -82.49 57.36 -21.68
N ASP B 2 22.21 -0.40 1.03
CA ASP B 2 22.93 -1.58 1.50
C ASP B 2 22.21 -2.93 1.37
N PRO B 3 21.20 -3.05 0.46
CA PRO B 3 20.20 -4.13 0.52
C PRO B 3 20.74 -5.56 0.43
N ILE B 4 22.00 -5.72 0.03
CA ILE B 4 22.60 -7.05 -0.09
C ILE B 4 22.44 -7.76 1.25
N ARG B 5 22.76 -7.09 2.34
CA ARG B 5 22.55 -7.67 3.66
C ARG B 5 21.13 -7.46 4.19
N SER B 6 20.55 -6.32 3.87
CA SER B 6 19.18 -5.99 4.27
C SER B 6 18.24 -7.12 3.87
N PHE B 7 18.44 -7.70 2.69
CA PHE B 7 17.71 -8.90 2.31
C PHE B 7 18.11 -10.06 3.20
N CYS B 8 19.41 -10.34 3.22
CA CYS B 8 19.93 -11.52 3.90
C CYS B 8 19.61 -11.50 5.39
N GLY B 9 19.71 -10.32 6.00
CA GLY B 9 19.36 -10.14 7.40
C GLY B 9 18.00 -10.71 7.71
N LYS B 10 16.99 -10.32 6.92
CA LYS B 10 15.67 -10.94 7.03
C LYS B 10 15.77 -12.45 6.81
N LEU B 11 16.45 -12.86 5.76
CA LEU B 11 16.55 -14.28 5.44
C LEU B 11 17.17 -14.97 6.64
N ARG B 12 18.26 -14.38 7.12
CA ARG B 12 19.05 -14.90 8.23
C ARG B 12 18.24 -15.17 9.47
N SER B 13 17.45 -14.20 9.87
CA SER B 13 16.59 -14.37 11.02
C SER B 13 15.64 -15.55 10.86
N LEU B 14 15.21 -15.81 9.64
CA LEU B 14 14.28 -16.91 9.39
C LEU B 14 15.07 -18.19 9.59
N ALA B 15 16.36 -18.10 9.30
CA ALA B 15 17.23 -19.23 9.49
C ALA B 15 17.44 -19.40 10.98
N SER B 16 18.01 -18.39 11.63
CA SER B 16 18.33 -18.44 13.05
C SER B 16 17.16 -19.04 13.78
N THR B 17 15.97 -18.53 13.48
CA THR B 17 14.76 -19.10 14.02
C THR B 17 14.63 -20.58 13.69
N LEU B 18 14.87 -20.95 12.44
CA LEU B 18 14.69 -22.35 12.08
C LEU B 18 15.66 -23.18 12.88
N ASP B 19 16.90 -22.70 13.01
CA ASP B 19 17.96 -23.37 13.76
C ASP B 19 17.54 -23.62 15.20
N CYS B 20 17.46 -22.52 15.94
CA CYS B 20 17.12 -22.51 17.35
C CYS B 20 15.87 -23.35 17.68
N GLU B 21 14.76 -23.11 17.00
CA GLU B 21 13.53 -23.78 17.41
C GLU B 21 13.44 -25.25 17.05
N THR B 22 14.11 -25.67 15.98
CA THR B 22 14.08 -27.10 15.67
C THR B 22 14.85 -27.86 16.72
N ALA B 23 16.02 -27.31 17.10
CA ALA B 23 16.83 -27.84 18.18
C ALA B 23 15.97 -28.10 19.41
N ARG B 24 15.48 -27.01 19.99
CA ARG B 24 14.77 -27.12 21.25
C ARG B 24 13.52 -27.98 21.15
N LEU B 25 12.75 -27.81 20.09
CA LEU B 25 11.52 -28.59 19.97
C LEU B 25 11.81 -30.10 19.97
N GLN B 26 12.97 -30.49 19.41
CA GLN B 26 13.37 -31.89 19.52
C GLN B 26 13.58 -32.22 21.00
N ARG B 27 14.42 -31.44 21.68
CA ARG B 27 14.67 -31.65 23.11
C ARG B 27 13.35 -31.74 23.89
N ALA B 28 12.51 -30.74 23.69
CA ALA B 28 11.22 -30.73 24.34
C ALA B 28 10.47 -32.02 24.08
N LEU B 29 10.54 -32.51 22.85
CA LEU B 29 9.87 -33.74 22.48
C LEU B 29 10.47 -34.89 23.31
N ASP B 30 11.77 -34.76 23.58
CA ASP B 30 12.56 -35.79 24.26
C ASP B 30 12.53 -35.70 25.77
N GLY B 31 12.07 -34.57 26.31
CA GLY B 31 11.99 -34.40 27.74
C GLY B 31 13.11 -33.60 28.39
N GLU B 32 14.04 -33.10 27.58
CA GLU B 32 15.02 -32.11 28.03
C GLU B 32 14.52 -30.66 27.82
N GLU B 33 15.47 -29.72 27.93
CA GLU B 33 15.30 -28.29 27.60
C GLU B 33 14.55 -27.51 28.66
N SER B 34 13.81 -28.21 29.49
CA SER B 34 13.37 -27.71 30.78
C SER B 34 12.42 -26.52 30.73
N ASP B 35 12.44 -25.79 29.61
CA ASP B 35 11.72 -24.54 29.56
C ASP B 35 10.27 -24.92 29.45
N PHE B 36 10.08 -26.10 28.85
CA PHE B 36 8.74 -26.53 28.46
C PHE B 36 7.87 -27.18 29.57
N GLU B 37 8.54 -27.80 30.54
CA GLU B 37 7.86 -28.23 31.76
C GLU B 37 8.00 -27.24 32.94
N ASP B 38 8.93 -26.28 32.84
CA ASP B 38 9.14 -25.26 33.88
C ASP B 38 8.20 -24.04 33.84
N TYR B 39 8.05 -23.41 32.67
CA TYR B 39 7.16 -22.25 32.57
C TYR B 39 5.65 -22.51 32.66
N PRO B 40 5.13 -23.52 31.91
CA PRO B 40 3.69 -23.84 32.03
C PRO B 40 3.32 -24.19 33.47
N MET B 41 4.29 -24.72 34.20
CA MET B 41 4.14 -24.88 35.63
C MET B 41 3.90 -23.50 36.21
N ARG B 42 4.83 -22.58 35.99
CA ARG B 42 4.79 -21.27 36.64
C ARG B 42 3.52 -20.46 36.33
N ILE B 43 3.03 -20.57 35.08
CA ILE B 43 1.75 -19.93 34.76
C ILE B 43 0.54 -20.74 35.24
N LEU B 44 0.63 -22.06 35.21
CA LEU B 44 -0.43 -22.83 35.86
C LEU B 44 -0.51 -22.54 37.37
N TYR B 45 0.62 -22.28 38.01
CA TYR B 45 0.67 -22.05 39.45
C TYR B 45 0.11 -20.66 39.77
N ASP B 46 0.33 -19.72 38.84
CA ASP B 46 -0.28 -18.39 38.96
C ASP B 46 -1.79 -18.51 38.80
N LEU B 47 -2.20 -19.17 37.72
CA LEU B 47 -3.61 -19.46 37.47
C LEU B 47 -4.30 -20.11 38.69
N HIS B 48 -3.59 -21.02 39.36
CA HIS B 48 -4.07 -21.63 40.57
C HIS B 48 -4.23 -20.55 41.60
N SER B 49 -3.18 -19.74 41.76
CA SER B 49 -3.18 -18.69 42.77
C SER B 49 -4.31 -17.69 42.57
N GLU B 50 -4.63 -17.41 41.31
CA GLU B 50 -5.80 -16.59 41.01
C GLU B 50 -7.05 -17.23 41.53
N VAL B 51 -7.40 -18.35 40.90
CA VAL B 51 -8.57 -19.10 41.29
C VAL B 51 -8.59 -19.21 42.82
N GLN B 52 -7.40 -19.34 43.42
CA GLN B 52 -7.20 -19.13 44.85
C GLN B 52 -7.62 -17.72 45.25
N THR B 53 -6.98 -16.71 44.66
CA THR B 53 -7.24 -15.31 45.02
C THR B 53 -8.66 -14.90 44.65
N LEU B 54 -9.27 -15.67 43.75
CA LEU B 54 -10.69 -15.52 43.45
C LEU B 54 -11.49 -16.07 44.62
N LYS B 55 -11.08 -17.23 45.11
CA LYS B 55 -11.77 -17.90 46.20
C LYS B 55 -11.68 -17.05 47.43
N ASP B 56 -10.53 -16.42 47.60
CA ASP B 56 -10.31 -15.52 48.71
C ASP B 56 -11.39 -14.46 48.67
N ASP B 57 -11.47 -13.76 47.55
CA ASP B 57 -12.38 -12.64 47.39
C ASP B 57 -13.87 -13.01 47.48
N ILE B 58 -14.26 -14.15 46.90
CA ILE B 58 -15.64 -14.63 47.07
C ILE B 58 -15.89 -14.96 48.50
N ASN B 59 -14.98 -15.72 49.11
CA ASN B 59 -15.12 -16.08 50.52
C ASN B 59 -15.15 -14.85 51.42
N ILE B 60 -14.25 -13.90 51.17
CA ILE B 60 -14.34 -12.60 51.82
C ILE B 60 -15.74 -11.99 51.76
N LEU B 61 -16.38 -11.98 50.59
CA LEU B 61 -17.75 -11.48 50.48
C LEU B 61 -18.73 -12.31 51.28
N LEU B 62 -18.62 -13.62 51.18
CA LEU B 62 -19.48 -14.52 51.95
C LEU B 62 -19.44 -14.17 53.42
N ASP B 63 -18.25 -13.99 53.96
CA ASP B 63 -18.13 -13.58 55.35
C ASP B 63 -18.74 -12.19 55.58
N LYS B 64 -18.40 -11.25 54.70
CA LYS B 64 -19.00 -9.92 54.72
C LYS B 64 -20.52 -10.02 54.79
N ALA B 65 -21.11 -10.97 54.05
CA ALA B 65 -22.57 -11.12 53.97
C ALA B 65 -23.20 -11.88 55.12
N ARG B 66 -22.46 -12.77 55.75
CA ARG B 66 -22.97 -13.42 56.94
C ARG B 66 -22.92 -12.40 58.05
N LEU B 67 -21.85 -11.62 58.06
CA LEU B 67 -21.60 -10.60 59.06
C LEU B 67 -22.69 -9.55 59.03
N GLU B 68 -22.86 -8.95 57.85
CA GLU B 68 -23.87 -7.93 57.64
C GLU B 68 -25.18 -8.51 58.14
N ASN B 69 -25.52 -9.68 57.60
CA ASN B 69 -26.70 -10.42 57.97
C ASN B 69 -26.80 -10.68 59.49
N GLN B 70 -25.70 -11.05 60.14
CA GLN B 70 -25.78 -11.30 61.57
C GLN B 70 -26.01 -10.02 62.33
N GLU B 71 -25.20 -8.99 62.09
CA GLU B 71 -25.34 -7.75 62.84
C GLU B 71 -26.79 -7.24 62.89
N GLY B 72 -27.56 -7.57 61.86
CA GLY B 72 -28.95 -7.16 61.81
C GLY B 72 -29.82 -8.06 62.66
N ILE B 73 -29.51 -9.35 62.69
CA ILE B 73 -30.19 -10.28 63.57
C ILE B 73 -30.02 -9.68 64.95
N ASP B 74 -28.80 -9.25 65.23
CA ASP B 74 -28.47 -8.64 66.52
C ASP B 74 -29.21 -7.33 66.71
N PHE B 75 -29.05 -6.37 65.78
CA PHE B 75 -29.74 -5.08 65.88
C PHE B 75 -31.25 -5.23 66.05
N ILE B 76 -31.85 -6.14 65.30
CA ILE B 76 -33.25 -6.48 65.52
C ILE B 76 -33.53 -6.89 66.98
N LYS B 77 -32.74 -7.82 67.51
CA LYS B 77 -32.94 -8.24 68.91
C LYS B 77 -32.60 -7.12 69.89
N ALA B 78 -31.42 -6.52 69.73
CA ALA B 78 -30.89 -5.49 70.63
C ALA B 78 -31.68 -4.19 70.63
N THR B 79 -32.64 -4.12 69.75
CA THR B 79 -33.63 -3.06 69.84
C THR B 79 -34.78 -3.58 70.69
N LYS B 80 -35.44 -4.64 70.22
CA LYS B 80 -36.67 -5.15 70.83
C LYS B 80 -36.60 -5.30 72.34
N VAL B 81 -35.43 -5.62 72.88
CA VAL B 81 -35.26 -5.53 74.34
C VAL B 81 -34.99 -4.11 74.85
N LEU B 82 -34.04 -3.39 74.24
CA LEU B 82 -33.79 -2.02 74.65
C LEU B 82 -35.05 -1.16 74.42
N MET B 83 -35.94 -1.63 73.56
CA MET B 83 -37.23 -1.00 73.35
C MET B 83 -38.21 -1.33 74.49
N GLU B 84 -38.33 -2.62 74.82
CA GLU B 84 -39.24 -3.06 75.86
C GLU B 84 -38.93 -2.38 77.18
N LYS B 85 -37.65 -2.04 77.39
CA LYS B 85 -37.28 -1.31 78.61
C LYS B 85 -37.64 0.17 78.51
N ASN B 86 -38.02 0.65 77.34
CA ASN B 86 -38.66 1.95 77.29
C ASN B 86 -40.17 1.85 77.52
N SER B 87 -40.70 0.65 77.30
CA SER B 87 -42.09 0.36 77.56
C SER B 87 -42.37 0.38 79.06
N MET B 88 -41.56 -0.35 79.83
CA MET B 88 -41.69 -0.35 81.30
C MET B 88 -41.11 0.92 81.91
N ASP B 89 -40.48 1.75 81.09
CA ASP B 89 -40.09 3.10 81.51
C ASP B 89 -41.22 4.12 81.36
N ILE B 90 -41.93 4.06 80.25
CA ILE B 90 -43.00 5.03 80.03
C ILE B 90 -44.16 4.73 80.97
N MET B 91 -44.51 3.45 81.07
CA MET B 91 -45.68 3.03 81.82
C MET B 91 -45.54 3.37 83.31
N LYS B 92 -44.33 3.27 83.85
CA LYS B 92 -44.07 3.73 85.19
C LYS B 92 -44.30 5.23 85.25
N ILE B 93 -43.94 5.95 84.19
CA ILE B 93 -44.14 7.39 84.17
C ILE B 93 -45.63 7.74 84.07
N ARG B 94 -46.35 6.99 83.25
CA ARG B 94 -47.80 7.19 83.13
C ARG B 94 -48.52 6.83 84.44
N GLU B 95 -48.27 5.64 84.97
CA GLU B 95 -48.84 5.19 86.24
C GLU B 95 -48.59 6.21 87.34
N TYR B 96 -47.37 6.73 87.36
CA TYR B 96 -46.94 7.67 88.40
C TYR B 96 -47.61 9.02 88.28
N PHE B 97 -47.92 9.42 87.05
CA PHE B 97 -48.62 10.68 86.86
C PHE B 97 -50.10 10.52 87.21
N GLN B 98 -50.62 9.31 87.02
CA GLN B 98 -52.01 9.01 87.35
C GLN B 98 -52.27 9.03 88.86
N LYS B 99 -51.47 8.29 89.61
CA LYS B 99 -51.63 8.19 91.06
C LYS B 99 -50.87 9.29 91.82
N TYR B 100 -49.56 9.35 91.58
CA TYR B 100 -48.54 10.13 92.31
C TYR B 100 -47.97 9.36 93.51
N GLY B 101 -48.56 8.22 93.79
CA GLY B 101 -48.09 7.35 94.86
C GLY B 101 -48.98 6.13 94.95
N ASP C 2 -2.29 23.00 -9.04
CA ASP C 2 -1.87 21.72 -9.60
C ASP C 2 -2.86 20.56 -9.39
N PRO C 3 -3.28 20.29 -8.13
CA PRO C 3 -4.12 19.11 -7.87
C PRO C 3 -5.41 19.05 -8.70
N ILE C 4 -5.87 20.21 -9.19
CA ILE C 4 -6.95 20.29 -10.17
C ILE C 4 -6.59 19.53 -11.44
N ARG C 5 -5.64 20.07 -12.21
CA ARG C 5 -5.31 19.55 -13.53
C ARG C 5 -4.72 18.16 -13.44
N SER C 6 -3.98 17.93 -12.37
CA SER C 6 -3.38 16.64 -12.11
C SER C 6 -4.42 15.53 -12.23
N PHE C 7 -5.62 15.78 -11.71
CA PHE C 7 -6.72 14.84 -11.90
C PHE C 7 -7.13 14.81 -13.36
N CYS C 8 -7.43 15.98 -13.89
CA CYS C 8 -7.99 16.09 -15.22
C CYS C 8 -7.01 15.56 -16.27
N GLY C 9 -5.73 15.84 -16.09
CA GLY C 9 -4.70 15.31 -16.97
C GLY C 9 -4.86 13.83 -17.16
N LYS C 10 -4.97 13.09 -16.06
CA LYS C 10 -5.26 11.66 -16.12
C LYS C 10 -6.58 11.39 -16.83
N LEU C 11 -7.60 12.14 -16.46
CA LEU C 11 -8.91 11.96 -17.06
C LEU C 11 -8.78 12.19 -18.55
N ARG C 12 -8.10 13.30 -18.87
CA ARG C 12 -7.92 13.77 -20.23
C ARG C 12 -7.31 12.72 -21.15
N SER C 13 -6.21 12.13 -20.70
CA SER C 13 -5.56 11.05 -21.43
C SER C 13 -6.51 9.89 -21.74
N LEU C 14 -7.45 9.62 -20.82
CA LEU C 14 -8.37 8.54 -21.04
C LEU C 14 -9.32 8.97 -22.11
N ALA C 15 -9.54 10.28 -22.19
CA ALA C 15 -10.40 10.80 -23.23
C ALA C 15 -9.63 10.70 -24.52
N SER C 16 -8.50 11.41 -24.63
CA SER C 16 -7.70 11.47 -25.87
C SER C 16 -7.58 10.08 -26.43
N THR C 17 -7.30 9.13 -25.57
CA THR C 17 -7.30 7.75 -25.98
C THR C 17 -8.65 7.32 -26.54
N LEU C 18 -9.72 7.64 -25.85
CA LEU C 18 -11.04 7.23 -26.32
C LEU C 18 -11.34 7.83 -27.68
N ASP C 19 -10.96 9.10 -27.85
CA ASP C 19 -11.10 9.81 -29.12
C ASP C 19 -10.37 9.10 -30.25
N CYS C 20 -9.04 9.18 -30.18
CA CYS C 20 -8.13 8.65 -31.16
C CYS C 20 -8.48 7.21 -31.57
N GLU C 21 -8.62 6.31 -30.61
CA GLU C 21 -8.76 4.89 -30.94
C GLU C 21 -10.13 4.50 -31.49
N THR C 22 -11.17 5.25 -31.14
CA THR C 22 -12.50 4.94 -31.66
C THR C 22 -12.54 5.33 -33.13
N ALA C 23 -11.94 6.48 -33.40
CA ALA C 23 -11.78 6.97 -34.77
C ALA C 23 -11.16 5.89 -35.62
N ARG C 24 -9.90 5.59 -35.33
CA ARG C 24 -9.15 4.68 -36.16
C ARG C 24 -9.78 3.30 -36.23
N LEU C 25 -10.25 2.78 -35.11
CA LEU C 25 -10.83 1.44 -35.13
C LEU C 25 -12.01 1.36 -36.07
N GLN C 26 -12.75 2.47 -36.20
CA GLN C 26 -13.81 2.49 -37.19
C GLN C 26 -13.19 2.35 -38.56
N ARG C 27 -12.26 3.25 -38.88
CA ARG C 27 -11.57 3.20 -40.16
C ARG C 27 -11.04 1.81 -40.47
N ALA C 28 -10.26 1.26 -39.53
CA ALA C 28 -9.75 -0.11 -39.64
C ALA C 28 -10.85 -1.11 -39.97
N LEU C 29 -12.00 -0.96 -39.32
CA LEU C 29 -13.14 -1.82 -39.57
C LEU C 29 -13.58 -1.64 -41.02
N ASP C 30 -13.44 -0.41 -41.50
CA ASP C 30 -13.89 -0.01 -42.83
C ASP C 30 -12.88 -0.28 -43.94
N GLY C 31 -11.63 -0.51 -43.59
CA GLY C 31 -10.64 -0.78 -44.62
C GLY C 31 -9.73 0.39 -44.95
N GLU C 32 -9.93 1.51 -44.27
CA GLU C 32 -8.95 2.61 -44.31
C GLU C 32 -7.87 2.51 -43.20
N GLU C 33 -7.17 3.63 -43.01
CA GLU C 33 -6.24 3.86 -41.90
C GLU C 33 -4.89 3.17 -42.08
N SER C 34 -4.86 2.14 -42.92
CA SER C 34 -3.62 1.63 -43.51
C SER C 34 -2.63 1.04 -42.53
N ASP C 35 -2.71 1.41 -41.25
CA ASP C 35 -1.69 0.99 -40.30
C ASP C 35 -1.93 -0.47 -40.02
N PHE C 36 -3.20 -0.86 -40.14
CA PHE C 36 -3.65 -2.17 -39.73
C PHE C 36 -3.46 -3.29 -40.77
N GLU C 37 -3.39 -2.95 -42.05
CA GLU C 37 -2.93 -3.91 -43.04
C GLU C 37 -1.45 -3.75 -43.41
N ASP C 38 -0.85 -2.62 -43.04
CA ASP C 38 0.58 -2.33 -43.35
C ASP C 38 1.61 -2.93 -42.38
N TYR C 39 1.40 -2.75 -41.09
CA TYR C 39 2.32 -3.30 -40.08
C TYR C 39 2.29 -4.82 -39.87
N PRO C 40 1.09 -5.43 -39.75
CA PRO C 40 1.04 -6.90 -39.66
C PRO C 40 1.70 -7.58 -40.85
N MET C 41 1.64 -6.90 -41.99
CA MET C 41 2.42 -7.33 -43.14
C MET C 41 3.88 -7.33 -42.71
N ARG C 42 4.39 -6.17 -42.30
CA ARG C 42 5.82 -6.01 -42.06
C ARG C 42 6.37 -6.97 -41.01
N ILE C 43 5.57 -7.28 -39.97
CA ILE C 43 6.01 -8.29 -39.01
C ILE C 43 5.75 -9.71 -39.52
N LEU C 44 4.74 -9.91 -40.34
CA LEU C 44 4.60 -11.23 -40.94
C LEU C 44 5.75 -11.51 -41.91
N TYR C 45 6.23 -10.47 -42.58
CA TYR C 45 7.30 -10.63 -43.56
C TYR C 45 8.64 -10.85 -42.84
N ASP C 46 8.78 -10.25 -41.67
CA ASP C 46 9.95 -10.52 -40.85
C ASP C 46 9.90 -11.98 -40.37
N LEU C 47 8.77 -12.39 -39.84
CA LEU C 47 8.54 -13.76 -39.39
C LEU C 47 8.82 -14.78 -40.50
N HIS C 48 8.43 -14.43 -41.72
CA HIS C 48 8.74 -15.26 -42.88
C HIS C 48 10.25 -15.32 -43.04
N SER C 49 10.88 -14.15 -43.02
CA SER C 49 12.33 -14.05 -43.21
C SER C 49 13.09 -14.85 -42.18
N GLU C 50 12.57 -14.90 -40.96
CA GLU C 50 13.16 -15.77 -39.97
C GLU C 50 13.10 -17.20 -40.49
N VAL C 51 11.91 -17.64 -40.90
CA VAL C 51 11.71 -19.06 -41.17
C VAL C 51 12.57 -19.60 -42.32
N GLN C 52 12.78 -18.81 -43.36
CA GLN C 52 13.63 -19.30 -44.46
C GLN C 52 15.12 -19.20 -44.17
N THR C 53 15.53 -18.13 -43.49
CA THR C 53 16.90 -18.02 -43.02
C THR C 53 17.18 -19.21 -42.10
N LEU C 54 16.13 -19.70 -41.45
CA LEU C 54 16.24 -20.94 -40.69
C LEU C 54 16.41 -22.18 -41.59
N LYS C 55 15.53 -22.33 -42.58
CA LYS C 55 15.61 -23.44 -43.52
C LYS C 55 16.91 -23.36 -44.28
N ASP C 56 17.36 -22.15 -44.55
CA ASP C 56 18.67 -21.92 -45.14
C ASP C 56 19.79 -22.55 -44.32
N ASP C 57 19.68 -22.47 -43.01
CA ASP C 57 20.73 -23.05 -42.20
C ASP C 57 20.56 -24.54 -41.98
N ILE C 58 19.33 -25.00 -41.72
CA ILE C 58 19.08 -26.44 -41.59
C ILE C 58 19.60 -27.12 -42.82
N ASN C 59 19.30 -26.53 -43.96
CA ASN C 59 19.76 -27.08 -45.22
C ASN C 59 21.28 -27.09 -45.34
N ILE C 60 21.90 -25.94 -45.02
CA ILE C 60 23.35 -25.78 -45.08
C ILE C 60 24.08 -26.84 -44.25
N LEU C 61 23.52 -27.17 -43.09
CA LEU C 61 24.07 -28.21 -42.26
C LEU C 61 23.91 -29.54 -42.96
N LEU C 62 22.69 -29.81 -43.40
CA LEU C 62 22.37 -31.04 -44.12
C LEU C 62 23.41 -31.31 -45.20
N ASP C 63 23.79 -30.24 -45.90
CA ASP C 63 24.77 -30.34 -46.99
C ASP C 63 26.20 -30.47 -46.50
N LYS C 64 26.46 -29.98 -45.28
CA LYS C 64 27.74 -30.24 -44.64
C LYS C 64 27.74 -31.69 -44.16
N ALA C 65 26.66 -32.06 -43.48
CA ALA C 65 26.53 -33.38 -42.84
C ALA C 65 26.54 -34.54 -43.83
N ARG C 66 26.48 -34.20 -45.12
CA ARG C 66 26.56 -35.20 -46.17
C ARG C 66 28.00 -35.47 -46.58
N LEU C 67 28.70 -34.45 -47.08
CA LEU C 67 30.09 -34.64 -47.48
C LEU C 67 30.93 -35.18 -46.31
N GLU C 68 30.62 -34.73 -45.10
CA GLU C 68 31.26 -35.31 -43.93
C GLU C 68 30.92 -36.79 -43.88
N ASN C 69 29.67 -37.12 -44.20
CA ASN C 69 29.19 -38.49 -44.07
C ASN C 69 29.66 -39.38 -45.23
N GLN C 70 29.92 -38.78 -46.40
CA GLN C 70 30.52 -39.54 -47.50
C GLN C 70 32.01 -39.72 -47.37
N GLU C 71 32.71 -38.64 -46.99
CA GLU C 71 34.15 -38.70 -46.79
C GLU C 71 34.52 -39.83 -45.84
N GLY C 72 33.61 -40.14 -44.91
CA GLY C 72 33.77 -41.27 -44.02
C GLY C 72 33.77 -42.58 -44.79
N ILE C 73 32.84 -42.72 -45.73
CA ILE C 73 32.82 -43.88 -46.60
C ILE C 73 34.11 -43.93 -47.43
N ASP C 74 34.55 -42.77 -47.95
CA ASP C 74 35.76 -42.69 -48.76
C ASP C 74 36.98 -43.02 -47.95
N PHE C 75 36.96 -42.60 -46.68
CA PHE C 75 38.06 -42.84 -45.76
C PHE C 75 38.04 -44.25 -45.17
N ILE C 76 36.84 -44.79 -44.96
CA ILE C 76 36.68 -46.15 -44.45
C ILE C 76 37.05 -47.17 -45.53
N LYS C 77 36.96 -46.76 -46.80
CA LYS C 77 37.37 -47.62 -47.92
C LYS C 77 38.89 -47.61 -48.04
N ALA C 78 39.46 -46.41 -48.00
CA ALA C 78 40.90 -46.24 -48.18
C ALA C 78 41.73 -46.93 -47.09
N THR C 79 41.21 -47.01 -45.87
CA THR C 79 41.92 -47.70 -44.80
C THR C 79 41.60 -49.18 -44.77
N LYS C 80 40.56 -49.59 -45.47
CA LYS C 80 40.16 -51.00 -45.43
C LYS C 80 41.08 -51.85 -46.31
N VAL C 81 41.51 -51.30 -47.43
CA VAL C 81 42.46 -51.98 -48.29
C VAL C 81 43.91 -51.84 -47.79
N LEU C 82 44.26 -50.68 -47.26
CA LEU C 82 45.58 -50.53 -46.67
C LEU C 82 45.69 -51.50 -45.52
N MET C 83 44.54 -51.81 -44.92
CA MET C 83 44.48 -52.84 -43.89
C MET C 83 44.88 -54.18 -44.54
N GLU C 84 44.46 -54.40 -45.78
CA GLU C 84 44.86 -55.61 -46.49
C GLU C 84 46.35 -55.66 -46.77
N LYS C 85 46.89 -54.66 -47.47
CA LYS C 85 48.31 -54.70 -47.87
C LYS C 85 49.23 -54.56 -46.66
N ASN C 86 48.76 -53.91 -45.60
CA ASN C 86 49.53 -53.95 -44.37
C ASN C 86 49.36 -55.30 -43.68
N SER C 87 48.24 -55.98 -43.96
CA SER C 87 48.04 -57.31 -43.41
C SER C 87 49.02 -58.32 -43.99
N MET C 88 49.27 -58.22 -45.30
CA MET C 88 50.22 -59.12 -45.95
C MET C 88 51.66 -58.70 -45.71
N ASP C 89 51.93 -57.40 -45.77
CA ASP C 89 53.24 -56.88 -45.39
C ASP C 89 53.66 -57.33 -43.99
N ILE C 90 52.70 -57.51 -43.10
CA ILE C 90 52.98 -58.11 -41.79
C ILE C 90 53.02 -59.64 -41.85
N MET C 91 52.09 -60.25 -42.57
CA MET C 91 52.08 -61.71 -42.75
C MET C 91 53.38 -62.16 -43.42
N LYS C 92 53.94 -61.33 -44.29
CA LYS C 92 55.20 -61.65 -44.95
C LYS C 92 56.41 -61.37 -44.03
N ILE C 93 56.23 -60.52 -43.01
CA ILE C 93 57.28 -60.33 -42.01
C ILE C 93 57.24 -61.46 -41.00
N ARG C 94 56.03 -61.90 -40.67
CA ARG C 94 55.84 -63.04 -39.76
C ARG C 94 56.35 -64.33 -40.41
N GLU C 95 56.04 -64.52 -41.69
CA GLU C 95 56.51 -65.68 -42.42
C GLU C 95 58.04 -65.72 -42.46
N TYR C 96 58.66 -64.54 -42.36
CA TYR C 96 60.12 -64.42 -42.47
C TYR C 96 60.86 -64.52 -41.13
N PHE C 97 60.59 -63.56 -40.25
CA PHE C 97 61.38 -63.34 -39.04
C PHE C 97 61.57 -64.62 -38.24
N GLN C 98 60.61 -65.53 -38.38
CA GLN C 98 60.56 -66.77 -37.63
C GLN C 98 61.78 -67.70 -37.80
N LYS C 99 62.67 -67.39 -38.73
CA LYS C 99 63.85 -68.24 -38.91
C LYS C 99 65.15 -67.45 -38.89
N PRO D 3 -5.07 18.46 12.45
CA PRO D 3 -4.84 17.02 12.64
C PRO D 3 -6.01 16.40 13.37
N ILE D 4 -6.70 17.21 14.16
CA ILE D 4 -8.03 16.89 14.69
C ILE D 4 -9.02 17.13 13.56
N ARG D 5 -8.94 18.34 13.00
CA ARG D 5 -9.91 18.79 12.02
C ARG D 5 -9.78 18.03 10.72
N SER D 6 -8.55 17.63 10.41
CA SER D 6 -8.26 16.83 9.23
C SER D 6 -9.19 15.63 9.16
N PHE D 7 -9.48 15.01 10.29
CA PHE D 7 -10.47 13.96 10.33
C PHE D 7 -11.84 14.53 10.09
N CYS D 8 -12.17 15.53 10.90
CA CYS D 8 -13.51 16.07 10.91
C CYS D 8 -13.85 16.70 9.56
N GLY D 9 -12.88 17.37 8.95
CA GLY D 9 -13.06 17.94 7.62
C GLY D 9 -13.63 16.91 6.67
N LYS D 10 -12.98 15.74 6.57
CA LYS D 10 -13.53 14.61 5.82
C LYS D 10 -14.92 14.23 6.31
N LEU D 11 -15.08 14.08 7.60
CA LEU D 11 -16.38 13.70 8.14
C LEU D 11 -17.41 14.75 7.73
N ARG D 12 -17.02 16.02 7.89
CA ARG D 12 -17.89 17.17 7.65
C ARG D 12 -18.44 17.19 6.26
N SER D 13 -17.56 17.01 5.26
CA SER D 13 -17.95 16.94 3.86
C SER D 13 -18.99 15.85 3.60
N LEU D 14 -18.85 14.70 4.27
CA LEU D 14 -19.85 13.65 4.15
C LEU D 14 -21.16 14.10 4.75
N ALA D 15 -21.06 14.97 5.75
CA ALA D 15 -22.26 15.55 6.32
C ALA D 15 -22.83 16.52 5.30
N SER D 16 -22.09 17.59 4.99
CA SER D 16 -22.56 18.67 4.09
C SER D 16 -23.23 18.03 2.91
N THR D 17 -22.57 17.05 2.35
CA THR D 17 -23.20 16.25 1.31
C THR D 17 -24.53 15.64 1.73
N LEU D 18 -24.56 15.00 2.89
CA LEU D 18 -25.79 14.39 3.31
C LEU D 18 -26.92 15.43 3.48
N ASP D 19 -26.55 16.60 4.01
CA ASP D 19 -27.47 17.73 4.19
C ASP D 19 -28.04 18.13 2.85
N CYS D 20 -27.15 18.71 2.04
CA CYS D 20 -27.48 19.29 0.73
C CYS D 20 -28.32 18.34 -0.11
N GLU D 21 -27.88 17.11 -0.28
CA GLU D 21 -28.52 16.24 -1.26
C GLU D 21 -29.83 15.64 -0.79
N THR D 22 -30.02 15.52 0.53
CA THR D 22 -31.29 14.99 1.02
C THR D 22 -32.36 16.05 0.83
N ALA D 23 -31.98 17.30 1.10
CA ALA D 23 -32.82 18.46 0.86
C ALA D 23 -33.37 18.44 -0.56
N ARG D 24 -32.44 18.63 -1.50
CA ARG D 24 -32.82 18.74 -2.89
C ARG D 24 -33.54 17.52 -3.41
N LEU D 25 -33.05 16.32 -3.11
CA LEU D 25 -33.73 15.11 -3.59
C LEU D 25 -35.18 15.03 -3.14
N GLN D 26 -35.49 15.59 -1.98
CA GLN D 26 -36.89 15.66 -1.58
C GLN D 26 -37.61 16.58 -2.56
N ARG D 27 -37.10 17.79 -2.70
CA ARG D 27 -37.69 18.77 -3.61
C ARG D 27 -37.87 18.17 -5.00
N ALA D 28 -36.81 17.61 -5.55
CA ALA D 28 -36.87 16.93 -6.83
C ALA D 28 -38.01 15.91 -6.88
N LEU D 29 -38.16 15.15 -5.80
CA LEU D 29 -39.22 14.16 -5.70
C LEU D 29 -40.57 14.88 -5.76
N ASP D 30 -40.62 16.09 -5.18
CA ASP D 30 -41.82 16.90 -5.08
C ASP D 30 -42.12 17.77 -6.29
N GLY D 31 -41.14 17.97 -7.16
CA GLY D 31 -41.38 18.76 -8.35
C GLY D 31 -40.82 20.16 -8.29
N GLU D 32 -40.17 20.50 -7.18
CA GLU D 32 -39.42 21.75 -7.11
C GLU D 32 -37.96 21.58 -7.51
N GLU D 33 -37.16 22.59 -7.18
CA GLU D 33 -35.70 22.56 -7.28
C GLU D 33 -35.17 22.75 -8.69
N SER D 34 -36.02 22.49 -9.68
CA SER D 34 -35.84 22.98 -11.04
C SER D 34 -34.62 22.47 -11.78
N ASP D 35 -33.61 22.00 -11.05
CA ASP D 35 -32.35 21.65 -11.69
C ASP D 35 -32.60 20.36 -12.40
N PHE D 36 -33.54 19.61 -11.86
CA PHE D 36 -33.80 18.24 -12.28
C PHE D 36 -34.70 18.08 -13.52
N GLU D 37 -35.58 19.04 -13.76
CA GLU D 37 -36.27 19.10 -15.05
C GLU D 37 -35.62 20.07 -16.06
N ASP D 38 -34.74 20.94 -15.59
CA ASP D 38 -34.06 21.94 -16.44
C ASP D 38 -32.82 21.45 -17.22
N TYR D 39 -31.90 20.79 -16.53
CA TYR D 39 -30.69 20.26 -17.17
C TYR D 39 -30.86 19.03 -18.09
N PRO D 40 -31.60 17.98 -17.66
CA PRO D 40 -31.89 16.87 -18.58
C PRO D 40 -32.59 17.34 -19.85
N MET D 41 -33.34 18.43 -19.73
CA MET D 41 -33.86 19.09 -20.90
C MET D 41 -32.65 19.52 -21.75
N ARG D 42 -31.79 20.34 -21.17
CA ARG D 42 -30.71 20.96 -21.94
C ARG D 42 -29.78 19.94 -22.60
N ILE D 43 -29.53 18.83 -21.95
CA ILE D 43 -28.75 17.76 -22.59
C ILE D 43 -29.57 16.91 -23.54
N LEU D 44 -30.86 16.75 -23.26
CA LEU D 44 -31.69 16.06 -24.25
C LEU D 44 -31.82 16.90 -25.53
N TYR D 45 -31.83 18.21 -25.38
CA TYR D 45 -31.95 19.11 -26.54
C TYR D 45 -30.66 19.15 -27.31
N ASP D 46 -29.54 19.03 -26.63
CA ASP D 46 -28.26 18.88 -27.31
C ASP D 46 -28.22 17.56 -28.09
N LEU D 47 -28.57 16.47 -27.41
CA LEU D 47 -28.66 15.16 -28.04
C LEU D 47 -29.57 15.17 -29.26
N HIS D 48 -30.67 15.91 -29.18
CA HIS D 48 -31.56 16.08 -30.33
C HIS D 48 -30.80 16.80 -31.43
N SER D 49 -30.17 17.92 -31.08
CA SER D 49 -29.43 18.72 -32.04
C SER D 49 -28.34 17.91 -32.75
N GLU D 50 -27.73 16.97 -32.03
CA GLU D 50 -26.79 16.07 -32.66
C GLU D 50 -27.49 15.23 -33.74
N VAL D 51 -28.50 14.45 -33.35
CA VAL D 51 -29.20 13.56 -34.29
C VAL D 51 -29.80 14.35 -35.44
N GLN D 52 -30.10 15.63 -35.18
CA GLN D 52 -30.54 16.51 -36.24
C GLN D 52 -29.44 16.67 -37.29
N THR D 53 -28.32 17.23 -36.86
CA THR D 53 -27.21 17.53 -37.77
C THR D 53 -26.62 16.23 -38.33
N LEU D 54 -26.88 15.11 -37.68
CA LEU D 54 -26.55 13.83 -38.28
C LEU D 54 -27.47 13.51 -39.45
N LYS D 55 -28.77 13.64 -39.24
CA LYS D 55 -29.72 13.41 -40.34
C LYS D 55 -29.43 14.40 -41.46
N ASP D 56 -29.12 15.64 -41.09
CA ASP D 56 -28.69 16.64 -42.06
C ASP D 56 -27.46 16.17 -42.86
N ASP D 57 -26.52 15.53 -42.18
CA ASP D 57 -25.33 15.03 -42.88
C ASP D 57 -25.59 13.73 -43.65
N ILE D 58 -26.34 12.79 -43.08
CA ILE D 58 -26.69 11.59 -43.82
C ILE D 58 -27.54 11.95 -45.02
N ASN D 59 -28.36 12.99 -44.88
CA ASN D 59 -29.16 13.45 -46.00
C ASN D 59 -28.27 14.03 -47.07
N ILE D 60 -27.44 14.98 -46.67
CA ILE D 60 -26.61 15.76 -47.59
C ILE D 60 -25.70 14.88 -48.44
N LEU D 61 -25.43 13.66 -47.98
CA LEU D 61 -24.69 12.67 -48.77
C LEU D 61 -25.58 11.99 -49.78
N LEU D 62 -26.75 11.55 -49.33
CA LEU D 62 -27.74 10.95 -50.20
C LEU D 62 -27.94 11.82 -51.43
N ASP D 63 -27.93 13.14 -51.23
CA ASP D 63 -28.13 14.06 -52.34
C ASP D 63 -26.95 14.16 -53.32
N LYS D 64 -25.73 14.22 -52.80
CA LYS D 64 -24.55 14.16 -53.69
C LYS D 64 -24.35 12.75 -54.23
N ALA D 65 -24.90 11.74 -53.55
CA ALA D 65 -24.77 10.35 -53.99
C ALA D 65 -25.77 9.98 -55.08
N ARG D 66 -26.85 10.73 -55.16
CA ARG D 66 -27.72 10.60 -56.30
C ARG D 66 -27.03 11.27 -57.46
N LEU D 67 -26.70 12.55 -57.25
CA LEU D 67 -26.24 13.42 -58.32
C LEU D 67 -25.04 12.81 -59.01
N GLU D 68 -24.15 12.28 -58.20
CA GLU D 68 -23.06 11.46 -58.66
C GLU D 68 -23.61 10.36 -59.56
N ASN D 69 -24.57 9.60 -59.05
CA ASN D 69 -25.12 8.48 -59.78
C ASN D 69 -25.89 8.95 -61.04
N GLN D 70 -26.24 10.23 -61.11
CA GLN D 70 -26.85 10.78 -62.32
C GLN D 70 -25.85 11.02 -63.43
N GLU D 71 -24.78 11.75 -63.12
CA GLU D 71 -23.76 12.10 -64.11
C GLU D 71 -23.30 10.89 -64.90
N GLY D 72 -23.32 9.74 -64.26
CA GLY D 72 -22.97 8.49 -64.91
C GLY D 72 -24.03 7.97 -65.85
N ILE D 73 -25.28 7.91 -65.39
CA ILE D 73 -26.34 7.42 -66.24
C ILE D 73 -26.40 8.35 -67.45
N ASP D 74 -26.12 9.63 -67.20
CA ASP D 74 -25.82 10.60 -68.26
C ASP D 74 -24.62 10.22 -69.14
N PHE D 75 -23.44 10.24 -68.53
CA PHE D 75 -22.17 10.07 -69.22
C PHE D 75 -22.08 8.77 -70.00
N ILE D 76 -22.62 7.70 -69.45
CA ILE D 76 -22.59 6.43 -70.15
C ILE D 76 -23.40 6.52 -71.43
N LYS D 77 -24.49 7.30 -71.40
CA LYS D 77 -25.27 7.62 -72.60
C LYS D 77 -24.56 8.63 -73.52
N ALA D 78 -24.19 9.77 -72.95
CA ALA D 78 -23.54 10.86 -73.68
C ALA D 78 -22.24 10.43 -74.34
N THR D 79 -21.75 9.27 -73.91
CA THR D 79 -20.64 8.66 -74.61
C THR D 79 -21.19 7.87 -75.80
N LYS D 80 -22.02 6.87 -75.53
CA LYS D 80 -22.55 5.96 -76.55
C LYS D 80 -23.09 6.67 -77.82
N VAL D 81 -23.53 7.91 -77.70
CA VAL D 81 -23.86 8.67 -78.89
C VAL D 81 -22.60 9.20 -79.57
N LEU D 82 -21.69 9.80 -78.81
CA LEU D 82 -20.44 10.30 -79.37
C LEU D 82 -19.59 9.17 -79.95
N MET D 83 -19.86 7.96 -79.48
CA MET D 83 -19.12 6.78 -79.89
C MET D 83 -19.67 6.24 -81.18
N GLU D 84 -20.92 6.55 -81.49
CA GLU D 84 -21.48 6.20 -82.80
C GLU D 84 -20.94 7.12 -83.88
N LYS D 85 -21.02 8.44 -83.61
CA LYS D 85 -20.49 9.45 -84.51
C LYS D 85 -19.00 9.27 -84.76
N ASN D 86 -18.30 8.71 -83.80
CA ASN D 86 -16.91 8.42 -84.03
C ASN D 86 -16.77 7.13 -84.84
N SER D 87 -17.60 6.15 -84.51
CA SER D 87 -17.50 4.80 -85.08
C SER D 87 -17.90 4.73 -86.54
N MET D 88 -18.93 5.51 -86.91
CA MET D 88 -19.34 5.57 -88.32
C MET D 88 -18.33 6.32 -89.16
N ASP D 89 -17.73 7.36 -88.61
CA ASP D 89 -16.68 8.11 -89.30
C ASP D 89 -15.44 7.29 -89.72
N ILE D 90 -14.77 6.65 -88.78
CA ILE D 90 -13.62 5.82 -89.16
C ILE D 90 -14.04 4.81 -90.23
N MET D 91 -15.19 4.16 -90.03
CA MET D 91 -15.68 3.14 -90.95
C MET D 91 -15.85 3.73 -92.35
N LYS D 92 -16.36 4.95 -92.41
CA LYS D 92 -16.47 5.65 -93.67
C LYS D 92 -15.10 6.12 -94.14
N ILE D 93 -14.21 6.48 -93.22
CA ILE D 93 -12.84 6.80 -93.62
C ILE D 93 -12.18 5.54 -94.20
N ARG D 94 -12.62 4.35 -93.78
CA ARG D 94 -12.14 3.07 -94.32
C ARG D 94 -12.82 2.72 -95.64
N GLU D 95 -14.11 3.00 -95.72
CA GLU D 95 -14.88 2.83 -96.94
C GLU D 95 -14.28 3.66 -98.07
N TYR D 96 -13.76 4.84 -97.72
CA TYR D 96 -13.12 5.74 -98.66
C TYR D 96 -11.70 5.34 -98.98
N PHE D 97 -11.01 4.75 -97.99
CA PHE D 97 -9.56 4.61 -98.07
C PHE D 97 -9.05 3.36 -98.75
N GLN D 98 -9.93 2.48 -99.22
CA GLN D 98 -9.43 1.35 -100.00
C GLN D 98 -9.31 1.65 -101.50
N LYS D 99 -9.98 2.71 -101.95
CA LYS D 99 -9.81 3.16 -103.33
C LYS D 99 -9.41 4.62 -103.47
N TYR D 100 -10.39 5.51 -103.33
CA TYR D 100 -10.25 6.95 -103.55
C TYR D 100 -11.63 7.60 -103.52
N SER E 3 -0.13 -6.49 -7.17
CA SER E 3 1.12 -6.14 -7.84
C SER E 3 0.90 -5.71 -9.29
N SER E 4 1.98 -5.33 -9.97
CA SER E 4 1.87 -4.80 -11.32
C SER E 4 1.63 -5.89 -12.37
N ASP E 5 1.17 -5.47 -13.55
CA ASP E 5 0.98 -6.41 -14.65
C ASP E 5 2.31 -6.93 -15.13
N LEU E 6 3.32 -6.07 -15.05
CA LEU E 6 4.69 -6.45 -15.35
C LEU E 6 5.21 -7.54 -14.43
N GLU E 7 5.20 -7.26 -13.11
CA GLU E 7 5.68 -8.18 -12.08
C GLU E 7 4.96 -9.50 -12.19
N GLN E 8 3.64 -9.44 -12.38
CA GLN E 8 2.83 -10.65 -12.40
C GLN E 8 3.28 -11.52 -13.55
N LEU E 9 3.78 -10.90 -14.62
CA LEU E 9 4.28 -11.63 -15.76
C LEU E 9 5.55 -12.37 -15.41
N CYS E 10 6.48 -11.64 -14.82
CA CYS E 10 7.74 -12.21 -14.42
C CYS E 10 7.50 -13.46 -13.60
N SER E 11 6.63 -13.36 -12.62
CA SER E 11 6.38 -14.48 -11.74
C SER E 11 5.80 -15.66 -12.51
N HIS E 12 5.02 -15.36 -13.54
CA HIS E 12 4.49 -16.41 -14.40
C HIS E 12 5.65 -17.10 -15.11
N VAL E 13 6.57 -16.29 -15.61
CA VAL E 13 7.76 -16.82 -16.25
C VAL E 13 8.62 -17.66 -15.30
N ASN E 14 9.09 -17.07 -14.18
CA ASN E 14 9.89 -17.82 -13.20
C ASN E 14 9.25 -19.12 -12.83
N GLU E 15 7.94 -19.11 -12.63
CA GLU E 15 7.26 -20.35 -12.32
C GLU E 15 7.41 -21.39 -13.43
N LYS E 16 7.28 -20.97 -14.68
CA LYS E 16 7.43 -21.91 -15.78
C LYS E 16 8.88 -22.41 -15.85
N ILE E 17 9.80 -21.47 -15.73
CA ILE E 17 11.24 -21.75 -15.72
C ILE E 17 11.59 -22.68 -14.57
N GLY E 18 11.22 -22.29 -13.36
CA GLY E 18 11.51 -23.09 -12.19
C GLY E 18 10.90 -24.47 -12.31
N ASN E 19 9.63 -24.53 -12.72
CA ASN E 19 8.92 -25.81 -12.82
C ASN E 19 9.60 -26.77 -13.77
N ILE E 20 10.22 -26.22 -14.81
CA ILE E 20 10.96 -27.05 -15.73
C ILE E 20 12.16 -27.61 -14.99
N LYS E 21 12.96 -26.71 -14.44
CA LYS E 21 14.19 -27.07 -13.78
C LYS E 21 13.96 -28.18 -12.76
N LYS E 22 12.81 -28.14 -12.08
CA LYS E 22 12.46 -29.21 -11.15
C LYS E 22 12.23 -30.51 -11.94
N THR E 23 11.33 -30.43 -12.91
CA THR E 23 11.01 -31.62 -13.72
C THR E 23 12.22 -32.10 -14.50
N LEU E 24 13.18 -31.20 -14.67
CA LEU E 24 14.47 -31.54 -15.24
C LEU E 24 15.28 -32.43 -14.28
N SER E 25 15.45 -31.96 -13.05
CA SER E 25 16.23 -32.71 -12.09
C SER E 25 15.57 -34.05 -11.83
N LEU E 26 14.25 -34.06 -11.83
CA LEU E 26 13.52 -35.32 -11.70
C LEU E 26 13.90 -36.30 -12.82
N ARG E 27 14.02 -35.82 -14.05
CA ARG E 27 14.42 -36.70 -15.14
C ARG E 27 15.87 -37.15 -15.04
N ASN E 28 16.76 -36.18 -14.86
CA ASN E 28 18.17 -36.46 -14.65
C ASN E 28 18.41 -37.53 -13.58
N CYS E 29 17.96 -37.26 -12.36
CA CYS E 29 18.17 -38.14 -11.22
C CYS E 29 17.55 -39.54 -11.38
N GLY E 30 16.51 -39.65 -12.19
CA GLY E 30 15.88 -40.94 -12.41
C GLY E 30 16.28 -41.66 -13.70
N GLN E 31 17.20 -41.06 -14.46
CA GLN E 31 17.66 -41.64 -15.74
C GLN E 31 19.19 -41.75 -15.82
N GLU E 32 19.86 -40.60 -15.76
CA GLU E 32 21.32 -40.53 -15.77
C GLU E 32 21.95 -41.39 -14.66
N PRO E 33 22.88 -42.27 -15.05
CA PRO E 33 23.44 -43.32 -14.17
C PRO E 33 24.28 -42.82 -13.00
N THR E 34 25.14 -41.83 -13.22
CA THR E 34 26.06 -41.40 -12.19
C THR E 34 25.31 -40.79 -10.99
N LEU E 35 24.25 -40.04 -11.27
CA LEU E 35 23.40 -39.56 -10.19
C LEU E 35 22.67 -40.74 -9.57
N LYS E 36 22.16 -41.63 -10.42
CA LYS E 36 21.29 -42.70 -9.96
C LYS E 36 21.99 -43.67 -9.01
N THR E 37 23.30 -43.82 -9.15
CA THR E 37 24.04 -44.64 -8.19
C THR E 37 24.16 -43.92 -6.86
N VAL E 38 24.71 -42.70 -6.88
CA VAL E 38 24.94 -41.91 -5.66
C VAL E 38 23.62 -41.75 -4.88
N LEU E 39 22.51 -41.83 -5.60
CA LEU E 39 21.19 -41.79 -4.98
C LEU E 39 20.84 -43.12 -4.33
N ASN E 40 21.23 -44.23 -4.96
CA ASN E 40 21.06 -45.55 -4.34
C ASN E 40 22.05 -45.79 -3.20
N LYS E 41 23.27 -45.29 -3.37
CA LYS E 41 24.30 -45.37 -2.34
C LYS E 41 23.84 -44.68 -1.05
N ILE E 42 23.17 -43.54 -1.18
CA ILE E 42 22.57 -42.89 -0.04
C ILE E 42 21.43 -43.75 0.49
N GLY E 43 20.54 -44.16 -0.43
CA GLY E 43 19.37 -44.94 -0.07
C GLY E 43 19.68 -46.24 0.64
N ASP E 44 20.78 -46.87 0.23
CA ASP E 44 21.25 -48.09 0.88
C ASP E 44 21.84 -47.77 2.25
N GLU E 45 22.69 -46.74 2.29
CA GLU E 45 23.31 -46.31 3.54
C GLU E 45 22.31 -45.76 4.55
N ILE E 46 21.07 -45.52 4.11
CA ILE E 46 19.99 -45.20 5.02
C ILE E 46 19.50 -46.48 5.70
N ILE E 47 19.50 -47.58 4.96
CA ILE E 47 18.99 -48.85 5.47
C ILE E 47 19.89 -49.35 6.58
N VAL E 48 21.19 -49.23 6.37
CA VAL E 48 22.17 -49.63 7.37
C VAL E 48 22.17 -48.73 8.60
N ILE E 49 22.08 -47.43 8.38
CA ILE E 49 22.13 -46.46 9.46
C ILE E 49 20.83 -46.58 10.22
N ASN E 50 19.86 -47.27 9.63
CA ASN E 50 18.61 -47.61 10.30
C ASN E 50 18.74 -48.83 11.18
N GLU E 51 19.49 -49.82 10.72
CA GLU E 51 19.76 -50.99 11.55
C GLU E 51 20.66 -50.65 12.74
N LEU E 52 21.65 -49.78 12.49
CA LEU E 52 22.52 -49.26 13.54
C LEU E 52 21.74 -48.56 14.64
N LEU E 53 20.53 -48.10 14.33
CA LEU E 53 19.68 -47.50 15.35
C LEU E 53 19.09 -48.58 16.25
N ASN E 54 18.54 -49.63 15.64
CA ASN E 54 17.94 -50.74 16.39
C ASN E 54 18.95 -51.36 17.35
N LYS E 55 20.19 -51.46 16.89
CA LYS E 55 21.26 -51.97 17.73
C LYS E 55 21.50 -51.01 18.90
N LEU E 56 21.55 -49.72 18.60
CA LEU E 56 21.78 -48.72 19.64
C LEU E 56 20.61 -48.71 20.61
N GLU E 57 19.44 -49.12 20.12
CA GLU E 57 18.23 -49.14 20.95
C GLU E 57 18.35 -50.24 22.00
N LEU E 58 18.68 -51.45 21.53
CA LEU E 58 18.86 -52.55 22.48
C LEU E 58 20.03 -52.31 23.40
N GLU E 59 21.11 -51.77 22.86
CA GLU E 59 22.30 -51.54 23.67
C GLU E 59 22.04 -50.49 24.74
N ILE E 60 21.11 -49.58 24.48
CA ILE E 60 20.70 -48.61 25.49
C ILE E 60 19.85 -49.30 26.54
N GLN E 61 18.88 -50.10 26.08
CA GLN E 61 17.97 -50.77 27.01
C GLN E 61 18.69 -51.77 27.93
N TYR E 62 19.82 -52.29 27.48
CA TYR E 62 20.63 -53.12 28.38
C TYR E 62 21.39 -52.26 29.39
N GLN E 63 22.10 -51.25 28.89
CA GLN E 63 22.95 -50.41 29.75
C GLN E 63 22.14 -49.66 30.78
N GLU E 64 20.84 -49.55 30.51
CA GLU E 64 19.90 -48.96 31.46
C GLU E 64 19.58 -49.96 32.58
N GLN E 65 19.37 -51.23 32.20
CA GLN E 65 19.02 -52.24 33.19
C GLN E 65 20.22 -52.67 34.03
N THR E 66 21.44 -52.54 33.50
CA THR E 66 22.62 -52.89 34.31
C THR E 66 22.84 -51.84 35.37
N ASN E 67 22.42 -50.61 35.09
CA ASN E 67 22.59 -49.51 36.02
C ASN E 67 21.57 -49.46 37.14
N ASN E 68 20.40 -50.04 36.89
CA ASN E 68 19.45 -50.32 37.95
C ASN E 68 20.11 -51.29 38.92
N SER E 69 20.65 -52.38 38.38
CA SER E 69 21.38 -53.37 39.15
C SER E 69 22.62 -52.78 39.82
N LEU E 70 23.32 -51.89 39.13
CA LEU E 70 24.49 -51.23 39.72
C LEU E 70 24.05 -50.16 40.73
N LYS E 71 22.78 -49.77 40.68
CA LYS E 71 22.22 -48.93 41.72
C LYS E 71 21.86 -49.77 42.95
N GLU E 72 21.68 -51.07 42.75
CA GLU E 72 21.36 -51.99 43.85
C GLU E 72 22.57 -52.34 44.70
N LEU E 73 23.77 -52.22 44.13
CA LEU E 73 25.00 -52.47 44.87
C LEU E 73 25.43 -51.27 45.70
N CYS E 74 25.20 -50.05 45.19
CA CYS E 74 25.47 -48.86 45.98
C CYS E 74 24.46 -48.75 47.10
N GLU E 75 23.30 -49.36 46.91
CA GLU E 75 22.32 -49.48 47.99
C GLU E 75 22.83 -50.43 49.10
N SER E 76 23.14 -51.67 48.73
CA SER E 76 23.53 -52.68 49.72
C SER E 76 24.85 -52.37 50.41
N LEU E 77 25.80 -51.81 49.66
CA LEU E 77 27.13 -51.51 50.17
C LEU E 77 27.16 -50.22 51.00
N GLU E 78 26.24 -49.29 50.72
CA GLU E 78 26.16 -48.05 51.51
C GLU E 78 25.10 -48.13 52.60
N GLU E 79 24.32 -49.21 52.61
CA GLU E 79 23.36 -49.45 53.69
C GLU E 79 24.05 -50.12 54.88
N ASP E 80 25.07 -50.94 54.62
CA ASP E 80 25.75 -51.65 55.70
C ASP E 80 26.92 -50.80 56.19
N TYR E 81 26.78 -50.27 57.41
CA TYR E 81 27.80 -49.40 57.99
C TYR E 81 27.50 -49.07 59.46
N SER F 3 -3.04 9.14 -2.10
CA SER F 3 -4.14 8.36 -2.68
C SER F 3 -4.26 8.71 -4.17
N SER F 4 -5.41 8.43 -4.79
CA SER F 4 -5.63 8.68 -6.22
C SER F 4 -5.59 10.17 -6.56
N ASP F 5 -5.43 10.49 -7.84
CA ASP F 5 -5.41 11.89 -8.26
C ASP F 5 -6.76 12.51 -7.99
N LEU F 6 -7.80 11.69 -8.15
CA LEU F 6 -9.16 12.11 -7.83
C LEU F 6 -9.33 12.47 -6.34
N GLU F 7 -9.04 11.51 -5.47
CA GLU F 7 -9.17 11.71 -4.03
C GLU F 7 -8.35 12.89 -3.56
N GLN F 8 -7.15 13.02 -4.10
CA GLN F 8 -6.25 14.09 -3.71
C GLN F 8 -6.87 15.45 -4.04
N LEU F 9 -7.63 15.50 -5.12
CA LEU F 9 -8.34 16.71 -5.51
C LEU F 9 -9.41 17.04 -4.50
N CYS F 10 -10.26 16.06 -4.20
CA CYS F 10 -11.31 16.25 -3.22
C CYS F 10 -10.76 16.88 -1.95
N SER F 11 -9.69 16.30 -1.45
CA SER F 11 -9.11 16.75 -0.20
C SER F 11 -8.61 18.18 -0.33
N HIS F 12 -8.15 18.54 -1.51
CA HIS F 12 -7.73 19.90 -1.75
C HIS F 12 -8.94 20.77 -1.60
N VAL F 13 -10.05 20.34 -2.17
CA VAL F 13 -11.31 21.07 -2.13
C VAL F 13 -11.83 21.22 -0.70
N ASN F 14 -12.08 20.11 -0.02
CA ASN F 14 -12.54 20.16 1.37
C ASN F 14 -11.69 21.07 2.23
N GLU F 15 -10.38 21.02 2.03
CA GLU F 15 -9.50 21.92 2.77
C GLU F 15 -9.81 23.39 2.49
N LYS F 16 -10.03 23.75 1.24
CA LYS F 16 -10.37 25.13 0.91
C LYS F 16 -11.74 25.51 1.47
N ILE F 17 -12.70 24.62 1.27
CA ILE F 17 -14.04 24.75 1.82
C ILE F 17 -14.00 24.88 3.34
N GLY F 18 -13.39 23.91 4.00
CA GLY F 18 -13.31 23.90 5.45
C GLY F 18 -12.60 25.13 5.97
N ASN F 19 -11.47 25.47 5.36
CA ASN F 19 -10.68 26.63 5.78
C ASN F 19 -11.49 27.92 5.70
N ILE F 20 -12.34 28.04 4.69
CA ILE F 20 -13.25 29.19 4.63
C ILE F 20 -14.20 29.18 5.83
N LYS F 21 -14.95 28.10 5.96
CA LYS F 21 -15.90 27.96 7.05
C LYS F 21 -15.31 28.34 8.41
N LYS F 22 -14.04 27.98 8.64
CA LYS F 22 -13.40 28.39 9.87
C LYS F 22 -13.21 29.90 9.88
N THR F 23 -12.60 30.43 8.82
CA THR F 23 -12.33 31.86 8.75
C THR F 23 -13.64 32.62 8.69
N LEU F 24 -14.71 31.90 8.35
CA LEU F 24 -16.05 32.45 8.38
C LEU F 24 -16.53 32.64 9.82
N SER F 25 -16.45 31.58 10.62
CA SER F 25 -16.88 31.64 12.01
C SER F 25 -16.04 32.61 12.79
N LEU F 26 -14.77 32.70 12.45
CA LEU F 26 -13.92 33.73 13.02
C LEU F 26 -14.45 35.14 12.74
N ARG F 27 -14.92 35.39 11.52
CA ARG F 27 -15.47 36.71 11.22
C ARG F 27 -16.80 36.94 11.93
N ASN F 28 -17.72 36.00 11.79
CA ASN F 28 -19.00 36.04 12.48
C ASN F 28 -18.88 36.35 13.98
N CYS F 29 -18.18 35.48 14.69
CA CYS F 29 -18.02 35.59 16.14
C CYS F 29 -17.31 36.87 16.59
N GLY F 30 -16.51 37.47 15.72
CA GLY F 30 -15.80 38.68 16.07
C GLY F 30 -16.43 39.96 15.56
N GLN F 31 -17.58 39.82 14.89
CA GLN F 31 -18.26 40.98 14.31
C GLN F 31 -19.73 41.02 14.70
N GLU F 32 -20.46 39.97 14.33
CA GLU F 32 -21.89 39.86 14.61
C GLU F 32 -22.15 39.96 16.11
N PRO F 33 -23.06 40.86 16.53
CA PRO F 33 -23.27 41.23 17.93
C PRO F 33 -23.85 40.12 18.81
N THR F 34 -24.83 39.37 18.31
CA THR F 34 -25.51 38.39 19.15
C THR F 34 -24.56 37.29 19.57
N LEU F 35 -23.69 36.85 18.67
CA LEU F 35 -22.64 35.92 19.06
C LEU F 35 -21.68 36.61 20.00
N LYS F 36 -21.31 37.85 19.68
CA LYS F 36 -20.26 38.55 20.40
C LYS F 36 -20.59 38.79 21.88
N THR F 37 -21.87 38.92 22.18
CA THR F 37 -22.27 39.02 23.58
C THR F 37 -22.12 37.68 24.27
N VAL F 38 -22.77 36.65 23.73
CA VAL F 38 -22.76 35.30 24.33
C VAL F 38 -21.33 34.82 24.53
N LEU F 39 -20.43 35.37 23.74
CA LEU F 39 -19.02 35.07 23.87
C LEU F 39 -18.39 35.83 25.04
N ASN F 40 -18.80 37.07 25.24
CA ASN F 40 -18.33 37.83 26.38
C ASN F 40 -18.99 37.36 27.66
N LYS F 41 -20.25 36.94 27.57
CA LYS F 41 -20.99 36.40 28.72
C LYS F 41 -20.32 35.15 29.26
N ILE F 42 -19.84 34.30 28.37
CA ILE F 42 -19.03 33.17 28.76
C ILE F 42 -17.70 33.65 29.33
N GLY F 43 -17.02 34.53 28.60
CA GLY F 43 -15.72 35.06 29.01
C GLY F 43 -15.72 35.76 30.35
N ASP F 44 -16.82 36.44 30.66
CA ASP F 44 -17.00 37.08 31.97
C ASP F 44 -17.26 36.02 33.05
N GLU F 45 -18.18 35.10 32.76
CA GLU F 45 -18.52 34.02 33.66
C GLU F 45 -17.35 33.06 33.91
N ILE F 46 -16.29 33.18 33.11
CA ILE F 46 -15.06 32.46 33.39
C ILE F 46 -14.30 33.18 34.49
N ILE F 47 -14.35 34.51 34.50
CA ILE F 47 -13.60 35.29 35.46
C ILE F 47 -14.14 35.07 36.87
N VAL F 48 -15.46 34.97 36.96
CA VAL F 48 -16.14 34.74 38.24
C VAL F 48 -15.94 33.31 38.72
N ILE F 49 -16.08 32.36 37.81
CA ILE F 49 -15.91 30.97 38.16
C ILE F 49 -14.44 30.70 38.53
N ASN F 50 -13.58 31.65 38.17
CA ASN F 50 -12.18 31.63 38.56
C ASN F 50 -11.98 32.15 39.95
N GLU F 51 -12.69 33.22 40.31
CA GLU F 51 -12.62 33.71 41.69
C GLU F 51 -13.23 32.73 42.67
N LEU F 52 -14.33 32.10 42.26
CA LEU F 52 -14.98 31.05 43.05
C LEU F 52 -14.03 29.90 43.35
N LEU F 53 -12.99 29.74 42.55
CA LEU F 53 -11.99 28.73 42.83
C LEU F 53 -11.08 29.16 43.97
N ASN F 54 -10.60 30.40 43.90
CA ASN F 54 -9.73 30.94 44.94
C ASN F 54 -10.40 30.88 46.31
N LYS F 55 -11.70 31.17 46.34
CA LYS F 55 -12.47 31.07 47.57
C LYS F 55 -12.54 29.61 48.03
N LEU F 56 -12.79 28.70 47.09
CA LEU F 56 -12.84 27.29 47.43
C LEU F 56 -11.47 26.81 47.87
N GLU F 57 -10.42 27.48 47.41
CA GLU F 57 -9.07 27.11 47.78
C GLU F 57 -8.80 27.44 49.24
N LEU F 58 -9.08 28.68 49.63
CA LEU F 58 -8.91 29.07 51.02
C LEU F 58 -9.85 28.30 51.95
N GLU F 59 -11.09 28.09 51.51
CA GLU F 59 -12.06 27.39 52.34
C GLU F 59 -11.65 25.94 52.56
N ILE F 60 -10.93 25.36 51.61
CA ILE F 60 -10.38 24.01 51.78
C ILE F 60 -9.20 24.06 52.72
N GLN F 61 -8.31 25.01 52.42
CA GLN F 61 -7.03 25.22 53.08
C GLN F 61 -7.13 25.20 54.61
N TYR F 62 -7.89 26.14 55.18
CA TYR F 62 -8.14 26.16 56.61
C TYR F 62 -8.75 24.85 57.10
N GLN F 63 -9.68 24.26 56.34
CA GLN F 63 -10.33 23.03 56.80
C GLN F 63 -9.32 21.92 57.07
N GLU F 64 -8.36 21.78 56.17
CA GLU F 64 -7.25 20.85 56.39
C GLU F 64 -6.52 21.15 57.70
N GLN F 65 -6.45 22.42 58.07
CA GLN F 65 -5.83 22.85 59.33
C GLN F 65 -6.78 22.68 60.51
N THR F 66 -8.06 22.93 60.26
CA THR F 66 -9.12 22.64 61.21
C THR F 66 -9.14 21.13 61.46
N ASN F 67 -8.94 20.35 60.41
CA ASN F 67 -8.90 18.90 60.49
C ASN F 67 -7.71 18.32 61.28
N ASN F 68 -6.52 18.90 61.11
CA ASN F 68 -5.37 18.42 61.85
C ASN F 68 -5.27 18.98 63.27
N SER F 69 -5.83 20.16 63.49
CA SER F 69 -6.00 20.64 64.85
C SER F 69 -7.15 19.89 65.51
N LEU F 70 -7.93 19.18 64.69
CA LEU F 70 -9.01 18.33 65.17
C LEU F 70 -8.44 17.03 65.73
N LYS F 71 -7.37 16.53 65.12
CA LYS F 71 -6.74 15.31 65.63
C LYS F 71 -5.93 15.57 66.90
N GLU F 72 -5.45 16.79 67.08
CA GLU F 72 -4.72 17.17 68.30
C GLU F 72 -5.60 17.00 69.53
N LEU F 73 -6.88 17.33 69.37
CA LEU F 73 -7.84 17.20 70.46
C LEU F 73 -8.23 15.74 70.66
N CYS F 74 -8.03 14.94 69.62
CA CYS F 74 -8.23 13.50 69.73
C CYS F 74 -7.00 12.89 70.40
N GLU F 75 -5.86 13.57 70.29
CA GLU F 75 -4.67 13.16 71.03
C GLU F 75 -4.67 13.62 72.51
N SER F 76 -4.99 14.89 72.77
CA SER F 76 -5.03 15.39 74.15
C SER F 76 -6.17 14.77 74.95
N LEU F 77 -7.27 14.41 74.28
CA LEU F 77 -8.39 13.78 74.96
C LEU F 77 -8.18 12.28 75.11
N GLU F 78 -7.26 11.72 74.33
CA GLU F 78 -6.88 10.33 74.48
C GLU F 78 -5.86 10.17 75.63
N GLU F 79 -4.91 11.08 75.72
CA GLU F 79 -3.95 11.04 76.82
C GLU F 79 -4.61 11.59 78.10
N ASP F 80 -5.83 12.11 77.94
CA ASP F 80 -6.70 12.47 79.07
C ASP F 80 -7.51 11.30 79.61
N TYR F 81 -8.01 10.46 78.70
CA TYR F 81 -8.85 9.32 79.07
C TYR F 81 -8.06 8.19 79.73
N LYS F 82 -6.80 8.04 79.34
CA LYS F 82 -5.94 7.05 79.98
C LYS F 82 -5.71 7.35 81.46
N ASP F 83 -5.79 8.62 81.85
CA ASP F 83 -5.44 9.04 83.21
C ASP F 83 -6.53 8.80 84.25
N ILE F 84 -7.78 8.76 83.83
CA ILE F 84 -8.85 8.33 84.73
C ILE F 84 -9.04 6.82 84.54
N GLU F 85 -8.39 6.26 83.53
CA GLU F 85 -8.41 4.82 83.32
C GLU F 85 -7.66 4.03 84.41
N HIS F 86 -6.38 4.33 84.60
CA HIS F 86 -5.58 3.61 85.59
C HIS F 86 -6.03 4.00 86.97
N LEU F 87 -6.65 5.18 87.07
CA LEU F 87 -7.17 5.66 88.34
C LEU F 87 -8.52 5.02 88.66
N LYS F 88 -9.17 4.45 87.65
CA LYS F 88 -10.39 3.68 87.87
C LYS F 88 -10.09 2.26 88.38
N GLU F 89 -9.11 1.61 87.78
CA GLU F 89 -8.76 0.25 88.16
C GLU F 89 -8.05 0.24 89.51
N SER G 3 4.67 -0.11 6.59
CA SER G 3 4.26 -1.35 7.26
C SER G 3 4.12 -1.12 8.76
N SER G 4 3.78 -2.18 9.48
CA SER G 4 3.19 -2.09 10.82
C SER G 4 4.14 -1.69 11.93
N ASP G 5 3.60 -1.27 13.07
CA ASP G 5 4.43 -0.95 14.23
C ASP G 5 5.11 -2.19 14.74
N LEU G 6 4.42 -3.32 14.65
CA LEU G 6 5.00 -4.61 14.97
C LEU G 6 6.20 -4.97 14.09
N GLU G 7 6.00 -5.03 12.78
CA GLU G 7 7.05 -5.35 11.83
C GLU G 7 8.24 -4.43 12.00
N GLN G 8 7.95 -3.15 12.22
CA GLN G 8 9.00 -2.15 12.28
C GLN G 8 9.86 -2.47 13.48
N LEU G 9 9.24 -3.00 14.53
CA LEU G 9 10.00 -3.40 15.70
C LEU G 9 10.92 -4.55 15.41
N CYS G 10 10.38 -5.60 14.78
CA CYS G 10 11.17 -6.76 14.40
C CYS G 10 12.42 -6.34 13.66
N SER G 11 12.24 -5.49 12.65
CA SER G 11 13.38 -5.08 11.86
C SER G 11 14.37 -4.30 12.68
N HIS G 12 13.89 -3.55 13.66
CA HIS G 12 14.79 -2.88 14.59
C HIS G 12 15.65 -3.94 15.30
N VAL G 13 14.98 -4.98 15.80
CA VAL G 13 15.64 -6.08 16.50
C VAL G 13 16.64 -6.82 15.60
N ASN G 14 16.21 -7.37 14.47
CA ASN G 14 17.14 -8.05 13.57
C ASN G 14 18.36 -7.20 13.24
N GLU G 15 18.15 -5.90 13.04
CA GLU G 15 19.27 -5.03 12.78
C GLU G 15 20.26 -5.02 13.94
N LYS G 16 19.75 -4.97 15.16
CA LYS G 16 20.65 -4.98 16.33
C LYS G 16 21.32 -6.33 16.43
N ILE G 17 20.54 -7.39 16.27
CA ILE G 17 21.04 -8.75 16.28
C ILE G 17 22.09 -8.95 15.20
N GLY G 18 21.72 -8.66 13.96
CA GLY G 18 22.63 -8.82 12.83
C GLY G 18 23.88 -7.99 12.99
N ASN G 19 23.73 -6.73 13.39
CA ASN G 19 24.87 -5.84 13.58
C ASN G 19 25.86 -6.36 14.62
N ILE G 20 25.34 -7.01 15.66
CA ILE G 20 26.22 -7.68 16.61
C ILE G 20 26.99 -8.79 15.89
N LYS G 21 26.24 -9.70 15.28
CA LYS G 21 26.83 -10.85 14.64
C LYS G 21 27.97 -10.48 13.69
N LYS G 22 27.82 -9.35 13.02
CA LYS G 22 28.89 -8.86 12.16
C LYS G 22 30.08 -8.41 13.02
N THR G 23 29.82 -7.55 14.00
CA THR G 23 30.88 -7.03 14.85
C THR G 23 31.48 -8.16 15.67
N LEU G 24 30.73 -9.24 15.80
CA LEU G 24 31.22 -10.46 16.40
C LEU G 24 32.28 -11.14 15.51
N SER G 25 31.93 -11.37 14.25
CA SER G 25 32.86 -12.02 13.33
C SER G 25 34.08 -11.17 13.11
N LEU G 26 33.90 -9.86 13.06
CA LEU G 26 35.04 -8.96 13.06
C LEU G 26 35.97 -9.17 14.26
N ARG G 27 35.43 -9.35 15.46
CA ARG G 27 36.29 -9.63 16.61
C ARG G 27 36.94 -11.00 16.53
N ASN G 28 36.14 -12.03 16.28
CA ASN G 28 36.66 -13.38 16.10
C ASN G 28 37.84 -13.48 15.12
N CYS G 29 37.59 -13.08 13.88
CA CYS G 29 38.57 -13.15 12.81
C CYS G 29 39.83 -12.32 13.06
N GLY G 30 39.73 -11.31 13.91
CA GLY G 30 40.87 -10.44 14.19
C GLY G 30 41.58 -10.74 15.51
N GLN G 31 41.09 -11.76 16.22
CA GLN G 31 41.66 -12.11 17.52
C GLN G 31 41.97 -13.59 17.61
N GLU G 32 40.94 -14.42 17.47
CA GLU G 32 41.09 -15.87 17.51
C GLU G 32 42.11 -16.35 16.47
N PRO G 33 43.09 -17.15 16.91
CA PRO G 33 44.26 -17.54 16.11
C PRO G 33 43.97 -18.44 14.92
N THR G 34 43.11 -19.46 15.10
CA THR G 34 42.87 -20.42 14.03
C THR G 34 42.25 -19.76 12.81
N LEU G 35 41.34 -18.83 13.02
CA LEU G 35 40.80 -18.05 11.91
C LEU G 35 41.90 -17.16 11.37
N LYS G 36 42.65 -16.52 12.27
CA LYS G 36 43.59 -15.50 11.87
C LYS G 36 44.72 -16.03 10.98
N THR G 37 45.03 -17.31 11.11
CA THR G 37 46.01 -17.93 10.21
C THR G 37 45.39 -18.15 8.84
N VAL G 38 44.28 -18.88 8.80
CA VAL G 38 43.61 -19.21 7.54
C VAL G 38 43.30 -17.94 6.75
N LEU G 39 43.20 -16.82 7.45
CA LEU G 39 42.99 -15.54 6.82
C LEU G 39 44.29 -14.97 6.24
N ASN G 40 45.39 -15.20 6.93
CA ASN G 40 46.68 -14.79 6.40
C ASN G 40 47.12 -15.73 5.29
N LYS G 41 46.80 -17.03 5.44
CA LYS G 41 47.11 -18.03 4.43
C LYS G 41 46.46 -17.68 3.09
N ILE G 42 45.23 -17.22 3.15
CA ILE G 42 44.55 -16.71 1.96
C ILE G 42 45.23 -15.43 1.49
N GLY G 43 45.44 -14.49 2.40
CA GLY G 43 46.07 -13.22 2.08
C GLY G 43 47.46 -13.33 1.49
N ASP G 44 48.22 -14.33 1.93
CA ASP G 44 49.53 -14.60 1.36
C ASP G 44 49.37 -15.23 -0.03
N GLU G 45 48.52 -16.23 -0.12
CA GLU G 45 48.25 -16.92 -1.38
C GLU G 45 47.61 -15.99 -2.43
N ILE G 46 47.17 -14.81 -2.00
CA ILE G 46 46.75 -13.80 -2.95
C ILE G 46 47.99 -13.12 -3.55
N ILE G 47 49.03 -12.96 -2.74
CA ILE G 47 50.21 -12.23 -3.19
C ILE G 47 50.91 -13.04 -4.26
N VAL G 48 50.93 -14.35 -4.08
CA VAL G 48 51.57 -15.26 -5.04
C VAL G 48 50.76 -15.40 -6.33
N ILE G 49 49.45 -15.52 -6.16
CA ILE G 49 48.56 -15.69 -7.31
C ILE G 49 48.49 -14.37 -8.07
N ASN G 50 49.00 -13.32 -7.44
CA ASN G 50 49.20 -12.03 -8.10
C ASN G 50 50.50 -11.99 -8.92
N GLU G 51 51.57 -12.57 -8.38
CA GLU G 51 52.83 -12.64 -9.12
C GLU G 51 52.66 -13.58 -10.31
N LEU G 52 51.96 -14.69 -10.09
CA LEU G 52 51.63 -15.63 -11.16
C LEU G 52 50.89 -14.97 -12.32
N LEU G 53 50.26 -13.83 -12.06
CA LEU G 53 49.60 -13.09 -13.14
C LEU G 53 50.63 -12.36 -13.98
N ASN G 54 51.55 -11.67 -13.30
CA ASN G 54 52.57 -10.89 -13.99
C ASN G 54 53.40 -11.77 -14.91
N LYS G 55 53.67 -12.99 -14.45
CA LYS G 55 54.40 -13.96 -15.25
C LYS G 55 53.55 -14.38 -16.46
N LEU G 56 52.26 -14.59 -16.22
CA LEU G 56 51.34 -14.94 -17.29
C LEU G 56 51.19 -13.78 -18.27
N GLU G 57 51.37 -12.56 -17.77
CA GLU G 57 51.31 -11.39 -18.62
C GLU G 57 52.48 -11.33 -19.60
N LEU G 58 53.69 -11.46 -19.08
CA LEU G 58 54.84 -11.46 -19.94
C LEU G 58 54.83 -12.66 -20.86
N GLU G 59 54.43 -13.83 -20.33
CA GLU G 59 54.45 -15.04 -21.15
C GLU G 59 53.46 -14.93 -22.29
N ILE G 60 52.39 -14.17 -22.08
CA ILE G 60 51.45 -13.91 -23.16
C ILE G 60 52.08 -12.97 -24.17
N GLN G 61 52.74 -11.94 -23.66
CA GLN G 61 53.38 -10.92 -24.49
C GLN G 61 54.36 -11.50 -25.51
N TYR G 62 55.28 -12.35 -25.05
CA TYR G 62 56.23 -12.99 -25.95
C TYR G 62 55.53 -14.05 -26.78
N GLN G 63 54.51 -14.68 -26.20
CA GLN G 63 53.73 -15.65 -26.94
C GLN G 63 53.23 -14.97 -28.19
N GLU G 64 52.66 -13.78 -28.00
CA GLU G 64 52.17 -12.98 -29.10
C GLU G 64 53.32 -12.48 -29.98
N GLN G 65 54.46 -12.20 -29.37
CA GLN G 65 55.65 -11.83 -30.11
C GLN G 65 56.08 -12.96 -31.05
N THR G 66 56.14 -14.19 -30.54
CA THR G 66 56.61 -15.31 -31.34
C THR G 66 55.56 -15.80 -32.33
N ASN G 67 54.29 -15.66 -31.97
CA ASN G 67 53.23 -16.09 -32.87
C ASN G 67 53.23 -15.35 -34.20
N ASN G 68 53.51 -14.05 -34.16
CA ASN G 68 53.60 -13.24 -35.37
C ASN G 68 54.93 -13.39 -36.09
N SER G 69 55.99 -13.64 -35.34
CA SER G 69 57.25 -14.02 -35.96
C SER G 69 57.02 -15.33 -36.71
N LEU G 70 56.24 -16.23 -36.10
CA LEU G 70 55.90 -17.51 -36.73
C LEU G 70 55.10 -17.30 -38.01
N LYS G 71 54.27 -16.26 -38.03
CA LYS G 71 53.55 -15.88 -39.25
C LYS G 71 54.52 -15.22 -40.24
N GLU G 72 55.45 -14.42 -39.71
CA GLU G 72 56.47 -13.72 -40.52
C GLU G 72 57.29 -14.70 -41.36
N LEU G 73 57.33 -15.95 -40.90
CA LEU G 73 57.98 -17.04 -41.60
C LEU G 73 57.03 -17.62 -42.61
N CYS G 74 55.92 -18.16 -42.10
CA CYS G 74 54.92 -18.85 -42.92
C CYS G 74 54.45 -18.09 -44.17
N GLU G 75 54.51 -16.76 -44.14
CA GLU G 75 54.19 -15.97 -45.33
C GLU G 75 55.33 -16.04 -46.35
N SER G 76 56.56 -15.83 -45.87
CA SER G 76 57.77 -15.82 -46.71
C SER G 76 58.00 -17.12 -47.53
N LEU G 77 57.60 -18.25 -46.96
CA LEU G 77 57.70 -19.54 -47.67
C LEU G 77 56.65 -19.63 -48.77
N GLU G 78 55.46 -19.13 -48.47
CA GLU G 78 54.37 -19.08 -49.42
C GLU G 78 54.67 -18.11 -50.58
N GLU G 79 55.76 -17.35 -50.44
CA GLU G 79 56.23 -16.46 -51.50
C GLU G 79 57.01 -17.20 -52.58
N ASP G 80 57.90 -18.10 -52.18
CA ASP G 80 58.73 -18.81 -53.14
C ASP G 80 58.12 -20.18 -53.39
N TYR G 81 57.54 -20.34 -54.59
CA TYR G 81 56.82 -21.55 -54.93
C TYR G 81 56.60 -21.65 -56.44
N SER H 3 7.39 -2.67 -1.17
CA SER H 3 8.59 -3.26 -1.77
C SER H 3 9.40 -4.08 -0.78
N SER H 4 9.46 -5.38 -1.02
CA SER H 4 10.14 -6.35 -0.15
C SER H 4 11.66 -6.19 -0.12
N ASP H 5 12.31 -6.80 0.86
CA ASP H 5 13.76 -6.77 0.92
C ASP H 5 14.33 -7.53 -0.25
N LEU H 6 13.63 -8.60 -0.64
CA LEU H 6 14.00 -9.38 -1.79
C LEU H 6 13.99 -8.53 -3.08
N GLU H 7 12.82 -7.96 -3.41
CA GLU H 7 12.63 -7.11 -4.60
C GLU H 7 13.59 -5.96 -4.66
N GLN H 8 13.80 -5.32 -3.54
CA GLN H 8 14.70 -4.19 -3.45
C GLN H 8 16.12 -4.61 -3.82
N LEU H 9 16.47 -5.84 -3.50
CA LEU H 9 17.78 -6.37 -3.86
C LEU H 9 17.87 -6.50 -5.36
N CYS H 10 16.88 -7.15 -5.95
CA CYS H 10 16.84 -7.35 -7.38
C CYS H 10 17.09 -6.05 -8.09
N SER H 11 16.36 -5.03 -7.70
CA SER H 11 16.47 -3.73 -8.37
C SER H 11 17.85 -3.14 -8.17
N HIS H 12 18.48 -3.45 -7.06
CA HIS H 12 19.84 -3.00 -6.84
C HIS H 12 20.72 -3.69 -7.89
N VAL H 13 20.47 -4.97 -8.09
CA VAL H 13 21.21 -5.76 -9.05
C VAL H 13 21.00 -5.25 -10.48
N ASN H 14 19.75 -5.22 -10.95
CA ASN H 14 19.45 -4.74 -12.31
C ASN H 14 20.04 -3.38 -12.59
N GLU H 15 19.98 -2.49 -11.61
CA GLU H 15 20.65 -1.21 -11.77
C GLU H 15 22.16 -1.33 -11.99
N LYS H 16 22.85 -2.21 -11.26
CA LYS H 16 24.28 -2.39 -11.45
C LYS H 16 24.54 -3.03 -12.81
N ILE H 17 23.78 -4.07 -13.10
CA ILE H 17 23.81 -4.73 -14.40
C ILE H 17 23.55 -3.74 -15.54
N GLY H 18 22.41 -3.07 -15.49
CA GLY H 18 22.06 -2.13 -16.52
C GLY H 18 23.07 -1.02 -16.69
N ASN H 19 23.50 -0.45 -15.58
CA ASN H 19 24.46 0.65 -15.61
C ASN H 19 25.76 0.24 -16.27
N ILE H 20 26.15 -1.02 -16.11
CA ILE H 20 27.33 -1.52 -16.81
C ILE H 20 27.03 -1.51 -18.30
N LYS H 21 25.97 -2.19 -18.70
CA LYS H 21 25.61 -2.32 -20.09
C LYS H 21 25.58 -0.99 -20.82
N LYS H 22 25.15 0.07 -20.15
CA LYS H 22 25.20 1.40 -20.74
C LYS H 22 26.66 1.86 -20.87
N THR H 23 27.42 1.77 -19.79
CA THR H 23 28.83 2.20 -19.80
C THR H 23 29.62 1.31 -20.72
N LEU H 24 29.07 0.14 -21.00
CA LEU H 24 29.62 -0.77 -22.00
C LEU H 24 29.44 -0.22 -23.41
N SER H 25 28.20 0.11 -23.77
CA SER H 25 27.91 0.64 -25.09
C SER H 25 28.61 1.96 -25.31
N LEU H 26 28.68 2.78 -24.27
CA LEU H 26 29.52 3.97 -24.33
C LEU H 26 30.99 3.65 -24.71
N ARG H 27 31.58 2.60 -24.15
CA ARG H 27 32.95 2.25 -24.51
C ARG H 27 33.05 1.70 -25.92
N ASN H 28 32.21 0.72 -26.23
CA ASN H 28 32.12 0.17 -27.58
C ASN H 28 32.01 1.24 -28.67
N CYS H 29 30.95 2.04 -28.61
CA CYS H 29 30.69 3.06 -29.62
C CYS H 29 31.77 4.15 -29.73
N GLY H 30 32.56 4.33 -28.68
CA GLY H 30 33.61 5.35 -28.70
C GLY H 30 35.01 4.80 -28.92
N GLN H 31 35.10 3.48 -29.12
CA GLN H 31 36.38 2.82 -29.33
C GLN H 31 36.41 1.91 -30.57
N GLU H 32 35.57 0.88 -30.56
CA GLU H 32 35.41 -0.03 -31.69
C GLU H 32 35.09 0.73 -33.00
N PRO H 33 35.87 0.46 -34.06
CA PRO H 33 35.87 1.24 -35.31
C PRO H 33 34.59 1.12 -36.15
N THR H 34 34.03 -0.09 -36.27
CA THR H 34 32.88 -0.29 -37.15
C THR H 34 31.66 0.50 -36.66
N LEU H 35 31.45 0.53 -35.35
CA LEU H 35 30.41 1.37 -34.80
C LEU H 35 30.80 2.82 -35.01
N LYS H 36 32.06 3.15 -34.73
CA LYS H 36 32.50 4.54 -34.74
C LYS H 36 32.36 5.22 -36.09
N THR H 37 32.45 4.45 -37.17
CA THR H 37 32.19 5.03 -38.49
C THR H 37 30.70 5.32 -38.70
N VAL H 38 29.87 4.29 -38.55
CA VAL H 38 28.43 4.39 -38.73
C VAL H 38 27.87 5.51 -37.85
N LEU H 39 28.57 5.80 -36.77
CA LEU H 39 28.20 6.91 -35.91
C LEU H 39 28.61 8.25 -36.51
N ASN H 40 29.77 8.29 -37.15
CA ASN H 40 30.16 9.50 -37.85
C ASN H 40 29.39 9.70 -39.15
N LYS H 41 29.07 8.60 -39.82
CA LYS H 41 28.27 8.64 -41.06
C LYS H 41 26.89 9.24 -40.80
N ILE H 42 26.30 8.90 -39.66
CA ILE H 42 25.08 9.52 -39.23
C ILE H 42 25.34 10.99 -38.90
N GLY H 43 26.35 11.24 -38.09
CA GLY H 43 26.67 12.58 -37.66
C GLY H 43 27.01 13.54 -38.79
N ASP H 44 27.62 13.01 -39.84
CA ASP H 44 27.90 13.81 -41.03
C ASP H 44 26.61 14.06 -41.80
N GLU H 45 25.85 13.00 -42.03
CA GLU H 45 24.59 13.08 -42.74
C GLU H 45 23.55 13.94 -41.99
N ILE H 46 23.83 14.29 -40.75
CA ILE H 46 23.01 15.26 -40.03
C ILE H 46 23.39 16.66 -40.50
N ILE H 47 24.67 16.87 -40.77
CA ILE H 47 25.14 18.21 -41.15
C ILE H 47 24.57 18.59 -42.52
N VAL H 48 24.48 17.62 -43.41
CA VAL H 48 23.98 17.85 -44.75
C VAL H 48 22.46 18.02 -44.72
N ILE H 49 21.78 17.18 -43.94
CA ILE H 49 20.35 17.22 -43.84
C ILE H 49 19.96 18.48 -43.09
N ASN H 50 20.92 19.12 -42.47
CA ASN H 50 20.75 20.44 -41.89
C ASN H 50 20.88 21.56 -42.92
N GLU H 51 21.82 21.43 -43.83
CA GLU H 51 21.95 22.42 -44.90
C GLU H 51 20.78 22.33 -45.83
N LEU H 52 20.32 21.11 -46.10
CA LEU H 52 19.13 20.88 -46.90
C LEU H 52 17.89 21.57 -46.34
N LEU H 53 17.92 21.88 -45.05
CA LEU H 53 16.83 22.64 -44.44
C LEU H 53 16.89 24.13 -44.78
N ASN H 54 18.06 24.72 -44.60
CA ASN H 54 18.26 26.12 -44.96
C ASN H 54 17.89 26.42 -46.41
N LYS H 55 18.20 25.49 -47.30
CA LYS H 55 17.85 25.61 -48.70
C LYS H 55 16.33 25.55 -48.82
N LEU H 56 15.70 24.62 -48.12
CA LEU H 56 14.24 24.50 -48.14
C LEU H 56 13.61 25.71 -47.49
N GLU H 57 14.33 26.37 -46.60
CA GLU H 57 13.82 27.59 -46.00
C GLU H 57 13.77 28.74 -46.98
N LEU H 58 14.87 29.01 -47.66
CA LEU H 58 14.84 30.07 -48.62
C LEU H 58 13.89 29.74 -49.77
N GLU H 59 13.84 28.48 -50.19
CA GLU H 59 13.02 28.12 -51.35
C GLU H 59 11.57 28.29 -51.00
N ILE H 60 11.24 28.16 -49.73
CA ILE H 60 9.88 28.43 -49.28
C ILE H 60 9.57 29.93 -49.29
N GLN H 61 10.39 30.75 -48.63
CA GLN H 61 10.20 32.20 -48.62
C GLN H 61 10.47 32.84 -49.98
N TYR H 62 11.01 32.06 -50.91
CA TYR H 62 10.95 32.46 -52.30
C TYR H 62 9.64 32.02 -52.97
N GLN H 63 9.26 30.76 -52.74
CA GLN H 63 8.13 30.17 -53.40
C GLN H 63 6.90 30.97 -53.10
N GLU H 64 6.85 31.44 -51.86
CA GLU H 64 5.73 32.23 -51.38
C GLU H 64 5.71 33.51 -52.16
N GLN H 65 6.87 34.15 -52.25
CA GLN H 65 6.93 35.49 -52.81
C GLN H 65 6.63 35.53 -54.33
N THR H 66 6.75 34.39 -54.99
CA THR H 66 6.22 34.29 -56.35
C THR H 66 4.72 34.03 -56.40
N ASN H 67 4.24 33.08 -55.60
CA ASN H 67 2.80 32.85 -55.49
C ASN H 67 2.10 34.14 -55.08
N ASN H 68 2.81 34.96 -54.34
CA ASN H 68 2.35 36.31 -54.03
C ASN H 68 2.27 37.15 -55.29
N SER H 69 3.35 37.22 -56.05
CA SER H 69 3.28 37.93 -57.33
C SER H 69 2.36 37.22 -58.31
N LEU H 70 2.44 35.89 -58.40
CA LEU H 70 1.53 35.15 -59.28
C LEU H 70 0.04 35.25 -58.86
N LYS H 71 -0.26 35.62 -57.61
CA LYS H 71 -1.63 36.08 -57.27
C LYS H 71 -1.88 37.54 -57.65
N GLU H 72 -0.99 38.44 -57.22
CA GLU H 72 -1.13 39.88 -57.47
C GLU H 72 -1.24 40.19 -58.96
N LEU H 73 -0.68 39.34 -59.80
CA LEU H 73 -0.89 39.45 -61.22
C LEU H 73 -2.34 39.07 -61.54
N CYS H 74 -2.76 37.89 -61.07
CA CYS H 74 -4.08 37.34 -61.37
C CYS H 74 -5.20 38.27 -60.95
N GLU H 75 -4.96 39.00 -59.87
CA GLU H 75 -5.91 39.99 -59.41
C GLU H 75 -6.09 41.07 -60.48
N SER H 76 -5.01 41.76 -60.82
CA SER H 76 -5.08 42.88 -61.76
C SER H 76 -5.65 42.44 -63.11
N LEU H 77 -5.56 41.14 -63.37
CA LEU H 77 -5.94 40.57 -64.65
C LEU H 77 -7.40 40.18 -64.73
N GLU H 78 -8.09 40.21 -63.60
CA GLU H 78 -9.54 40.10 -63.60
C GLU H 78 -10.22 41.47 -63.48
N GLU H 79 -9.42 42.51 -63.28
CA GLU H 79 -9.92 43.88 -63.29
C GLU H 79 -10.00 44.41 -64.73
N ASP H 80 -8.97 44.09 -65.51
CA ASP H 80 -8.85 44.56 -66.89
C ASP H 80 -9.64 43.68 -67.86
N TYR H 81 -10.17 42.56 -67.36
CA TYR H 81 -11.11 41.73 -68.11
C TYR H 81 -12.56 42.12 -67.82
N LYS H 82 -12.96 42.11 -66.55
CA LYS H 82 -14.25 42.67 -66.14
C LYS H 82 -14.43 44.07 -66.72
N ASP H 83 -13.32 44.76 -66.98
CA ASP H 83 -13.32 45.98 -67.78
C ASP H 83 -13.73 45.76 -69.24
N ILE H 84 -13.15 44.75 -69.89
CA ILE H 84 -13.47 44.43 -71.28
C ILE H 84 -14.69 43.51 -71.40
N GLU H 85 -15.16 42.96 -70.27
CA GLU H 85 -16.38 42.16 -70.25
C GLU H 85 -17.61 43.05 -70.22
N HIS H 86 -17.52 44.14 -69.45
CA HIS H 86 -18.58 45.12 -69.36
C HIS H 86 -18.69 45.95 -70.64
N LEU H 87 -17.55 46.46 -71.12
CA LEU H 87 -17.52 47.30 -72.33
C LEU H 87 -17.74 46.53 -73.64
N LYS H 88 -16.94 45.48 -73.87
CA LYS H 88 -17.06 44.67 -75.10
C LYS H 88 -16.43 43.27 -75.01
N SER I 3 -2.98 4.94 8.32
CA SER I 3 -2.82 5.59 7.01
C SER I 3 -4.04 6.46 6.66
N SER I 4 -5.20 6.09 7.20
CA SER I 4 -6.40 6.89 7.07
C SER I 4 -6.35 8.12 7.97
N ASP I 5 -7.20 9.11 7.69
CA ASP I 5 -7.27 10.29 8.54
C ASP I 5 -7.77 9.93 9.91
N LEU I 6 -8.67 8.95 9.97
CA LEU I 6 -9.16 8.41 11.23
C LEU I 6 -8.03 7.77 12.07
N GLU I 7 -7.33 6.78 11.51
CA GLU I 7 -6.27 6.08 12.20
C GLU I 7 -5.20 7.05 12.66
N GLN I 8 -4.89 8.03 11.83
CA GLN I 8 -3.81 8.96 12.13
C GLN I 8 -4.17 9.76 13.36
N LEU I 9 -5.47 10.00 13.54
CA LEU I 9 -5.98 10.72 14.70
C LEU I 9 -5.78 9.90 15.94
N CYS I 10 -6.24 8.65 15.90
CA CYS I 10 -6.07 7.73 17.02
C CYS I 10 -4.64 7.73 17.50
N SER I 11 -3.70 7.57 16.58
CA SER I 11 -2.30 7.51 16.94
C SER I 11 -1.84 8.81 17.57
N HIS I 12 -2.40 9.93 17.13
CA HIS I 12 -2.11 11.21 17.75
C HIS I 12 -2.59 11.16 19.19
N VAL I 13 -3.78 10.62 19.39
CA VAL I 13 -4.35 10.50 20.73
C VAL I 13 -3.51 9.58 21.62
N ASN I 14 -3.32 8.32 21.22
CA ASN I 14 -2.49 7.38 22.02
C ASN I 14 -1.16 7.97 22.37
N GLU I 15 -0.50 8.63 21.44
CA GLU I 15 0.75 9.31 21.75
C GLU I 15 0.60 10.35 22.87
N LYS I 16 -0.46 11.14 22.85
CA LYS I 16 -0.67 12.11 23.93
C LYS I 16 -0.96 11.41 25.25
N ILE I 17 -1.84 10.41 25.18
CA ILE I 17 -2.20 9.58 26.32
C ILE I 17 -0.99 8.87 26.89
N GLY I 18 -0.28 8.14 26.04
CA GLY I 18 0.91 7.41 26.45
C GLY I 18 1.98 8.33 27.02
N ASN I 19 2.25 9.43 26.32
CA ASN I 19 3.24 10.40 26.77
C ASN I 19 2.93 10.96 28.16
N ILE I 20 1.65 11.16 28.46
CA ILE I 20 1.27 11.54 29.82
C ILE I 20 1.65 10.44 30.79
N LYS I 21 1.14 9.24 30.56
CA LYS I 21 1.36 8.11 31.43
C LYS I 21 2.83 7.91 31.76
N LYS I 22 3.71 8.17 30.78
CA LYS I 22 5.14 8.11 31.08
C LYS I 22 5.51 9.25 32.00
N THR I 23 5.15 10.49 31.65
CA THR I 23 5.51 11.63 32.48
C THR I 23 4.82 11.55 33.83
N LEU I 24 3.77 10.73 33.88
CA LEU I 24 3.11 10.42 35.12
C LEU I 24 3.98 9.57 36.00
N SER I 25 4.45 8.44 35.47
CA SER I 25 5.30 7.52 36.25
C SER I 25 6.59 8.18 36.66
N LEU I 26 7.13 9.03 35.79
CA LEU I 26 8.26 9.86 36.16
C LEU I 26 7.97 10.73 37.39
N ARG I 27 6.79 11.34 37.45
CA ARG I 27 6.45 12.12 38.64
C ARG I 27 6.26 11.26 39.88
N ASN I 28 5.46 10.21 39.74
CA ASN I 28 5.20 9.28 40.84
C ASN I 28 6.48 8.74 41.46
N CYS I 29 7.32 8.13 40.62
CA CYS I 29 8.56 7.49 41.05
C CYS I 29 9.57 8.47 41.67
N GLY I 30 9.47 9.75 41.31
CA GLY I 30 10.39 10.76 41.82
C GLY I 30 9.84 11.62 42.94
N GLN I 31 8.62 11.32 43.37
CA GLN I 31 7.97 12.10 44.41
C GLN I 31 7.38 11.22 45.50
N GLU I 32 6.43 10.35 45.11
CA GLU I 32 5.81 9.40 46.03
C GLU I 32 6.85 8.53 46.76
N PRO I 33 6.79 8.50 48.09
CA PRO I 33 7.83 7.90 48.93
C PRO I 33 7.96 6.39 48.82
N THR I 34 6.85 5.65 48.76
CA THR I 34 6.91 4.19 48.79
C THR I 34 7.63 3.66 47.55
N LEU I 35 7.38 4.26 46.40
CA LEU I 35 8.14 3.91 45.20
C LEU I 35 9.58 4.33 45.40
N LYS I 36 9.77 5.55 45.91
CA LYS I 36 11.08 6.16 45.96
C LYS I 36 12.06 5.39 46.82
N THR I 37 11.56 4.69 47.82
CA THR I 37 12.44 3.83 48.61
C THR I 37 12.82 2.58 47.81
N VAL I 38 11.82 1.84 47.31
CA VAL I 38 12.05 0.60 46.56
C VAL I 38 12.96 0.86 45.36
N LEU I 39 12.98 2.11 44.92
CA LEU I 39 13.87 2.52 43.86
C LEU I 39 15.29 2.73 44.35
N ASN I 40 15.43 3.29 45.55
CA ASN I 40 16.76 3.39 46.18
C ASN I 40 17.29 2.05 46.68
N LYS I 41 16.38 1.22 47.19
CA LYS I 41 16.73 -0.14 47.64
C LYS I 41 17.32 -0.96 46.51
N ILE I 42 16.76 -0.83 45.32
CA ILE I 42 17.34 -1.43 44.15
C ILE I 42 18.67 -0.77 43.81
N GLY I 43 18.67 0.57 43.76
CA GLY I 43 19.86 1.33 43.43
C GLY I 43 21.03 1.09 44.35
N ASP I 44 20.75 0.88 45.63
CA ASP I 44 21.78 0.54 46.60
C ASP I 44 22.27 -0.89 46.38
N GLU I 45 21.32 -1.82 46.25
CA GLU I 45 21.63 -3.22 46.01
C GLU I 45 22.34 -3.46 44.66
N ILE I 46 22.38 -2.43 43.82
CA ILE I 46 23.20 -2.48 42.61
C ILE I 46 24.65 -2.21 43.01
N ILE I 47 24.85 -1.31 43.97
CA ILE I 47 26.20 -0.92 44.34
C ILE I 47 26.92 -2.11 44.99
N VAL I 48 26.19 -2.88 45.80
CA VAL I 48 26.75 -4.02 46.49
C VAL I 48 26.99 -5.17 45.51
N ILE I 49 26.02 -5.41 44.63
CA ILE I 49 26.13 -6.48 43.68
C ILE I 49 27.24 -6.13 42.68
N ASN I 50 27.64 -4.86 42.67
CA ASN I 50 28.78 -4.42 41.90
C ASN I 50 30.09 -4.71 42.59
N GLU I 51 30.13 -4.53 43.91
CA GLU I 51 31.32 -4.88 44.66
C GLU I 51 31.53 -6.38 44.70
N LEU I 52 30.44 -7.13 44.82
CA LEU I 52 30.47 -8.58 44.74
C LEU I 52 31.06 -9.09 43.42
N LEU I 53 31.06 -8.26 42.39
CA LEU I 53 31.70 -8.62 41.14
C LEU I 53 33.21 -8.49 41.22
N ASN I 54 33.68 -7.37 41.75
CA ASN I 54 35.12 -7.14 41.93
C ASN I 54 35.79 -8.23 42.76
N LYS I 55 35.07 -8.69 43.80
CA LYS I 55 35.54 -9.79 44.62
C LYS I 55 35.60 -11.08 43.80
N LEU I 56 34.55 -11.36 43.04
CA LEU I 56 34.55 -12.52 42.16
C LEU I 56 35.61 -12.42 41.08
N GLU I 57 36.01 -11.20 40.74
CA GLU I 57 37.04 -11.00 39.74
C GLU I 57 38.39 -11.41 40.28
N LEU I 58 38.73 -10.90 41.46
CA LEU I 58 39.99 -11.28 42.08
C LEU I 58 39.99 -12.77 42.45
N GLU I 59 38.88 -13.27 42.95
CA GLU I 59 38.83 -14.68 43.36
C GLU I 59 38.98 -15.60 42.15
N ILE I 60 38.57 -15.13 40.98
CA ILE I 60 38.80 -15.89 39.75
C ILE I 60 40.28 -15.80 39.38
N GLN I 61 40.80 -14.58 39.50
CA GLN I 61 42.17 -14.22 39.14
C GLN I 61 43.22 -14.85 40.08
N TYR I 62 42.90 -14.91 41.37
CA TYR I 62 43.79 -15.57 42.30
C TYR I 62 43.63 -17.07 42.12
N GLN I 63 42.54 -17.48 41.49
CA GLN I 63 42.31 -18.88 41.15
C GLN I 63 43.13 -19.23 39.93
N GLU I 64 42.90 -18.50 38.83
CA GLU I 64 43.67 -18.68 37.60
C GLU I 64 45.20 -18.71 37.88
N GLN I 65 45.68 -17.87 38.80
CA GLN I 65 47.12 -17.80 39.09
C GLN I 65 47.72 -18.94 39.96
N THR I 66 46.92 -19.55 40.83
CA THR I 66 47.40 -20.73 41.53
C THR I 66 47.15 -21.99 40.70
N ASN I 67 46.41 -21.85 39.61
CA ASN I 67 46.11 -22.99 38.78
C ASN I 67 47.23 -23.43 37.82
N ASN I 68 48.03 -22.46 37.38
CA ASN I 68 49.23 -22.80 36.61
C ASN I 68 50.33 -23.21 37.57
N SER I 69 50.22 -22.74 38.81
CA SER I 69 51.17 -23.12 39.85
C SER I 69 50.86 -24.53 40.33
N LEU I 70 49.71 -25.06 39.94
CA LEU I 70 49.46 -26.48 40.12
C LEU I 70 50.19 -27.29 39.05
N LYS I 71 50.49 -26.66 37.91
CA LYS I 71 51.33 -27.30 36.88
C LYS I 71 52.83 -27.20 37.20
N GLU I 72 53.26 -26.05 37.71
CA GLU I 72 54.67 -25.86 38.07
C GLU I 72 55.08 -26.86 39.15
N LEU I 73 54.13 -27.23 40.00
CA LEU I 73 54.34 -28.26 41.00
C LEU I 73 54.00 -29.64 40.43
N CYS I 74 53.39 -29.67 39.24
CA CYS I 74 53.11 -30.92 38.54
C CYS I 74 54.32 -31.46 37.76
N GLU I 75 55.06 -30.56 37.13
CA GLU I 75 56.24 -30.95 36.36
C GLU I 75 57.45 -31.20 37.26
N SER I 76 57.43 -30.63 38.46
CA SER I 76 58.51 -30.82 39.44
C SER I 76 58.43 -32.14 40.20
N LEU I 77 57.21 -32.66 40.36
CA LEU I 77 56.98 -33.95 41.02
C LEU I 77 56.95 -35.06 39.98
N GLU I 78 56.97 -34.68 38.70
CA GLU I 78 57.13 -35.61 37.58
C GLU I 78 58.60 -36.03 37.36
N GLU I 79 59.52 -35.07 37.38
CA GLU I 79 60.96 -35.35 37.28
C GLU I 79 61.44 -36.22 38.43
N ASP I 80 60.72 -36.16 39.56
CA ASP I 80 61.02 -37.01 40.71
C ASP I 80 60.55 -38.45 40.48
N TYR I 81 59.47 -38.64 39.73
CA TYR I 81 58.94 -39.99 39.48
C TYR I 81 59.86 -40.85 38.63
N LYS I 82 60.42 -40.25 37.58
CA LYS I 82 61.32 -40.96 36.68
C LYS I 82 62.60 -41.39 37.43
N ASP I 83 62.75 -40.91 38.66
CA ASP I 83 63.86 -41.28 39.54
C ASP I 83 63.63 -42.55 40.37
N ILE I 84 62.39 -43.02 40.45
CA ILE I 84 62.13 -44.35 41.01
C ILE I 84 62.38 -45.42 39.94
N GLU I 85 62.19 -45.05 38.68
CA GLU I 85 62.65 -45.91 37.59
C GLU I 85 64.17 -46.13 37.69
N HIS I 86 64.93 -45.03 37.75
CA HIS I 86 66.39 -45.10 37.74
C HIS I 86 67.04 -45.58 39.05
N LEU I 87 66.49 -45.18 40.19
CA LEU I 87 67.08 -45.54 41.49
C LEU I 87 66.50 -46.81 42.12
N LYS I 88 65.65 -47.53 41.37
CA LYS I 88 65.16 -48.85 41.79
C LYS I 88 65.50 -49.92 40.76
N SER J 3 2.11 3.97 -9.12
CA SER J 3 3.15 3.59 -8.17
C SER J 3 4.24 2.80 -8.90
N SER J 4 3.79 1.86 -9.73
CA SER J 4 4.68 0.96 -10.47
C SER J 4 5.59 1.75 -11.40
N ASP J 5 6.64 1.09 -11.88
CA ASP J 5 7.55 1.72 -12.83
C ASP J 5 6.83 2.05 -14.10
N LEU J 6 5.90 1.17 -14.48
CA LEU J 6 5.05 1.41 -15.62
C LEU J 6 4.19 2.68 -15.47
N GLU J 7 3.35 2.70 -14.43
CA GLU J 7 2.48 3.82 -14.16
C GLU J 7 3.27 5.12 -14.11
N GLN J 8 4.44 5.04 -13.47
CA GLN J 8 5.23 6.24 -13.21
C GLN J 8 5.67 6.81 -14.54
N LEU J 9 5.89 5.92 -15.49
CA LEU J 9 6.23 6.34 -16.85
C LEU J 9 5.07 7.09 -17.55
N CYS J 10 3.89 6.47 -17.54
CA CYS J 10 2.72 7.07 -18.11
C CYS J 10 2.57 8.49 -17.59
N SER J 11 2.69 8.66 -16.28
CA SER J 11 2.45 9.96 -15.70
C SER J 11 3.49 10.95 -16.20
N HIS J 12 4.70 10.46 -16.43
CA HIS J 12 5.74 11.31 -16.95
C HIS J 12 5.28 11.77 -18.31
N VAL J 13 4.77 10.83 -19.11
CA VAL J 13 4.30 11.11 -20.46
C VAL J 13 3.13 12.10 -20.44
N ASN J 14 2.04 11.78 -19.74
CA ASN J 14 0.90 12.69 -19.69
C ASN J 14 1.33 14.07 -19.28
N GLU J 15 2.25 14.18 -18.35
CA GLU J 15 2.73 15.49 -17.95
C GLU J 15 3.40 16.24 -19.10
N LYS J 16 4.19 15.53 -19.91
CA LYS J 16 4.85 16.18 -21.03
C LYS J 16 3.82 16.56 -22.06
N ILE J 17 2.90 15.62 -22.32
CA ILE J 17 1.79 15.81 -23.25
C ILE J 17 0.93 17.00 -22.82
N GLY J 18 0.43 16.94 -21.59
CA GLY J 18 -0.43 17.98 -21.06
C GLY J 18 0.27 19.32 -21.05
N ASN J 19 1.50 19.36 -20.58
CA ASN J 19 2.26 20.61 -20.51
C ASN J 19 2.44 21.27 -21.87
N ILE J 20 2.58 20.46 -22.93
CA ILE J 20 2.59 20.99 -24.28
C ILE J 20 1.26 21.63 -24.56
N LYS J 21 0.19 20.86 -24.44
CA LYS J 21 -1.14 21.31 -24.74
C LYS J 21 -1.47 22.64 -24.10
N LYS J 22 -0.99 22.86 -22.89
CA LYS J 22 -1.20 24.15 -22.25
C LYS J 22 -0.35 25.20 -22.95
N THR J 23 0.94 24.92 -23.15
CA THR J 23 1.81 25.92 -23.76
C THR J 23 1.34 26.15 -25.20
N LEU J 24 0.58 25.18 -25.71
CA LEU J 24 -0.02 25.29 -27.03
C LEU J 24 -1.12 26.34 -26.99
N SER J 25 -2.05 26.18 -26.07
CA SER J 25 -3.16 27.12 -25.95
C SER J 25 -2.68 28.52 -25.64
N LEU J 26 -1.66 28.62 -24.81
CA LEU J 26 -1.00 29.91 -24.62
C LEU J 26 -0.47 30.52 -25.93
N ARG J 27 0.15 29.72 -26.80
CA ARG J 27 0.59 30.28 -28.08
C ARG J 27 -0.58 30.66 -28.98
N ASN J 28 -1.54 29.75 -29.14
CA ASN J 28 -2.73 30.01 -29.94
C ASN J 28 -3.46 31.29 -29.53
N CYS J 29 -3.83 31.36 -28.25
CA CYS J 29 -4.60 32.48 -27.73
C CYS J 29 -3.86 33.82 -27.79
N GLY J 30 -2.54 33.79 -27.83
CA GLY J 30 -1.77 35.02 -27.88
C GLY J 30 -1.25 35.39 -29.27
N GLN J 31 -1.58 34.59 -30.27
CA GLN J 31 -1.09 34.80 -31.62
C GLN J 31 -2.24 34.78 -32.64
N GLU J 32 -2.92 33.65 -32.74
CA GLU J 32 -4.08 33.50 -33.63
C GLU J 32 -5.13 34.60 -33.37
N PRO J 33 -5.53 35.32 -34.43
CA PRO J 33 -6.38 36.51 -34.32
C PRO J 33 -7.82 36.26 -33.83
N THR J 34 -8.46 35.20 -34.31
CA THR J 34 -9.87 34.98 -33.99
C THR J 34 -10.07 34.75 -32.50
N LEU J 35 -9.15 34.00 -31.89
CA LEU J 35 -9.17 33.83 -30.45
C LEU J 35 -8.83 35.16 -29.80
N LYS J 36 -7.80 35.83 -30.33
CA LYS J 36 -7.28 37.04 -29.71
C LYS J 36 -8.31 38.19 -29.64
N THR J 37 -9.26 38.22 -30.57
CA THR J 37 -10.33 39.20 -30.45
C THR J 37 -11.32 38.83 -29.33
N VAL J 38 -11.88 37.63 -29.41
CA VAL J 38 -12.88 37.16 -28.44
C VAL J 38 -12.31 37.26 -27.03
N LEU J 39 -10.99 37.23 -26.92
CA LEU J 39 -10.32 37.39 -25.64
C LEU J 39 -10.28 38.86 -25.22
N ASN J 40 -10.09 39.75 -26.18
CA ASN J 40 -10.17 41.18 -25.89
C ASN J 40 -11.61 41.64 -25.69
N LYS J 41 -12.54 41.06 -26.45
CA LYS J 41 -13.96 41.35 -26.30
C LYS J 41 -14.46 41.01 -24.88
N ILE J 42 -13.98 39.91 -24.33
CA ILE J 42 -14.25 39.57 -22.95
C ILE J 42 -13.56 40.57 -22.04
N GLY J 43 -12.27 40.79 -22.28
CA GLY J 43 -11.47 41.69 -21.47
C GLY J 43 -12.01 43.12 -21.43
N ASP J 44 -12.54 43.58 -22.54
CA ASP J 44 -13.17 44.89 -22.60
C ASP J 44 -14.49 44.89 -21.83
N GLU J 45 -15.31 43.88 -22.11
CA GLU J 45 -16.60 43.72 -21.45
C GLU J 45 -16.48 43.49 -19.94
N ILE J 46 -15.26 43.21 -19.48
CA ILE J 46 -14.98 43.17 -18.06
C ILE J 46 -14.86 44.60 -17.55
N ILE J 47 -14.28 45.49 -18.36
CA ILE J 47 -14.05 46.86 -17.91
C ILE J 47 -15.37 47.57 -17.72
N VAL J 48 -16.31 47.30 -18.62
CA VAL J 48 -17.63 47.93 -18.56
C VAL J 48 -18.46 47.35 -17.41
N ILE J 49 -18.41 46.03 -17.26
CA ILE J 49 -19.20 45.37 -16.25
C ILE J 49 -18.61 45.73 -14.89
N ASN J 50 -17.41 46.31 -14.92
CA ASN J 50 -16.79 46.86 -13.72
C ASN J 50 -17.32 48.25 -13.40
N GLU J 51 -17.50 49.07 -14.42
CA GLU J 51 -18.06 50.40 -14.20
C GLU J 51 -19.52 50.29 -13.78
N LEU J 52 -20.24 49.34 -14.38
CA LEU J 52 -21.62 49.06 -14.00
C LEU J 52 -21.76 48.68 -12.53
N LEU J 53 -20.67 48.24 -11.92
CA LEU J 53 -20.66 47.95 -10.50
C LEU J 53 -20.63 49.22 -9.67
N ASN J 54 -19.69 50.11 -10.01
CA ASN J 54 -19.58 51.39 -9.34
C ASN J 54 -20.89 52.19 -9.36
N LYS J 55 -21.57 52.14 -10.50
CA LYS J 55 -22.87 52.78 -10.62
C LYS J 55 -23.87 52.11 -9.68
N LEU J 56 -23.86 50.77 -9.65
CA LEU J 56 -24.76 50.05 -8.78
C LEU J 56 -24.41 50.31 -7.33
N GLU J 57 -23.14 50.64 -7.08
CA GLU J 57 -22.71 50.94 -5.72
C GLU J 57 -23.32 52.27 -5.24
N LEU J 58 -23.16 53.31 -6.03
CA LEU J 58 -23.72 54.58 -5.65
C LEU J 58 -25.23 54.51 -5.63
N GLU J 59 -25.83 53.80 -6.59
CA GLU J 59 -27.29 53.74 -6.65
C GLU J 59 -27.85 53.00 -5.44
N ILE J 60 -27.05 52.08 -4.89
CA ILE J 60 -27.43 51.42 -3.65
C ILE J 60 -27.24 52.35 -2.47
N GLN J 61 -26.02 52.89 -2.40
CA GLN J 61 -25.59 53.76 -1.31
C GLN J 61 -26.52 54.97 -1.12
N TYR J 62 -26.90 55.60 -2.23
CA TYR J 62 -27.90 56.66 -2.17
C TYR J 62 -29.21 56.06 -1.68
N GLN J 63 -29.53 54.86 -2.15
CA GLN J 63 -30.79 54.20 -1.76
C GLN J 63 -30.76 53.86 -0.28
N GLU J 64 -29.59 53.46 0.22
CA GLU J 64 -29.43 53.23 1.66
C GLU J 64 -29.80 54.53 2.38
N GLN J 65 -29.16 55.63 1.99
CA GLN J 65 -29.37 56.93 2.64
C GLN J 65 -30.75 57.55 2.32
N THR J 66 -31.27 57.22 1.14
CA THR J 66 -32.67 57.51 0.84
C THR J 66 -33.50 56.81 1.88
N ASN J 67 -33.51 55.47 1.84
CA ASN J 67 -34.27 54.69 2.80
C ASN J 67 -33.89 54.99 4.27
N ASN J 68 -32.65 55.44 4.47
CA ASN J 68 -32.21 55.88 5.79
C ASN J 68 -32.95 57.15 6.19
N SER J 69 -33.07 58.09 5.26
CA SER J 69 -33.75 59.36 5.55
C SER J 69 -35.27 59.25 5.41
N LEU J 70 -35.72 58.15 4.81
CA LEU J 70 -37.15 57.87 4.66
C LEU J 70 -37.73 57.27 5.93
N LYS J 71 -36.85 56.71 6.78
CA LYS J 71 -37.26 56.25 8.09
C LYS J 71 -37.32 57.43 9.07
N GLU J 72 -36.57 58.49 8.76
CA GLU J 72 -36.48 59.69 9.58
C GLU J 72 -37.65 60.63 9.35
N LEU J 73 -38.28 60.50 8.19
CA LEU J 73 -39.46 61.28 7.88
C LEU J 73 -40.63 60.61 8.56
N CYS J 74 -40.45 59.32 8.88
CA CYS J 74 -41.48 58.58 9.61
C CYS J 74 -41.67 59.14 11.03
N GLU J 75 -40.56 59.45 11.69
CA GLU J 75 -40.60 60.03 13.03
C GLU J 75 -41.34 61.37 13.04
N SER J 76 -41.10 62.19 12.02
CA SER J 76 -41.80 63.47 11.90
C SER J 76 -43.25 63.26 11.49
N LEU J 77 -43.51 62.16 10.78
CA LEU J 77 -44.87 61.85 10.35
C LEU J 77 -45.73 61.20 11.44
N GLU J 78 -45.12 60.36 12.27
CA GLU J 78 -45.83 59.69 13.37
C GLU J 78 -46.02 60.56 14.62
N GLU J 79 -45.07 61.45 14.88
CA GLU J 79 -45.17 62.35 16.03
C GLU J 79 -45.94 63.64 15.71
N ASP J 80 -46.18 63.91 14.42
CA ASP J 80 -47.04 65.02 14.02
C ASP J 80 -48.52 64.64 14.11
N TYR J 81 -48.79 63.34 14.00
CA TYR J 81 -50.14 62.80 14.16
C TYR J 81 -50.53 62.65 15.63
N LYS J 82 -49.53 62.46 16.48
CA LYS J 82 -49.78 62.37 17.92
C LYS J 82 -50.14 63.73 18.53
N ASP J 83 -49.80 64.81 17.82
CA ASP J 83 -49.99 66.18 18.33
C ASP J 83 -51.32 66.85 17.93
N ILE J 84 -52.20 66.09 17.26
CA ILE J 84 -53.55 66.56 16.95
C ILE J 84 -54.45 65.42 16.45
N SER K 3 -5.68 -4.46 8.68
CA SER K 3 -4.48 -4.68 7.88
C SER K 3 -3.49 -5.58 8.62
N SER K 4 -2.71 -4.99 9.52
CA SER K 4 -1.74 -5.73 10.32
C SER K 4 -2.45 -6.73 11.23
N ASP K 5 -1.72 -7.68 11.76
CA ASP K 5 -2.31 -8.65 12.67
C ASP K 5 -2.79 -7.97 13.94
N LEU K 6 -2.04 -6.94 14.34
CA LEU K 6 -2.40 -6.10 15.47
C LEU K 6 -3.74 -5.39 15.27
N GLU K 7 -3.81 -4.57 14.21
CA GLU K 7 -5.02 -3.83 13.88
C GLU K 7 -6.22 -4.76 13.75
N GLN K 8 -6.01 -5.89 13.11
CA GLN K 8 -7.10 -6.82 12.86
C GLN K 8 -7.66 -7.31 14.17
N LEU K 9 -6.79 -7.39 15.18
CA LEU K 9 -7.21 -7.81 16.51
C LEU K 9 -8.08 -6.76 17.13
N CYS K 10 -7.60 -5.52 17.13
CA CYS K 10 -8.35 -4.41 17.68
C CYS K 10 -9.77 -4.39 17.13
N SER K 11 -9.90 -4.47 15.81
CA SER K 11 -11.20 -4.46 15.19
C SER K 11 -12.05 -5.63 15.64
N HIS K 12 -11.42 -6.75 15.92
CA HIS K 12 -12.15 -7.89 16.44
C HIS K 12 -12.71 -7.50 17.80
N VAL K 13 -11.86 -6.87 18.61
CA VAL K 13 -12.27 -6.41 19.93
C VAL K 13 -13.40 -5.37 19.87
N ASN K 14 -13.18 -4.24 19.19
CA ASN K 14 -14.22 -3.22 19.07
C ASN K 14 -15.53 -3.78 18.62
N GLU K 15 -15.50 -4.71 17.68
CA GLU K 15 -16.72 -5.37 17.25
C GLU K 15 -17.41 -6.11 18.39
N LYS K 16 -16.66 -6.81 19.22
CA LYS K 16 -17.26 -7.52 20.34
C LYS K 16 -17.79 -6.54 21.34
N ILE K 17 -16.99 -5.51 21.61
CA ILE K 17 -17.34 -4.43 22.52
C ILE K 17 -18.57 -3.71 22.04
N GLY K 18 -18.53 -3.24 20.80
CA GLY K 18 -19.65 -2.51 20.24
C GLY K 18 -20.90 -3.35 20.19
N ASN K 19 -20.77 -4.59 19.75
CA ASN K 19 -21.91 -5.48 19.63
C ASN K 19 -22.59 -5.74 20.96
N ILE K 20 -21.83 -5.76 22.05
CA ILE K 20 -22.41 -5.83 23.38
C ILE K 20 -23.22 -4.56 23.63
N LYS K 21 -22.56 -3.42 23.52
CA LYS K 21 -23.18 -2.14 23.80
C LYS K 21 -24.52 -1.98 23.10
N LYS K 22 -24.63 -2.50 21.89
CA LYS K 22 -25.89 -2.46 21.17
C LYS K 22 -26.86 -3.39 21.85
N THR K 23 -26.46 -4.64 22.08
CA THR K 23 -27.36 -5.61 22.71
C THR K 23 -27.66 -5.19 24.13
N LEU K 24 -26.83 -4.30 24.64
CA LEU K 24 -27.08 -3.68 25.92
C LEU K 24 -28.23 -2.71 25.84
N SER K 25 -28.13 -1.75 24.93
CA SER K 25 -29.20 -0.77 24.80
C SER K 25 -30.51 -1.43 24.44
N LEU K 26 -30.45 -2.49 23.65
CA LEU K 26 -31.64 -3.27 23.36
C LEU K 26 -32.27 -3.83 24.63
N ARG K 27 -31.46 -4.30 25.56
CA ARG K 27 -32.03 -4.82 26.81
C ARG K 27 -32.58 -3.71 27.70
N ASN K 28 -31.76 -2.69 27.94
CA ASN K 28 -32.19 -1.49 28.66
C ASN K 28 -33.54 -0.92 28.18
N CYS K 29 -33.58 -0.53 26.91
CA CYS K 29 -34.76 0.08 26.34
C CYS K 29 -36.00 -0.81 26.36
N GLY K 30 -35.81 -2.12 26.39
CA GLY K 30 -36.93 -3.03 26.40
C GLY K 30 -37.32 -3.55 27.77
N GLN K 31 -36.60 -3.11 28.80
CA GLN K 31 -36.82 -3.62 30.15
C GLN K 31 -36.98 -2.49 31.18
N GLU K 32 -35.94 -1.67 31.30
CA GLU K 32 -35.94 -0.52 32.18
C GLU K 32 -37.11 0.42 31.87
N PRO K 33 -37.91 0.75 32.89
CA PRO K 33 -39.20 1.46 32.74
C PRO K 33 -39.10 2.90 32.27
N THR K 34 -38.13 3.66 32.76
CA THR K 34 -38.06 5.08 32.43
C THR K 34 -37.78 5.31 30.95
N LEU K 35 -36.91 4.48 30.37
CA LEU K 35 -36.72 4.50 28.93
C LEU K 35 -37.99 4.01 28.23
N LYS K 36 -38.54 2.92 28.72
CA LYS K 36 -39.66 2.26 28.06
C LYS K 36 -40.89 3.15 27.92
N THR K 37 -41.07 4.09 28.85
CA THR K 37 -42.17 5.05 28.72
C THR K 37 -41.86 6.05 27.61
N VAL K 38 -40.70 6.72 27.72
CA VAL K 38 -40.30 7.76 26.76
C VAL K 38 -40.29 7.20 25.34
N LEU K 39 -40.14 5.89 25.27
CA LEU K 39 -40.19 5.19 23.99
C LEU K 39 -41.62 5.01 23.51
N ASN K 40 -42.52 4.68 24.42
CA ASN K 40 -43.94 4.64 24.09
C ASN K 40 -44.54 6.01 23.84
N LYS K 41 -44.10 7.00 24.62
CA LYS K 41 -44.52 8.40 24.46
C LYS K 41 -44.20 8.91 23.07
N ILE K 42 -43.02 8.54 22.57
CA ILE K 42 -42.68 8.84 21.19
C ILE K 42 -43.54 8.04 20.23
N GLY K 43 -43.63 6.74 20.47
CA GLY K 43 -44.43 5.85 19.64
C GLY K 43 -45.90 6.22 19.52
N ASP K 44 -46.48 6.72 20.61
CA ASP K 44 -47.86 7.19 20.62
C ASP K 44 -47.94 8.50 19.85
N GLU K 45 -47.03 9.42 20.15
CA GLU K 45 -47.00 10.72 19.51
C GLU K 45 -46.72 10.61 18.00
N ILE K 46 -46.28 9.44 17.56
CA ILE K 46 -46.16 9.17 16.13
C ILE K 46 -47.55 8.89 15.55
N ILE K 47 -48.39 8.23 16.34
CA ILE K 47 -49.69 7.83 15.85
C ILE K 47 -50.56 9.07 15.63
N VAL K 48 -50.42 10.03 16.52
CA VAL K 48 -51.20 11.28 16.45
C VAL K 48 -50.66 12.17 15.34
N ILE K 49 -49.33 12.25 15.24
CA ILE K 49 -48.70 13.08 14.23
C ILE K 49 -48.94 12.46 12.83
N ASN K 50 -49.36 11.19 12.84
CA ASN K 50 -49.82 10.52 11.63
C ASN K 50 -51.26 10.90 11.26
N GLU K 51 -52.14 10.99 12.26
CA GLU K 51 -53.51 11.40 11.99
C GLU K 51 -53.54 12.86 11.57
N LEU K 52 -52.71 13.68 12.21
CA LEU K 52 -52.57 15.09 11.83
C LEU K 52 -52.18 15.25 10.37
N LEU K 53 -51.57 14.22 9.79
CA LEU K 53 -51.24 14.26 8.37
C LEU K 53 -52.50 14.08 7.50
N ASN K 54 -53.28 13.05 7.82
CA ASN K 54 -54.49 12.77 7.08
C ASN K 54 -55.44 13.98 7.07
N LYS K 55 -55.50 14.69 8.19
CA LYS K 55 -56.30 15.90 8.28
C LYS K 55 -55.72 16.97 7.39
N LEU K 56 -54.39 17.10 7.39
CA LEU K 56 -53.73 18.07 6.52
C LEU K 56 -53.88 17.68 5.06
N GLU K 57 -54.07 16.39 4.81
CA GLU K 57 -54.26 15.92 3.45
C GLU K 57 -55.62 16.36 2.92
N LEU K 58 -56.67 16.09 3.68
CA LEU K 58 -58.00 16.54 3.28
C LEU K 58 -58.10 18.05 3.23
N GLU K 59 -57.50 18.71 4.21
CA GLU K 59 -57.59 20.16 4.25
C GLU K 59 -56.87 20.79 3.06
N ILE K 60 -55.86 20.12 2.53
CA ILE K 60 -55.21 20.57 1.31
C ILE K 60 -56.17 20.36 0.13
N GLN K 61 -56.92 19.26 0.14
CA GLN K 61 -57.88 18.92 -0.92
C GLN K 61 -59.09 19.90 -1.07
N TYR K 62 -59.76 20.20 0.04
CA TYR K 62 -60.85 21.17 0.00
C TYR K 62 -60.29 22.55 -0.31
N GLN K 63 -59.06 22.80 0.08
CA GLN K 63 -58.40 24.05 -0.27
C GLN K 63 -58.26 24.11 -1.78
N GLU K 64 -57.83 23.00 -2.36
CA GLU K 64 -57.72 22.88 -3.81
C GLU K 64 -59.09 23.10 -4.46
N GLN K 65 -60.05 22.28 -4.05
CA GLN K 65 -61.40 22.33 -4.58
C GLN K 65 -61.96 23.75 -4.52
N THR K 66 -61.64 24.47 -3.45
CA THR K 66 -62.06 25.85 -3.30
C THR K 66 -61.26 26.80 -4.21
N ASN K 67 -59.98 26.50 -4.38
CA ASN K 67 -59.13 27.36 -5.19
C ASN K 67 -59.60 27.46 -6.65
N ASN K 68 -60.11 26.35 -7.18
CA ASN K 68 -60.64 26.36 -8.53
C ASN K 68 -62.03 26.99 -8.59
N SER K 69 -62.85 26.71 -7.57
CA SER K 69 -64.20 27.25 -7.48
C SER K 69 -64.14 28.76 -7.36
N LEU K 70 -63.03 29.25 -6.81
CA LEU K 70 -62.78 30.67 -6.71
C LEU K 70 -62.44 31.23 -8.10
N LYS K 71 -61.74 30.44 -8.89
CA LYS K 71 -61.36 30.87 -10.23
C LYS K 71 -62.52 30.76 -11.23
N GLU K 72 -63.32 29.70 -11.09
CA GLU K 72 -64.51 29.54 -11.93
C GLU K 72 -65.57 30.53 -11.49
N LEU K 73 -65.41 31.09 -10.30
CA LEU K 73 -66.19 32.22 -9.85
C LEU K 73 -65.57 33.43 -10.53
N CYS K 74 -64.25 33.41 -10.64
CA CYS K 74 -63.51 34.57 -11.16
C CYS K 74 -63.71 34.81 -12.66
N GLU K 75 -63.90 33.75 -13.46
CA GLU K 75 -64.22 33.96 -14.88
C GLU K 75 -65.62 34.59 -15.01
N SER K 76 -66.53 34.23 -14.10
CA SER K 76 -67.91 34.67 -14.17
C SER K 76 -68.10 36.17 -13.93
N LEU K 77 -67.54 36.69 -12.84
CA LEU K 77 -67.65 38.14 -12.57
C LEU K 77 -66.66 38.95 -13.41
N GLU K 78 -65.69 38.29 -14.04
CA GLU K 78 -64.79 38.96 -14.99
C GLU K 78 -65.26 38.87 -16.45
N GLU K 79 -66.32 38.08 -16.70
CA GLU K 79 -66.97 38.04 -18.00
C GLU K 79 -67.94 39.20 -18.17
N ASP K 80 -68.74 39.46 -17.14
CA ASP K 80 -69.80 40.46 -17.23
C ASP K 80 -69.36 41.87 -16.86
N TYR K 81 -68.08 42.03 -16.53
CA TYR K 81 -67.50 43.37 -16.40
C TYR K 81 -67.21 43.87 -17.80
N LYS K 82 -66.95 42.92 -18.70
CA LYS K 82 -66.65 43.22 -20.08
C LYS K 82 -67.89 43.70 -20.84
N ASP K 83 -69.05 43.12 -20.56
CA ASP K 83 -70.27 43.49 -21.27
C ASP K 83 -71.00 44.75 -20.77
N ILE K 84 -70.78 45.13 -19.52
CA ILE K 84 -71.31 46.41 -19.02
C ILE K 84 -70.37 47.55 -19.45
N GLU K 85 -69.08 47.24 -19.53
CA GLU K 85 -68.09 48.22 -20.00
C GLU K 85 -68.24 48.54 -21.50
N HIS K 86 -68.88 47.66 -22.24
CA HIS K 86 -69.17 47.92 -23.66
C HIS K 86 -70.39 48.84 -23.77
N LEU K 87 -71.27 48.74 -22.77
CA LEU K 87 -72.41 49.64 -22.61
C LEU K 87 -71.90 50.99 -22.12
N LYS K 88 -70.84 50.95 -21.30
CA LYS K 88 -70.25 52.15 -20.74
C LYS K 88 -68.72 52.10 -20.80
N SER L 3 1.60 -10.01 1.63
CA SER L 3 3.00 -9.65 1.82
C SER L 3 3.91 -10.43 0.87
N SER L 4 5.22 -10.21 1.02
CA SER L 4 6.24 -10.75 0.13
C SER L 4 6.31 -12.28 0.17
N ASP L 5 6.98 -12.86 -0.82
CA ASP L 5 7.12 -14.30 -0.82
C ASP L 5 7.94 -14.72 0.39
N LEU L 6 8.91 -13.88 0.72
CA LEU L 6 9.75 -14.10 1.89
C LEU L 6 8.93 -14.15 3.17
N GLU L 7 8.18 -13.07 3.42
CA GLU L 7 7.37 -12.92 4.63
C GLU L 7 6.35 -14.03 4.73
N GLN L 8 5.81 -14.42 3.60
CA GLN L 8 4.76 -15.40 3.58
C GLN L 8 5.33 -16.71 4.06
N LEU L 9 6.61 -16.96 3.71
CA LEU L 9 7.32 -18.16 4.14
C LEU L 9 7.48 -18.17 5.63
N CYS L 10 7.99 -17.06 6.17
CA CYS L 10 8.17 -16.92 7.61
C CYS L 10 6.92 -17.31 8.34
N SER L 11 5.81 -16.74 7.91
CA SER L 11 4.56 -16.99 8.61
C SER L 11 4.15 -18.44 8.50
N HIS L 12 4.51 -19.09 7.40
CA HIS L 12 4.25 -20.51 7.28
C HIS L 12 5.02 -21.22 8.35
N VAL L 13 6.29 -20.83 8.50
CA VAL L 13 7.19 -21.43 9.47
C VAL L 13 6.68 -21.21 10.90
N ASN L 14 6.50 -19.96 11.31
CA ASN L 14 5.99 -19.66 12.66
C ASN L 14 4.72 -20.43 12.97
N GLU L 15 3.84 -20.55 12.00
CA GLU L 15 2.63 -21.34 12.20
C GLU L 15 2.95 -22.81 12.50
N LYS L 16 3.90 -23.40 11.78
CA LYS L 16 4.25 -24.79 12.03
C LYS L 16 4.91 -24.92 13.39
N ILE L 17 5.82 -23.99 13.68
CA ILE L 17 6.53 -23.90 14.97
C ILE L 17 5.54 -23.70 16.11
N GLY L 18 4.71 -22.67 16.00
CA GLY L 18 3.73 -22.37 17.02
C GLY L 18 2.77 -23.51 17.23
N ASN L 19 2.26 -24.07 16.14
CA ASN L 19 1.31 -25.17 16.21
C ASN L 19 1.87 -26.38 16.93
N ILE L 20 3.18 -26.64 16.77
CA ILE L 20 3.82 -27.69 17.52
C ILE L 20 3.79 -27.34 19.00
N LYS L 21 4.33 -26.17 19.33
CA LYS L 21 4.44 -25.74 20.71
C LYS L 21 3.11 -25.89 21.44
N LYS L 22 2.01 -25.63 20.75
CA LYS L 22 0.69 -25.79 21.36
C LYS L 22 0.43 -27.28 21.58
N THR L 23 0.63 -28.08 20.54
CA THR L 23 0.35 -29.51 20.63
C THR L 23 1.33 -30.14 21.58
N LEU L 24 2.43 -29.43 21.81
CA LEU L 24 3.40 -29.84 22.81
C LEU L 24 2.85 -29.66 24.22
N SER L 25 2.39 -28.44 24.53
CA SER L 25 1.83 -28.16 25.84
C SER L 25 0.61 -29.04 26.12
N LEU L 26 -0.18 -29.31 25.10
CA LEU L 26 -1.26 -30.27 25.22
C LEU L 26 -0.77 -31.65 25.66
N ARG L 27 0.35 -32.11 25.10
CA ARG L 27 0.87 -33.41 25.52
C ARG L 27 1.44 -33.38 26.92
N ASN L 28 2.30 -32.41 27.18
CA ASN L 28 2.85 -32.19 28.52
C ASN L 28 1.79 -32.17 29.61
N CYS L 29 0.87 -31.22 29.51
CA CYS L 29 -0.18 -31.03 30.50
C CYS L 29 -1.10 -32.25 30.70
N GLY L 30 -1.21 -33.09 29.68
CA GLY L 30 -2.07 -34.26 29.76
C GLY L 30 -1.35 -35.57 30.04
N GLN L 31 -0.03 -35.49 30.22
CA GLN L 31 0.79 -36.68 30.47
C GLN L 31 1.71 -36.55 31.70
N GLU L 32 2.61 -35.56 31.64
CA GLU L 32 3.51 -35.24 32.74
C GLU L 32 2.73 -34.97 34.05
N PRO L 33 3.09 -35.69 35.13
CA PRO L 33 2.34 -35.70 36.39
C PRO L 33 2.34 -34.40 37.19
N THR L 34 3.46 -33.70 37.30
CA THR L 34 3.52 -32.49 38.11
C THR L 34 2.57 -31.39 37.59
N LEU L 35 2.48 -31.25 36.28
CA LEU L 35 1.52 -30.33 35.68
C LEU L 35 0.14 -30.89 35.93
N LYS L 36 -0.02 -32.19 35.72
CA LYS L 36 -1.34 -32.82 35.76
C LYS L 36 -2.02 -32.70 37.12
N THR L 37 -1.24 -32.64 38.18
CA THR L 37 -1.82 -32.41 39.50
C THR L 37 -2.28 -30.96 39.63
N VAL L 38 -1.36 -30.01 39.41
CA VAL L 38 -1.65 -28.59 39.55
C VAL L 38 -2.84 -28.20 38.69
N LEU L 39 -3.09 -28.99 37.66
CA LEU L 39 -4.24 -28.78 36.80
C LEU L 39 -5.51 -29.32 37.44
N ASN L 40 -5.39 -30.45 38.13
CA ASN L 40 -6.53 -30.97 38.85
C ASN L 40 -6.80 -30.16 40.13
N LYS L 41 -5.74 -29.68 40.75
CA LYS L 41 -5.85 -28.84 41.97
C LYS L 41 -6.63 -27.56 41.66
N ILE L 42 -6.36 -26.99 40.51
CA ILE L 42 -7.17 -25.87 40.02
C ILE L 42 -8.59 -26.33 39.73
N GLY L 43 -8.71 -27.38 38.95
CA GLY L 43 -10.00 -27.91 38.57
C GLY L 43 -10.90 -28.32 39.73
N ASP L 44 -10.29 -28.81 40.81
CA ASP L 44 -11.03 -29.14 42.03
C ASP L 44 -11.43 -27.87 42.75
N GLU L 45 -10.47 -26.96 42.91
CA GLU L 45 -10.69 -25.67 43.56
C GLU L 45 -11.69 -24.79 42.81
N ILE L 46 -12.02 -25.16 41.57
CA ILE L 46 -13.10 -24.51 40.84
C ILE L 46 -14.42 -25.05 41.35
N ILE L 47 -14.47 -26.34 41.69
CA ILE L 47 -15.72 -26.96 42.13
C ILE L 47 -16.16 -26.38 43.45
N VAL L 48 -15.19 -26.14 44.34
CA VAL L 48 -15.47 -25.58 45.66
C VAL L 48 -15.84 -24.11 45.58
N ILE L 49 -15.11 -23.38 44.75
CA ILE L 49 -15.33 -21.95 44.60
C ILE L 49 -16.65 -21.74 43.85
N ASN L 50 -17.17 -22.82 43.28
CA ASN L 50 -18.50 -22.84 42.71
C ASN L 50 -19.58 -23.06 43.77
N GLU L 51 -19.32 -23.95 44.71
CA GLU L 51 -20.26 -24.15 45.81
C GLU L 51 -20.31 -22.93 46.69
N LEU L 52 -19.16 -22.30 46.91
CA LEU L 52 -19.08 -21.06 47.66
C LEU L 52 -19.93 -19.95 47.07
N LEU L 53 -20.25 -20.08 45.79
CA LEU L 53 -21.14 -19.11 45.15
C LEU L 53 -22.60 -19.35 45.52
N ASN L 54 -23.04 -20.59 45.42
CA ASN L 54 -24.39 -20.96 45.81
C ASN L 54 -24.72 -20.57 47.23
N LYS L 55 -23.74 -20.72 48.13
CA LYS L 55 -23.91 -20.30 49.50
C LYS L 55 -24.02 -18.78 49.57
N LEU L 56 -23.19 -18.08 48.81
CA LEU L 56 -23.27 -16.63 48.80
C LEU L 56 -24.57 -16.16 48.15
N GLU L 57 -25.14 -17.01 47.32
CA GLU L 57 -26.41 -16.68 46.68
C GLU L 57 -27.55 -16.72 47.69
N LEU L 58 -27.66 -17.81 48.43
CA LEU L 58 -28.67 -17.90 49.48
C LEU L 58 -28.45 -16.89 50.57
N GLU L 59 -27.20 -16.66 50.93
CA GLU L 59 -26.94 -15.72 52.01
C GLU L 59 -27.30 -14.31 51.62
N ILE L 60 -27.21 -14.02 50.33
CA ILE L 60 -27.65 -12.71 49.85
C ILE L 60 -29.17 -12.57 49.96
N GLN L 61 -29.90 -13.61 49.64
CA GLN L 61 -31.33 -13.67 49.89
C GLN L 61 -31.65 -13.48 51.37
N TYR L 62 -30.95 -14.17 52.25
CA TYR L 62 -31.21 -13.94 53.65
C TYR L 62 -30.78 -12.54 54.04
N GLN L 63 -29.67 -12.04 53.48
CA GLN L 63 -29.24 -10.68 53.81
C GLN L 63 -30.27 -9.63 53.49
N GLU L 64 -30.89 -9.77 52.33
CA GLU L 64 -31.94 -8.86 51.89
C GLU L 64 -33.14 -8.87 52.87
N GLN L 65 -33.59 -10.08 53.20
CA GLN L 65 -34.68 -10.33 54.15
C GLN L 65 -34.53 -9.58 55.48
N THR L 66 -33.30 -9.49 56.00
CA THR L 66 -33.01 -8.70 57.19
C THR L 66 -32.83 -7.20 56.93
N ASN L 67 -32.65 -6.77 55.70
CA ASN L 67 -32.59 -5.33 55.53
C ASN L 67 -34.00 -4.76 55.59
N ASN L 68 -34.96 -5.49 55.05
CA ASN L 68 -36.34 -5.02 55.12
C ASN L 68 -37.05 -5.30 56.45
N SER L 69 -36.57 -6.27 57.22
CA SER L 69 -37.15 -6.45 58.55
C SER L 69 -36.59 -5.41 59.46
N LEU L 70 -35.30 -5.14 59.29
CA LEU L 70 -34.71 -4.00 59.94
C LEU L 70 -35.32 -2.71 59.37
N LYS L 71 -35.75 -2.72 58.12
CA LYS L 71 -36.44 -1.51 57.59
C LYS L 71 -37.85 -1.30 58.18
N GLU L 72 -38.68 -2.36 58.15
CA GLU L 72 -40.01 -2.30 58.75
C GLU L 72 -39.94 -1.67 60.13
N LEU L 73 -38.96 -2.08 60.92
CA LEU L 73 -38.76 -1.54 62.24
C LEU L 73 -38.64 -0.01 62.26
N CYS L 74 -37.70 0.56 61.50
CA CYS L 74 -37.45 2.01 61.60
C CYS L 74 -38.62 2.84 61.11
N GLU L 75 -39.32 2.30 60.12
CA GLU L 75 -40.57 2.91 59.70
C GLU L 75 -41.50 2.80 60.91
N SER L 76 -41.79 1.57 61.33
CA SER L 76 -42.67 1.33 62.46
C SER L 76 -42.25 2.03 63.75
N LEU L 77 -40.98 2.36 63.87
CA LEU L 77 -40.51 2.99 65.10
C LEU L 77 -40.46 4.51 65.06
N GLU L 78 -40.64 5.09 63.88
CA GLU L 78 -40.93 6.52 63.84
C GLU L 78 -42.42 6.78 64.02
N GLU L 79 -43.25 5.86 63.53
CA GLU L 79 -44.70 6.01 63.63
C GLU L 79 -45.23 5.93 65.08
N ASP L 80 -44.47 5.29 65.96
CA ASP L 80 -44.80 5.27 67.36
C ASP L 80 -44.08 6.37 68.10
N TYR L 81 -43.37 7.21 67.37
CA TYR L 81 -42.74 8.37 67.97
C TYR L 81 -43.58 9.60 67.71
N LYS L 82 -43.79 9.93 66.44
CA LYS L 82 -44.60 11.09 66.03
C LYS L 82 -45.99 11.07 66.70
N ASP L 83 -46.46 9.88 67.03
CA ASP L 83 -47.62 9.68 67.90
C ASP L 83 -47.49 10.52 69.17
N ILE L 84 -46.48 10.22 69.97
CA ILE L 84 -46.26 10.93 71.23
C ILE L 84 -45.58 12.29 71.05
N GLU L 85 -44.80 12.43 69.97
CA GLU L 85 -44.17 13.70 69.63
C GLU L 85 -45.21 14.78 69.30
N SER M 3 -7.60 -1.01 -7.93
CA SER M 3 -6.96 0.29 -7.73
C SER M 3 -8.04 1.34 -7.68
N SER M 4 -7.72 2.56 -8.10
CA SER M 4 -8.71 3.65 -8.06
C SER M 4 -9.87 3.35 -9.00
N ASP M 5 -10.99 4.03 -8.80
CA ASP M 5 -12.14 3.85 -9.67
C ASP M 5 -11.79 4.35 -11.07
N LEU M 6 -10.98 5.41 -11.11
CA LEU M 6 -10.49 5.96 -12.36
C LEU M 6 -9.65 4.94 -13.16
N GLU M 7 -8.56 4.46 -12.55
CA GLU M 7 -7.66 3.50 -13.16
C GLU M 7 -8.43 2.28 -13.61
N GLN M 8 -9.37 1.83 -12.78
CA GLN M 8 -10.09 0.59 -13.05
C GLN M 8 -10.90 0.77 -14.31
N LEU M 9 -11.35 1.99 -14.55
CA LEU M 9 -12.07 2.31 -15.77
C LEU M 9 -11.19 2.23 -16.99
N CYS M 10 -10.06 2.91 -16.93
CA CYS M 10 -9.10 2.85 -18.01
C CYS M 10 -8.83 1.43 -18.43
N SER M 11 -8.55 0.57 -17.45
CA SER M 11 -8.22 -0.81 -17.77
C SER M 11 -9.39 -1.52 -18.43
N HIS M 12 -10.59 -1.11 -18.06
CA HIS M 12 -11.77 -1.66 -18.71
C HIS M 12 -11.75 -1.25 -20.17
N VAL M 13 -11.45 0.02 -20.40
CA VAL M 13 -11.36 0.58 -21.74
C VAL M 13 -10.27 -0.10 -22.59
N ASN M 14 -9.01 -0.04 -22.14
CA ASN M 14 -7.93 -0.70 -22.87
C ASN M 14 -8.26 -2.14 -23.18
N GLU M 15 -8.89 -2.84 -22.25
CA GLU M 15 -9.27 -4.23 -22.54
C GLU M 15 -10.24 -4.32 -23.70
N LYS M 16 -11.23 -3.44 -23.74
CA LYS M 16 -12.16 -3.42 -24.87
C LYS M 16 -11.45 -3.03 -26.17
N ILE M 17 -10.68 -1.95 -26.10
CA ILE M 17 -9.87 -1.51 -27.22
C ILE M 17 -8.93 -2.61 -27.71
N GLY M 18 -8.13 -3.16 -26.82
CA GLY M 18 -7.17 -4.19 -27.15
C GLY M 18 -7.86 -5.42 -27.69
N ASN M 19 -8.95 -5.84 -27.04
CA ASN M 19 -9.70 -7.02 -27.49
C ASN M 19 -10.25 -6.87 -28.92
N ILE M 20 -10.66 -5.66 -29.27
CA ILE M 20 -11.03 -5.38 -30.65
C ILE M 20 -9.84 -5.59 -31.57
N LYS M 21 -8.75 -4.88 -31.29
CA LYS M 21 -7.55 -4.93 -32.13
C LYS M 21 -7.12 -6.34 -32.41
N LYS M 22 -7.29 -7.22 -31.43
CA LYS M 22 -6.95 -8.62 -31.64
C LYS M 22 -7.95 -9.25 -32.62
N THR M 23 -9.22 -9.13 -32.30
CA THR M 23 -10.28 -9.66 -33.15
C THR M 23 -10.26 -9.02 -34.54
N LEU M 24 -9.70 -7.82 -34.60
CA LEU M 24 -9.43 -7.15 -35.85
C LEU M 24 -8.37 -7.88 -36.69
N SER M 25 -7.20 -8.13 -36.10
CA SER M 25 -6.13 -8.81 -36.79
C SER M 25 -6.54 -10.22 -37.16
N LEU M 26 -7.32 -10.86 -36.29
CA LEU M 26 -7.92 -12.13 -36.67
C LEU M 26 -8.76 -12.06 -37.94
N ARG M 27 -9.57 -11.01 -38.08
CA ARG M 27 -10.37 -10.85 -39.31
C ARG M 27 -9.51 -10.53 -40.51
N ASN M 28 -8.65 -9.53 -40.37
CA ASN M 28 -7.69 -9.17 -41.41
C ASN M 28 -6.92 -10.37 -41.99
N CYS M 29 -6.18 -11.03 -41.11
CA CYS M 29 -5.33 -12.16 -41.46
C CYS M 29 -6.09 -13.34 -42.10
N GLY M 30 -7.37 -13.49 -41.75
CA GLY M 30 -8.16 -14.58 -42.27
C GLY M 30 -9.04 -14.22 -43.46
N GLN M 31 -8.98 -12.97 -43.90
CA GLN M 31 -9.83 -12.50 -45.00
C GLN M 31 -9.02 -11.79 -46.08
N GLU M 32 -8.33 -10.72 -45.68
CA GLU M 32 -7.48 -9.96 -46.58
C GLU M 32 -6.42 -10.85 -47.28
N PRO M 33 -6.37 -10.82 -48.62
CA PRO M 33 -5.55 -11.77 -49.40
C PRO M 33 -4.03 -11.63 -49.21
N THR M 34 -3.50 -10.40 -49.17
CA THR M 34 -2.06 -10.20 -49.15
C THR M 34 -1.47 -10.77 -47.85
N LEU M 35 -2.16 -10.58 -46.74
CA LEU M 35 -1.71 -11.23 -45.51
C LEU M 35 -1.87 -12.72 -45.68
N LYS M 36 -3.01 -13.13 -46.23
CA LYS M 36 -3.39 -14.55 -46.24
C LYS M 36 -2.42 -15.39 -47.06
N THR M 37 -1.78 -14.80 -48.05
CA THR M 37 -0.74 -15.53 -48.78
C THR M 37 0.53 -15.68 -47.93
N VAL M 38 1.06 -14.55 -47.45
CA VAL M 38 2.30 -14.54 -46.66
C VAL M 38 2.16 -15.45 -45.43
N LEU M 39 0.93 -15.66 -45.01
CA LEU M 39 0.66 -16.60 -43.92
C LEU M 39 0.74 -18.05 -44.40
N ASN M 40 0.25 -18.31 -45.60
CA ASN M 40 0.37 -19.65 -46.16
C ASN M 40 1.80 -19.93 -46.57
N LYS M 41 2.49 -18.91 -47.09
CA LYS M 41 3.88 -19.03 -47.52
C LYS M 41 4.76 -19.44 -46.35
N ILE M 42 4.46 -18.90 -45.19
CA ILE M 42 5.14 -19.31 -43.96
C ILE M 42 4.70 -20.73 -43.62
N GLY M 43 3.39 -20.96 -43.62
CA GLY M 43 2.84 -22.25 -43.28
C GLY M 43 3.34 -23.40 -44.13
N ASP M 44 3.52 -23.12 -45.42
CA ASP M 44 4.09 -24.08 -46.34
C ASP M 44 5.57 -24.28 -46.03
N GLU M 45 6.30 -23.19 -45.87
CA GLU M 45 7.72 -23.25 -45.62
C GLU M 45 8.03 -23.89 -44.27
N ILE M 46 7.01 -24.07 -43.45
CA ILE M 46 7.15 -24.84 -42.21
C ILE M 46 7.15 -26.33 -42.54
N ILE M 47 6.35 -26.71 -43.54
CA ILE M 47 6.22 -28.12 -43.89
C ILE M 47 7.53 -28.64 -44.45
N VAL M 48 8.17 -27.81 -45.28
CA VAL M 48 9.45 -28.17 -45.91
C VAL M 48 10.58 -28.18 -44.89
N ILE M 49 10.59 -27.16 -44.02
CA ILE M 49 11.66 -27.03 -43.07
C ILE M 49 11.48 -28.16 -42.05
N ASN M 50 10.30 -28.78 -42.08
CA ASN M 50 10.03 -29.96 -41.27
C ASN M 50 10.60 -31.23 -41.89
N GLU M 51 10.48 -31.33 -43.21
CA GLU M 51 11.04 -32.48 -43.91
C GLU M 51 12.57 -32.43 -43.88
N LEU M 52 13.11 -31.22 -44.00
CA LEU M 52 14.55 -30.99 -43.88
C LEU M 52 15.09 -31.44 -42.54
N LEU M 53 14.23 -31.54 -41.53
CA LEU M 53 14.65 -32.06 -40.24
C LEU M 53 14.80 -33.57 -40.31
N ASN M 54 13.80 -34.24 -40.88
CA ASN M 54 13.83 -35.70 -40.97
C ASN M 54 15.05 -36.17 -41.73
N LYS M 55 15.41 -35.42 -42.76
CA LYS M 55 16.61 -35.73 -43.53
C LYS M 55 17.85 -35.54 -42.68
N LEU M 56 17.87 -34.45 -41.90
CA LEU M 56 19.00 -34.18 -41.05
C LEU M 56 19.07 -35.22 -39.97
N GLU M 57 17.91 -35.80 -39.63
CA GLU M 57 17.87 -36.84 -38.59
C GLU M 57 18.55 -38.11 -39.08
N LEU M 58 18.16 -38.56 -40.27
CA LEU M 58 18.78 -39.75 -40.83
C LEU M 58 20.24 -39.49 -41.14
N GLU M 59 20.55 -38.31 -41.65
CA GLU M 59 21.93 -38.02 -42.01
C GLU M 59 22.82 -37.98 -40.76
N ILE M 60 22.25 -37.63 -39.61
CA ILE M 60 22.98 -37.69 -38.36
C ILE M 60 23.19 -39.13 -37.94
N GLN M 61 22.13 -39.92 -38.04
CA GLN M 61 22.19 -41.33 -37.68
C GLN M 61 23.22 -42.16 -38.47
N TYR M 62 23.24 -42.00 -39.79
CA TYR M 62 24.25 -42.68 -40.59
C TYR M 62 25.63 -42.20 -40.21
N GLN M 63 25.73 -40.97 -39.71
CA GLN M 63 27.02 -40.46 -39.25
C GLN M 63 27.40 -41.21 -38.00
N GLU M 64 26.41 -41.46 -37.15
CA GLU M 64 26.63 -42.23 -35.95
C GLU M 64 26.97 -43.66 -36.34
N GLN M 65 26.35 -44.13 -37.41
CA GLN M 65 26.64 -45.44 -37.95
C GLN M 65 28.08 -45.47 -38.46
N THR M 66 28.47 -44.41 -39.16
CA THR M 66 29.82 -44.27 -39.71
C THR M 66 30.84 -44.23 -38.59
N ASN M 67 30.54 -43.46 -37.53
CA ASN M 67 31.45 -43.32 -36.41
C ASN M 67 31.76 -44.65 -35.72
N ASN M 68 30.76 -45.55 -35.68
CA ASN M 68 30.95 -46.84 -35.03
C ASN M 68 31.89 -47.83 -35.77
N SER M 69 31.80 -47.89 -37.10
CA SER M 69 32.69 -48.76 -37.86
C SER M 69 34.09 -48.17 -37.94
N LEU M 70 34.16 -46.84 -37.95
CA LEU M 70 35.43 -46.13 -38.03
C LEU M 70 36.24 -46.32 -36.76
N LYS M 71 35.60 -46.13 -35.61
CA LYS M 71 36.25 -46.33 -34.33
C LYS M 71 36.52 -47.83 -34.10
N GLU M 72 35.68 -48.68 -34.67
CA GLU M 72 35.87 -50.13 -34.60
C GLU M 72 37.20 -50.53 -35.23
N LEU M 73 37.42 -50.07 -36.45
CA LEU M 73 38.63 -50.41 -37.20
C LEU M 73 39.88 -49.86 -36.53
N CYS M 74 39.71 -49.01 -35.52
CA CYS M 74 40.87 -48.53 -34.76
C CYS M 74 41.32 -49.59 -33.76
N GLU M 75 40.46 -50.56 -33.49
CA GLU M 75 40.86 -51.70 -32.66
C GLU M 75 41.77 -52.65 -33.44
N SER M 76 41.34 -53.08 -34.62
CA SER M 76 42.15 -54.00 -35.45
C SER M 76 43.41 -53.35 -36.04
N LEU M 77 43.37 -52.03 -36.25
CA LEU M 77 44.54 -51.33 -36.79
C LEU M 77 45.59 -51.07 -35.71
N GLU M 78 45.14 -50.85 -34.48
CA GLU M 78 46.05 -50.74 -33.34
C GLU M 78 46.54 -52.12 -32.89
N GLU M 79 45.81 -53.16 -33.28
CA GLU M 79 46.17 -54.53 -32.95
C GLU M 79 47.36 -55.02 -33.77
N ASP M 80 47.30 -54.77 -35.08
CA ASP M 80 48.35 -55.20 -36.00
C ASP M 80 49.65 -54.45 -35.75
N TYR M 81 49.55 -53.36 -35.00
CA TYR M 81 50.71 -52.56 -34.63
C TYR M 81 51.45 -53.28 -33.52
N LYS M 82 50.70 -54.02 -32.73
CA LYS M 82 51.30 -54.84 -31.69
C LYS M 82 52.13 -55.96 -32.32
N ASP M 83 51.77 -56.32 -33.55
CA ASP M 83 52.49 -57.37 -34.29
C ASP M 83 53.89 -56.95 -34.75
N ILE M 84 54.00 -55.74 -35.28
CA ILE M 84 55.29 -55.19 -35.71
C ILE M 84 56.08 -54.67 -34.52
N GLU M 85 55.38 -54.16 -33.50
CA GLU M 85 56.03 -53.52 -32.34
C GLU M 85 57.11 -54.38 -31.67
N HIS M 86 56.75 -55.58 -31.22
CA HIS M 86 57.72 -56.44 -30.54
C HIS M 86 58.63 -57.19 -31.51
N LEU M 87 58.20 -57.31 -32.77
CA LEU M 87 59.04 -57.91 -33.81
C LEU M 87 60.15 -56.97 -34.25
N LYS M 88 59.79 -55.74 -34.63
CA LYS M 88 60.77 -54.78 -35.13
C LYS M 88 61.77 -54.39 -34.05
N SER N 3 -10.91 0.63 1.30
CA SER N 3 -10.03 1.46 2.12
C SER N 3 -10.64 1.72 3.49
N SER N 4 -10.52 2.96 3.97
CA SER N 4 -10.87 3.26 5.36
C SER N 4 -12.34 3.05 5.62
N ASP N 5 -12.70 2.94 6.89
CA ASP N 5 -14.10 2.78 7.26
C ASP N 5 -14.86 4.03 6.90
N LEU N 6 -14.19 5.17 7.03
CA LEU N 6 -14.72 6.46 6.63
C LEU N 6 -15.06 6.51 5.14
N GLU N 7 -14.05 6.31 4.30
CA GLU N 7 -14.20 6.32 2.84
C GLU N 7 -15.27 5.35 2.40
N GLN N 8 -15.26 4.15 2.94
CA GLN N 8 -16.22 3.12 2.56
C GLN N 8 -17.63 3.60 2.84
N LEU N 9 -17.80 4.41 3.88
CA LEU N 9 -19.11 4.98 4.18
C LEU N 9 -19.52 5.97 3.10
N CYS N 10 -18.64 6.91 2.79
CA CYS N 10 -18.92 7.88 1.74
C CYS N 10 -19.41 7.21 0.51
N SER N 11 -18.70 6.18 0.08
CA SER N 11 -19.04 5.49 -1.13
C SER N 11 -20.40 4.83 -1.03
N HIS N 12 -20.75 4.39 0.16
CA HIS N 12 -22.07 3.84 0.37
C HIS N 12 -23.08 4.93 0.16
N VAL N 13 -22.78 6.10 0.72
CA VAL N 13 -23.64 7.26 0.55
C VAL N 13 -23.79 7.69 -0.91
N ASN N 14 -22.69 8.04 -1.58
CA ASN N 14 -22.76 8.42 -3.00
C ASN N 14 -23.51 7.41 -3.82
N GLU N 15 -23.33 6.13 -3.55
CA GLU N 15 -24.09 5.13 -4.27
C GLU N 15 -25.60 5.25 -4.05
N LYS N 16 -26.02 5.51 -2.82
CA LYS N 16 -27.44 5.70 -2.55
C LYS N 16 -27.97 7.00 -3.20
N ILE N 17 -27.21 8.08 -3.05
CA ILE N 17 -27.48 9.35 -3.68
C ILE N 17 -27.53 9.24 -5.20
N GLY N 18 -26.48 8.73 -5.80
CA GLY N 18 -26.44 8.58 -7.24
C GLY N 18 -27.55 7.70 -7.75
N ASN N 19 -27.78 6.56 -7.10
CA ASN N 19 -28.80 5.62 -7.53
C ASN N 19 -30.18 6.23 -7.52
N ILE N 20 -30.41 7.16 -6.60
CA ILE N 20 -31.67 7.90 -6.58
C ILE N 20 -31.73 8.78 -7.82
N LYS N 21 -30.71 9.63 -7.98
CA LYS N 21 -30.68 10.56 -9.08
C LYS N 21 -30.94 9.88 -10.40
N LYS N 22 -30.46 8.64 -10.56
CA LYS N 22 -30.72 7.87 -11.79
C LYS N 22 -32.21 7.51 -11.84
N THR N 23 -32.71 6.90 -10.77
CA THR N 23 -34.12 6.50 -10.72
C THR N 23 -35.02 7.73 -10.76
N LEU N 24 -34.44 8.87 -10.44
CA LEU N 24 -35.12 10.14 -10.58
C LEU N 24 -35.29 10.52 -12.04
N SER N 25 -34.19 10.54 -12.79
CA SER N 25 -34.25 10.89 -14.21
C SER N 25 -35.11 9.90 -14.96
N LEU N 26 -35.06 8.65 -14.57
CA LEU N 26 -35.95 7.65 -15.14
C LEU N 26 -37.42 8.05 -14.93
N ARG N 27 -37.77 8.53 -13.75
CA ARG N 27 -39.16 8.94 -13.52
C ARG N 27 -39.53 10.20 -14.29
N ASN N 28 -38.70 11.23 -14.17
CA ASN N 28 -38.87 12.46 -14.94
C ASN N 28 -39.08 12.23 -16.44
N CYS N 29 -38.11 11.58 -17.07
CA CYS N 29 -38.13 11.34 -18.51
C CYS N 29 -39.31 10.47 -18.97
N GLY N 30 -39.86 9.65 -18.08
CA GLY N 30 -40.97 8.79 -18.44
C GLY N 30 -42.34 9.29 -17.98
N GLN N 31 -42.36 10.47 -17.36
CA GLN N 31 -43.62 11.05 -16.85
C GLN N 31 -43.83 12.50 -17.30
N GLU N 32 -42.90 13.39 -16.91
CA GLU N 32 -42.93 14.79 -17.30
C GLU N 32 -42.98 14.95 -18.82
N PRO N 33 -43.95 15.72 -19.31
CA PRO N 33 -44.29 15.80 -20.74
C PRO N 33 -43.22 16.46 -21.61
N THR N 34 -42.61 17.56 -21.14
CA THR N 34 -41.68 18.31 -21.98
C THR N 34 -40.45 17.48 -22.35
N LEU N 35 -39.96 16.70 -21.39
CA LEU N 35 -38.89 15.77 -21.68
C LEU N 35 -39.44 14.68 -22.60
N LYS N 36 -40.64 14.19 -22.30
CA LYS N 36 -41.17 13.02 -22.99
C LYS N 36 -41.42 13.26 -24.48
N THR N 37 -41.66 14.51 -24.85
CA THR N 37 -41.76 14.82 -26.27
C THR N 37 -40.37 14.79 -26.92
N VAL N 38 -39.45 15.58 -26.39
CA VAL N 38 -38.09 15.70 -26.95
C VAL N 38 -37.44 14.33 -27.04
N LEU N 39 -37.92 13.41 -26.23
CA LEU N 39 -37.44 12.03 -26.27
C LEU N 39 -38.08 11.26 -27.42
N ASN N 40 -39.36 11.52 -27.67
CA ASN N 40 -40.01 10.91 -28.81
C ASN N 40 -39.56 11.56 -30.13
N LYS N 41 -39.32 12.87 -30.09
CA LYS N 41 -38.81 13.61 -31.26
C LYS N 41 -37.47 13.06 -31.73
N ILE N 42 -36.62 12.71 -30.77
CA ILE N 42 -35.38 12.03 -31.08
C ILE N 42 -35.68 10.63 -31.60
N GLY N 43 -36.50 9.90 -30.86
CA GLY N 43 -36.84 8.53 -31.22
C GLY N 43 -37.48 8.39 -32.59
N ASP N 44 -38.29 9.38 -32.98
CA ASP N 44 -38.90 9.40 -34.31
C ASP N 44 -37.84 9.73 -35.34
N GLU N 45 -37.06 10.77 -35.08
CA GLU N 45 -36.00 11.19 -35.99
C GLU N 45 -34.90 10.13 -36.15
N ILE N 46 -34.93 9.11 -35.30
CA ILE N 46 -34.05 7.96 -35.49
C ILE N 46 -34.65 7.07 -36.58
N ILE N 47 -35.97 6.97 -36.62
CA ILE N 47 -36.62 6.08 -37.57
C ILE N 47 -36.41 6.58 -38.99
N VAL N 48 -36.44 7.90 -39.14
CA VAL N 48 -36.24 8.53 -40.44
C VAL N 48 -34.78 8.45 -40.88
N ILE N 49 -33.88 8.74 -39.95
CA ILE N 49 -32.46 8.74 -40.25
C ILE N 49 -32.02 7.30 -40.48
N ASN N 50 -32.88 6.35 -40.12
CA ASN N 50 -32.68 4.95 -40.45
C ASN N 50 -33.13 4.63 -41.86
N GLU N 51 -34.25 5.22 -42.28
CA GLU N 51 -34.70 5.02 -43.67
C GLU N 51 -33.76 5.70 -44.65
N LEU N 52 -33.29 6.90 -44.28
CA LEU N 52 -32.27 7.60 -45.05
C LEU N 52 -31.01 6.78 -45.27
N LEU N 53 -30.79 5.78 -44.42
CA LEU N 53 -29.66 4.90 -44.62
C LEU N 53 -29.93 3.90 -45.73
N ASN N 54 -31.10 3.26 -45.67
CA ASN N 54 -31.47 2.28 -46.69
C ASN N 54 -31.44 2.89 -48.10
N LYS N 55 -31.87 4.15 -48.20
CA LYS N 55 -31.83 4.87 -49.46
C LYS N 55 -30.38 5.09 -49.87
N LEU N 56 -29.53 5.47 -48.92
CA LEU N 56 -28.12 5.66 -49.21
C LEU N 56 -27.45 4.34 -49.53
N GLU N 57 -28.03 3.25 -49.05
CA GLU N 57 -27.49 1.93 -49.36
C GLU N 57 -27.73 1.57 -50.81
N LEU N 58 -28.98 1.70 -51.26
CA LEU N 58 -29.30 1.42 -52.66
C LEU N 58 -28.62 2.41 -53.59
N GLU N 59 -28.60 3.67 -53.23
CA GLU N 59 -27.97 4.68 -54.08
C GLU N 59 -26.47 4.42 -54.23
N ILE N 60 -25.86 3.80 -53.23
CA ILE N 60 -24.45 3.39 -53.32
C ILE N 60 -24.33 2.19 -54.26
N GLN N 61 -25.19 1.19 -54.06
CA GLN N 61 -25.26 0.01 -54.93
C GLN N 61 -25.37 0.27 -56.44
N TYR N 62 -26.28 1.16 -56.84
CA TYR N 62 -26.45 1.44 -58.26
C TYR N 62 -25.19 2.15 -58.77
N GLN N 63 -24.65 3.05 -57.97
CA GLN N 63 -23.49 3.83 -58.38
C GLN N 63 -22.27 2.93 -58.50
N GLU N 64 -22.35 1.76 -57.87
CA GLU N 64 -21.35 0.73 -58.02
C GLU N 64 -21.58 -0.04 -59.32
N GLN N 65 -22.85 -0.26 -59.68
CA GLN N 65 -23.19 -0.79 -60.98
C GLN N 65 -22.71 0.23 -61.99
N THR N 66 -23.00 1.50 -61.70
CA THR N 66 -22.61 2.62 -62.54
C THR N 66 -21.11 2.65 -62.81
N ASN N 67 -20.31 2.66 -61.75
CA ASN N 67 -18.88 2.78 -61.91
C ASN N 67 -18.25 1.60 -62.64
N ASN N 68 -18.87 0.44 -62.50
CA ASN N 68 -18.37 -0.77 -63.15
C ASN N 68 -18.67 -0.77 -64.64
N SER N 69 -19.70 -0.04 -65.04
CA SER N 69 -20.00 0.12 -66.45
C SER N 69 -19.15 1.21 -67.09
N LEU N 70 -18.87 2.27 -66.34
CA LEU N 70 -17.97 3.30 -66.80
C LEU N 70 -16.61 2.71 -67.06
N LYS N 71 -16.23 1.74 -66.24
CA LYS N 71 -14.98 1.02 -66.43
C LYS N 71 -15.03 0.13 -67.68
N GLU N 72 -16.02 -0.76 -67.73
CA GLU N 72 -16.18 -1.66 -68.88
C GLU N 72 -16.13 -0.91 -70.21
N LEU N 73 -16.85 0.19 -70.31
CA LEU N 73 -16.82 1.00 -71.53
C LEU N 73 -15.45 1.62 -71.73
N CYS N 74 -14.76 1.92 -70.63
CA CYS N 74 -13.43 2.50 -70.72
C CYS N 74 -12.44 1.45 -71.24
N GLU N 75 -12.52 0.23 -70.70
CA GLU N 75 -11.65 -0.86 -71.12
C GLU N 75 -11.85 -1.17 -72.61
N SER N 76 -13.11 -1.25 -73.02
CA SER N 76 -13.46 -1.44 -74.43
C SER N 76 -12.89 -0.32 -75.31
N LEU N 77 -13.37 0.90 -75.06
CA LEU N 77 -13.04 2.05 -75.89
C LEU N 77 -11.54 2.39 -75.87
N GLU N 78 -10.81 1.89 -74.89
CA GLU N 78 -9.36 2.13 -74.83
C GLU N 78 -8.58 1.23 -75.77
N GLU N 79 -8.92 -0.06 -75.79
CA GLU N 79 -8.23 -1.02 -76.65
C GLU N 79 -8.61 -0.88 -78.12
N ASP N 80 -9.68 -0.13 -78.39
CA ASP N 80 -10.13 0.13 -79.76
C ASP N 80 -9.33 1.21 -80.48
N TYR N 81 -9.00 2.29 -79.76
CA TYR N 81 -8.26 3.39 -80.35
C TYR N 81 -6.86 2.94 -80.76
N LYS N 82 -6.36 1.93 -80.06
CA LYS N 82 -5.00 1.41 -80.26
C LYS N 82 -4.70 0.92 -81.68
N ASP N 83 -5.52 0.01 -82.19
CA ASP N 83 -5.35 -0.50 -83.54
C ASP N 83 -5.90 0.45 -84.61
N ILE N 84 -6.86 1.30 -84.24
CA ILE N 84 -7.49 2.25 -85.16
C ILE N 84 -6.65 3.51 -85.42
N GLU N 85 -5.89 3.93 -84.41
CA GLU N 85 -4.95 5.02 -84.57
C GLU N 85 -3.85 4.62 -85.55
N HIS N 86 -3.43 3.36 -85.40
CA HIS N 86 -2.35 2.80 -86.21
C HIS N 86 -2.74 2.63 -87.69
N LEU N 87 -4.03 2.81 -87.99
CA LEU N 87 -4.50 2.78 -89.37
C LEU N 87 -4.02 4.05 -90.10
N LYS N 88 -3.58 5.03 -89.32
CA LYS N 88 -2.98 6.24 -89.86
C LYS N 88 -1.48 6.31 -89.53
N MET O 3 -26.37 17.89 10.20
CA MET O 3 -25.29 16.95 10.49
C MET O 3 -23.97 17.66 10.48
N GLU O 4 -23.82 18.60 9.57
CA GLU O 4 -22.61 19.41 9.55
C GLU O 4 -22.49 20.12 10.89
N ALA O 5 -23.63 20.54 11.42
CA ALA O 5 -23.64 21.22 12.70
C ALA O 5 -23.23 20.25 13.76
N GLU O 6 -23.78 19.04 13.67
CA GLU O 6 -23.44 17.99 14.64
C GLU O 6 -21.95 17.72 14.66
N VAL O 7 -21.39 17.49 13.49
CA VAL O 7 -19.96 17.33 13.35
C VAL O 7 -19.19 18.53 13.89
N ASP O 8 -19.65 19.74 13.64
CA ASP O 8 -18.96 20.90 14.19
C ASP O 8 -18.79 20.77 15.70
N LYS O 9 -19.78 20.14 16.34
CA LYS O 9 -19.79 19.91 17.78
C LYS O 9 -18.71 18.89 18.10
N LEU O 10 -18.80 17.72 17.45
CA LEU O 10 -17.84 16.64 17.65
C LEU O 10 -16.43 17.15 17.55
N GLU O 11 -16.12 17.85 16.47
CA GLU O 11 -14.82 18.51 16.34
C GLU O 11 -14.54 19.42 17.53
N LEU O 12 -15.56 20.13 18.00
CA LEU O 12 -15.31 21.03 19.12
C LEU O 12 -14.90 20.22 20.36
N MET O 13 -15.65 19.15 20.62
CA MET O 13 -15.37 18.24 21.74
C MET O 13 -13.94 17.70 21.70
N PHE O 14 -13.55 17.08 20.58
CA PHE O 14 -12.20 16.56 20.40
C PHE O 14 -11.16 17.63 20.77
N GLN O 15 -11.41 18.86 20.35
CA GLN O 15 -10.45 19.94 20.57
C GLN O 15 -10.30 20.20 22.03
N LYS O 16 -11.41 20.03 22.75
CA LYS O 16 -11.42 20.18 24.19
C LYS O 16 -10.60 19.06 24.78
N ALA O 17 -11.00 17.83 24.47
CA ALA O 17 -10.30 16.64 24.97
C ALA O 17 -8.80 16.81 24.80
N GLU O 18 -8.38 17.37 23.68
CA GLU O 18 -6.97 17.57 23.44
C GLU O 18 -6.37 18.57 24.44
N SER O 19 -7.00 19.72 24.62
CA SER O 19 -6.47 20.73 25.54
C SER O 19 -6.65 20.29 26.98
N ASP O 20 -7.54 19.33 27.20
CA ASP O 20 -7.69 18.69 28.50
C ASP O 20 -6.42 17.89 28.79
N LEU O 21 -6.16 16.93 27.91
CA LEU O 21 -4.96 16.11 27.96
C LEU O 21 -3.74 16.99 28.06
N ASP O 22 -3.66 17.96 27.18
CA ASP O 22 -2.56 18.93 27.18
C ASP O 22 -2.34 19.61 28.52
N TYR O 23 -3.41 19.89 29.26
CA TYR O 23 -3.23 20.49 30.59
C TYR O 23 -2.66 19.51 31.60
N ILE O 24 -3.30 18.35 31.70
CA ILE O 24 -2.85 17.29 32.59
C ILE O 24 -1.34 17.09 32.46
N GLN O 25 -0.90 16.94 31.22
CA GLN O 25 0.52 16.87 30.91
C GLN O 25 1.26 18.10 31.42
N TYR O 26 0.78 19.30 31.07
CA TYR O 26 1.45 20.52 31.48
C TYR O 26 1.68 20.58 32.96
N ARG O 27 0.70 20.08 33.70
CA ARG O 27 0.80 20.08 35.15
C ARG O 27 1.86 19.11 35.60
N LEU O 28 1.76 17.87 35.13
CA LEU O 28 2.74 16.85 35.49
C LEU O 28 4.14 17.38 35.27
N GLU O 29 4.34 18.04 34.13
CA GLU O 29 5.63 18.62 33.81
C GLU O 29 6.02 19.71 34.80
N TYR O 30 5.02 20.46 35.26
CA TYR O 30 5.28 21.49 36.25
C TYR O 30 5.69 20.89 37.60
N GLU O 31 4.95 19.87 38.04
CA GLU O 31 5.25 19.18 39.29
C GLU O 31 6.67 18.68 39.29
N ILE O 32 7.07 18.07 38.18
CA ILE O 32 8.44 17.68 37.95
C ILE O 32 9.41 18.86 38.08
N LYS O 33 9.39 19.78 37.11
CA LYS O 33 10.40 20.85 37.01
C LYS O 33 10.63 21.66 38.29
N THR O 34 9.60 21.69 39.14
CA THR O 34 9.69 22.42 40.40
C THR O 34 10.53 21.68 41.44
N ASN O 35 10.40 20.37 41.47
CA ASN O 35 11.14 19.54 42.44
C ASN O 35 12.30 18.80 41.78
N HIS O 36 13.52 19.24 42.09
CA HIS O 36 14.73 18.78 41.42
C HIS O 36 14.64 19.04 39.92
N GLU O 42 19.35 10.35 40.28
CA GLU O 42 19.28 9.10 39.53
C GLU O 42 18.49 9.29 38.23
N LYS O 43 19.15 9.05 37.09
CA LYS O 43 18.46 9.08 35.80
C LYS O 43 17.57 7.84 35.64
N ASN O 44 17.67 6.95 36.63
CA ASN O 44 16.85 5.74 36.73
C ASN O 44 15.35 6.06 36.82
N PRO O 45 14.47 5.09 36.50
CA PRO O 45 14.55 3.67 36.09
C PRO O 45 15.32 3.49 34.80
N VAL O 46 15.48 4.58 34.06
CA VAL O 46 16.16 4.56 32.77
C VAL O 46 17.57 3.96 32.86
N THR O 47 18.46 4.67 33.57
CA THR O 47 19.84 4.21 33.68
C THR O 47 19.93 2.90 34.47
N LEU O 48 18.92 2.65 35.29
CA LEU O 48 18.93 1.43 36.12
C LEU O 48 18.86 0.17 35.26
N LEU O 49 18.17 0.26 34.13
CA LEU O 49 18.11 -0.88 33.23
C LEU O 49 19.47 -1.18 32.60
N LYS O 50 20.13 -0.13 32.12
CA LYS O 50 21.45 -0.25 31.51
C LYS O 50 22.44 -0.85 32.50
N GLU O 51 22.37 -0.42 33.74
CA GLU O 51 23.25 -0.95 34.77
C GLU O 51 22.95 -2.43 35.03
N LEU O 52 21.67 -2.77 35.08
CA LEU O 52 21.27 -4.16 35.35
C LEU O 52 21.68 -5.09 34.21
N SER O 53 21.96 -4.51 33.05
CA SER O 53 22.52 -5.29 31.94
C SER O 53 24.03 -5.47 32.08
N VAL O 54 24.70 -4.49 32.67
CA VAL O 54 26.14 -4.56 32.77
C VAL O 54 26.52 -5.66 33.73
N ILE O 55 25.86 -5.70 34.89
CA ILE O 55 26.17 -6.75 35.85
C ILE O 55 25.73 -8.12 35.31
N LYS O 56 24.57 -8.19 34.66
CA LYS O 56 24.13 -9.47 34.10
C LYS O 56 25.15 -10.02 33.07
N SER O 57 25.89 -9.13 32.41
CA SER O 57 26.92 -9.56 31.47
C SER O 57 28.20 -9.96 32.19
N ARG O 58 28.60 -9.17 33.19
CA ARG O 58 29.84 -9.42 33.91
C ARG O 58 29.79 -10.70 34.74
N TYR O 59 28.61 -11.03 35.27
CA TYR O 59 28.44 -12.28 36.00
C TYR O 59 28.36 -13.46 35.06
N GLN O 60 27.83 -13.25 33.86
CA GLN O 60 27.87 -14.29 32.84
C GLN O 60 29.32 -14.52 32.40
N THR O 61 30.00 -13.42 32.13
CA THR O 61 31.36 -13.42 31.62
C THR O 61 32.37 -13.98 32.63
N LEU O 62 32.15 -13.68 33.90
CA LEU O 62 33.05 -14.17 34.94
C LEU O 62 32.88 -15.66 35.19
N TYR O 63 31.65 -16.12 35.39
CA TYR O 63 31.39 -17.54 35.53
C TYR O 63 31.82 -18.30 34.28
N ALA O 64 31.90 -17.62 33.15
CA ALA O 64 32.44 -18.27 31.95
C ALA O 64 33.96 -18.52 32.04
N ARG O 65 34.66 -17.73 32.86
CA ARG O 65 36.09 -17.95 33.12
C ARG O 65 36.35 -18.98 34.22
N PHE O 66 35.48 -18.98 35.24
CA PHE O 66 35.56 -19.91 36.36
C PHE O 66 35.44 -21.36 35.91
N LYS O 67 34.51 -21.61 34.99
CA LYS O 67 34.18 -22.98 34.63
C LYS O 67 35.34 -23.82 34.07
N PRO O 68 36.10 -23.28 33.09
CA PRO O 68 37.32 -23.97 32.64
C PRO O 68 38.55 -23.86 33.57
N VAL O 69 38.64 -22.78 34.33
CA VAL O 69 39.79 -22.63 35.23
C VAL O 69 39.61 -23.58 36.42
N ALA O 70 38.37 -23.85 36.80
CA ALA O 70 38.11 -24.76 37.91
C ALA O 70 38.11 -26.25 37.53
N VAL O 71 37.87 -26.58 36.26
CA VAL O 71 38.01 -27.97 35.86
C VAL O 71 39.49 -28.24 35.63
N GLU O 72 40.21 -27.22 35.19
CA GLU O 72 41.64 -27.37 35.01
C GLU O 72 42.29 -27.59 36.36
N GLN O 73 41.68 -27.05 37.41
CA GLN O 73 42.13 -27.37 38.75
C GLN O 73 41.91 -28.85 39.06
N LYS O 74 40.65 -29.29 39.01
CA LYS O 74 40.28 -30.65 39.41
C LYS O 74 41.08 -31.75 38.67
N GLU O 75 41.39 -31.51 37.41
CA GLU O 75 42.24 -32.43 36.65
C GLU O 75 43.70 -32.25 37.06
N SER O 76 44.17 -31.01 37.12
CA SER O 76 45.58 -30.71 37.40
C SER O 76 46.01 -31.20 38.78
N LYS O 77 45.11 -31.14 39.73
CA LYS O 77 45.42 -31.64 41.06
C LYS O 77 45.52 -33.18 41.01
N SER O 78 44.53 -33.83 40.41
CA SER O 78 44.49 -35.28 40.40
C SER O 78 45.64 -35.89 39.61
N ARG O 79 46.25 -35.09 38.73
CA ARG O 79 47.48 -35.52 38.05
C ARG O 79 48.67 -35.42 39.00
N ILE O 80 48.66 -34.42 39.90
CA ILE O 80 49.68 -34.32 40.93
C ILE O 80 49.47 -35.44 41.96
N CYS O 81 48.21 -35.72 42.26
CA CYS O 81 47.86 -36.72 43.25
C CYS O 81 48.30 -38.14 42.85
N ALA O 82 48.01 -38.51 41.61
CA ALA O 82 48.37 -39.85 41.15
C ALA O 82 49.85 -40.13 41.36
N THR O 83 50.71 -39.27 40.83
CA THR O 83 52.14 -39.53 40.84
C THR O 83 52.80 -39.32 42.20
N VAL O 84 52.19 -38.50 43.05
CA VAL O 84 52.75 -38.32 44.39
C VAL O 84 52.38 -39.49 45.28
N LYS O 85 51.30 -40.19 44.97
CA LYS O 85 50.98 -41.41 45.69
C LYS O 85 51.62 -42.63 45.03
N LYS O 86 52.09 -42.48 43.79
CA LYS O 86 52.87 -43.53 43.15
C LYS O 86 54.32 -43.44 43.62
N THR O 87 54.80 -42.21 43.76
CA THR O 87 56.17 -41.94 44.22
C THR O 87 56.40 -42.57 45.59
N MET O 88 55.49 -42.32 46.52
CA MET O 88 55.55 -42.95 47.83
C MET O 88 55.40 -44.46 47.68
N ASN O 89 54.46 -44.88 46.86
CA ASN O 89 54.13 -46.31 46.69
C ASN O 89 55.32 -47.20 46.31
N MET O 90 56.23 -46.72 45.45
CA MET O 90 57.42 -47.50 45.11
C MET O 90 58.55 -47.39 46.14
N ILE O 91 58.64 -46.25 46.82
CA ILE O 91 59.51 -46.13 47.98
C ILE O 91 59.13 -47.20 49.00
N GLN O 92 57.85 -47.53 49.01
CA GLN O 92 57.29 -48.57 49.86
C GLN O 92 57.71 -49.99 49.48
N LYS O 93 57.92 -50.24 48.18
CA LYS O 93 58.26 -51.58 47.70
C LYS O 93 59.73 -51.98 47.89
N LEU O 94 60.65 -51.02 47.80
CA LEU O 94 62.03 -51.31 48.19
C LEU O 94 62.34 -51.20 49.69
N GLN O 95 61.58 -50.38 50.42
CA GLN O 95 61.80 -50.29 51.86
C GLN O 95 61.42 -51.58 52.58
N LYS O 96 60.39 -52.26 52.08
CA LYS O 96 60.09 -53.58 52.60
C LYS O 96 61.22 -54.52 52.17
N GLN O 97 61.81 -54.22 51.02
CA GLN O 97 62.84 -55.08 50.42
C GLN O 97 64.24 -54.98 51.05
N THR O 98 64.78 -53.77 51.20
CA THR O 98 66.10 -53.59 51.84
C THR O 98 66.05 -53.18 53.33
N ASP O 99 64.84 -53.12 53.89
CA ASP O 99 64.55 -52.47 55.17
C ASP O 99 64.78 -50.96 55.15
N LEU O 100 65.66 -50.49 56.03
CA LEU O 100 65.78 -49.09 56.47
C LEU O 100 64.53 -48.58 57.21
N GLU O 101 64.20 -47.29 56.98
CA GLU O 101 63.09 -46.60 57.67
C GLU O 101 62.96 -45.08 57.38
N LEU O 102 61.91 -44.50 57.95
CA LEU O 102 61.94 -43.19 58.62
C LEU O 102 60.53 -42.75 59.00
N SER O 103 60.41 -41.85 59.97
CA SER O 103 59.10 -41.37 60.37
C SER O 103 58.68 -40.11 59.59
N PRO O 104 57.43 -40.06 59.08
CA PRO O 104 56.94 -38.82 58.45
C PRO O 104 56.59 -37.81 59.52
N LEU O 105 56.69 -36.53 59.19
CA LEU O 105 56.53 -35.50 60.21
C LEU O 105 55.09 -35.43 60.69
N THR O 106 54.81 -34.46 61.55
CA THR O 106 53.45 -34.11 61.88
C THR O 106 52.81 -33.63 60.58
N LYS O 107 53.48 -32.70 59.91
CA LYS O 107 53.01 -32.15 58.64
C LYS O 107 52.76 -33.27 57.64
N GLU O 108 53.78 -34.11 57.42
CA GLU O 108 53.67 -35.24 56.51
C GLU O 108 52.50 -36.15 56.89
N GLU O 109 52.31 -36.35 58.19
CA GLU O 109 51.25 -37.21 58.72
C GLU O 109 49.91 -36.78 58.18
N LYS O 110 49.51 -35.56 58.52
CA LYS O 110 48.19 -35.02 58.19
C LYS O 110 47.90 -35.01 56.69
N THR O 111 48.93 -34.80 55.89
CA THR O 111 48.77 -34.73 54.44
C THR O 111 48.52 -36.10 53.84
N ALA O 112 49.08 -37.13 54.47
CA ALA O 112 48.88 -38.49 54.02
C ALA O 112 47.39 -38.83 54.01
N ALA O 113 46.70 -38.46 55.09
CA ALA O 113 45.27 -38.74 55.22
C ALA O 113 44.44 -38.01 54.16
N GLU O 114 44.74 -36.72 53.97
CA GLU O 114 44.07 -35.90 52.98
C GLU O 114 44.21 -36.52 51.58
N GLN O 115 45.43 -36.47 51.05
CA GLN O 115 45.75 -36.88 49.70
C GLN O 115 45.61 -38.40 49.49
N HIS P 2 5.59 4.17 -35.19
CA HIS P 2 4.56 3.28 -34.69
C HIS P 2 5.12 2.31 -33.67
N MET P 3 5.07 2.79 -32.45
CA MET P 3 5.47 2.06 -31.30
C MET P 3 4.46 1.00 -31.01
N GLU P 4 3.22 1.24 -31.39
CA GLU P 4 2.19 0.23 -31.16
C GLU P 4 2.65 -1.01 -31.93
N ALA P 5 3.16 -0.76 -33.13
CA ALA P 5 3.61 -1.84 -33.98
C ALA P 5 4.79 -2.51 -33.30
N GLU P 6 5.69 -1.69 -32.77
CA GLU P 6 6.85 -2.25 -32.11
C GLU P 6 6.40 -3.16 -30.97
N VAL P 7 5.49 -2.65 -30.15
CA VAL P 7 4.96 -3.42 -29.06
C VAL P 7 4.28 -4.70 -29.56
N ASP P 8 3.54 -4.62 -30.65
CA ASP P 8 2.92 -5.82 -31.19
C ASP P 8 3.96 -6.93 -31.39
N LYS P 9 5.17 -6.51 -31.75
CA LYS P 9 6.28 -7.43 -32.00
C LYS P 9 6.71 -8.04 -30.67
N LEU P 10 6.99 -7.16 -29.71
CA LEU P 10 7.43 -7.57 -28.40
C LEU P 10 6.48 -8.60 -27.85
N GLU P 11 5.18 -8.31 -27.86
CA GLU P 11 4.19 -9.28 -27.43
C GLU P 11 4.30 -10.55 -28.24
N LEU P 12 4.59 -10.43 -29.52
CA LEU P 12 4.69 -11.65 -30.32
C LEU P 12 5.86 -12.48 -29.83
N MET P 13 6.99 -11.80 -29.59
CA MET P 13 8.16 -12.50 -29.11
C MET P 13 7.88 -13.24 -27.80
N PHE P 14 7.36 -12.53 -26.80
CA PHE P 14 7.04 -13.15 -25.51
C PHE P 14 6.22 -14.42 -25.73
N GLN P 15 5.27 -14.36 -26.64
CA GLN P 15 4.37 -15.47 -26.84
C GLN P 15 5.13 -16.66 -27.36
N LYS P 16 6.16 -16.37 -28.13
CA LYS P 16 7.04 -17.40 -28.65
C LYS P 16 7.82 -17.99 -27.48
N ALA P 17 8.52 -17.11 -26.75
CA ALA P 17 9.31 -17.51 -25.62
C ALA P 17 8.49 -18.46 -24.76
N GLU P 18 7.21 -18.16 -24.59
CA GLU P 18 6.37 -19.00 -23.75
C GLU P 18 6.19 -20.38 -24.36
N SER P 19 5.89 -20.45 -25.64
CA SER P 19 5.64 -21.75 -26.26
C SER P 19 6.96 -22.48 -26.46
N ASP P 20 8.05 -21.72 -26.40
CA ASP P 20 9.39 -22.31 -26.41
C ASP P 20 9.55 -23.10 -25.10
N LEU P 21 9.43 -22.37 -24.00
CA LEU P 21 9.51 -22.94 -22.67
C LEU P 21 8.55 -24.09 -22.57
N ASP P 22 7.32 -23.85 -22.99
CA ASP P 22 6.28 -24.86 -22.94
C ASP P 22 6.69 -26.15 -23.63
N TYR P 23 7.45 -26.05 -24.72
CA TYR P 23 7.85 -27.25 -25.43
C TYR P 23 8.90 -27.99 -24.63
N ILE P 24 9.93 -27.26 -24.23
CA ILE P 24 11.02 -27.83 -23.48
C ILE P 24 10.45 -28.69 -22.35
N GLN P 25 9.50 -28.08 -21.63
CA GLN P 25 8.76 -28.76 -20.58
C GLN P 25 8.08 -30.01 -21.14
N TYR P 26 7.28 -29.82 -22.18
CA TYR P 26 6.54 -30.93 -22.75
C TYR P 26 7.43 -32.12 -23.04
N ARG P 27 8.64 -31.85 -23.50
CA ARG P 27 9.56 -32.90 -23.85
C ARG P 27 10.04 -33.61 -22.61
N LEU P 28 10.52 -32.83 -21.65
CA LEU P 28 11.01 -33.39 -20.39
C LEU P 28 9.97 -34.32 -19.81
N GLU P 29 8.71 -33.88 -19.85
CA GLU P 29 7.62 -34.68 -19.33
C GLU P 29 7.48 -35.97 -20.14
N TYR P 30 7.72 -35.87 -21.44
CA TYR P 30 7.60 -37.04 -22.30
C TYR P 30 8.72 -37.98 -21.96
N GLU P 31 9.90 -37.40 -21.71
CA GLU P 31 11.07 -38.18 -21.36
C GLU P 31 10.80 -39.04 -20.14
N ILE P 32 10.32 -38.41 -19.07
CA ILE P 32 10.10 -39.11 -17.81
C ILE P 32 9.06 -40.22 -17.97
N LYS P 33 8.14 -40.04 -18.91
CA LYS P 33 7.07 -41.01 -19.13
C LYS P 33 7.53 -42.33 -19.77
N THR P 34 8.62 -42.31 -20.53
CA THR P 34 9.12 -43.55 -21.16
C THR P 34 9.78 -44.45 -20.12
N ASN P 35 10.12 -43.84 -18.99
CA ASN P 35 10.84 -44.51 -17.91
C ASN P 35 9.90 -45.19 -16.91
N ASN P 44 13.20 -41.42 -5.44
CA ASN P 44 13.16 -40.00 -5.78
C ASN P 44 13.50 -39.18 -4.54
N PRO P 45 14.27 -38.08 -4.71
CA PRO P 45 14.83 -37.36 -3.55
C PRO P 45 13.74 -36.92 -2.57
N VAL P 46 12.51 -36.85 -3.06
CA VAL P 46 11.38 -36.43 -2.25
C VAL P 46 11.22 -37.24 -0.95
N THR P 47 10.92 -38.52 -1.07
CA THR P 47 10.70 -39.36 0.12
C THR P 47 12.01 -39.56 0.89
N LEU P 48 13.13 -39.37 0.20
CA LEU P 48 14.44 -39.55 0.83
C LEU P 48 14.66 -38.52 1.93
N LEU P 49 14.11 -37.32 1.76
CA LEU P 49 14.25 -36.29 2.78
C LEU P 49 13.47 -36.66 4.02
N LYS P 50 12.22 -37.07 3.83
CA LYS P 50 11.35 -37.51 4.95
C LYS P 50 11.98 -38.64 5.74
N GLU P 51 12.58 -39.61 5.05
CA GLU P 51 13.25 -40.73 5.71
C GLU P 51 14.47 -40.25 6.48
N LEU P 52 15.22 -39.31 5.91
CA LEU P 52 16.42 -38.80 6.56
C LEU P 52 16.08 -37.98 7.79
N SER P 53 14.83 -37.56 7.92
CA SER P 53 14.43 -36.95 9.18
C SER P 53 14.09 -37.94 10.27
N VAL P 54 13.46 -39.06 9.89
CA VAL P 54 13.10 -40.07 10.87
C VAL P 54 14.35 -40.63 11.55
N ILE P 55 15.42 -40.82 10.79
CA ILE P 55 16.64 -41.30 11.45
C ILE P 55 17.24 -40.22 12.36
N LYS P 56 17.44 -38.99 11.86
CA LYS P 56 18.09 -37.95 12.66
C LYS P 56 17.36 -37.75 13.98
N SER P 57 16.04 -38.01 13.96
CA SER P 57 15.19 -37.86 15.14
C SER P 57 15.43 -38.96 16.15
N ARG P 58 15.45 -40.21 15.68
CA ARG P 58 15.61 -41.38 16.58
C ARG P 58 16.97 -41.46 17.23
N TYR P 59 18.01 -41.11 16.48
CA TYR P 59 19.33 -41.06 17.08
C TYR P 59 19.31 -40.02 18.18
N GLN P 60 18.77 -38.85 17.90
CA GLN P 60 18.75 -37.81 18.92
C GLN P 60 17.82 -38.10 20.10
N THR P 61 16.84 -38.97 19.88
CA THR P 61 15.97 -39.45 20.94
C THR P 61 16.73 -40.47 21.77
N LEU P 62 17.42 -41.39 21.10
CA LEU P 62 18.20 -42.41 21.80
C LEU P 62 19.31 -41.78 22.63
N TYR P 63 20.17 -40.98 22.00
CA TYR P 63 21.29 -40.35 22.68
C TYR P 63 20.89 -39.52 23.88
N ALA P 64 19.74 -38.87 23.79
CA ALA P 64 19.27 -38.03 24.90
C ALA P 64 18.75 -38.93 26.00
N ARG P 65 18.47 -40.17 25.64
CA ARG P 65 18.01 -41.20 26.55
C ARG P 65 19.21 -41.96 27.15
N PHE P 66 20.38 -41.79 26.53
CA PHE P 66 21.65 -42.37 27.02
C PHE P 66 22.26 -41.53 28.12
N LYS P 67 22.17 -40.22 27.97
CA LYS P 67 22.88 -39.29 28.83
C LYS P 67 22.64 -39.43 30.36
N PRO P 68 21.36 -39.43 30.82
CA PRO P 68 21.12 -39.53 32.28
C PRO P 68 21.50 -40.88 32.88
N VAL P 69 21.30 -41.96 32.14
CA VAL P 69 21.70 -43.30 32.54
C VAL P 69 23.23 -43.35 32.64
N ALA P 70 23.90 -42.53 31.84
CA ALA P 70 25.37 -42.51 31.81
C ALA P 70 25.96 -41.70 32.96
N VAL P 71 25.19 -40.77 33.50
CA VAL P 71 25.63 -39.94 34.62
C VAL P 71 25.21 -40.52 35.98
N GLU P 72 24.34 -41.54 35.97
CA GLU P 72 24.03 -42.26 37.20
C GLU P 72 25.03 -43.39 37.43
N GLN P 73 25.78 -43.73 36.39
CA GLN P 73 26.85 -44.70 36.54
C GLN P 73 28.05 -44.02 37.19
N LYS P 74 28.28 -42.75 36.86
CA LYS P 74 29.35 -41.99 37.50
C LYS P 74 28.94 -41.58 38.91
N GLU P 75 27.62 -41.45 39.14
CA GLU P 75 27.13 -41.16 40.47
C GLU P 75 27.20 -42.43 41.32
N SER P 76 26.74 -43.55 40.77
CA SER P 76 26.81 -44.83 41.46
C SER P 76 28.24 -45.29 41.69
N LYS P 77 29.11 -45.12 40.70
CA LYS P 77 30.49 -45.58 40.81
C LYS P 77 31.28 -44.79 41.85
N SER P 78 31.04 -43.48 41.90
CA SER P 78 31.73 -42.62 42.86
C SER P 78 31.06 -42.69 44.23
N ARG P 79 29.84 -43.21 44.24
CA ARG P 79 29.12 -43.48 45.48
C ARG P 79 29.74 -44.72 46.09
N ILE P 80 29.69 -45.83 45.37
CA ILE P 80 30.40 -47.06 45.78
C ILE P 80 31.89 -46.83 46.09
N CYS P 81 32.57 -46.07 45.24
CA CYS P 81 34.00 -45.82 45.38
C CYS P 81 34.34 -45.24 46.74
N ALA P 82 33.74 -44.10 47.07
CA ALA P 82 34.03 -43.41 48.33
C ALA P 82 33.74 -44.27 49.57
N THR P 83 32.66 -45.04 49.52
CA THR P 83 32.29 -45.91 50.64
C THR P 83 33.35 -46.96 50.89
N VAL P 84 33.87 -47.54 49.81
CA VAL P 84 34.89 -48.59 49.92
C VAL P 84 36.23 -48.01 50.39
N LYS P 85 36.63 -46.87 49.84
CA LYS P 85 37.82 -46.18 50.33
C LYS P 85 37.71 -45.83 51.81
N LYS P 86 36.48 -45.79 52.33
CA LYS P 86 36.27 -45.68 53.77
C LYS P 86 36.35 -47.05 54.42
N THR P 87 35.45 -47.94 54.02
CA THR P 87 35.35 -49.29 54.58
C THR P 87 36.66 -50.09 54.50
N MET P 88 37.54 -49.72 53.57
CA MET P 88 38.90 -50.27 53.52
C MET P 88 39.83 -49.56 54.51
N ASN P 89 39.61 -48.26 54.69
CA ASN P 89 40.52 -47.40 55.46
C ASN P 89 40.51 -47.62 56.98
N MET P 90 39.31 -47.59 57.59
CA MET P 90 39.19 -47.89 59.01
C MET P 90 39.72 -49.29 59.27
N ILE P 91 39.19 -50.26 58.53
CA ILE P 91 39.61 -51.66 58.66
C ILE P 91 41.13 -51.85 58.55
N GLN P 92 41.76 -51.12 57.64
CA GLN P 92 43.23 -51.19 57.50
C GLN P 92 43.93 -50.38 58.61
N LYS P 93 43.20 -49.47 59.23
CA LYS P 93 43.74 -48.70 60.35
C LYS P 93 43.63 -49.51 61.66
N LEU P 94 42.79 -50.55 61.63
CA LEU P 94 42.71 -51.50 62.73
C LEU P 94 43.90 -52.48 62.64
N GLN P 95 44.40 -52.70 61.42
CA GLN P 95 45.56 -53.55 61.18
C GLN P 95 46.85 -52.82 61.53
N LYS P 96 46.77 -51.50 61.56
CA LYS P 96 47.85 -50.65 62.03
C LYS P 96 47.68 -50.45 63.52
N GLN P 97 46.70 -51.16 64.08
CA GLN P 97 46.38 -51.09 65.51
C GLN P 97 46.69 -52.40 66.27
N THR P 98 46.00 -53.50 65.92
CA THR P 98 46.22 -54.80 66.54
C THR P 98 47.12 -55.76 65.75
N ASP P 99 47.66 -55.28 64.63
CA ASP P 99 48.33 -56.12 63.62
C ASP P 99 47.40 -57.15 62.97
N LEU P 100 47.88 -58.37 62.78
CA LEU P 100 47.20 -59.41 61.99
C LEU P 100 47.03 -59.04 60.49
N GLU P 101 45.77 -58.99 60.03
CA GLU P 101 45.33 -58.79 58.62
C GLU P 101 45.81 -59.81 57.58
N LEU P 102 46.08 -59.32 56.36
CA LEU P 102 46.48 -60.17 55.22
C LEU P 102 47.15 -59.39 54.08
N SER P 103 47.93 -60.06 53.25
CA SER P 103 48.49 -59.44 52.04
C SER P 103 47.37 -59.32 51.01
N PRO P 104 47.37 -58.24 50.20
CA PRO P 104 46.32 -58.13 49.18
C PRO P 104 46.42 -59.26 48.16
N LEU P 105 45.26 -59.77 47.75
CA LEU P 105 45.19 -60.80 46.73
C LEU P 105 45.67 -60.20 45.40
N THR P 106 45.99 -61.04 44.43
CA THR P 106 46.24 -60.57 43.06
C THR P 106 44.98 -59.97 42.46
N LYS P 107 43.91 -60.76 42.47
CA LYS P 107 42.60 -60.36 41.96
C LYS P 107 42.09 -59.11 42.68
N GLU P 108 42.29 -59.06 44.01
CA GLU P 108 41.95 -57.88 44.81
C GLU P 108 42.69 -56.63 44.34
N GLU P 109 44.02 -56.71 44.28
CA GLU P 109 44.85 -55.57 43.94
C GLU P 109 44.73 -55.12 42.48
N LYS P 110 44.40 -56.05 41.58
CA LYS P 110 44.28 -55.72 40.16
C LYS P 110 42.95 -55.02 39.87
N THR P 111 41.88 -55.48 40.53
CA THR P 111 40.55 -54.91 40.31
C THR P 111 40.14 -53.85 41.36
N ALA P 112 41.04 -53.58 42.31
CA ALA P 112 40.94 -52.38 43.15
C ALA P 112 41.67 -51.23 42.45
N ALA P 113 42.45 -51.56 41.43
CA ALA P 113 43.10 -50.55 40.60
C ALA P 113 42.11 -50.00 39.57
N GLU P 114 40.93 -50.61 39.51
CA GLU P 114 39.82 -50.08 38.72
C GLU P 114 39.04 -49.05 39.55
N GLN P 115 39.50 -48.79 40.77
CA GLN P 115 38.89 -47.76 41.59
C GLN P 115 39.60 -46.42 41.34
N GLY Q 1 -9.88 17.84 -28.85
CA GLY Q 1 -11.03 17.39 -29.63
C GLY Q 1 -11.99 16.30 -29.10
N HIS Q 2 -13.29 16.59 -29.05
CA HIS Q 2 -14.36 15.73 -28.48
C HIS Q 2 -14.43 15.51 -26.96
N MET Q 3 -14.31 14.27 -26.48
CA MET Q 3 -14.28 14.02 -25.05
C MET Q 3 -13.18 14.80 -24.42
N GLU Q 4 -12.05 14.81 -25.09
CA GLU Q 4 -10.94 15.63 -24.63
C GLU Q 4 -11.42 17.08 -24.47
N ALA Q 5 -12.20 17.54 -25.43
CA ALA Q 5 -12.70 18.91 -25.40
C ALA Q 5 -13.64 19.06 -24.22
N GLU Q 6 -14.47 18.04 -24.00
CA GLU Q 6 -15.41 18.07 -22.88
C GLU Q 6 -14.63 18.18 -21.57
N VAL Q 7 -13.65 17.32 -21.43
CA VAL Q 7 -12.78 17.37 -20.27
C VAL Q 7 -12.10 18.73 -20.13
N ASP Q 8 -11.60 19.30 -21.23
CA ASP Q 8 -11.01 20.64 -21.17
C ASP Q 8 -11.96 21.62 -20.48
N LYS Q 9 -13.26 21.42 -20.71
CA LYS Q 9 -14.30 22.27 -20.12
C LYS Q 9 -14.37 22.02 -18.62
N LEU Q 10 -14.53 20.76 -18.25
CA LEU Q 10 -14.60 20.33 -16.85
C LEU Q 10 -13.44 20.90 -16.05
N GLU Q 11 -12.21 20.66 -16.49
CA GLU Q 11 -11.05 21.31 -15.92
C GLU Q 11 -11.23 22.84 -15.84
N LEU Q 12 -11.77 23.45 -16.88
CA LEU Q 12 -11.95 24.90 -16.83
C LEU Q 12 -12.89 25.28 -15.70
N MET Q 13 -14.00 24.55 -15.59
CA MET Q 13 -14.96 24.79 -14.53
C MET Q 13 -14.33 24.68 -13.14
N PHE Q 14 -13.67 23.56 -12.85
CA PHE Q 14 -13.00 23.33 -11.57
C PHE Q 14 -12.11 24.53 -11.23
N GLN Q 15 -11.34 25.00 -12.21
CA GLN Q 15 -10.42 26.10 -12.00
C GLN Q 15 -11.15 27.35 -11.58
N LYS Q 16 -12.37 27.51 -12.09
CA LYS Q 16 -13.21 28.62 -11.72
C LYS Q 16 -13.65 28.43 -10.28
N ALA Q 17 -14.27 27.28 -10.00
CA ALA Q 17 -14.74 26.95 -8.67
C ALA Q 17 -13.65 27.26 -7.65
N GLU Q 18 -12.41 26.95 -7.99
CA GLU Q 18 -11.31 27.20 -7.08
C GLU Q 18 -11.13 28.70 -6.84
N SER Q 19 -11.05 29.49 -7.90
CA SER Q 19 -10.83 30.92 -7.74
C SER Q 19 -12.09 31.57 -7.20
N ASP Q 20 -13.22 30.87 -7.30
CA ASP Q 20 -14.45 31.33 -6.67
C ASP Q 20 -14.25 31.23 -5.15
N LEU Q 21 -13.97 30.01 -4.71
CA LEU Q 21 -13.70 29.72 -3.31
C LEU Q 21 -12.62 30.64 -2.81
N ASP Q 22 -11.53 30.70 -3.56
CA ASP Q 22 -10.41 31.61 -3.25
C ASP Q 22 -10.81 33.07 -3.02
N TYR Q 23 -11.82 33.55 -3.73
CA TYR Q 23 -12.24 34.94 -3.53
C TYR Q 23 -13.00 35.08 -2.22
N ILE Q 24 -14.01 34.22 -2.05
CA ILE Q 24 -14.84 34.20 -0.85
C ILE Q 24 -13.93 34.28 0.35
N GLN Q 25 -12.93 33.40 0.38
CA GLN Q 25 -11.91 33.41 1.41
C GLN Q 25 -11.22 34.77 1.50
N TYR Q 26 -10.74 35.26 0.35
CA TYR Q 26 -9.98 36.49 0.33
C TYR Q 26 -10.78 37.62 0.96
N ARG Q 27 -12.08 37.60 0.72
CA ARG Q 27 -12.93 38.64 1.26
C ARG Q 27 -13.06 38.51 2.77
N LEU Q 28 -13.43 37.32 3.24
CA LEU Q 28 -13.54 37.05 4.66
C LEU Q 28 -12.29 37.53 5.38
N GLU Q 29 -11.13 37.20 4.82
CA GLU Q 29 -9.87 37.64 5.38
C GLU Q 29 -9.75 39.17 5.39
N TYR Q 30 -10.31 39.81 4.36
CA TYR Q 30 -10.27 41.26 4.32
C TYR Q 30 -11.16 41.87 5.41
N GLU Q 31 -12.38 41.37 5.56
CA GLU Q 31 -13.28 41.88 6.58
C GLU Q 31 -12.63 41.79 7.95
N ILE Q 32 -12.18 40.60 8.29
CA ILE Q 32 -11.50 40.34 9.55
C ILE Q 32 -10.31 41.28 9.77
N LYS Q 33 -9.44 41.41 8.77
CA LYS Q 33 -8.25 42.26 8.89
C LYS Q 33 -8.57 43.76 8.74
N THR Q 34 -9.82 44.08 8.44
CA THR Q 34 -10.24 45.47 8.31
C THR Q 34 -10.48 46.11 9.67
N ASN Q 35 -11.50 45.59 10.37
CA ASN Q 35 -11.95 46.16 11.63
C ASN Q 35 -10.89 46.23 12.72
N HIS Q 36 -10.24 45.11 12.97
CA HIS Q 36 -9.28 45.01 14.06
C HIS Q 36 -7.84 45.03 13.56
N LYS Q 43 -9.02 37.01 22.15
CA LYS Q 43 -10.30 37.05 22.87
C LYS Q 43 -11.30 36.01 22.32
N ASN Q 44 -10.80 35.10 21.50
CA ASN Q 44 -11.60 34.24 20.63
C ASN Q 44 -12.02 32.90 21.27
N PRO Q 45 -12.72 32.00 20.52
CA PRO Q 45 -13.07 30.74 21.18
C PRO Q 45 -11.85 29.86 21.46
N VAL Q 46 -10.75 30.15 20.76
CA VAL Q 46 -9.54 29.36 20.90
C VAL Q 46 -9.03 29.29 22.34
N THR Q 47 -8.61 30.43 22.89
CA THR Q 47 -8.04 30.48 24.22
C THR Q 47 -9.11 30.14 25.25
N LEU Q 48 -10.37 30.33 24.88
CA LEU Q 48 -11.48 30.09 25.78
C LEU Q 48 -11.61 28.63 26.15
N LEU Q 49 -11.23 27.76 25.23
CA LEU Q 49 -11.24 26.33 25.52
C LEU Q 49 -10.15 25.93 26.54
N LYS Q 50 -8.95 26.48 26.32
CA LYS Q 50 -7.82 26.23 27.21
C LYS Q 50 -8.17 26.68 28.62
N GLU Q 51 -8.76 27.86 28.74
CA GLU Q 51 -9.17 28.38 30.02
C GLU Q 51 -10.23 27.50 30.66
N LEU Q 52 -11.18 27.01 29.87
CA LEU Q 52 -12.25 26.17 30.38
C LEU Q 52 -11.72 24.81 30.78
N SER Q 53 -10.60 24.43 30.20
CA SER Q 53 -9.92 23.23 30.67
C SER Q 53 -9.31 23.47 32.04
N VAL Q 54 -8.50 24.52 32.13
CA VAL Q 54 -7.89 24.94 33.39
C VAL Q 54 -8.91 25.03 34.56
N ILE Q 55 -9.99 25.77 34.33
CA ILE Q 55 -11.12 25.86 35.27
C ILE Q 55 -11.61 24.45 35.68
N LYS Q 56 -11.95 23.59 34.72
CA LYS Q 56 -12.44 22.26 35.07
C LYS Q 56 -11.41 21.44 35.86
N SER Q 57 -10.13 21.68 35.61
CA SER Q 57 -9.07 20.93 36.28
C SER Q 57 -9.02 21.33 37.74
N ARG Q 58 -8.86 22.63 38.02
CA ARG Q 58 -8.72 23.12 39.39
C ARG Q 58 -9.86 22.67 40.26
N TYR Q 59 -11.08 22.75 39.72
CA TYR Q 59 -12.25 22.24 40.43
C TYR Q 59 -12.19 20.71 40.58
N GLN Q 60 -11.65 20.02 39.58
CA GLN Q 60 -11.56 18.57 39.65
C GLN Q 60 -10.68 18.19 40.84
N THR Q 61 -9.59 18.95 41.00
CA THR Q 61 -8.59 18.71 42.04
C THR Q 61 -9.12 19.06 43.42
N LEU Q 62 -9.63 20.27 43.57
CA LEU Q 62 -10.05 20.74 44.89
C LEU Q 62 -11.07 19.79 45.50
N TYR Q 63 -12.09 19.40 44.76
CA TYR Q 63 -13.05 18.42 45.28
C TYR Q 63 -12.40 17.06 45.57
N ALA Q 64 -11.41 16.68 44.79
CA ALA Q 64 -10.79 15.38 44.98
C ALA Q 64 -9.91 15.41 46.23
N ARG Q 65 -9.33 16.58 46.48
CA ARG Q 65 -8.50 16.83 47.65
C ARG Q 65 -9.34 17.18 48.89
N PHE Q 66 -10.60 17.58 48.66
CA PHE Q 66 -11.57 17.84 49.72
C PHE Q 66 -12.19 16.54 50.23
N LYS Q 67 -12.48 15.64 49.30
CA LYS Q 67 -13.28 14.45 49.58
C LYS Q 67 -12.77 13.59 50.76
N PRO Q 68 -11.46 13.23 50.77
CA PRO Q 68 -10.89 12.51 51.91
C PRO Q 68 -10.72 13.34 53.19
N VAL Q 69 -10.29 14.59 53.04
CA VAL Q 69 -10.07 15.49 54.17
C VAL Q 69 -11.36 15.67 54.96
N ALA Q 70 -12.49 15.44 54.30
CA ALA Q 70 -13.80 15.53 54.95
C ALA Q 70 -14.30 14.21 55.54
N VAL Q 71 -13.63 13.10 55.25
CA VAL Q 71 -13.90 11.85 55.98
C VAL Q 71 -13.10 11.82 57.30
N GLU Q 72 -11.91 12.41 57.28
CA GLU Q 72 -11.07 12.55 58.47
C GLU Q 72 -11.85 13.28 59.54
N GLN Q 73 -12.42 14.43 59.17
CA GLN Q 73 -13.31 15.18 60.05
C GLN Q 73 -14.31 14.23 60.65
N LYS Q 74 -15.13 13.61 59.80
CA LYS Q 74 -16.22 12.74 60.22
C LYS Q 74 -15.79 11.67 61.23
N GLU Q 75 -14.64 11.02 61.01
CA GLU Q 75 -14.15 10.01 61.95
C GLU Q 75 -13.47 10.64 63.17
N SER Q 76 -12.60 11.61 62.92
CA SER Q 76 -11.93 12.35 63.99
C SER Q 76 -12.96 12.93 64.95
N LYS Q 77 -14.01 13.54 64.40
CA LYS Q 77 -15.09 14.07 65.23
C LYS Q 77 -15.71 12.98 66.10
N SER Q 78 -16.39 12.03 65.47
CA SER Q 78 -17.15 11.00 66.18
C SER Q 78 -16.32 10.18 67.16
N ARG Q 79 -15.02 10.08 66.91
CA ARG Q 79 -14.15 9.40 67.86
C ARG Q 79 -13.74 10.32 69.03
N ILE Q 80 -13.89 11.64 68.85
CA ILE Q 80 -13.62 12.60 69.91
C ILE Q 80 -14.79 12.71 70.87
N CYS Q 81 -15.98 12.73 70.30
CA CYS Q 81 -17.19 12.90 71.09
C CYS Q 81 -17.50 11.62 71.84
N ALA Q 82 -17.10 10.48 71.28
CA ALA Q 82 -17.29 9.19 71.92
C ALA Q 82 -16.24 8.97 73.01
N THR Q 83 -15.09 9.62 72.84
CA THR Q 83 -14.04 9.66 73.85
C THR Q 83 -14.47 10.54 75.01
N VAL Q 84 -14.95 11.73 74.67
CA VAL Q 84 -15.52 12.64 75.65
C VAL Q 84 -16.72 12.00 76.36
N LYS Q 85 -17.62 11.37 75.61
CA LYS Q 85 -18.77 10.72 76.22
C LYS Q 85 -18.33 9.59 77.16
N LYS Q 86 -17.18 8.98 76.87
CA LYS Q 86 -16.60 7.94 77.73
C LYS Q 86 -15.92 8.50 79.01
N THR Q 87 -15.04 9.47 78.83
CA THR Q 87 -14.41 10.13 79.97
C THR Q 87 -15.45 10.74 80.92
N MET Q 88 -16.44 11.43 80.35
CA MET Q 88 -17.46 12.14 81.15
C MET Q 88 -18.28 11.18 82.01
N ASN Q 89 -18.50 9.97 81.50
CA ASN Q 89 -19.28 8.97 82.22
C ASN Q 89 -18.45 8.10 83.18
N MET Q 90 -17.13 8.16 83.07
CA MET Q 90 -16.28 7.41 83.98
C MET Q 90 -16.12 8.12 85.31
N ILE Q 91 -16.21 9.45 85.26
CA ILE Q 91 -16.16 10.26 86.47
C ILE Q 91 -17.46 10.07 87.28
N GLN Q 92 -18.58 9.91 86.57
CA GLN Q 92 -19.86 9.67 87.22
C GLN Q 92 -19.92 8.29 87.88
N LYS Q 93 -19.03 7.39 87.45
CA LYS Q 93 -18.86 6.10 88.11
C LYS Q 93 -17.98 6.21 89.35
N LEU Q 94 -16.84 6.88 89.21
CA LEU Q 94 -15.96 7.08 90.37
C LEU Q 94 -16.70 7.92 91.44
N GLN Q 95 -17.52 8.85 90.99
CA GLN Q 95 -18.33 9.67 91.91
C GLN Q 95 -19.23 8.84 92.80
N LYS Q 96 -19.86 7.82 92.21
CA LYS Q 96 -20.74 6.93 92.97
C LYS Q 96 -19.96 6.17 94.04
N GLN Q 97 -18.82 5.62 93.65
CA GLN Q 97 -17.95 4.87 94.58
C GLN Q 97 -17.46 5.75 95.73
N THR Q 98 -17.08 6.98 95.42
CA THR Q 98 -16.60 7.91 96.44
C THR Q 98 -17.44 9.17 96.48
N ASP Q 99 -18.25 10.64 99.29
CA ASP Q 99 -19.01 11.31 98.23
C ASP Q 99 -18.31 12.58 97.79
N LEU Q 100 -18.14 12.75 96.48
CA LEU Q 100 -17.53 13.95 95.93
C LEU Q 100 -18.20 14.33 94.62
N GLU Q 101 -18.52 15.61 94.45
CA GLU Q 101 -19.03 16.09 93.16
C GLU Q 101 -18.94 17.60 92.96
N LEU Q 102 -19.06 18.05 91.71
CA LEU Q 102 -19.34 19.45 91.39
C LEU Q 102 -20.48 19.52 90.37
N SER Q 103 -20.90 20.72 89.99
CA SER Q 103 -22.03 20.87 89.08
C SER Q 103 -21.48 21.39 87.76
N PRO Q 104 -22.17 21.08 86.64
CA PRO Q 104 -21.75 21.55 85.31
C PRO Q 104 -22.15 23.01 85.10
N LEU Q 105 -21.33 23.77 84.39
CA LEU Q 105 -21.55 25.21 84.25
C LEU Q 105 -22.75 25.50 83.34
N THR Q 106 -22.99 26.78 83.10
CA THR Q 106 -24.02 27.20 82.15
C THR Q 106 -23.56 26.89 80.73
N LYS Q 107 -22.28 27.15 80.46
CA LYS Q 107 -21.70 26.90 79.14
C LYS Q 107 -21.49 25.41 78.93
N GLU Q 108 -21.40 24.69 80.05
CA GLU Q 108 -21.10 23.26 80.04
C GLU Q 108 -22.30 22.42 79.62
N GLU Q 109 -23.48 22.79 80.11
CA GLU Q 109 -24.70 22.05 79.81
C GLU Q 109 -25.01 22.12 78.33
N LYS Q 110 -25.04 23.34 77.78
CA LYS Q 110 -25.34 23.55 76.36
C LYS Q 110 -24.45 22.67 75.48
N THR Q 111 -23.14 22.72 75.72
CA THR Q 111 -22.18 21.97 74.92
C THR Q 111 -22.40 20.46 75.00
N ALA Q 112 -22.53 19.93 76.20
CA ALA Q 112 -22.68 18.49 76.42
C ALA Q 112 -23.85 17.86 75.65
N ALA Q 113 -24.98 18.56 75.62
CA ALA Q 113 -26.18 18.04 74.95
C ALA Q 113 -25.98 17.93 73.43
N GLU Q 114 -25.00 18.67 72.92
CA GLU Q 114 -24.66 18.61 71.50
C GLU Q 114 -23.94 17.29 71.16
N GLN Q 115 -23.53 16.59 72.22
CA GLN Q 115 -23.03 15.22 72.13
C GLN Q 115 -24.17 14.25 72.47
N MET R 3 -4.38 -5.81 32.21
CA MET R 3 -3.72 -6.06 30.92
C MET R 3 -2.82 -4.91 30.56
N GLU R 4 -3.26 -3.70 30.83
CA GLU R 4 -2.40 -2.56 30.59
C GLU R 4 -1.17 -2.75 31.46
N ALA R 5 -1.37 -3.26 32.66
CA ALA R 5 -0.25 -3.50 33.56
C ALA R 5 0.64 -4.58 32.97
N GLU R 6 0.02 -5.65 32.47
CA GLU R 6 0.77 -6.73 31.86
C GLU R 6 1.62 -6.20 30.74
N VAL R 7 1.01 -5.46 29.82
CA VAL R 7 1.73 -4.81 28.74
C VAL R 7 2.87 -3.92 29.25
N ASP R 8 2.64 -3.18 30.33
CA ASP R 8 3.69 -2.32 30.85
C ASP R 8 4.93 -3.16 31.15
N LYS R 9 4.69 -4.40 31.55
CA LYS R 9 5.76 -5.34 31.86
C LYS R 9 6.49 -5.75 30.58
N LEU R 10 5.72 -6.23 29.62
CA LEU R 10 6.23 -6.63 28.31
C LEU R 10 7.11 -5.53 27.74
N GLU R 11 6.58 -4.31 27.64
CA GLU R 11 7.39 -3.17 27.23
C GLU R 11 8.65 -3.05 28.07
N LEU R 12 8.53 -3.25 29.37
CA LEU R 12 9.72 -3.16 30.21
C LEU R 12 10.76 -4.21 29.80
N MET R 13 10.31 -5.45 29.62
CA MET R 13 11.18 -6.53 29.21
C MET R 13 11.90 -6.19 27.90
N PHE R 14 11.16 -5.82 26.85
CA PHE R 14 11.74 -5.46 25.56
C PHE R 14 12.86 -4.45 25.75
N GLN R 15 12.60 -3.43 26.58
CA GLN R 15 13.58 -2.36 26.79
C GLN R 15 14.85 -2.92 27.38
N LYS R 16 14.70 -3.95 28.21
CA LYS R 16 15.84 -4.63 28.80
C LYS R 16 16.59 -5.34 27.70
N ALA R 17 15.88 -6.22 26.98
CA ALA R 17 16.46 -6.99 25.90
C ALA R 17 17.25 -6.07 25.00
N GLU R 18 16.76 -4.86 24.79
CA GLU R 18 17.46 -3.94 23.92
C GLU R 18 18.79 -3.50 24.52
N SER R 19 18.75 -3.09 25.79
CA SER R 19 19.97 -2.65 26.46
C SER R 19 20.90 -3.81 26.77
N ASP R 20 20.36 -5.03 26.77
CA ASP R 20 21.15 -6.24 26.81
C ASP R 20 21.99 -6.35 25.54
N LEU R 21 21.28 -6.42 24.41
CA LEU R 21 21.89 -6.44 23.10
C LEU R 21 22.86 -5.29 22.95
N ASP R 22 22.39 -4.09 23.28
CA ASP R 22 23.24 -2.90 23.26
C ASP R 22 24.57 -3.07 24.00
N TYR R 23 24.56 -3.77 25.13
CA TYR R 23 25.81 -3.97 25.88
C TYR R 23 26.74 -4.92 25.16
N ILE R 24 26.21 -6.09 24.79
CA ILE R 24 26.95 -7.11 24.09
C ILE R 24 27.73 -6.45 22.97
N GLN R 25 27.01 -5.68 22.17
CA GLN R 25 27.58 -4.88 21.11
C GLN R 25 28.66 -3.93 21.62
N TYR R 26 28.33 -3.14 22.64
CA TYR R 26 29.30 -2.22 23.21
C TYR R 26 30.63 -2.89 23.62
N ARG R 27 30.52 -4.11 24.13
CA ARG R 27 31.69 -4.83 24.53
C ARG R 27 32.50 -5.27 23.33
N LEU R 28 31.86 -5.94 22.39
CA LEU R 28 32.53 -6.34 21.16
C LEU R 28 33.29 -5.18 20.53
N GLU R 29 32.66 -4.02 20.53
CA GLU R 29 33.28 -2.82 19.98
C GLU R 29 34.49 -2.43 20.81
N TYR R 30 34.39 -2.60 22.12
CA TYR R 30 35.51 -2.29 22.99
C TYR R 30 36.67 -3.28 22.72
N GLU R 31 36.32 -4.56 22.56
CA GLU R 31 37.30 -5.62 22.30
C GLU R 31 38.07 -5.45 20.99
N ILE R 32 37.39 -5.07 19.91
CA ILE R 32 38.09 -4.81 18.66
C ILE R 32 38.96 -3.56 18.75
N LYS R 33 38.49 -2.58 19.51
CA LYS R 33 39.12 -1.27 19.51
C LYS R 33 40.35 -1.23 20.43
N THR R 34 40.64 -2.36 21.08
CA THR R 34 41.89 -2.51 21.85
C THR R 34 42.84 -3.55 21.23
N ASN R 35 42.38 -4.80 21.15
CA ASN R 35 43.21 -5.88 20.60
C ASN R 35 43.30 -5.88 19.08
N HIS R 36 44.52 -5.74 18.55
CA HIS R 36 44.77 -5.82 17.12
C HIS R 36 45.81 -6.88 16.82
N LYS R 43 44.36 -7.61 6.41
CA LYS R 43 43.17 -6.79 6.68
C LYS R 43 41.89 -7.63 6.71
N ASN R 44 40.76 -6.98 6.46
CA ASN R 44 39.45 -7.62 6.64
C ASN R 44 39.23 -8.75 5.64
N PRO R 45 38.12 -9.48 5.79
CA PRO R 45 37.60 -10.25 4.65
C PRO R 45 37.03 -9.29 3.61
N VAL R 46 36.76 -8.05 4.02
CA VAL R 46 36.16 -7.05 3.15
C VAL R 46 36.97 -6.83 1.87
N THR R 47 38.18 -6.28 2.01
CA THR R 47 39.03 -6.01 0.84
C THR R 47 39.43 -7.29 0.13
N LEU R 48 39.43 -8.39 0.87
CA LEU R 48 39.83 -9.67 0.32
C LEU R 48 38.90 -10.14 -0.80
N LEU R 49 37.63 -9.78 -0.70
CA LEU R 49 36.70 -10.15 -1.72
C LEU R 49 36.96 -9.35 -2.99
N LYS R 50 37.19 -8.06 -2.84
CA LYS R 50 37.48 -7.19 -3.98
C LYS R 50 38.72 -7.67 -4.72
N GLU R 51 39.74 -8.05 -3.96
CA GLU R 51 40.97 -8.58 -4.56
C GLU R 51 40.72 -9.89 -5.28
N LEU R 52 39.93 -10.77 -4.68
CA LEU R 52 39.62 -12.05 -5.30
C LEU R 52 38.78 -11.87 -6.58
N SER R 53 38.16 -10.69 -6.70
CA SER R 53 37.52 -10.29 -7.93
C SER R 53 38.53 -9.75 -8.96
N VAL R 54 39.38 -8.82 -8.56
CA VAL R 54 40.43 -8.29 -9.43
C VAL R 54 41.26 -9.43 -10.04
N ILE R 55 41.50 -10.46 -9.23
CA ILE R 55 42.16 -11.66 -9.69
C ILE R 55 41.25 -12.42 -10.65
N LYS R 56 40.01 -12.67 -10.25
CA LYS R 56 39.07 -13.38 -11.11
C LYS R 56 38.95 -12.71 -12.48
N SER R 57 39.03 -11.39 -12.51
CA SER R 57 38.93 -10.68 -13.79
C SER R 57 40.20 -10.83 -14.62
N ARG R 58 41.35 -10.54 -14.01
CA ARG R 58 42.63 -10.48 -14.73
C ARG R 58 42.99 -11.80 -15.39
N TYR R 59 42.58 -12.90 -14.76
CA TYR R 59 42.82 -14.23 -15.29
C TYR R 59 41.90 -14.49 -16.46
N GLN R 60 40.63 -14.11 -16.32
CA GLN R 60 39.66 -14.32 -17.39
C GLN R 60 40.12 -13.60 -18.64
N THR R 61 40.61 -12.37 -18.43
CA THR R 61 41.07 -11.54 -19.52
C THR R 61 42.28 -12.15 -20.20
N LEU R 62 43.29 -12.50 -19.42
CA LEU R 62 44.55 -12.93 -20.01
C LEU R 62 44.36 -14.23 -20.76
N TYR R 63 43.45 -15.06 -20.30
CA TYR R 63 43.12 -16.29 -20.99
C TYR R 63 42.39 -15.99 -22.30
N ALA R 64 41.66 -14.89 -22.31
CA ALA R 64 40.87 -14.56 -23.49
C ALA R 64 41.72 -13.95 -24.58
N ARG R 65 42.89 -13.43 -24.21
CA ARG R 65 43.84 -12.95 -25.21
C ARG R 65 44.92 -13.99 -25.50
N PHE R 66 44.92 -15.09 -24.76
CA PHE R 66 45.71 -16.25 -25.11
C PHE R 66 45.00 -17.06 -26.17
N LYS R 67 43.73 -17.36 -25.90
CA LYS R 67 42.99 -18.35 -26.68
C LYS R 67 43.01 -18.17 -28.21
N PRO R 68 42.88 -16.92 -28.70
CA PRO R 68 43.06 -16.63 -30.13
C PRO R 68 44.50 -16.72 -30.64
N VAL R 69 45.48 -16.26 -29.86
CA VAL R 69 46.85 -16.26 -30.33
C VAL R 69 47.32 -17.69 -30.51
N ALA R 70 46.74 -18.59 -29.71
CA ALA R 70 47.15 -19.99 -29.69
C ALA R 70 46.57 -20.76 -30.86
N VAL R 71 45.46 -20.30 -31.40
CA VAL R 71 44.95 -20.89 -32.63
C VAL R 71 45.66 -20.30 -33.87
N GLU R 72 45.95 -19.00 -33.84
CA GLU R 72 46.69 -18.35 -34.91
C GLU R 72 48.08 -18.96 -35.06
N GLN R 73 48.69 -19.37 -33.95
CA GLN R 73 49.94 -20.08 -34.04
C GLN R 73 49.71 -21.42 -34.73
N LYS R 74 48.67 -22.14 -34.30
CA LYS R 74 48.37 -23.47 -34.86
C LYS R 74 48.04 -23.42 -36.35
N GLU R 75 47.29 -22.40 -36.76
CA GLU R 75 47.07 -22.19 -38.19
C GLU R 75 48.41 -21.90 -38.85
N SER R 76 49.13 -20.92 -38.30
CA SER R 76 50.43 -20.50 -38.80
C SER R 76 51.45 -21.65 -38.88
N LYS R 77 51.35 -22.61 -37.97
CA LYS R 77 52.20 -23.81 -38.03
C LYS R 77 51.69 -24.82 -39.04
N SER R 78 50.39 -25.13 -38.99
CA SER R 78 49.79 -26.12 -39.87
C SER R 78 50.10 -25.80 -41.33
N ARG R 79 50.05 -24.50 -41.64
CA ARG R 79 50.29 -23.99 -42.98
C ARG R 79 51.75 -24.12 -43.40
N ILE R 80 52.66 -23.56 -42.60
CA ILE R 80 54.09 -23.61 -42.92
C ILE R 80 54.52 -25.07 -43.05
N CYS R 81 53.79 -25.94 -42.37
CA CYS R 81 54.04 -27.38 -42.39
C CYS R 81 53.54 -28.05 -43.67
N ALA R 82 52.44 -27.54 -44.24
CA ALA R 82 51.96 -28.07 -45.51
C ALA R 82 52.93 -27.74 -46.64
N THR R 83 53.31 -26.46 -46.74
CA THR R 83 54.11 -25.97 -47.87
C THR R 83 55.52 -26.56 -47.93
N VAL R 84 56.14 -26.76 -46.77
CA VAL R 84 57.44 -27.44 -46.72
C VAL R 84 57.29 -28.93 -47.06
N LYS R 85 56.15 -29.52 -46.68
CA LYS R 85 55.86 -30.92 -46.96
C LYS R 85 55.74 -31.18 -48.45
N LYS R 86 55.20 -30.21 -49.17
CA LYS R 86 55.16 -30.29 -50.62
C LYS R 86 56.58 -30.20 -51.17
N THR R 87 57.40 -29.34 -50.55
CA THR R 87 58.78 -29.15 -50.99
C THR R 87 59.61 -30.43 -50.89
N MET R 88 59.52 -31.10 -49.75
CA MET R 88 60.26 -32.34 -49.52
C MET R 88 59.78 -33.46 -50.42
N ASN R 89 58.47 -33.49 -50.66
CA ASN R 89 57.88 -34.48 -51.53
C ASN R 89 58.32 -34.28 -52.97
N MET R 90 58.49 -33.01 -53.34
CA MET R 90 58.87 -32.63 -54.69
C MET R 90 60.34 -32.94 -54.97
N ILE R 91 61.17 -32.87 -53.92
CA ILE R 91 62.57 -33.28 -54.02
C ILE R 91 62.68 -34.81 -53.89
N GLN R 92 61.66 -35.44 -53.33
CA GLN R 92 61.65 -36.89 -53.17
C GLN R 92 61.29 -37.60 -54.49
N LYS R 93 60.33 -37.03 -55.22
CA LYS R 93 59.89 -37.57 -56.50
C LYS R 93 60.97 -37.44 -57.56
N LEU R 94 61.53 -36.23 -57.68
CA LEU R 94 62.59 -35.98 -58.66
C LEU R 94 63.90 -36.66 -58.27
N GLN R 95 63.97 -37.18 -57.05
CA GLN R 95 65.09 -38.02 -56.62
C GLN R 95 64.93 -39.43 -57.17
N LYS R 96 63.72 -39.98 -57.02
CA LYS R 96 63.41 -41.33 -57.50
C LYS R 96 63.63 -41.45 -59.00
N GLN R 97 63.37 -40.35 -59.72
CA GLN R 97 63.56 -40.29 -61.17
C GLN R 97 65.04 -40.15 -61.53
N THR R 98 65.85 -39.75 -60.55
CA THR R 98 67.29 -39.59 -60.76
C THR R 98 68.05 -40.72 -60.07
N SER R 103 71.19 -38.96 -47.32
CA SER R 103 70.70 -39.41 -46.00
C SER R 103 69.93 -38.28 -45.28
N PRO R 104 69.25 -38.62 -44.17
CA PRO R 104 68.80 -37.59 -43.20
C PRO R 104 69.92 -37.15 -42.25
N LEU R 105 69.91 -35.88 -41.85
CA LEU R 105 70.86 -35.38 -40.86
C LEU R 105 70.46 -35.89 -39.47
N THR R 106 71.16 -35.46 -38.43
CA THR R 106 70.68 -35.71 -37.07
C THR R 106 69.60 -34.68 -36.70
N LYS R 107 69.88 -33.41 -36.99
CA LYS R 107 68.94 -32.33 -36.74
C LYS R 107 67.72 -32.46 -37.64
N GLU R 108 67.96 -32.79 -38.92
CA GLU R 108 66.88 -33.03 -39.89
C GLU R 108 65.88 -34.07 -39.39
N GLU R 109 66.36 -35.02 -38.59
CA GLU R 109 65.48 -36.07 -38.05
C GLU R 109 64.65 -35.61 -36.85
N LYS R 110 65.28 -34.95 -35.88
CA LYS R 110 64.59 -34.54 -34.66
C LYS R 110 63.69 -33.31 -34.86
N THR R 111 64.13 -32.40 -35.71
CA THR R 111 63.35 -31.19 -35.99
C THR R 111 62.20 -31.44 -36.96
N ALA R 112 62.33 -32.47 -37.79
CA ALA R 112 61.21 -32.90 -38.65
C ALA R 112 60.39 -33.96 -37.95
N ALA R 113 60.74 -34.25 -36.69
CA ALA R 113 59.84 -34.96 -35.79
C ALA R 113 58.74 -33.98 -35.35
N GLU R 114 59.05 -32.69 -35.30
CA GLU R 114 58.05 -31.65 -35.02
C GLU R 114 56.92 -31.67 -36.05
N GLN R 115 57.26 -31.55 -37.33
CA GLN R 115 56.35 -31.86 -38.42
C GLN R 115 56.10 -33.37 -38.46
N PHE R 116 55.00 -33.79 -39.10
CA PHE R 116 54.71 -35.20 -39.34
C PHE R 116 54.82 -36.11 -38.10
N HIS S 2 23.67 -23.07 11.99
CA HIS S 2 23.36 -24.00 10.88
C HIS S 2 22.84 -23.52 9.47
N MET S 3 21.52 -23.47 9.23
CA MET S 3 20.96 -22.73 8.09
C MET S 3 21.44 -21.32 8.15
N GLU S 4 21.63 -20.82 9.35
CA GLU S 4 22.17 -19.50 9.52
C GLU S 4 23.54 -19.49 8.83
N ALA S 5 24.29 -20.58 8.99
CA ALA S 5 25.60 -20.69 8.38
C ALA S 5 25.44 -20.69 6.87
N GLU S 6 24.47 -21.46 6.38
CA GLU S 6 24.22 -21.51 4.94
C GLU S 6 23.94 -20.11 4.40
N VAL S 7 23.03 -19.41 5.05
CA VAL S 7 22.73 -18.03 4.70
C VAL S 7 23.98 -17.15 4.77
N ASP S 8 24.82 -17.33 5.77
CA ASP S 8 26.06 -16.55 5.86
C ASP S 8 26.85 -16.69 4.55
N LYS S 9 26.75 -17.87 3.95
CA LYS S 9 27.46 -18.17 2.71
C LYS S 9 26.82 -17.39 1.60
N LEU S 10 25.50 -17.56 1.45
CA LEU S 10 24.72 -16.86 0.43
C LEU S 10 25.02 -15.37 0.45
N GLU S 11 24.88 -14.74 1.61
CA GLU S 11 25.28 -13.34 1.76
C GLU S 11 26.71 -13.12 1.27
N LEU S 12 27.59 -14.04 1.59
CA LEU S 12 28.98 -13.84 1.19
C LEU S 12 29.06 -13.84 -0.34
N MET S 13 28.40 -14.79 -0.98
CA MET S 13 28.41 -14.89 -2.42
C MET S 13 27.87 -13.59 -3.06
N PHE S 14 26.69 -13.13 -2.65
CA PHE S 14 26.10 -11.89 -3.17
C PHE S 14 27.12 -10.76 -3.11
N GLN S 15 27.83 -10.68 -2.00
CA GLN S 15 28.75 -9.59 -1.78
C GLN S 15 29.85 -9.65 -2.82
N LYS S 16 30.19 -10.88 -3.20
CA LYS S 16 31.20 -11.12 -4.21
C LYS S 16 30.65 -10.64 -5.53
N ALA S 17 29.49 -11.20 -5.90
CA ALA S 17 28.83 -10.84 -7.16
C ALA S 17 28.80 -9.32 -7.30
N GLU S 18 28.54 -8.62 -6.21
CA GLU S 18 28.51 -7.17 -6.28
C GLU S 18 29.88 -6.59 -6.64
N SER S 19 30.92 -7.04 -5.97
CA SER S 19 32.24 -6.48 -6.20
C SER S 19 32.79 -6.98 -7.52
N ASP S 20 32.20 -8.08 -8.01
CA ASP S 20 32.50 -8.57 -9.36
C ASP S 20 31.99 -7.53 -10.37
N LEU S 21 30.68 -7.30 -10.30
CA LEU S 21 30.00 -6.33 -11.13
C LEU S 21 30.72 -4.99 -11.00
N ASP S 22 30.95 -4.57 -9.76
CA ASP S 22 31.64 -3.33 -9.49
C ASP S 22 32.98 -3.20 -10.22
N TYR S 23 33.70 -4.32 -10.39
CA TYR S 23 34.99 -4.27 -11.06
C TYR S 23 34.80 -4.08 -12.56
N ILE S 24 33.96 -4.93 -13.14
CA ILE S 24 33.66 -4.87 -14.55
C ILE S 24 33.38 -3.43 -14.92
N GLN S 25 32.47 -2.80 -14.17
CA GLN S 25 32.16 -1.39 -14.31
C GLN S 25 33.38 -0.50 -14.19
N TYR S 26 34.15 -0.68 -13.11
CA TYR S 26 35.35 0.11 -12.88
C TYR S 26 36.29 0.06 -14.07
N ARG S 27 36.37 -1.10 -14.70
CA ARG S 27 37.25 -1.25 -15.84
C ARG S 27 36.72 -0.48 -17.03
N LEU S 28 35.47 -0.73 -17.40
CA LEU S 28 34.84 -0.04 -18.51
C LEU S 28 35.05 1.46 -18.37
N GLU S 29 34.88 1.96 -17.16
CA GLU S 29 35.08 3.38 -16.88
C GLU S 29 36.52 3.78 -17.14
N TYR S 30 37.43 2.86 -16.84
CA TYR S 30 38.84 3.14 -17.04
C TYR S 30 39.21 3.18 -18.52
N GLU S 31 38.79 2.16 -19.29
CA GLU S 31 39.03 2.12 -20.74
C GLU S 31 38.46 3.39 -21.36
N ILE S 32 37.29 3.79 -20.84
CA ILE S 32 36.59 4.98 -21.30
C ILE S 32 37.36 6.26 -21.02
N LYS S 33 37.85 6.42 -19.80
CA LYS S 33 38.60 7.63 -19.47
C LYS S 33 39.83 7.76 -20.35
N THR S 34 40.50 6.65 -20.60
CA THR S 34 41.79 6.66 -21.30
C THR S 34 41.75 7.03 -22.80
N ASN S 35 40.56 6.94 -23.42
CA ASN S 35 40.40 7.30 -24.82
C ASN S 35 39.70 8.65 -25.02
N HIS S 36 40.48 9.63 -25.50
CA HIS S 36 39.98 10.97 -25.78
C HIS S 36 39.38 11.63 -24.52
N LYS S 43 30.80 13.59 -30.43
CA LYS S 43 29.71 12.90 -31.10
C LYS S 43 28.66 12.30 -30.11
N ASN S 44 28.66 10.97 -29.94
CA ASN S 44 27.76 10.20 -29.04
C ASN S 44 26.26 10.08 -29.44
N PRO S 45 25.59 8.95 -29.07
CA PRO S 45 24.20 8.81 -29.53
C PRO S 45 23.25 9.76 -28.82
N VAL S 46 23.66 10.24 -27.64
CA VAL S 46 22.81 11.12 -26.85
C VAL S 46 22.35 12.37 -27.61
N THR S 47 23.27 13.25 -27.97
CA THR S 47 22.91 14.49 -28.66
C THR S 47 22.37 14.19 -30.06
N LEU S 48 22.72 13.02 -30.59
CA LEU S 48 22.26 12.62 -31.91
C LEU S 48 20.75 12.45 -31.99
N LEU S 49 20.15 12.01 -30.90
CA LEU S 49 18.70 11.90 -30.86
C LEU S 49 18.03 13.27 -30.85
N LYS S 50 18.53 14.18 -30.03
CA LYS S 50 18.01 15.55 -29.98
C LYS S 50 18.09 16.21 -31.33
N GLU S 51 19.22 16.02 -32.02
CA GLU S 51 19.38 16.58 -33.35
C GLU S 51 18.38 15.97 -34.33
N LEU S 52 18.15 14.66 -34.18
CA LEU S 52 17.24 13.96 -35.09
C LEU S 52 15.79 14.33 -34.85
N SER S 53 15.47 14.79 -33.65
CA SER S 53 14.12 15.30 -33.43
C SER S 53 13.96 16.73 -33.91
N VAL S 54 15.02 17.52 -33.85
CA VAL S 54 14.98 18.88 -34.39
C VAL S 54 14.77 18.86 -35.90
N ILE S 55 15.45 17.94 -36.58
CA ILE S 55 15.23 17.83 -38.01
C ILE S 55 13.88 17.19 -38.29
N LYS S 56 13.58 16.02 -37.72
CA LYS S 56 12.35 15.32 -38.06
C LYS S 56 11.13 16.16 -37.77
N SER S 57 11.34 17.27 -37.06
CA SER S 57 10.27 18.22 -36.76
C SER S 57 10.20 19.25 -37.85
N ARG S 58 11.24 20.08 -37.96
CA ARG S 58 11.17 21.21 -38.89
C ARG S 58 11.13 20.82 -40.35
N TYR S 59 11.24 19.52 -40.62
CA TYR S 59 10.92 18.97 -41.93
C TYR S 59 9.43 19.02 -42.19
N GLN S 60 8.64 18.58 -41.22
CA GLN S 60 7.19 18.57 -41.35
C GLN S 60 6.60 19.97 -41.21
N THR S 61 7.29 20.81 -40.45
CA THR S 61 6.92 22.22 -40.38
C THR S 61 7.13 22.90 -41.74
N LEU S 62 8.31 22.70 -42.32
CA LEU S 62 8.66 23.32 -43.58
C LEU S 62 7.85 22.72 -44.73
N TYR S 63 7.40 21.49 -44.56
CA TYR S 63 6.53 20.86 -45.54
C TYR S 63 5.09 21.33 -45.38
N ALA S 64 4.76 21.80 -44.19
CA ALA S 64 3.42 22.37 -43.95
C ALA S 64 3.38 23.87 -44.12
N ARG S 65 4.53 24.52 -44.27
CA ARG S 65 4.58 25.89 -44.78
C ARG S 65 4.45 25.86 -46.29
N PHE S 66 4.62 24.65 -46.85
CA PHE S 66 4.66 24.43 -48.29
C PHE S 66 3.29 24.04 -48.85
N LYS S 67 2.74 22.94 -48.37
CA LYS S 67 1.53 22.34 -48.96
C LYS S 67 0.39 23.30 -49.43
N PRO S 68 0.08 24.38 -48.66
CA PRO S 68 -0.83 25.42 -49.19
C PRO S 68 -0.29 26.31 -50.31
N VAL S 69 0.94 26.80 -50.18
CA VAL S 69 1.51 27.69 -51.17
C VAL S 69 1.57 26.92 -52.48
N ALA S 70 1.70 25.61 -52.38
CA ALA S 70 1.69 24.74 -53.54
C ALA S 70 0.33 24.65 -54.22
N VAL S 71 -0.77 24.73 -53.49
CA VAL S 71 -2.09 24.77 -54.13
C VAL S 71 -2.68 26.17 -54.41
N GLU S 72 -2.14 27.19 -53.75
CA GLU S 72 -2.60 28.56 -53.97
C GLU S 72 -1.90 29.15 -55.19
N GLN S 73 -0.94 28.40 -55.70
CA GLN S 73 -0.31 28.70 -56.98
C GLN S 73 -1.21 28.15 -58.07
N LYS S 74 -1.67 26.91 -57.89
CA LYS S 74 -2.47 26.26 -58.93
C LYS S 74 -3.71 27.06 -59.17
N GLU S 75 -4.23 27.64 -58.09
CA GLU S 75 -5.34 28.57 -58.20
C GLU S 75 -4.92 29.68 -59.11
N SER S 76 -4.04 30.54 -58.61
CA SER S 76 -3.58 31.72 -59.36
C SER S 76 -3.14 31.35 -60.78
N LYS S 77 -2.61 30.15 -60.93
CA LYS S 77 -2.32 29.68 -62.27
C LYS S 77 -3.65 29.39 -62.97
N SER S 78 -4.36 28.33 -62.56
CA SER S 78 -5.55 27.91 -63.28
C SER S 78 -6.64 28.97 -63.38
N ARG S 79 -6.49 30.05 -62.61
CA ARG S 79 -7.34 31.21 -62.77
C ARG S 79 -6.84 32.15 -63.89
N ILE S 80 -5.54 32.46 -63.91
CA ILE S 80 -5.00 33.31 -64.98
C ILE S 80 -5.18 32.61 -66.33
N CYS S 81 -5.03 31.30 -66.31
CA CYS S 81 -5.17 30.47 -67.49
C CYS S 81 -6.62 30.46 -67.99
N ALA S 82 -7.56 30.81 -67.10
CA ALA S 82 -8.95 31.04 -67.53
C ALA S 82 -9.23 32.46 -68.07
N THR S 83 -8.70 33.49 -67.42
CA THR S 83 -8.85 34.87 -67.90
C THR S 83 -8.25 35.10 -69.31
N VAL S 84 -7.06 34.55 -69.56
CA VAL S 84 -6.42 34.74 -70.84
C VAL S 84 -7.11 33.94 -71.96
N LYS S 85 -7.58 32.73 -71.66
CA LYS S 85 -8.30 31.96 -72.68
C LYS S 85 -9.57 32.69 -73.13
N LYS S 86 -10.26 33.33 -72.18
CA LYS S 86 -11.41 34.15 -72.51
C LYS S 86 -11.01 35.43 -73.28
N THR S 87 -9.99 36.14 -72.81
CA THR S 87 -9.51 37.34 -73.49
C THR S 87 -9.01 36.98 -74.88
N MET S 88 -8.69 35.71 -75.09
CA MET S 88 -8.22 35.30 -76.41
C MET S 88 -9.33 35.05 -77.41
N ASN S 89 -10.45 34.52 -76.93
CA ASN S 89 -11.57 34.21 -77.81
C ASN S 89 -12.42 35.41 -78.25
N MET S 90 -12.42 36.49 -77.46
CA MET S 90 -13.04 37.74 -77.92
C MET S 90 -12.22 38.19 -79.12
N ILE S 91 -10.91 38.11 -79.01
CA ILE S 91 -10.05 38.56 -80.09
C ILE S 91 -10.12 37.65 -81.33
N GLN S 92 -10.44 36.37 -81.14
CA GLN S 92 -10.67 35.49 -82.30
C GLN S 92 -12.13 35.54 -82.79
N LYS S 93 -13.04 36.11 -82.00
CA LYS S 93 -14.37 36.43 -82.49
C LYS S 93 -14.34 37.76 -83.24
N LEU S 94 -13.60 38.73 -82.70
CA LEU S 94 -13.52 40.07 -83.28
C LEU S 94 -12.52 40.19 -84.44
N GLN S 95 -11.62 39.22 -84.60
CA GLN S 95 -10.79 39.14 -85.81
C GLN S 95 -11.61 38.56 -86.95
N LYS S 96 -12.34 37.49 -86.66
CA LYS S 96 -13.23 36.87 -87.64
C LYS S 96 -14.25 37.87 -88.17
N GLN S 97 -15.05 38.43 -87.27
CA GLN S 97 -16.12 39.37 -87.61
C GLN S 97 -15.63 40.45 -88.57
N THR S 98 -14.46 41.05 -88.28
CA THR S 98 -13.80 41.87 -89.28
C THR S 98 -12.30 41.58 -89.46
N ASP S 99 -11.94 40.99 -90.60
CA ASP S 99 -10.58 41.03 -91.20
C ASP S 99 -9.29 41.00 -90.31
N LEU S 100 -8.35 41.88 -90.67
CA LEU S 100 -7.01 41.98 -90.10
C LEU S 100 -6.16 40.69 -90.07
N GLU S 101 -5.31 40.53 -89.05
CA GLU S 101 -4.33 39.44 -88.99
C GLU S 101 -3.33 39.54 -87.83
N LEU S 102 -2.58 38.45 -87.59
CA LEU S 102 -1.24 38.41 -86.93
C LEU S 102 -0.81 36.96 -86.64
N SER S 103 0.44 36.71 -86.23
CA SER S 103 0.79 35.41 -85.63
C SER S 103 1.50 35.49 -84.24
N PRO S 104 1.28 34.48 -83.35
CA PRO S 104 1.95 34.58 -82.04
C PRO S 104 3.49 34.62 -82.09
N LEU S 105 4.10 34.06 -83.11
CA LEU S 105 5.55 34.25 -83.27
C LEU S 105 6.42 33.68 -82.14
N THR S 106 6.61 32.36 -82.12
CA THR S 106 7.60 31.69 -81.24
C THR S 106 7.36 31.93 -79.77
N LYS S 107 8.14 32.85 -79.23
CA LYS S 107 8.18 33.17 -77.81
C LYS S 107 6.77 33.17 -77.25
N GLU S 108 5.83 33.71 -78.00
CA GLU S 108 4.44 33.69 -77.57
C GLU S 108 3.82 32.28 -77.58
N GLU S 109 3.94 31.54 -78.67
CA GLU S 109 3.33 30.20 -78.71
C GLU S 109 4.09 29.21 -77.85
N LYS S 110 5.39 29.44 -77.68
CA LYS S 110 6.15 28.69 -76.72
C LYS S 110 5.42 28.74 -75.40
N THR S 111 5.17 29.96 -74.95
CA THR S 111 4.56 30.18 -73.66
C THR S 111 3.14 29.67 -73.60
N ALA S 112 2.52 29.54 -74.77
CA ALA S 112 1.17 29.04 -74.82
C ALA S 112 1.15 27.55 -74.46
N ALA S 113 2.28 26.87 -74.68
CA ALA S 113 2.37 25.47 -74.31
C ALA S 113 2.19 25.34 -72.81
N GLU S 114 2.76 26.31 -72.09
CA GLU S 114 2.65 26.36 -70.63
C GLU S 114 1.19 26.44 -70.20
N GLN S 115 0.42 27.27 -70.89
CA GLN S 115 -0.99 27.50 -70.51
C GLN S 115 -1.90 26.45 -71.11
N PHE S 116 -1.33 25.47 -71.80
CA PHE S 116 -2.10 24.31 -72.25
C PHE S 116 -1.37 23.00 -71.94
N HIS T 2 18.56 -11.54 -27.81
CA HIS T 2 17.43 -11.16 -28.68
C HIS T 2 16.27 -10.28 -28.11
N MET T 3 15.45 -10.82 -27.19
CA MET T 3 14.37 -10.03 -26.59
C MET T 3 14.97 -8.85 -25.90
N GLU T 4 16.14 -9.07 -25.32
CA GLU T 4 16.84 -7.99 -24.66
C GLU T 4 17.14 -6.95 -25.73
N ALA T 5 17.51 -7.42 -26.90
CA ALA T 5 17.84 -6.54 -28.00
C ALA T 5 16.57 -5.82 -28.40
N GLU T 6 15.46 -6.55 -28.46
CA GLU T 6 14.18 -5.94 -28.82
C GLU T 6 13.86 -4.81 -27.87
N VAL T 7 13.92 -5.13 -26.59
CA VAL T 7 13.70 -4.13 -25.57
C VAL T 7 14.64 -2.94 -25.72
N ASP T 8 15.89 -3.19 -26.08
CA ASP T 8 16.84 -2.10 -26.23
C ASP T 8 16.31 -1.13 -27.26
N LYS T 9 15.58 -1.66 -28.23
CA LYS T 9 14.99 -0.84 -29.29
C LYS T 9 13.84 -0.01 -28.73
N LEU T 10 12.90 -0.68 -28.10
CA LEU T 10 11.75 -0.05 -27.47
C LEU T 10 12.19 1.12 -26.58
N GLU T 11 13.09 0.86 -25.65
CA GLU T 11 13.69 1.94 -24.87
C GLU T 11 14.22 3.04 -25.78
N LEU T 12 14.86 2.67 -26.88
CA LEU T 12 15.46 3.68 -27.73
C LEU T 12 14.34 4.54 -28.29
N MET T 13 13.29 3.88 -28.75
CA MET T 13 12.15 4.59 -29.32
C MET T 13 11.55 5.57 -28.32
N PHE T 14 11.25 5.10 -27.10
CA PHE T 14 10.67 5.94 -26.05
C PHE T 14 11.51 7.18 -25.86
N GLN T 15 12.82 7.00 -25.89
CA GLN T 15 13.73 8.11 -25.64
C GLN T 15 13.59 9.15 -26.72
N LYS T 16 13.33 8.66 -27.93
CA LYS T 16 13.11 9.54 -29.06
C LYS T 16 11.80 10.30 -28.85
N ALA T 17 10.72 9.56 -28.65
CA ALA T 17 9.41 10.13 -28.39
C ALA T 17 9.54 11.25 -27.38
N GLU T 18 10.32 11.04 -26.33
CA GLU T 18 10.48 12.06 -25.31
C GLU T 18 11.16 13.30 -25.86
N SER T 19 12.26 13.15 -26.59
CA SER T 19 12.96 14.31 -27.12
C SER T 19 12.18 14.93 -28.26
N ASP T 20 11.25 14.15 -28.82
CA ASP T 20 10.32 14.66 -29.83
C ASP T 20 9.42 15.67 -29.11
N LEU T 21 8.71 15.15 -28.11
CA LEU T 21 7.81 15.96 -27.31
C LEU T 21 8.55 17.16 -26.77
N ASP T 22 9.72 16.92 -26.20
CA ASP T 22 10.57 17.98 -25.68
C ASP T 22 10.84 19.08 -26.68
N TYR T 23 10.98 18.74 -27.97
CA TYR T 23 11.25 19.77 -28.98
C TYR T 23 10.02 20.60 -29.22
N ILE T 24 8.92 19.91 -29.50
CA ILE T 24 7.65 20.55 -29.74
C ILE T 24 7.42 21.63 -28.69
N GLN T 25 7.56 21.22 -27.44
CA GLN T 25 7.48 22.14 -26.32
C GLN T 25 8.49 23.28 -26.43
N TYR T 26 9.75 22.94 -26.66
CA TYR T 26 10.80 23.94 -26.74
C TYR T 26 10.41 25.02 -27.73
N ARG T 27 9.80 24.60 -28.84
CA ARG T 27 9.44 25.52 -29.90
C ARG T 27 8.31 26.43 -29.45
N LEU T 28 7.23 25.83 -28.96
CA LEU T 28 6.09 26.60 -28.45
C LEU T 28 6.58 27.66 -27.49
N GLU T 29 7.51 27.28 -26.63
CA GLU T 29 8.07 28.22 -25.67
C GLU T 29 8.85 29.32 -26.38
N TYR T 30 9.52 28.97 -27.46
CA TYR T 30 10.27 29.97 -28.21
C TYR T 30 9.31 30.94 -28.88
N GLU T 31 8.25 30.40 -29.48
CA GLU T 31 7.23 31.23 -30.09
C GLU T 31 6.74 32.24 -29.06
N ILE T 32 6.21 31.74 -27.94
CA ILE T 32 5.68 32.60 -26.89
C ILE T 32 6.64 33.70 -26.45
N LYS T 33 7.87 33.34 -26.08
CA LYS T 33 8.83 34.36 -25.66
C LYS T 33 9.19 35.37 -26.77
N THR T 34 8.89 35.04 -28.02
CA THR T 34 9.29 35.92 -29.12
C THR T 34 8.36 37.12 -29.36
N ASN T 35 7.17 36.86 -29.91
CA ASN T 35 6.20 37.93 -30.06
C ASN T 35 5.63 38.25 -28.70
N HIS T 36 5.78 39.51 -28.28
CA HIS T 36 5.40 39.97 -26.95
C HIS T 36 6.22 39.27 -25.86
N ASN T 44 -4.70 35.75 -21.88
CA ASN T 44 -4.43 35.64 -20.45
C ASN T 44 -5.62 35.11 -19.63
N PRO T 45 -6.21 33.95 -20.03
CA PRO T 45 -7.46 33.45 -19.43
C PRO T 45 -7.35 33.26 -17.94
N VAL T 46 -6.11 33.17 -17.45
CA VAL T 46 -5.85 32.94 -16.04
C VAL T 46 -6.51 33.99 -15.14
N THR T 47 -6.07 35.25 -15.23
CA THR T 47 -6.62 36.31 -14.39
C THR T 47 -8.08 36.57 -14.71
N LEU T 48 -8.48 36.24 -15.94
CA LEU T 48 -9.86 36.42 -16.38
C LEU T 48 -10.87 35.61 -15.58
N LEU T 49 -10.45 34.43 -15.13
CA LEU T 49 -11.29 33.61 -14.27
C LEU T 49 -11.50 34.27 -12.91
N LYS T 50 -10.41 34.74 -12.31
CA LYS T 50 -10.46 35.40 -11.02
C LYS T 50 -11.39 36.62 -11.06
N GLU T 51 -11.26 37.40 -12.12
CA GLU T 51 -12.10 38.58 -12.28
C GLU T 51 -13.56 38.19 -12.46
N LEU T 52 -13.81 37.13 -13.22
CA LEU T 52 -15.18 36.66 -13.44
C LEU T 52 -15.75 36.10 -12.16
N SER T 53 -14.84 35.71 -11.28
CA SER T 53 -15.18 35.47 -9.90
C SER T 53 -15.37 36.77 -9.12
N VAL T 54 -14.41 37.69 -9.23
CA VAL T 54 -14.56 39.03 -8.63
C VAL T 54 -15.88 39.73 -8.97
N ILE T 55 -16.34 39.65 -10.20
CA ILE T 55 -17.60 40.29 -10.48
C ILE T 55 -18.78 39.45 -9.96
N LYS T 56 -18.82 38.15 -10.29
CA LYS T 56 -19.94 37.31 -9.87
C LYS T 56 -20.18 37.49 -8.39
N SER T 57 -19.10 37.66 -7.63
CA SER T 57 -19.17 38.00 -6.21
C SER T 57 -19.56 39.47 -6.04
N ARG T 58 -18.70 40.39 -6.51
CA ARG T 58 -18.96 41.84 -6.34
C ARG T 58 -20.40 42.20 -6.66
N TYR T 59 -20.94 41.64 -7.74
CA TYR T 59 -22.36 41.79 -8.09
C TYR T 59 -23.35 41.29 -7.06
N GLN T 60 -23.31 39.98 -6.78
CA GLN T 60 -24.43 39.36 -6.10
C GLN T 60 -24.40 39.53 -4.58
N THR T 61 -23.36 40.19 -4.11
CA THR T 61 -23.38 40.76 -2.78
C THR T 61 -24.21 42.02 -2.83
N LEU T 62 -23.92 42.87 -3.82
CA LEU T 62 -24.63 44.11 -4.02
C LEU T 62 -26.13 43.85 -4.19
N TYR T 63 -26.47 42.70 -4.77
CA TYR T 63 -27.86 42.33 -4.92
C TYR T 63 -28.45 41.94 -3.58
N ALA T 64 -27.66 41.25 -2.77
CA ALA T 64 -28.17 40.81 -1.47
C ALA T 64 -28.11 41.95 -0.46
N ARG T 65 -27.38 43.00 -0.81
CA ARG T 65 -27.34 44.23 -0.01
C ARG T 65 -28.54 45.12 -0.32
N PHE T 66 -29.00 45.04 -1.57
CA PHE T 66 -30.12 45.82 -2.12
C PHE T 66 -31.46 45.29 -1.66
N LYS T 67 -31.65 43.97 -1.75
CA LYS T 67 -32.91 43.31 -1.44
C LYS T 67 -33.56 43.80 -0.14
N PRO T 68 -32.82 43.77 0.99
CA PRO T 68 -33.45 44.27 2.22
C PRO T 68 -33.77 45.77 2.21
N VAL T 69 -32.87 46.60 1.67
CA VAL T 69 -33.13 48.04 1.59
C VAL T 69 -34.36 48.32 0.72
N ALA T 70 -34.65 47.42 -0.21
CA ALA T 70 -35.85 47.55 -1.01
C ALA T 70 -37.12 47.16 -0.26
N VAL T 71 -37.05 46.03 0.46
CA VAL T 71 -38.23 45.56 1.17
C VAL T 71 -38.53 46.43 2.38
N GLU T 72 -37.50 47.11 2.87
CA GLU T 72 -37.67 48.08 3.95
C GLU T 72 -38.22 49.41 3.42
N GLN T 73 -37.83 49.79 2.22
CA GLN T 73 -38.36 51.00 1.60
C GLN T 73 -39.87 50.86 1.32
N LYS T 74 -40.29 49.69 0.86
CA LYS T 74 -41.71 49.45 0.57
C LYS T 74 -42.53 49.39 1.85
N GLU T 75 -41.94 48.85 2.90
CA GLU T 75 -42.63 48.75 4.18
C GLU T 75 -42.63 50.08 4.93
N SER T 76 -41.56 50.85 4.77
CA SER T 76 -41.49 52.18 5.36
C SER T 76 -42.34 53.19 4.60
N LYS T 77 -42.76 52.86 3.39
CA LYS T 77 -43.70 53.71 2.65
C LYS T 77 -45.11 53.45 3.13
N SER T 78 -45.43 52.17 3.37
CA SER T 78 -46.74 51.77 3.88
C SER T 78 -47.06 52.48 5.18
N ARG T 79 -46.08 52.64 6.05
CA ARG T 79 -46.29 53.39 7.29
C ARG T 79 -46.48 54.89 6.98
N ILE T 80 -45.86 55.37 5.91
CA ILE T 80 -46.06 56.77 5.49
C ILE T 80 -47.47 56.96 4.94
N CYS T 81 -47.85 56.11 3.98
CA CYS T 81 -49.17 56.19 3.36
C CYS T 81 -50.28 55.94 4.39
N ALA T 82 -49.96 55.16 5.41
CA ALA T 82 -50.90 54.96 6.51
C ALA T 82 -51.08 56.25 7.29
N THR T 83 -49.96 56.81 7.74
CA THR T 83 -49.96 57.95 8.66
C THR T 83 -50.47 59.22 7.98
N VAL T 84 -50.49 59.23 6.66
CA VAL T 84 -51.06 60.34 5.91
C VAL T 84 -52.59 60.27 5.83
N LYS T 85 -53.12 59.09 5.58
CA LYS T 85 -54.57 58.89 5.49
C LYS T 85 -55.24 59.07 6.85
N LYS T 86 -54.57 58.64 7.92
CA LYS T 86 -55.06 58.88 9.27
C LYS T 86 -55.11 60.38 9.53
N THR T 87 -54.04 61.07 9.17
CA THR T 87 -53.92 62.49 9.47
C THR T 87 -54.73 63.37 8.52
N MET T 88 -54.97 62.91 7.30
CA MET T 88 -55.79 63.68 6.36
C MET T 88 -57.26 63.53 6.71
N ASN T 89 -57.63 62.36 7.23
CA ASN T 89 -59.02 62.09 7.58
C ASN T 89 -59.45 62.69 8.91
N MET T 90 -58.52 62.84 9.84
CA MET T 90 -58.83 63.45 11.14
C MET T 90 -58.72 64.97 11.05
N ILE T 91 -58.19 65.45 9.93
CA ILE T 91 -58.22 66.87 9.59
C ILE T 91 -59.60 67.23 9.02
N GLN T 92 -59.98 66.59 7.91
CA GLN T 92 -61.31 66.79 7.31
C GLN T 92 -62.49 66.24 8.14
N LYS T 93 -62.20 65.50 9.20
CA LYS T 93 -63.23 65.13 10.17
C LYS T 93 -63.53 66.39 10.97
N LEU T 94 -62.48 67.17 11.21
CA LEU T 94 -62.60 68.47 11.87
C LEU T 94 -63.24 69.50 10.92
N GLN T 95 -63.33 69.18 9.63
CA GLN T 95 -63.90 70.10 8.63
C GLN T 95 -65.40 70.32 8.82
N LYS T 96 -66.07 69.35 9.44
CA LYS T 96 -67.49 69.49 9.73
C LYS T 96 -67.73 70.57 10.78
N GLN T 97 -66.94 70.54 11.85
CA GLN T 97 -67.10 71.40 13.03
C GLN T 97 -67.11 72.92 12.78
N THR T 98 -65.94 73.48 12.45
CA THR T 98 -65.83 74.92 12.20
C THR T 98 -65.71 75.18 10.69
N ASP T 99 -65.53 76.44 10.30
CA ASP T 99 -65.34 76.78 8.89
C ASP T 99 -63.86 76.79 8.52
N LEU T 102 -60.23 75.38 2.42
CA LEU T 102 -59.64 75.66 1.11
C LEU T 102 -59.51 74.37 0.31
N SER T 103 -59.61 74.48 -1.01
CA SER T 103 -59.42 73.36 -1.91
C SER T 103 -57.99 72.85 -1.81
N PRO T 104 -57.76 71.55 -2.11
CA PRO T 104 -56.38 71.05 -2.26
C PRO T 104 -55.72 71.50 -3.57
N LEU T 105 -54.44 71.87 -3.51
CA LEU T 105 -53.78 72.46 -4.67
C LEU T 105 -53.50 71.40 -5.73
N THR T 106 -52.94 71.82 -6.85
CA THR T 106 -52.51 70.89 -7.89
C THR T 106 -51.15 70.32 -7.55
N LYS T 107 -50.32 71.14 -6.91
CA LYS T 107 -49.04 70.67 -6.39
C LYS T 107 -49.37 69.58 -5.38
N GLU T 108 -50.46 69.79 -4.66
CA GLU T 108 -50.92 68.87 -3.63
C GLU T 108 -51.63 67.64 -4.19
N GLU T 109 -52.48 67.81 -5.20
CA GLU T 109 -53.27 66.69 -5.70
C GLU T 109 -52.51 65.73 -6.61
N LYS T 110 -51.36 66.16 -7.14
CA LYS T 110 -50.52 65.29 -7.97
C LYS T 110 -49.65 64.39 -7.10
N THR T 111 -49.80 64.56 -5.80
CA THR T 111 -49.08 63.77 -4.82
C THR T 111 -49.94 62.64 -4.28
N ALA T 112 -51.06 62.99 -3.65
CA ALA T 112 -52.01 61.99 -3.14
C ALA T 112 -52.52 61.08 -4.28
N ALA T 113 -52.40 61.54 -5.52
CA ALA T 113 -52.63 60.66 -6.66
C ALA T 113 -51.48 59.66 -6.81
N GLU T 114 -50.27 60.10 -6.50
CA GLU T 114 -49.11 59.20 -6.48
C GLU T 114 -49.07 58.40 -5.17
N GLN T 115 -49.97 58.73 -4.25
CA GLN T 115 -50.06 58.04 -2.96
C GLN T 115 -51.04 56.87 -3.03
N HIS U 2 11.88 -17.32 28.01
CA HIS U 2 11.66 -16.12 28.85
C HIS U 2 10.56 -15.09 28.45
N MET U 3 10.83 -14.22 27.46
CA MET U 3 9.84 -13.29 26.91
C MET U 3 8.79 -14.10 26.22
N GLU U 4 9.18 -15.23 25.64
CA GLU U 4 8.21 -16.12 25.00
C GLU U 4 7.19 -16.51 26.06
N ALA U 5 7.70 -16.78 27.25
CA ALA U 5 6.83 -17.15 28.36
C ALA U 5 5.93 -15.97 28.71
N GLU U 6 6.51 -14.77 28.74
CA GLU U 6 5.74 -13.58 29.05
C GLU U 6 4.60 -13.42 28.03
N VAL U 7 4.94 -13.49 26.76
CA VAL U 7 3.94 -13.45 25.69
C VAL U 7 2.89 -14.54 25.87
N ASP U 8 3.29 -15.75 26.25
CA ASP U 8 2.32 -16.83 26.47
C ASP U 8 1.26 -16.38 27.46
N LYS U 9 1.68 -15.57 28.42
CA LYS U 9 0.79 -15.04 29.43
C LYS U 9 -0.16 -14.04 28.80
N LEU U 10 0.39 -13.05 28.11
CA LEU U 10 -0.38 -12.03 27.40
C LEU U 10 -1.46 -12.63 26.53
N GLU U 11 -1.08 -13.56 25.66
CA GLU U 11 -2.06 -14.34 24.91
C GLU U 11 -3.08 -14.98 25.82
N LEU U 12 -2.64 -15.53 26.95
CA LEU U 12 -3.59 -16.17 27.82
C LEU U 12 -4.61 -15.14 28.30
N MET U 13 -4.12 -13.96 28.71
CA MET U 13 -4.97 -12.89 29.21
C MET U 13 -6.02 -12.47 28.18
N PHE U 14 -5.56 -12.16 26.97
CA PHE U 14 -6.46 -11.79 25.87
C PHE U 14 -7.58 -12.81 25.73
N GLN U 15 -7.22 -14.08 25.75
CA GLN U 15 -8.19 -15.14 25.57
C GLN U 15 -9.25 -15.08 26.64
N LYS U 16 -8.84 -14.69 27.84
CA LYS U 16 -9.74 -14.56 28.98
C LYS U 16 -10.66 -13.39 28.65
N ALA U 17 -10.05 -12.24 28.36
CA ALA U 17 -10.81 -11.02 28.08
C ALA U 17 -11.89 -11.31 27.05
N GLU U 18 -11.57 -12.15 26.07
CA GLU U 18 -12.53 -12.48 25.04
C GLU U 18 -13.69 -13.28 25.63
N SER U 19 -13.39 -14.33 26.39
CA SER U 19 -14.46 -15.14 26.96
C SER U 19 -15.20 -14.40 28.05
N ASP U 20 -14.57 -13.37 28.58
CA ASP U 20 -15.21 -12.46 29.53
C ASP U 20 -16.30 -11.73 28.78
N LEU U 21 -15.87 -11.00 27.74
CA LEU U 21 -16.77 -10.26 26.88
C LEU U 21 -17.84 -11.18 26.37
N ASP U 22 -17.42 -12.32 25.85
CA ASP U 22 -18.36 -13.34 25.38
C ASP U 22 -19.45 -13.71 26.39
N TYR U 23 -19.12 -13.74 27.68
CA TYR U 23 -20.14 -14.09 28.66
C TYR U 23 -21.14 -12.97 28.83
N ILE U 24 -20.62 -11.77 29.05
CA ILE U 24 -21.43 -10.57 29.24
C ILE U 24 -22.48 -10.54 28.16
N GLN U 25 -22.04 -10.69 26.92
CA GLN U 25 -22.93 -10.80 25.78
C GLN U 25 -23.93 -11.93 25.94
N TYR U 26 -23.44 -13.13 26.21
CA TYR U 26 -24.30 -14.29 26.37
C TYR U 26 -25.41 -14.03 27.35
N ARG U 27 -25.10 -13.31 28.41
CA ARG U 27 -26.08 -13.02 29.42
C ARG U 27 -27.14 -12.04 28.90
N LEU U 28 -26.67 -10.91 28.38
CA LEU U 28 -27.58 -9.92 27.80
C LEU U 28 -28.53 -10.60 26.85
N GLU U 29 -28.02 -11.48 26.01
CA GLU U 29 -28.85 -12.22 25.09
C GLU U 29 -29.86 -13.09 25.82
N TYR U 30 -29.46 -13.64 26.96
CA TYR U 30 -30.34 -14.50 27.72
C TYR U 30 -31.47 -13.69 28.34
N GLU U 31 -31.10 -12.59 29.00
CA GLU U 31 -32.10 -11.72 29.62
C GLU U 31 -33.17 -11.42 28.57
N ILE U 32 -32.70 -10.95 27.43
CA ILE U 32 -33.54 -10.55 26.32
C ILE U 32 -34.37 -11.69 25.72
N LYS U 33 -33.75 -12.77 25.28
CA LYS U 33 -34.52 -13.87 24.67
C LYS U 33 -35.48 -14.53 25.68
N THR U 34 -35.32 -14.21 26.96
CA THR U 34 -36.31 -14.66 27.92
C THR U 34 -37.46 -13.67 28.12
N ASN U 35 -37.17 -12.53 28.75
CA ASN U 35 -38.20 -11.62 29.23
C ASN U 35 -39.16 -10.92 28.23
N HIS U 36 -38.70 -10.62 27.02
CA HIS U 36 -39.47 -9.76 26.12
C HIS U 36 -40.21 -10.49 24.98
N VAL U 46 -35.53 0.80 16.15
CA VAL U 46 -35.20 0.53 14.76
C VAL U 46 -36.30 1.00 13.80
N THR U 47 -37.48 0.40 13.87
CA THR U 47 -38.58 0.76 12.98
C THR U 47 -39.04 2.20 13.24
N LEU U 48 -38.78 2.70 14.44
CA LEU U 48 -39.20 4.05 14.82
C LEU U 48 -38.50 5.09 13.96
N LEU U 49 -37.28 4.81 13.53
CA LEU U 49 -36.58 5.76 12.70
C LEU U 49 -37.20 5.82 11.29
N LYS U 50 -37.49 4.64 10.75
CA LYS U 50 -38.11 4.55 9.43
C LYS U 50 -39.44 5.29 9.42
N GLU U 51 -40.24 5.09 10.45
CA GLU U 51 -41.52 5.77 10.57
C GLU U 51 -41.33 7.28 10.66
N LEU U 52 -40.36 7.73 11.44
CA LEU U 52 -40.10 9.16 11.61
C LEU U 52 -39.61 9.77 10.30
N SER U 53 -39.13 8.93 9.39
CA SER U 53 -38.73 9.42 8.08
C SER U 53 -39.90 9.59 7.10
N VAL U 54 -40.82 8.63 7.07
CA VAL U 54 -42.04 8.72 6.28
C VAL U 54 -42.70 10.11 6.46
N ILE U 55 -43.06 10.40 7.70
CA ILE U 55 -43.78 11.61 8.01
C ILE U 55 -42.91 12.87 7.76
N LYS U 56 -41.59 12.74 7.83
CA LYS U 56 -40.72 13.84 7.39
C LYS U 56 -40.97 14.12 5.91
N SER U 57 -41.29 13.07 5.15
CA SER U 57 -41.55 13.21 3.71
C SER U 57 -42.96 13.71 3.48
N ARG U 58 -43.93 13.05 4.12
CA ARG U 58 -45.31 13.38 3.87
C ARG U 58 -45.58 14.84 4.24
N TYR U 59 -45.01 15.31 5.35
CA TYR U 59 -45.12 16.73 5.69
C TYR U 59 -44.32 17.62 4.73
N GLN U 60 -43.19 17.12 4.24
CA GLN U 60 -42.38 17.90 3.30
C GLN U 60 -43.15 18.02 1.98
N THR U 61 -43.72 16.90 1.56
CA THR U 61 -44.56 16.86 0.37
C THR U 61 -45.82 17.70 0.53
N LEU U 62 -46.56 17.48 1.61
CA LEU U 62 -47.84 18.15 1.79
C LEU U 62 -47.69 19.66 1.85
N TYR U 63 -46.74 20.14 2.64
CA TYR U 63 -46.48 21.57 2.72
C TYR U 63 -46.01 22.12 1.38
N ALA U 64 -45.45 21.25 0.55
CA ALA U 64 -44.98 21.68 -0.76
C ALA U 64 -46.13 21.84 -1.75
N ARG U 65 -47.16 21.01 -1.60
CA ARG U 65 -48.34 21.06 -2.45
C ARG U 65 -49.26 22.21 -2.04
N PHE U 66 -49.23 22.54 -0.75
CA PHE U 66 -50.01 23.65 -0.19
C PHE U 66 -49.53 24.95 -0.82
N LYS U 67 -48.21 25.10 -0.89
CA LYS U 67 -47.58 26.35 -1.27
C LYS U 67 -48.13 27.02 -2.57
N PRO U 68 -48.20 26.27 -3.70
CA PRO U 68 -48.73 26.88 -4.92
C PRO U 68 -50.23 27.17 -4.86
N VAL U 69 -50.99 26.20 -4.34
CA VAL U 69 -52.43 26.29 -4.30
C VAL U 69 -52.78 27.50 -3.49
N ALA U 70 -52.04 27.72 -2.41
CA ALA U 70 -52.25 28.85 -1.53
C ALA U 70 -51.95 30.18 -2.20
N VAL U 71 -51.06 30.18 -3.19
CA VAL U 71 -50.80 31.41 -3.93
C VAL U 71 -51.78 31.67 -5.10
N GLU U 72 -52.34 30.61 -5.69
CA GLU U 72 -53.36 30.76 -6.75
C GLU U 72 -54.68 31.25 -6.14
N GLN U 73 -54.95 30.84 -4.91
CA GLN U 73 -56.07 31.34 -4.15
C GLN U 73 -55.95 32.84 -4.00
N LYS U 74 -54.91 33.28 -3.30
CA LYS U 74 -54.71 34.70 -3.02
C LYS U 74 -54.58 35.53 -4.30
N GLU U 75 -54.09 34.93 -5.38
CA GLU U 75 -54.17 35.58 -6.69
C GLU U 75 -55.63 35.74 -7.09
N SER U 76 -56.34 34.62 -7.20
CA SER U 76 -57.74 34.61 -7.62
C SER U 76 -58.63 35.46 -6.71
N LYS U 77 -58.16 35.70 -5.48
CA LYS U 77 -58.86 36.58 -4.56
C LYS U 77 -58.70 38.02 -5.01
N SER U 78 -57.48 38.38 -5.38
CA SER U 78 -57.17 39.73 -5.82
C SER U 78 -57.71 40.00 -7.21
N ARG U 79 -57.86 38.93 -8.00
CA ARG U 79 -58.43 39.05 -9.33
C ARG U 79 -59.93 39.23 -9.23
N ILE U 80 -60.52 38.66 -8.18
CA ILE U 80 -61.95 38.84 -7.90
C ILE U 80 -62.26 40.19 -7.25
N CYS U 81 -61.46 40.59 -6.27
CA CYS U 81 -61.65 41.87 -5.60
C CYS U 81 -61.48 43.04 -6.57
N ALA U 82 -60.58 42.89 -7.54
CA ALA U 82 -60.31 43.93 -8.52
C ALA U 82 -61.49 44.19 -9.46
N THR U 83 -62.20 43.13 -9.84
CA THR U 83 -63.35 43.23 -10.75
C THR U 83 -64.57 43.94 -10.14
N VAL U 84 -64.84 43.64 -8.87
CA VAL U 84 -65.94 44.28 -8.15
C VAL U 84 -65.60 45.74 -7.90
N LYS U 85 -64.32 46.02 -7.68
CA LYS U 85 -63.85 47.38 -7.43
C LYS U 85 -64.15 48.33 -8.59
N LYS U 86 -63.86 47.92 -9.83
CA LYS U 86 -64.16 48.73 -11.02
C LYS U 86 -65.61 48.57 -11.47
N THR U 87 -66.25 47.50 -10.99
CA THR U 87 -67.68 47.33 -11.22
C THR U 87 -68.47 48.28 -10.34
N MET U 88 -68.13 48.32 -9.05
CA MET U 88 -68.81 49.20 -8.11
C MET U 88 -68.51 50.67 -8.43
N ASN U 89 -67.45 50.90 -9.20
CA ASN U 89 -67.09 52.26 -9.60
C ASN U 89 -67.92 52.83 -10.77
N MET U 90 -68.36 51.98 -11.69
CA MET U 90 -69.30 52.42 -12.72
C MET U 90 -70.68 52.69 -12.12
N ILE U 91 -71.19 51.71 -11.37
CA ILE U 91 -72.52 51.80 -10.77
C ILE U 91 -72.69 53.07 -9.94
N GLN U 92 -71.58 53.60 -9.42
CA GLN U 92 -71.58 54.88 -8.70
C GLN U 92 -71.63 56.06 -9.68
N LYS U 93 -70.89 55.94 -10.78
CA LYS U 93 -70.79 57.01 -11.77
C LYS U 93 -72.08 57.19 -12.59
N LEU U 94 -72.63 56.09 -13.09
CA LEU U 94 -73.90 56.16 -13.81
C LEU U 94 -75.05 56.46 -12.84
N GLN U 95 -74.78 56.32 -11.54
CA GLN U 95 -75.74 56.70 -10.49
C GLN U 95 -75.71 58.20 -10.22
N LYS U 96 -74.57 58.82 -10.48
CA LYS U 96 -74.42 60.25 -10.25
C LYS U 96 -75.18 61.06 -11.32
N GLN U 97 -75.29 60.49 -12.52
CA GLN U 97 -76.05 61.14 -13.60
C GLN U 97 -77.57 60.93 -13.50
N THR U 98 -77.99 59.86 -12.84
CA THR U 98 -79.41 59.59 -12.60
C THR U 98 -79.71 59.13 -11.17
N ASP U 99 -80.45 59.95 -10.42
CA ASP U 99 -80.83 59.55 -9.07
C ASP U 99 -81.86 58.43 -9.17
N LEU U 100 -81.53 57.30 -8.58
CA LEU U 100 -82.39 56.13 -8.59
C LEU U 100 -82.27 55.50 -7.20
N GLU U 101 -83.10 54.51 -6.88
CA GLU U 101 -83.11 53.91 -5.52
C GLU U 101 -81.93 52.94 -5.14
N LEU U 102 -81.72 52.80 -3.82
CA LEU U 102 -80.72 51.86 -3.27
C LEU U 102 -81.11 51.34 -1.88
N LEU U 105 -78.07 47.29 1.96
CA LEU U 105 -78.42 46.09 2.72
C LEU U 105 -77.30 45.79 3.70
N THR U 106 -77.64 45.23 4.86
CA THR U 106 -76.64 44.86 5.85
C THR U 106 -75.83 43.67 5.35
N LYS U 107 -76.48 42.77 4.62
CA LYS U 107 -75.80 41.63 4.00
C LYS U 107 -74.94 42.11 2.84
N GLU U 108 -75.33 43.24 2.26
CA GLU U 108 -74.52 43.88 1.24
C GLU U 108 -73.26 44.46 1.89
N GLU U 109 -73.47 45.30 2.90
CA GLU U 109 -72.39 46.10 3.48
C GLU U 109 -71.31 45.25 4.17
N LYS U 110 -71.70 44.12 4.74
CA LYS U 110 -70.76 43.23 5.43
C LYS U 110 -69.79 42.58 4.44
N THR U 111 -70.21 42.49 3.19
CA THR U 111 -69.39 41.90 2.14
C THR U 111 -68.42 42.91 1.52
N ALA U 112 -68.67 44.19 1.78
CA ALA U 112 -67.81 45.27 1.31
C ALA U 112 -66.59 45.48 2.19
N ALA U 113 -66.75 45.24 3.49
CA ALA U 113 -65.62 45.28 4.42
C ALA U 113 -64.52 44.35 3.94
N GLU U 114 -64.91 43.21 3.39
CA GLU U 114 -63.97 42.29 2.77
C GLU U 114 -63.80 42.56 1.26
N HIS V 2 26.11 -21.30 -10.53
CA HIS V 2 26.73 -21.48 -9.18
C HIS V 2 25.93 -20.94 -7.98
N MET V 3 25.54 -19.66 -8.03
CA MET V 3 24.62 -19.14 -7.03
C MET V 3 23.31 -19.86 -7.14
N GLU V 4 22.88 -20.15 -8.35
CA GLU V 4 21.69 -20.98 -8.53
C GLU V 4 21.90 -22.31 -7.76
N ALA V 5 23.09 -22.87 -7.88
CA ALA V 5 23.40 -24.12 -7.21
C ALA V 5 23.32 -23.87 -5.72
N GLU V 6 23.85 -22.74 -5.27
CA GLU V 6 23.85 -22.44 -3.85
C GLU V 6 22.42 -22.36 -3.35
N VAL V 7 21.59 -21.64 -4.08
CA VAL V 7 20.19 -21.54 -3.77
C VAL V 7 19.53 -22.92 -3.77
N ASP V 8 19.87 -23.76 -4.73
CA ASP V 8 19.28 -25.11 -4.76
C ASP V 8 19.48 -25.78 -3.41
N LYS V 9 20.61 -25.49 -2.79
CA LYS V 9 20.99 -26.08 -1.51
C LYS V 9 20.07 -25.49 -0.46
N LEU V 10 20.03 -24.17 -0.40
CA LEU V 10 19.23 -23.47 0.57
C LEU V 10 17.81 -24.01 0.56
N GLU V 11 17.20 -24.05 -0.61
CA GLU V 11 15.88 -24.65 -0.78
C GLU V 11 15.85 -26.08 -0.23
N LEU V 12 16.93 -26.83 -0.47
CA LEU V 12 16.92 -28.20 0.00
C LEU V 12 16.87 -28.22 1.52
N MET V 13 17.66 -27.32 2.14
CA MET V 13 17.74 -27.24 3.59
C MET V 13 16.37 -26.91 4.18
N PHE V 14 15.73 -25.84 3.69
CA PHE V 14 14.40 -25.44 4.15
C PHE V 14 13.45 -26.61 4.11
N GLN V 15 13.49 -27.37 3.02
CA GLN V 15 12.60 -28.52 2.85
C GLN V 15 12.81 -29.53 3.94
N LYS V 16 14.08 -29.68 4.34
CA LYS V 16 14.44 -30.58 5.43
C LYS V 16 13.85 -30.04 6.72
N ALA V 17 14.19 -28.80 7.05
CA ALA V 17 13.70 -28.14 8.26
C ALA V 17 12.20 -28.35 8.37
N GLU V 18 11.49 -28.24 7.25
CA GLU V 18 10.04 -28.44 7.26
C GLU V 18 9.67 -29.86 7.67
N SER V 19 10.26 -30.86 7.02
CA SER V 19 9.95 -32.24 7.35
C SER V 19 10.51 -32.63 8.71
N ASP V 20 11.46 -31.84 9.21
CA ASP V 20 11.94 -31.96 10.57
C ASP V 20 10.82 -31.56 11.53
N LEU V 21 10.36 -30.34 11.37
CA LEU V 21 9.29 -29.80 12.15
C LEU V 21 8.12 -30.73 12.02
N ASP V 22 7.81 -31.11 10.79
CA ASP V 22 6.69 -32.00 10.54
C ASP V 22 6.75 -33.30 11.34
N TYR V 23 7.96 -33.82 11.56
CA TYR V 23 8.07 -35.06 12.32
C TYR V 23 7.81 -34.84 13.80
N ILE V 24 8.51 -33.87 14.37
CA ILE V 24 8.36 -33.50 15.76
C ILE V 24 6.87 -33.43 16.07
N GLN V 25 6.14 -32.69 15.22
CA GLN V 25 4.70 -32.59 15.33
C GLN V 25 4.03 -33.96 15.27
N TYR V 26 4.38 -34.72 14.24
CA TYR V 26 3.78 -36.04 14.05
C TYR V 26 3.91 -36.89 15.29
N ARG V 27 5.06 -36.78 15.95
CA ARG V 27 5.30 -37.57 17.15
C ARG V 27 4.43 -37.09 18.32
N LEU V 28 4.45 -35.79 18.57
CA LEU V 28 3.65 -35.20 19.61
C LEU V 28 2.21 -35.68 19.47
N GLU V 29 1.72 -35.64 18.24
CA GLU V 29 0.36 -36.09 17.96
C GLU V 29 0.19 -37.57 18.27
N TYR V 30 1.24 -38.35 18.04
CA TYR V 30 1.18 -39.77 18.31
C TYR V 30 1.17 -40.09 19.80
N GLU V 31 2.15 -39.57 20.53
CA GLU V 31 2.27 -39.79 21.98
C GLU V 31 0.94 -39.43 22.63
N ILE V 32 0.35 -38.35 22.13
CA ILE V 32 -0.98 -37.92 22.51
C ILE V 32 -2.06 -38.97 22.23
N LYS V 33 -2.23 -39.39 20.98
CA LYS V 33 -3.26 -40.37 20.63
C LYS V 33 -3.04 -41.75 21.26
N THR V 34 -1.85 -42.01 21.79
CA THR V 34 -1.67 -43.22 22.58
C THR V 34 -1.89 -42.97 24.10
N ASN V 35 -2.04 -41.70 24.45
CA ASN V 35 -2.47 -41.32 25.80
C ASN V 35 -4.00 -41.31 25.91
N HIS V 36 -4.51 -41.73 27.06
CA HIS V 36 -5.96 -41.87 27.28
C HIS V 36 -6.56 -42.92 26.37
N ASN V 44 -6.73 -29.95 29.82
CA ASN V 44 -8.00 -29.32 29.48
C ASN V 44 -8.08 -27.81 29.82
N PRO V 45 -7.02 -27.03 29.49
CA PRO V 45 -7.13 -25.61 29.90
C PRO V 45 -8.20 -24.86 29.11
N VAL V 46 -8.58 -25.41 27.96
CA VAL V 46 -9.56 -24.78 27.08
C VAL V 46 -10.90 -24.45 27.75
N THR V 47 -11.65 -25.49 28.15
CA THR V 47 -12.94 -25.29 28.80
C THR V 47 -12.79 -24.63 30.17
N LEU V 48 -11.60 -24.76 30.77
CA LEU V 48 -11.33 -24.18 32.08
C LEU V 48 -11.40 -22.67 32.06
N LEU V 49 -11.05 -22.05 30.93
CA LEU V 49 -11.15 -20.61 30.83
C LEU V 49 -12.58 -20.17 30.76
N LYS V 50 -13.38 -20.88 29.97
CA LYS V 50 -14.80 -20.58 29.85
C LYS V 50 -15.50 -20.69 31.22
N GLU V 51 -15.15 -21.72 31.97
CA GLU V 51 -15.73 -21.91 33.29
C GLU V 51 -15.29 -20.79 34.22
N LEU V 52 -14.07 -20.30 34.05
CA LEU V 52 -13.54 -19.29 34.94
C LEU V 52 -14.12 -17.94 34.64
N SER V 53 -14.65 -17.71 33.44
CA SER V 53 -15.30 -16.42 33.17
C SER V 53 -16.74 -16.23 33.65
N VAL V 54 -17.53 -17.30 33.59
CA VAL V 54 -18.73 -17.45 34.42
C VAL V 54 -18.51 -17.08 35.89
N ILE V 55 -17.43 -17.59 36.47
CA ILE V 55 -17.15 -17.36 37.88
C ILE V 55 -16.97 -15.86 38.14
N LYS V 56 -16.03 -15.22 37.45
CA LYS V 56 -15.78 -13.81 37.74
C LYS V 56 -17.03 -12.94 37.48
N SER V 57 -17.98 -13.46 36.70
CA SER V 57 -19.24 -12.74 36.45
C SER V 57 -20.14 -12.82 37.67
N ARG V 58 -20.65 -14.00 37.99
CA ARG V 58 -21.54 -14.13 39.16
C ARG V 58 -20.98 -13.48 40.43
N TYR V 59 -19.67 -13.52 40.64
CA TYR V 59 -19.13 -12.81 41.79
C TYR V 59 -19.23 -11.31 41.60
N GLN V 60 -19.00 -10.84 40.39
CA GLN V 60 -19.19 -9.42 40.12
C GLN V 60 -20.62 -8.92 40.40
N THR V 61 -21.63 -9.70 40.01
CA THR V 61 -23.00 -9.23 40.16
C THR V 61 -23.42 -9.30 41.59
N LEU V 62 -23.07 -10.40 42.24
CA LEU V 62 -23.47 -10.65 43.61
C LEU V 62 -22.93 -9.55 44.48
N TYR V 63 -21.67 -9.15 44.30
CA TYR V 63 -21.15 -8.00 45.05
C TYR V 63 -21.80 -6.69 44.70
N ALA V 64 -22.33 -6.58 43.49
CA ALA V 64 -23.13 -5.41 43.12
C ALA V 64 -24.57 -5.49 43.65
N ARG V 65 -25.09 -6.71 43.83
CA ARG V 65 -26.44 -6.95 44.33
C ARG V 65 -26.46 -6.75 45.83
N PHE V 66 -25.30 -6.93 46.45
CA PHE V 66 -25.14 -6.80 47.88
C PHE V 66 -24.93 -5.35 48.30
N LYS V 67 -24.11 -4.61 47.55
CA LYS V 67 -23.70 -3.26 47.95
C LYS V 67 -24.81 -2.30 48.41
N PRO V 68 -25.94 -2.23 47.68
CA PRO V 68 -27.01 -1.33 48.14
C PRO V 68 -27.71 -1.78 49.41
N VAL V 69 -28.04 -3.08 49.48
CA VAL V 69 -28.79 -3.64 50.58
C VAL V 69 -28.03 -3.37 51.86
N ALA V 70 -26.73 -3.46 51.76
CA ALA V 70 -25.87 -3.23 52.90
C ALA V 70 -25.82 -1.75 53.26
N VAL V 71 -25.94 -0.88 52.27
CA VAL V 71 -25.89 0.55 52.56
C VAL V 71 -27.24 1.03 53.08
N GLU V 72 -28.25 0.18 52.94
CA GLU V 72 -29.57 0.49 53.51
C GLU V 72 -29.55 0.32 55.01
N GLN V 73 -29.29 -0.91 55.47
CA GLN V 73 -29.18 -1.16 56.91
C GLN V 73 -28.32 -0.12 57.59
N LYS V 74 -27.16 0.18 57.04
CA LYS V 74 -26.30 1.19 57.63
C LYS V 74 -27.01 2.51 57.92
N GLU V 75 -27.81 2.99 56.98
CA GLU V 75 -28.70 4.11 57.30
C GLU V 75 -30.01 3.67 57.97
N SER V 76 -30.61 2.60 57.46
CA SER V 76 -31.84 2.05 58.00
C SER V 76 -31.75 1.88 59.50
N LYS V 77 -30.67 1.26 59.98
CA LYS V 77 -30.47 1.13 61.43
C LYS V 77 -30.11 2.48 62.04
N SER V 78 -29.29 3.27 61.34
CA SER V 78 -28.89 4.59 61.82
C SER V 78 -30.10 5.41 62.24
N ARG V 79 -31.22 5.20 61.57
CA ARG V 79 -32.45 5.88 61.96
C ARG V 79 -33.11 5.26 63.20
N ILE V 80 -33.01 3.95 63.39
CA ILE V 80 -33.53 3.38 64.60
C ILE V 80 -32.73 3.93 65.79
N CYS V 81 -31.42 4.05 65.60
CA CYS V 81 -30.56 4.64 66.63
C CYS V 81 -30.88 6.12 66.83
N ALA V 82 -31.36 6.78 65.80
CA ALA V 82 -31.80 8.16 65.96
C ALA V 82 -33.05 8.24 66.83
N THR V 83 -34.02 7.37 66.55
CA THR V 83 -35.31 7.47 67.23
C THR V 83 -35.25 6.98 68.66
N VAL V 84 -34.33 6.06 68.95
CA VAL V 84 -34.19 5.60 70.32
C VAL V 84 -33.41 6.58 71.18
N LYS V 85 -32.37 7.20 70.64
CA LYS V 85 -31.68 8.27 71.35
C LYS V 85 -32.62 9.41 71.79
N LYS V 86 -33.64 9.72 71.00
CA LYS V 86 -34.61 10.73 71.41
C LYS V 86 -35.62 10.19 72.40
N THR V 87 -36.11 8.96 72.16
CA THR V 87 -37.08 8.35 73.08
C THR V 87 -36.51 8.22 74.48
N MET V 88 -35.30 7.66 74.57
CA MET V 88 -34.67 7.50 75.88
C MET V 88 -34.43 8.86 76.51
N ASN V 89 -33.96 9.81 75.70
CA ASN V 89 -33.70 11.15 76.19
C ASN V 89 -34.95 11.83 76.74
N MET V 90 -36.09 11.56 76.11
CA MET V 90 -37.36 12.14 76.52
C MET V 90 -37.75 11.62 77.91
N ILE V 91 -37.57 10.32 78.12
CA ILE V 91 -37.87 9.72 79.40
C ILE V 91 -36.97 10.32 80.48
N GLN V 92 -35.66 10.21 80.29
CA GLN V 92 -34.71 10.74 81.28
C GLN V 92 -34.74 12.28 81.38
N LYS V 93 -35.54 12.92 80.54
CA LYS V 93 -35.96 14.29 80.79
C LYS V 93 -37.12 14.30 81.81
N LEU V 94 -38.24 13.66 81.43
CA LEU V 94 -39.43 13.57 82.29
C LEU V 94 -39.19 12.84 83.61
N GLN V 95 -38.32 11.83 83.62
CA GLN V 95 -38.00 11.11 84.84
C GLN V 95 -37.21 11.98 85.79
N LYS V 96 -36.41 12.90 85.24
CA LYS V 96 -35.67 13.84 86.06
C LYS V 96 -36.62 14.86 86.68
N GLN V 97 -37.70 15.18 85.96
CA GLN V 97 -38.72 16.07 86.47
C GLN V 97 -39.29 15.52 87.77
N THR V 98 -39.63 14.23 87.79
CA THR V 98 -40.12 13.61 89.01
C THR V 98 -39.42 12.29 89.38
N ASP V 99 -38.56 12.33 90.40
CA ASP V 99 -38.09 11.15 91.17
C ASP V 99 -37.87 9.78 90.48
N LEU V 100 -38.41 8.75 91.11
CA LEU V 100 -38.30 7.34 90.70
C LEU V 100 -36.89 6.82 90.45
N GLU V 101 -36.79 5.93 89.47
CA GLU V 101 -35.52 5.30 89.07
C GLU V 101 -35.71 4.18 88.05
N LEU V 102 -34.56 3.71 87.55
CA LEU V 102 -34.23 2.28 87.47
C LEU V 102 -32.89 2.04 86.80
N SER V 103 -32.31 0.89 87.12
CA SER V 103 -31.03 0.52 86.57
C SER V 103 -31.28 0.09 85.13
N PRO V 104 -30.28 0.25 84.24
CA PRO V 104 -30.56 -0.50 83.00
C PRO V 104 -30.28 -1.99 83.23
N LEU V 105 -30.92 -2.84 82.44
CA LEU V 105 -30.81 -4.28 82.61
C LEU V 105 -29.38 -4.77 82.31
N THR V 106 -29.10 -6.01 82.66
CA THR V 106 -27.95 -6.70 82.09
C THR V 106 -28.09 -6.67 80.56
N LYS V 107 -29.14 -7.32 80.06
CA LYS V 107 -29.41 -7.43 78.64
C LYS V 107 -29.30 -6.05 78.01
N GLU V 108 -30.07 -5.13 78.57
CA GLU V 108 -30.14 -3.73 78.14
C GLU V 108 -28.80 -3.00 78.09
N GLU V 109 -27.92 -3.28 79.04
CA GLU V 109 -26.64 -2.59 79.05
C GLU V 109 -25.83 -3.08 77.85
N LYS V 110 -25.86 -4.39 77.63
CA LYS V 110 -25.06 -5.07 76.59
C LYS V 110 -25.45 -4.59 75.20
N THR V 111 -26.76 -4.51 75.00
CA THR V 111 -27.31 -4.18 73.71
C THR V 111 -27.22 -2.69 73.45
N ALA V 112 -27.34 -1.90 74.50
CA ALA V 112 -27.11 -0.47 74.40
C ALA V 112 -25.72 -0.18 73.82
N ALA V 113 -24.80 -1.10 74.06
CA ALA V 113 -23.45 -0.91 73.60
C ALA V 113 -23.42 -0.86 72.06
N GLU V 114 -24.23 -1.72 71.41
CA GLU V 114 -24.28 -1.78 69.96
C GLU V 114 -24.60 -0.42 69.33
N GLN V 115 -25.73 0.15 69.71
CA GLN V 115 -26.07 1.50 69.26
C GLN V 115 -25.14 2.55 69.88
N PHE V 116 -25.13 3.72 69.25
CA PHE V 116 -24.16 4.82 69.52
C PHE V 116 -22.87 4.42 70.25
N GLY W 1 -27.78 19.44 -11.21
CA GLY W 1 -26.83 20.35 -10.58
C GLY W 1 -26.15 21.20 -11.64
N HIS W 2 -25.08 21.94 -11.31
CA HIS W 2 -24.34 22.73 -12.31
C HIS W 2 -23.11 22.05 -12.99
N MET W 3 -22.01 21.92 -12.25
CA MET W 3 -20.90 21.04 -12.60
C MET W 3 -21.40 19.63 -12.54
N GLU W 4 -22.36 19.39 -11.65
CA GLU W 4 -22.96 18.08 -11.58
C GLU W 4 -23.56 17.80 -12.95
N ALA W 5 -24.20 18.82 -13.53
CA ALA W 5 -24.79 18.68 -14.85
C ALA W 5 -23.71 18.41 -15.88
N GLU W 6 -22.60 19.13 -15.78
CA GLU W 6 -21.51 18.96 -16.70
C GLU W 6 -21.05 17.52 -16.63
N VAL W 7 -20.81 17.04 -15.41
CA VAL W 7 -20.43 15.66 -15.20
C VAL W 7 -21.46 14.70 -15.77
N ASP W 8 -22.74 14.96 -15.55
CA ASP W 8 -23.78 14.11 -16.13
C ASP W 8 -23.56 13.92 -17.64
N LYS W 9 -23.05 14.96 -18.29
CA LYS W 9 -22.78 14.94 -19.71
C LYS W 9 -21.60 14.02 -19.99
N LEU W 10 -20.49 14.27 -19.30
CA LEU W 10 -19.29 13.47 -19.42
C LEU W 10 -19.62 12.01 -19.29
N GLU W 11 -20.31 11.62 -18.22
CA GLU W 11 -20.75 10.25 -18.05
C GLU W 11 -21.54 9.78 -19.25
N LEU W 12 -22.40 10.64 -19.77
CA LEU W 12 -23.22 10.26 -20.92
C LEU W 12 -22.33 9.97 -22.12
N MET W 13 -21.36 10.85 -22.36
CA MET W 13 -20.43 10.65 -23.46
C MET W 13 -19.71 9.31 -23.33
N PHE W 14 -19.10 9.05 -22.18
CA PHE W 14 -18.36 7.82 -21.96
C PHE W 14 -19.24 6.65 -22.33
N GLN W 15 -20.49 6.68 -21.89
CA GLN W 15 -21.39 5.57 -22.12
C GLN W 15 -21.58 5.34 -23.58
N LYS W 16 -21.56 6.42 -24.35
CA LYS W 16 -21.67 6.36 -25.80
C LYS W 16 -20.43 5.70 -26.36
N ALA W 17 -19.28 6.27 -26.01
CA ALA W 17 -17.99 5.75 -26.42
C ALA W 17 -17.96 4.24 -26.21
N GLU W 18 -18.47 3.79 -25.08
CA GLU W 18 -18.48 2.37 -24.83
C GLU W 18 -19.34 1.59 -25.83
N SER W 19 -20.57 2.03 -26.04
CA SER W 19 -21.45 1.34 -26.98
C SER W 19 -21.00 1.53 -28.42
N ASP W 20 -20.18 2.55 -28.64
CA ASP W 20 -19.53 2.74 -29.92
C ASP W 20 -18.55 1.60 -30.14
N LEU W 21 -17.60 1.50 -29.21
CA LEU W 21 -16.61 0.45 -29.21
C LEU W 21 -17.30 -0.89 -29.29
N ASP W 22 -18.30 -1.06 -28.43
CA ASP W 22 -19.08 -2.29 -28.41
C ASP W 22 -19.65 -2.69 -29.76
N TYR W 23 -20.08 -1.70 -30.56
CA TYR W 23 -20.62 -2.00 -31.89
C TYR W 23 -19.53 -2.45 -32.85
N ILE W 24 -18.46 -1.66 -32.92
CA ILE W 24 -17.32 -1.97 -33.76
C ILE W 24 -16.92 -3.43 -33.57
N GLN W 25 -16.77 -3.80 -32.31
CA GLN W 25 -16.51 -5.18 -31.94
C GLN W 25 -17.60 -6.12 -32.46
N TYR W 26 -18.84 -5.83 -32.12
CA TYR W 26 -19.95 -6.66 -32.56
C TYR W 26 -19.90 -6.95 -34.05
N ARG W 27 -19.54 -5.93 -34.84
CA ARG W 27 -19.50 -6.07 -36.28
C ARG W 27 -18.36 -7.00 -36.68
N LEU W 28 -17.17 -6.73 -36.17
CA LEU W 28 -16.01 -7.57 -36.44
C LEU W 28 -16.33 -9.02 -36.16
N GLU W 29 -17.01 -9.24 -35.06
CA GLU W 29 -17.40 -10.59 -34.70
C GLU W 29 -18.38 -11.17 -35.69
N TYR W 30 -19.25 -10.33 -36.23
CA TYR W 30 -20.22 -10.77 -37.21
C TYR W 30 -19.51 -11.14 -38.50
N GLU W 31 -18.54 -10.32 -38.90
CA GLU W 31 -17.81 -10.54 -40.13
C GLU W 31 -17.12 -11.91 -40.07
N ILE W 32 -16.41 -12.17 -38.98
CA ILE W 32 -15.71 -13.43 -38.84
C ILE W 32 -16.66 -14.63 -38.77
N LYS W 33 -17.78 -14.48 -38.07
CA LYS W 33 -18.70 -15.58 -37.87
C LYS W 33 -19.26 -16.16 -39.18
N THR W 34 -19.26 -15.35 -40.24
CA THR W 34 -19.90 -15.75 -41.50
C THR W 34 -19.22 -16.91 -42.23
N ASN W 35 -17.92 -17.05 -42.05
CA ASN W 35 -17.21 -18.24 -42.52
C ASN W 35 -16.21 -18.81 -41.50
N HIS W 36 -16.46 -20.04 -41.09
CA HIS W 36 -15.61 -20.75 -40.13
C HIS W 36 -14.62 -21.66 -40.85
N PRO W 45 -2.62 -17.52 -36.76
CA PRO W 45 -1.23 -17.35 -36.32
C PRO W 45 -1.00 -18.05 -35.00
N VAL W 46 -2.09 -18.32 -34.29
CA VAL W 46 -2.02 -18.93 -32.96
C VAL W 46 -1.24 -20.25 -32.98
N THR W 47 -1.76 -21.27 -33.66
CA THR W 47 -1.12 -22.58 -33.69
C THR W 47 0.21 -22.51 -34.46
N LEU W 48 0.35 -21.49 -35.29
CA LEU W 48 1.57 -21.35 -36.09
C LEU W 48 2.78 -21.07 -35.22
N LEU W 49 2.58 -20.38 -34.11
CA LEU W 49 3.68 -20.11 -33.20
C LEU W 49 4.14 -21.38 -32.52
N LYS W 50 3.18 -22.16 -32.04
CA LYS W 50 3.47 -23.44 -31.37
C LYS W 50 4.23 -24.38 -32.29
N GLU W 51 3.83 -24.44 -33.55
CA GLU W 51 4.52 -25.27 -34.54
C GLU W 51 5.94 -24.76 -34.79
N LEU W 52 6.11 -23.45 -34.87
CA LEU W 52 7.42 -22.85 -35.12
C LEU W 52 8.37 -23.08 -33.95
N SER W 53 7.84 -23.46 -32.79
CA SER W 53 8.74 -23.84 -31.72
C SER W 53 9.28 -25.28 -31.84
N VAL W 54 8.42 -26.23 -32.19
CA VAL W 54 8.81 -27.64 -32.23
C VAL W 54 9.96 -27.88 -33.20
N ILE W 55 9.96 -27.16 -34.31
CA ILE W 55 11.06 -27.34 -35.24
C ILE W 55 12.35 -26.63 -34.78
N LYS W 56 12.25 -25.38 -34.34
CA LYS W 56 13.43 -24.63 -33.93
C LYS W 56 14.16 -25.37 -32.81
N SER W 57 13.44 -26.26 -32.12
CA SER W 57 14.03 -27.17 -31.13
C SER W 57 14.71 -28.36 -31.81
N ARG W 58 13.99 -29.02 -32.73
CA ARG W 58 14.49 -30.23 -33.37
C ARG W 58 15.79 -30.00 -34.15
N TYR W 59 15.93 -28.79 -34.68
CA TYR W 59 17.17 -28.36 -35.31
C TYR W 59 18.25 -28.43 -34.26
N GLN W 60 17.96 -27.89 -33.09
CA GLN W 60 18.95 -27.77 -32.04
C GLN W 60 19.29 -29.11 -31.40
N THR W 61 18.30 -30.00 -31.26
CA THR W 61 18.55 -31.35 -30.74
C THR W 61 19.38 -32.20 -31.71
N LEU W 62 19.01 -32.20 -32.99
CA LEU W 62 19.74 -32.99 -33.96
C LEU W 62 21.16 -32.48 -34.09
N TYR W 63 21.30 -31.16 -34.12
CA TYR W 63 22.61 -30.55 -34.18
C TYR W 63 23.41 -30.89 -32.93
N ALA W 64 22.73 -31.16 -31.83
CA ALA W 64 23.42 -31.50 -30.59
C ALA W 64 24.03 -32.89 -30.67
N ARG W 65 23.44 -33.76 -31.50
CA ARG W 65 24.02 -35.06 -31.77
C ARG W 65 25.25 -34.91 -32.65
N PHE W 66 25.16 -34.00 -33.63
CA PHE W 66 26.26 -33.72 -34.54
C PHE W 66 27.52 -33.32 -33.79
N LYS W 67 27.45 -32.19 -33.08
CA LYS W 67 28.61 -31.51 -32.55
C LYS W 67 29.70 -32.43 -31.94
N PRO W 68 29.33 -33.37 -31.04
CA PRO W 68 30.34 -34.31 -30.54
C PRO W 68 30.80 -35.30 -31.58
N VAL W 69 29.85 -35.86 -32.34
CA VAL W 69 30.12 -36.95 -33.27
C VAL W 69 31.03 -36.47 -34.37
N ALA W 70 30.85 -35.21 -34.76
CA ALA W 70 31.70 -34.57 -35.75
C ALA W 70 33.13 -34.48 -35.23
N VAL W 71 33.28 -34.23 -33.94
CA VAL W 71 34.61 -34.22 -33.33
C VAL W 71 35.04 -35.64 -33.00
N GLU W 72 34.06 -36.55 -32.88
CA GLU W 72 34.34 -37.94 -32.52
C GLU W 72 34.95 -38.70 -33.67
N GLN W 73 34.40 -38.53 -34.87
CA GLN W 73 34.98 -39.21 -36.03
C GLN W 73 36.23 -38.48 -36.52
N LYS W 74 36.22 -37.15 -36.47
CA LYS W 74 37.36 -36.34 -36.92
C LYS W 74 38.53 -36.37 -35.93
N GLU W 75 38.29 -37.03 -34.79
CA GLU W 75 39.37 -37.46 -33.91
C GLU W 75 39.68 -38.89 -34.33
N SER W 76 38.67 -39.75 -34.28
CA SER W 76 38.77 -41.16 -34.65
C SER W 76 39.45 -41.40 -36.02
N LYS W 77 39.40 -40.40 -36.90
CA LYS W 77 40.18 -40.43 -38.12
C LYS W 77 41.66 -40.15 -37.85
N SER W 78 41.94 -39.10 -37.07
CA SER W 78 43.31 -38.70 -36.76
C SER W 78 44.11 -39.71 -35.92
N ARG W 79 43.42 -40.77 -35.49
CA ARG W 79 44.09 -41.93 -34.92
C ARG W 79 44.41 -42.90 -36.04
N ILE W 80 43.36 -43.46 -36.67
CA ILE W 80 43.53 -44.41 -37.77
C ILE W 80 44.57 -43.89 -38.76
N CYS W 81 44.44 -42.62 -39.12
CA CYS W 81 45.29 -41.98 -40.11
C CYS W 81 46.70 -41.69 -39.61
N ALA W 82 46.86 -41.45 -38.31
CA ALA W 82 48.22 -41.34 -37.77
C ALA W 82 48.85 -42.70 -37.44
N THR W 83 48.02 -43.64 -36.98
CA THR W 83 48.44 -45.01 -36.64
C THR W 83 49.04 -45.75 -37.81
N VAL W 84 48.23 -45.97 -38.83
CA VAL W 84 48.65 -46.74 -39.98
C VAL W 84 49.84 -46.08 -40.68
N LYS W 85 50.05 -44.79 -40.45
CA LYS W 85 51.22 -44.12 -41.00
C LYS W 85 52.45 -44.47 -40.17
N LYS W 86 52.22 -44.83 -38.90
CA LYS W 86 53.30 -45.29 -38.03
C LYS W 86 53.65 -46.73 -38.36
N THR W 87 52.67 -47.48 -38.85
CA THR W 87 52.91 -48.87 -39.20
C THR W 87 53.57 -49.03 -40.58
N MET W 88 53.47 -47.98 -41.42
CA MET W 88 54.23 -47.92 -42.67
C MET W 88 55.67 -47.64 -42.35
N ASN W 89 55.87 -46.83 -41.31
CA ASN W 89 57.20 -46.52 -40.81
C ASN W 89 57.92 -47.80 -40.43
N MET W 90 57.29 -48.63 -39.59
CA MET W 90 57.95 -49.85 -39.10
C MET W 90 57.70 -51.07 -39.99
N ILE W 91 57.03 -50.90 -41.12
CA ILE W 91 57.05 -51.94 -42.16
C ILE W 91 58.33 -51.81 -43.00
N GLN W 92 58.71 -50.57 -43.30
CA GLN W 92 59.93 -50.26 -44.03
C GLN W 92 61.16 -50.26 -43.13
N LYS W 93 60.98 -49.84 -41.87
CA LYS W 93 62.07 -49.86 -40.90
C LYS W 93 62.54 -51.28 -40.71
N LEU W 94 61.61 -52.22 -40.74
CA LEU W 94 61.94 -53.65 -40.65
C LEU W 94 62.11 -54.27 -42.04
N GLN W 95 61.92 -53.49 -43.10
CA GLN W 95 62.35 -53.90 -44.43
C GLN W 95 63.84 -53.61 -44.66
N LYS W 96 64.33 -52.51 -44.11
CA LYS W 96 65.71 -52.08 -44.36
C LYS W 96 66.77 -53.03 -43.80
N GLN W 97 66.43 -53.76 -42.74
CA GLN W 97 67.34 -54.76 -42.18
C GLN W 97 67.07 -56.14 -42.77
N THR W 98 66.00 -56.28 -43.56
CA THR W 98 65.78 -57.51 -44.34
C THR W 98 65.24 -57.31 -45.74
N ASP W 99 65.99 -57.73 -46.76
CA ASP W 99 65.50 -57.62 -48.13
C ASP W 99 64.33 -58.58 -48.40
N LEU W 100 63.21 -58.02 -48.86
CA LEU W 100 61.94 -58.74 -49.04
C LEU W 100 61.08 -58.04 -50.13
N GLU W 101 59.80 -58.38 -50.21
CA GLU W 101 58.86 -57.79 -51.19
C GLU W 101 57.70 -57.07 -50.44
N LEU W 102 56.91 -56.18 -51.07
CA LEU W 102 56.85 -55.90 -52.51
C LEU W 102 56.34 -54.48 -52.82
N SER W 103 56.07 -54.20 -54.09
CA SER W 103 55.75 -52.87 -54.57
C SER W 103 54.31 -52.49 -54.23
N PRO W 104 54.09 -51.22 -53.81
CA PRO W 104 52.74 -50.68 -53.57
C PRO W 104 51.89 -50.58 -54.84
N LEU W 105 50.68 -51.15 -54.76
CA LEU W 105 49.78 -51.28 -55.91
C LEU W 105 49.16 -49.94 -56.28
N THR W 106 48.64 -49.85 -57.49
CA THR W 106 48.01 -48.62 -57.96
C THR W 106 46.79 -48.19 -57.13
N LYS W 107 46.18 -49.12 -56.41
CA LYS W 107 45.15 -48.77 -55.44
C LYS W 107 45.82 -48.15 -54.24
N GLU W 108 46.82 -48.85 -53.71
CA GLU W 108 47.60 -48.38 -52.58
C GLU W 108 48.18 -46.98 -52.78
N GLU W 109 48.84 -46.77 -53.92
CA GLU W 109 49.52 -45.50 -54.17
C GLU W 109 48.60 -44.28 -54.10
N LYS W 110 47.62 -44.23 -55.01
CA LYS W 110 46.65 -43.13 -55.05
C LYS W 110 45.98 -42.99 -53.69
N THR W 111 45.72 -44.13 -53.06
CA THR W 111 45.14 -44.16 -51.73
C THR W 111 46.05 -43.52 -50.69
N ALA W 112 47.25 -44.09 -50.54
CA ALA W 112 48.17 -43.67 -49.48
C ALA W 112 48.60 -42.21 -49.65
N ALA W 113 48.35 -41.67 -50.84
CA ALA W 113 48.66 -40.26 -51.11
C ALA W 113 47.84 -39.35 -50.20
N GLU W 114 46.52 -39.48 -50.29
CA GLU W 114 45.62 -38.64 -49.53
C GLU W 114 45.64 -38.95 -48.01
N GLN W 115 46.13 -40.13 -47.66
CA GLN W 115 46.20 -40.52 -46.26
C GLN W 115 47.65 -40.59 -45.77
N HIS X 2 -19.73 10.08 27.51
CA HIS X 2 -19.60 11.48 27.05
C HIS X 2 -19.42 11.77 25.51
N MET X 3 -18.19 11.80 25.03
CA MET X 3 -17.95 11.78 23.59
C MET X 3 -18.53 10.54 23.00
N GLU X 4 -18.50 9.45 23.73
CA GLU X 4 -19.15 8.23 23.28
C GLU X 4 -20.62 8.52 23.08
N ALA X 5 -21.19 9.33 23.97
CA ALA X 5 -22.60 9.69 23.87
C ALA X 5 -22.81 10.53 22.63
N GLU X 6 -21.90 11.49 22.43
CA GLU X 6 -21.98 12.35 21.26
C GLU X 6 -21.96 11.50 19.98
N VAL X 7 -20.98 10.62 19.89
CA VAL X 7 -20.91 9.70 18.78
C VAL X 7 -22.19 8.88 18.63
N ASP X 8 -22.77 8.44 19.74
CA ASP X 8 -23.99 7.66 19.65
C ASP X 8 -25.04 8.45 18.86
N LYS X 9 -24.99 9.76 19.03
CA LYS X 9 -25.92 10.68 18.38
C LYS X 9 -25.63 10.71 16.88
N LEU X 10 -24.38 11.01 16.54
CA LEU X 10 -23.92 11.04 15.16
C LEU X 10 -24.32 9.78 14.45
N GLU X 11 -23.98 8.61 14.98
CA GLU X 11 -24.47 7.35 14.42
C GLU X 11 -25.98 7.33 14.28
N LEU X 12 -26.69 7.89 15.25
CA LEU X 12 -28.15 7.89 15.13
C LEU X 12 -28.59 8.73 13.94
N MET X 13 -28.05 9.95 13.82
CA MET X 13 -28.30 10.81 12.68
C MET X 13 -28.04 10.13 11.33
N PHE X 14 -26.84 9.61 11.11
CA PHE X 14 -26.51 8.88 9.88
C PHE X 14 -27.57 7.86 9.55
N GLN X 15 -28.02 7.11 10.56
CA GLN X 15 -29.00 6.06 10.35
C GLN X 15 -30.28 6.66 9.82
N LYS X 16 -30.60 7.86 10.31
CA LYS X 16 -31.78 8.57 9.86
C LYS X 16 -31.58 8.96 8.40
N ALA X 17 -30.50 9.69 8.13
CA ALA X 17 -30.16 10.10 6.79
C ALA X 17 -30.31 8.95 5.81
N GLU X 18 -29.90 7.76 6.23
CA GLU X 18 -30.00 6.62 5.35
C GLU X 18 -31.43 6.24 5.07
N SER X 19 -32.25 6.15 6.11
CA SER X 19 -33.65 5.79 5.92
C SER X 19 -34.44 6.93 5.30
N ASP X 20 -33.88 8.14 5.38
CA ASP X 20 -34.40 9.28 4.64
C ASP X 20 -34.22 9.02 3.14
N LEU X 21 -32.96 8.86 2.75
CA LEU X 21 -32.60 8.55 1.37
C LEU X 21 -33.37 7.35 0.90
N ASP X 22 -33.39 6.31 1.73
CA ASP X 22 -34.12 5.09 1.43
C ASP X 22 -35.59 5.34 1.10
N TYR X 23 -36.22 6.29 1.78
CA TYR X 23 -37.63 6.57 1.49
C TYR X 23 -37.77 7.24 0.13
N ILE X 24 -37.03 8.33 -0.06
CA ILE X 24 -37.04 9.09 -1.29
C ILE X 24 -36.97 8.13 -2.46
N GLN X 25 -36.01 7.23 -2.38
CA GLN X 25 -35.87 6.17 -3.37
C GLN X 25 -37.13 5.33 -3.47
N TYR X 26 -37.62 4.85 -2.33
CA TYR X 26 -38.79 3.98 -2.31
C TYR X 26 -39.96 4.63 -3.01
N ARG X 27 -40.09 5.94 -2.85
CA ARG X 27 -41.18 6.68 -3.46
C ARG X 27 -41.03 6.76 -4.97
N LEU X 28 -39.88 7.24 -5.42
CA LEU X 28 -39.56 7.29 -6.84
C LEU X 28 -39.87 5.96 -7.50
N GLU X 29 -39.47 4.87 -6.87
CA GLU X 29 -39.74 3.54 -7.39
C GLU X 29 -41.24 3.28 -7.46
N TYR X 30 -41.98 3.78 -6.48
CA TYR X 30 -43.41 3.60 -6.47
C TYR X 30 -44.08 4.42 -7.57
N GLU X 31 -43.73 5.70 -7.63
CA GLU X 31 -44.24 6.64 -8.63
C GLU X 31 -44.09 6.01 -10.00
N ILE X 32 -42.88 5.60 -10.29
CA ILE X 32 -42.57 4.92 -11.53
C ILE X 32 -43.40 3.64 -11.69
N LYS X 33 -43.50 2.84 -10.64
CA LYS X 33 -44.10 1.52 -10.76
C LYS X 33 -45.62 1.51 -10.95
N THR X 34 -46.28 2.66 -10.82
CA THR X 34 -47.72 2.74 -11.15
C THR X 34 -48.08 3.37 -12.51
N ASN X 35 -47.09 3.85 -13.27
CA ASN X 35 -47.36 4.61 -14.50
C ASN X 35 -47.41 3.74 -15.75
N HIS X 36 -48.59 3.58 -16.33
CA HIS X 36 -48.75 2.81 -17.55
C HIS X 36 -49.93 3.31 -18.39
N ASN X 44 -36.64 6.70 -22.58
CA ASN X 44 -36.05 5.39 -22.84
C ASN X 44 -34.56 5.47 -23.18
N PRO X 45 -33.77 6.33 -22.48
CA PRO X 45 -32.49 6.75 -23.07
C PRO X 45 -31.51 5.61 -23.25
N VAL X 46 -31.71 4.53 -22.51
CA VAL X 46 -30.81 3.40 -22.54
C VAL X 46 -30.64 2.82 -23.95
N THR X 47 -31.70 2.25 -24.51
CA THR X 47 -31.62 1.63 -25.84
C THR X 47 -31.37 2.70 -26.92
N LEU X 48 -31.71 3.94 -26.62
CA LEU X 48 -31.54 5.03 -27.57
C LEU X 48 -30.08 5.27 -27.90
N LEU X 49 -29.22 5.06 -26.92
CA LEU X 49 -27.80 5.20 -27.16
C LEU X 49 -27.28 4.12 -28.11
N LYS X 50 -27.65 2.87 -27.84
CA LYS X 50 -27.25 1.75 -28.67
C LYS X 50 -27.69 1.94 -30.11
N GLU X 51 -28.91 2.44 -30.30
CA GLU X 51 -29.43 2.72 -31.63
C GLU X 51 -28.64 3.83 -32.30
N LEU X 52 -28.31 4.87 -31.53
CA LEU X 52 -27.57 6.00 -32.07
C LEU X 52 -26.16 5.61 -32.44
N SER X 53 -25.64 4.56 -31.82
CA SER X 53 -24.30 4.16 -32.22
C SER X 53 -24.29 3.35 -33.51
N VAL X 54 -25.26 2.47 -33.69
CA VAL X 54 -25.36 1.69 -34.92
C VAL X 54 -25.44 2.66 -36.08
N ILE X 55 -26.22 3.71 -35.86
CA ILE X 55 -26.45 4.70 -36.89
C ILE X 55 -25.16 5.38 -37.35
N LYS X 56 -24.38 5.99 -36.45
CA LYS X 56 -23.21 6.75 -36.87
C LYS X 56 -22.22 5.83 -37.56
N SER X 57 -22.35 4.53 -37.28
CA SER X 57 -21.44 3.55 -37.86
C SER X 57 -21.72 3.43 -39.35
N ARG X 58 -22.98 3.10 -39.68
CA ARG X 58 -23.34 2.85 -41.06
C ARG X 58 -23.04 4.03 -41.95
N TYR X 59 -23.29 5.24 -41.46
CA TYR X 59 -22.99 6.44 -42.21
C TYR X 59 -21.54 6.42 -42.62
N GLN X 60 -20.67 6.15 -41.66
CA GLN X 60 -19.23 6.16 -41.92
C GLN X 60 -18.81 4.94 -42.73
N THR X 61 -19.42 3.79 -42.42
CA THR X 61 -19.25 2.60 -43.23
C THR X 61 -19.58 2.94 -44.68
N LEU X 62 -20.74 3.53 -44.90
CA LEU X 62 -21.20 3.84 -46.25
C LEU X 62 -20.40 4.93 -46.94
N TYR X 63 -20.24 6.09 -46.32
CA TYR X 63 -19.38 7.13 -46.89
C TYR X 63 -18.01 6.60 -47.26
N ALA X 64 -17.46 5.72 -46.45
CA ALA X 64 -16.12 5.22 -46.74
C ALA X 64 -16.15 4.17 -47.86
N ARG X 65 -17.33 3.60 -48.13
CA ARG X 65 -17.51 2.70 -49.26
C ARG X 65 -17.69 3.55 -50.52
N PHE X 66 -18.28 4.72 -50.31
CA PHE X 66 -18.58 5.70 -51.37
C PHE X 66 -17.34 6.47 -51.80
N LYS X 67 -16.57 6.95 -50.82
CA LYS X 67 -15.38 7.78 -51.08
C LYS X 67 -14.43 7.29 -52.20
N PRO X 68 -14.09 5.98 -52.23
CA PRO X 68 -13.28 5.47 -53.35
C PRO X 68 -14.02 5.32 -54.69
N VAL X 69 -15.20 4.72 -54.64
CA VAL X 69 -15.96 4.39 -55.83
C VAL X 69 -16.04 5.65 -56.66
N ALA X 70 -16.35 6.74 -55.98
CA ALA X 70 -16.49 8.05 -56.59
C ALA X 70 -15.23 8.61 -57.24
N VAL X 71 -14.04 8.17 -56.82
CA VAL X 71 -12.86 8.64 -57.54
C VAL X 71 -12.48 7.72 -58.70
N GLU X 72 -13.08 6.53 -58.76
CA GLU X 72 -12.88 5.65 -59.89
C GLU X 72 -13.79 6.06 -61.07
N GLN X 73 -14.85 6.79 -60.77
CA GLN X 73 -15.65 7.41 -61.82
C GLN X 73 -14.82 8.57 -62.35
N LYS X 74 -14.50 9.52 -61.48
CA LYS X 74 -13.73 10.68 -61.91
C LYS X 74 -12.45 10.27 -62.63
N GLU X 75 -12.00 9.05 -62.41
CA GLU X 75 -10.94 8.46 -63.20
C GLU X 75 -11.46 7.96 -64.56
N SER X 76 -12.28 6.93 -64.54
CA SER X 76 -12.81 6.34 -65.77
C SER X 76 -13.44 7.39 -66.70
N LYS X 77 -13.95 8.47 -66.13
CA LYS X 77 -14.45 9.58 -66.94
C LYS X 77 -13.29 10.36 -67.57
N SER X 78 -12.35 10.84 -66.77
CA SER X 78 -11.16 11.49 -67.32
C SER X 78 -10.45 10.57 -68.31
N ARG X 79 -10.59 9.26 -68.10
CA ARG X 79 -10.05 8.30 -69.05
C ARG X 79 -10.89 8.23 -70.34
N ILE X 80 -12.19 7.94 -70.22
CA ILE X 80 -13.04 7.83 -71.40
C ILE X 80 -13.04 9.11 -72.23
N CYS X 81 -13.24 10.25 -71.57
CA CYS X 81 -13.24 11.54 -72.25
C CYS X 81 -11.94 11.82 -73.01
N ALA X 82 -10.80 11.44 -72.45
CA ALA X 82 -9.52 11.75 -73.09
C ALA X 82 -9.32 10.99 -74.39
N THR X 83 -9.83 9.76 -74.46
CA THR X 83 -9.63 8.95 -75.67
C THR X 83 -10.56 9.31 -76.84
N VAL X 84 -11.78 9.76 -76.57
CA VAL X 84 -12.65 10.15 -77.67
C VAL X 84 -12.27 11.52 -78.23
N LYS X 85 -11.74 12.41 -77.40
CA LYS X 85 -11.21 13.64 -77.94
C LYS X 85 -9.88 13.40 -78.68
N LYS X 86 -9.23 12.27 -78.41
CA LYS X 86 -8.09 11.84 -79.24
C LYS X 86 -8.59 11.28 -80.56
N THR X 87 -9.54 10.35 -80.48
CA THR X 87 -10.14 9.73 -81.66
C THR X 87 -10.78 10.76 -82.60
N MET X 88 -11.58 11.68 -82.06
CA MET X 88 -12.22 12.71 -82.89
C MET X 88 -11.18 13.56 -83.63
N ASN X 89 -10.05 13.82 -82.97
CA ASN X 89 -8.95 14.56 -83.54
C ASN X 89 -8.26 13.87 -84.71
N MET X 90 -8.06 12.56 -84.60
CA MET X 90 -7.49 11.78 -85.70
C MET X 90 -8.58 11.62 -86.75
N ILE X 91 -9.82 11.58 -86.30
CA ILE X 91 -10.96 11.56 -87.20
C ILE X 91 -10.99 12.86 -88.00
N GLN X 92 -10.73 13.98 -87.32
CA GLN X 92 -10.59 15.27 -87.99
C GLN X 92 -9.31 15.34 -88.86
N LYS X 93 -8.27 14.62 -88.48
CA LYS X 93 -7.01 14.66 -89.25
C LYS X 93 -7.15 13.98 -90.62
N LEU X 94 -7.85 12.85 -90.67
CA LEU X 94 -8.11 12.20 -91.95
C LEU X 94 -9.27 12.86 -92.74
N GLN X 95 -10.03 13.73 -92.08
CA GLN X 95 -11.09 14.52 -92.73
C GLN X 95 -10.67 15.94 -93.17
N LYS X 96 -9.37 16.22 -93.09
CA LYS X 96 -8.79 17.37 -93.75
C LYS X 96 -8.39 17.00 -95.19
N GLN X 97 -7.46 16.05 -95.32
CA GLN X 97 -7.03 15.58 -96.64
C GLN X 97 -8.18 15.07 -97.52
N THR X 98 -8.72 13.90 -97.16
CA THR X 98 -9.81 13.26 -97.91
C THR X 98 -11.10 14.09 -97.91
N ASP X 99 -11.39 14.66 -96.74
CA ASP X 99 -12.58 15.45 -96.43
C ASP X 99 -13.94 14.80 -96.69
N LEU X 100 -14.89 15.62 -97.11
CA LEU X 100 -16.34 15.34 -97.14
C LEU X 100 -17.07 15.22 -95.78
N GLU X 101 -16.32 14.97 -94.70
CA GLU X 101 -16.83 15.03 -93.31
C GLU X 101 -18.24 14.45 -93.09
N LEU X 102 -19.07 15.23 -92.38
CA LEU X 102 -20.52 15.01 -92.22
C LEU X 102 -21.03 16.10 -91.27
N SER X 103 -22.34 16.28 -91.19
CA SER X 103 -22.88 17.22 -90.22
C SER X 103 -22.81 16.57 -88.85
N PRO X 104 -22.46 17.35 -87.81
CA PRO X 104 -22.63 16.89 -86.43
C PRO X 104 -24.11 16.88 -86.08
N LEU X 105 -24.59 15.78 -85.49
CA LEU X 105 -26.02 15.57 -85.29
C LEU X 105 -26.57 16.44 -84.17
N THR X 106 -27.84 16.24 -83.87
CA THR X 106 -28.51 16.83 -82.72
C THR X 106 -27.87 16.46 -81.38
N LYS X 107 -28.02 15.20 -81.00
CA LYS X 107 -27.51 14.70 -79.74
C LYS X 107 -26.03 15.03 -79.68
N GLU X 108 -25.36 14.76 -80.80
CA GLU X 108 -23.90 14.78 -80.86
C GLU X 108 -23.25 16.11 -80.50
N GLU X 109 -23.67 17.19 -81.14
CA GLU X 109 -23.14 18.50 -80.79
C GLU X 109 -23.44 18.74 -79.30
N LYS X 110 -24.68 18.47 -78.93
CA LYS X 110 -25.18 18.69 -77.58
C LYS X 110 -24.38 17.94 -76.53
N THR X 111 -23.97 16.71 -76.84
CA THR X 111 -23.30 15.84 -75.87
C THR X 111 -21.81 16.06 -75.67
N ALA X 112 -21.10 16.48 -76.71
CA ALA X 112 -19.69 16.81 -76.54
C ALA X 112 -19.55 18.06 -75.68
N ALA X 113 -20.64 18.83 -75.62
CA ALA X 113 -20.73 19.94 -74.70
C ALA X 113 -20.74 19.39 -73.28
N GLU X 114 -21.19 18.14 -73.12
CA GLU X 114 -21.10 17.44 -71.83
C GLU X 114 -19.69 16.93 -71.55
N GLN X 115 -19.00 16.48 -72.59
CA GLN X 115 -17.65 15.94 -72.45
C GLN X 115 -16.55 16.97 -72.53
N PHE X 116 -16.90 18.25 -72.70
CA PHE X 116 -15.90 19.31 -72.54
C PHE X 116 -15.69 19.75 -71.09
N LYS X 117 -16.73 19.64 -70.27
CA LYS X 117 -16.64 20.20 -68.92
C LYS X 117 -15.84 19.27 -68.04
N PHE X 118 -14.68 19.75 -67.59
CA PHE X 118 -13.72 18.98 -66.79
C PHE X 118 -12.46 19.81 -66.50
N MET Y 1 -23.20 -6.13 6.45
CA MET Y 1 -22.32 -5.07 5.98
C MET Y 1 -22.50 -3.80 6.82
N ASP Y 2 -23.36 -2.90 6.34
CA ASP Y 2 -23.69 -1.63 7.00
C ASP Y 2 -22.50 -0.74 7.40
N PRO Y 3 -21.89 -0.06 6.42
CA PRO Y 3 -20.72 0.81 6.62
C PRO Y 3 -21.00 1.91 7.62
N ILE Y 4 -22.27 2.11 7.95
CA ILE Y 4 -22.66 3.08 8.97
C ILE Y 4 -21.96 2.85 10.30
N ARG Y 5 -22.31 1.76 10.97
CA ARG Y 5 -21.80 1.55 12.30
C ARG Y 5 -20.33 1.17 12.27
N SER Y 6 -19.96 0.42 11.25
CA SER Y 6 -18.57 0.00 11.02
C SER Y 6 -17.65 1.22 11.12
N PHE Y 7 -18.07 2.36 10.57
CA PHE Y 7 -17.33 3.59 10.74
C PHE Y 7 -17.42 4.07 12.16
N CYS Y 8 -18.64 4.18 12.64
CA CYS Y 8 -18.87 4.76 13.95
C CYS Y 8 -18.23 3.93 15.06
N GLY Y 9 -18.31 2.61 14.95
CA GLY Y 9 -17.64 1.72 15.87
C GLY Y 9 -16.18 2.11 16.09
N LYS Y 10 -15.42 2.25 15.01
CA LYS Y 10 -14.08 2.81 15.09
C LYS Y 10 -14.09 4.17 15.77
N LEU Y 11 -14.97 5.06 15.33
CA LEU Y 11 -15.00 6.40 15.87
C LEU Y 11 -15.28 6.32 17.35
N ARG Y 12 -16.26 5.49 17.70
CA ARG Y 12 -16.72 5.27 19.06
C ARG Y 12 -15.60 4.83 20.02
N SER Y 13 -14.84 3.83 19.60
CA SER Y 13 -13.70 3.38 20.35
C SER Y 13 -12.72 4.51 20.66
N LEU Y 14 -12.53 5.41 19.71
CA LEU Y 14 -11.63 6.53 19.92
C LEU Y 14 -12.26 7.45 20.95
N ALA Y 15 -13.58 7.45 21.01
CA ALA Y 15 -14.26 8.26 21.99
C ALA Y 15 -14.09 7.56 23.32
N SER Y 16 -14.61 6.33 23.43
CA SER Y 16 -14.58 5.58 24.70
C SER Y 16 -13.22 5.71 25.33
N THR Y 17 -12.20 5.51 24.51
CA THR Y 17 -10.85 5.79 24.92
C THR Y 17 -10.65 7.20 25.45
N LEU Y 18 -11.09 8.20 24.70
CA LEU Y 18 -10.91 9.57 25.14
C LEU Y 18 -11.61 9.82 26.47
N ASP Y 19 -12.80 9.23 26.61
CA ASP Y 19 -13.58 9.31 27.84
C ASP Y 19 -12.78 8.76 29.01
N CYS Y 20 -12.64 7.43 29.00
CA CYS Y 20 -11.99 6.66 30.04
C CYS Y 20 -10.65 7.23 30.45
N GLU Y 21 -9.77 7.49 29.50
CA GLU Y 21 -8.41 7.88 29.88
C GLU Y 21 -8.26 9.31 30.38
N THR Y 22 -9.13 10.20 29.96
CA THR Y 22 -9.08 11.56 30.47
C THR Y 22 -9.51 11.58 31.91
N ALA Y 23 -10.56 10.81 32.21
CA ALA Y 23 -11.04 10.62 33.57
C ALA Y 23 -9.90 10.20 34.48
N ARG Y 24 -9.41 9.00 34.24
CA ARG Y 24 -8.41 8.43 35.12
C ARG Y 24 -7.16 9.29 35.20
N LEU Y 25 -6.66 9.77 34.06
CA LEU Y 25 -5.45 10.59 34.09
C LEU Y 25 -5.60 11.82 34.98
N GLN Y 26 -6.82 12.35 35.09
CA GLN Y 26 -7.04 13.45 36.01
C GLN Y 26 -6.84 12.91 37.40
N ARG Y 27 -7.56 11.84 37.74
CA ARG Y 27 -7.44 11.21 39.05
C ARG Y 27 -5.99 10.91 39.41
N ALA Y 28 -5.30 10.23 38.49
CA ALA Y 28 -3.89 9.93 38.63
C ALA Y 28 -3.10 11.19 38.96
N LEU Y 29 -3.38 12.26 38.23
CA LEU Y 29 -2.75 13.54 38.51
C LEU Y 29 -3.04 14.01 39.94
N ASP Y 30 -4.25 13.70 40.40
CA ASP Y 30 -4.76 14.13 41.70
C ASP Y 30 -4.37 13.20 42.84
N GLY Y 31 -3.91 11.99 42.52
CA GLY Y 31 -3.49 11.04 43.54
C GLY Y 31 -4.49 9.95 43.88
N GLU Y 32 -5.61 9.94 43.17
CA GLU Y 32 -6.57 8.85 43.28
C GLU Y 32 -6.26 7.77 42.25
N GLU Y 33 -7.25 6.89 42.07
CA GLU Y 33 -7.30 5.90 40.97
C GLU Y 33 -6.40 4.69 41.21
N SER Y 34 -5.41 4.86 42.07
CA SER Y 34 -4.74 3.74 42.72
C SER Y 34 -3.97 2.82 41.80
N ASP Y 35 -4.32 2.79 40.53
CA ASP Y 35 -3.70 1.83 39.63
C ASP Y 35 -2.29 2.30 39.39
N PHE Y 36 -2.13 3.61 39.47
CA PHE Y 36 -0.89 4.25 39.06
C PHE Y 36 0.23 4.28 40.13
N GLU Y 37 -0.15 4.22 41.40
CA GLU Y 37 0.84 3.95 42.43
C GLU Y 37 0.92 2.47 42.85
N ASP Y 38 -0.09 1.68 42.47
CA ASP Y 38 -0.15 0.24 42.82
C ASP Y 38 0.64 -0.73 41.91
N TYR Y 39 0.46 -0.61 40.60
CA TYR Y 39 1.19 -1.45 39.64
C TYR Y 39 2.68 -1.17 39.47
N PRO Y 40 3.10 0.11 39.33
CA PRO Y 40 4.54 0.40 39.27
C PRO Y 40 5.26 -0.10 40.51
N MET Y 41 4.55 -0.14 41.63
CA MET Y 41 5.06 -0.78 42.82
C MET Y 41 5.31 -2.23 42.45
N ARG Y 42 4.27 -2.93 42.01
CA ARG Y 42 4.35 -4.37 41.82
C ARG Y 42 5.42 -4.80 40.82
N ILE Y 43 5.63 -4.01 39.77
CA ILE Y 43 6.73 -4.31 38.86
C ILE Y 43 8.06 -3.82 39.39
N LEU Y 44 8.08 -2.75 40.18
CA LEU Y 44 9.35 -2.38 40.78
C LEU Y 44 9.77 -3.42 41.80
N TYR Y 45 8.81 -4.04 42.48
CA TYR Y 45 9.11 -5.06 43.50
C TYR Y 45 9.55 -6.35 42.83
N ASP Y 46 9.01 -6.64 41.66
CA ASP Y 46 9.52 -7.76 40.88
C ASP Y 46 10.96 -7.48 40.44
N LEU Y 47 11.19 -6.29 39.90
CA LEU Y 47 12.52 -5.88 39.46
C LEU Y 47 13.52 -5.97 40.59
N HIS Y 48 13.08 -5.60 41.80
CA HIS Y 48 13.91 -5.74 42.99
C HIS Y 48 14.22 -7.21 43.23
N SER Y 49 13.16 -8.03 43.23
CA SER Y 49 13.31 -9.46 43.46
C SER Y 49 14.25 -10.11 42.46
N GLU Y 50 14.26 -9.61 41.23
CA GLU Y 50 15.25 -10.06 40.27
C GLU Y 50 16.65 -9.74 40.80
N VAL Y 51 16.92 -8.46 41.08
CA VAL Y 51 18.27 -8.06 41.48
C VAL Y 51 18.73 -8.77 42.76
N GLN Y 52 17.78 -9.00 43.66
CA GLN Y 52 18.05 -9.66 44.93
C GLN Y 52 18.53 -11.08 44.74
N THR Y 53 17.75 -11.90 44.05
CA THR Y 53 18.16 -13.28 43.82
C THR Y 53 19.42 -13.27 42.97
N LEU Y 54 19.56 -12.26 42.13
CA LEU Y 54 20.81 -12.09 41.40
C LEU Y 54 22.01 -11.83 42.32
N LYS Y 55 21.80 -11.02 43.36
CA LYS Y 55 22.86 -10.80 44.36
C LYS Y 55 23.18 -12.08 45.09
N ASP Y 56 22.17 -12.91 45.32
CA ASP Y 56 22.39 -14.21 45.96
C ASP Y 56 23.26 -15.12 45.10
N ASP Y 57 22.95 -15.22 43.82
CA ASP Y 57 23.72 -16.08 42.95
C ASP Y 57 25.14 -15.54 42.78
N ILE Y 58 25.27 -14.25 42.51
CA ILE Y 58 26.59 -13.62 42.36
C ILE Y 58 27.39 -13.75 43.66
N ASN Y 59 26.68 -13.98 44.76
CA ASN Y 59 27.31 -14.26 46.05
C ASN Y 59 27.70 -15.71 46.24
N ILE Y 60 26.82 -16.63 45.86
CA ILE Y 60 27.02 -18.06 46.11
C ILE Y 60 28.15 -18.63 45.24
N LEU Y 61 28.38 -17.99 44.10
CA LEU Y 61 29.55 -18.31 43.28
C LEU Y 61 30.79 -17.82 43.97
N LEU Y 62 30.75 -16.59 44.50
CA LEU Y 62 31.84 -16.07 45.29
C LEU Y 62 32.18 -17.05 46.43
N ASP Y 63 31.15 -17.54 47.10
CA ASP Y 63 31.34 -18.44 48.24
C ASP Y 63 31.79 -19.85 47.85
N LYS Y 64 31.56 -20.25 46.61
CA LYS Y 64 32.12 -21.49 46.11
C LYS Y 64 33.58 -21.29 45.67
N ALA Y 65 33.86 -20.10 45.14
CA ALA Y 65 35.17 -19.77 44.61
C ALA Y 65 36.18 -19.51 45.70
N ARG Y 66 35.73 -18.89 46.78
CA ARG Y 66 36.62 -18.65 47.90
C ARG Y 66 37.05 -19.98 48.53
N LEU Y 67 36.15 -20.97 48.50
CA LEU Y 67 36.42 -22.29 49.06
C LEU Y 67 37.30 -23.13 48.16
N GLU Y 68 37.00 -23.14 46.86
CA GLU Y 68 37.82 -23.83 45.86
C GLU Y 68 39.25 -23.34 46.01
N ASN Y 69 39.38 -22.02 46.04
CA ASN Y 69 40.67 -21.38 46.16
C ASN Y 69 41.39 -21.70 47.48
N GLN Y 70 40.63 -22.01 48.53
CA GLN Y 70 41.22 -22.28 49.83
C GLN Y 70 41.86 -23.65 49.89
N GLU Y 71 41.11 -24.65 49.47
CA GLU Y 71 41.64 -26.01 49.37
C GLU Y 71 42.81 -26.00 48.40
N GLY Y 72 42.75 -25.10 47.44
CA GLY Y 72 43.85 -24.84 46.54
C GLY Y 72 45.03 -24.24 47.29
N ILE Y 73 44.78 -23.21 48.10
CA ILE Y 73 45.86 -22.55 48.84
C ILE Y 73 46.57 -23.52 49.76
N ASP Y 74 45.85 -24.31 50.57
CA ASP Y 74 46.58 -25.45 51.11
C ASP Y 74 46.13 -26.78 50.46
N PHE Y 75 46.85 -27.08 49.39
CA PHE Y 75 47.02 -28.38 48.77
C PHE Y 75 48.48 -28.25 48.44
N ILE Y 76 48.74 -27.22 47.63
CA ILE Y 76 50.09 -26.80 47.27
C ILE Y 76 51.02 -26.74 48.47
N LYS Y 77 50.55 -26.18 49.58
CA LYS Y 77 51.35 -26.19 50.80
C LYS Y 77 51.58 -27.63 51.24
N ALA Y 78 50.50 -28.40 51.28
CA ALA Y 78 50.57 -29.81 51.65
C ALA Y 78 51.35 -30.64 50.62
N THR Y 79 51.18 -30.31 49.35
CA THR Y 79 51.95 -30.98 48.31
C THR Y 79 53.44 -30.59 48.38
N LYS Y 80 53.71 -29.31 48.61
CA LYS Y 80 55.09 -28.81 48.59
C LYS Y 80 55.97 -29.44 49.67
N VAL Y 81 55.41 -29.69 50.85
CA VAL Y 81 56.19 -30.31 51.92
C VAL Y 81 56.29 -31.83 51.78
N LEU Y 82 55.34 -32.44 51.11
CA LEU Y 82 55.40 -33.89 50.90
C LEU Y 82 56.37 -34.24 49.78
N MET Y 83 56.62 -33.29 48.89
CA MET Y 83 57.67 -33.41 47.90
C MET Y 83 59.00 -33.45 48.61
N GLU Y 84 59.01 -32.89 49.81
CA GLU Y 84 60.23 -32.78 50.61
C GLU Y 84 60.60 -34.09 51.32
N LYS Y 85 59.61 -34.82 51.82
CA LYS Y 85 59.88 -36.10 52.49
C LYS Y 85 60.14 -37.20 51.47
N ASN Y 86 59.63 -37.03 50.26
CA ASN Y 86 60.01 -37.91 49.17
C ASN Y 86 61.39 -37.53 48.64
N SER Y 87 61.78 -36.27 48.85
CA SER Y 87 63.10 -35.81 48.45
C SER Y 87 64.18 -36.24 49.45
N MET Y 88 63.81 -36.40 50.71
CA MET Y 88 64.70 -37.03 51.69
C MET Y 88 64.81 -38.51 51.40
N ASP Y 89 63.66 -39.17 51.33
CA ASP Y 89 63.59 -40.61 51.13
C ASP Y 89 64.28 -41.08 49.83
N ILE Y 90 64.17 -40.29 48.75
CA ILE Y 90 64.91 -40.60 47.53
C ILE Y 90 66.39 -40.30 47.74
N MET Y 91 66.68 -39.26 48.51
CA MET Y 91 68.06 -38.90 48.78
C MET Y 91 68.72 -40.04 49.52
N LYS Y 92 68.04 -40.53 50.55
CA LYS Y 92 68.59 -41.58 51.40
C LYS Y 92 68.49 -42.99 50.82
N ILE Y 93 67.51 -43.25 49.96
CA ILE Y 93 67.44 -44.57 49.33
C ILE Y 93 68.50 -44.66 48.24
N ARG Y 94 68.93 -43.52 47.74
CA ARG Y 94 70.05 -43.47 46.81
C ARG Y 94 71.36 -43.55 47.58
N GLU Y 95 71.45 -42.81 48.68
CA GLU Y 95 72.64 -42.83 49.52
C GLU Y 95 72.93 -44.26 50.00
N TYR Y 96 71.89 -44.95 50.45
CA TYR Y 96 72.00 -46.33 50.91
C TYR Y 96 72.53 -47.26 49.84
N PHE Y 97 72.02 -47.13 48.62
CA PHE Y 97 72.48 -48.02 47.55
C PHE Y 97 73.96 -47.84 47.22
N GLN Y 98 74.47 -46.65 47.51
CA GLN Y 98 75.91 -46.42 47.48
C GLN Y 98 76.63 -47.39 48.44
N LYS Y 99 76.40 -47.24 49.73
CA LYS Y 99 77.08 -48.07 50.72
C LYS Y 99 76.50 -49.48 50.76
N TYR Y 100 75.32 -49.65 51.38
CA TYR Y 100 74.55 -50.90 51.56
C TYR Y 100 74.12 -51.15 53.01
N PRO Z 3 13.54 7.63 -15.74
CA PRO Z 3 12.09 7.46 -15.57
C PRO Z 3 11.54 6.60 -16.67
N ILE Z 4 12.28 6.56 -17.77
CA ILE Z 4 11.97 5.75 -18.94
C ILE Z 4 12.68 4.43 -18.85
N ARG Z 5 14.00 4.53 -18.76
CA ARG Z 5 14.81 3.33 -18.69
C ARG Z 5 14.45 2.52 -17.46
N SER Z 6 14.08 3.24 -16.40
CA SER Z 6 13.62 2.62 -15.16
C SER Z 6 12.56 1.56 -15.46
N PHE Z 7 11.62 1.88 -16.35
CA PHE Z 7 10.68 0.87 -16.81
C PHE Z 7 11.40 -0.21 -17.58
N CYS Z 8 12.16 0.20 -18.58
CA CYS Z 8 12.75 -0.72 -19.54
C CYS Z 8 13.74 -1.63 -18.85
N GLY Z 9 14.49 -1.07 -17.90
CA GLY Z 9 15.42 -1.85 -17.10
C GLY Z 9 14.77 -3.08 -16.51
N LYS Z 10 13.66 -2.90 -15.81
CA LYS Z 10 12.82 -4.02 -15.37
C LYS Z 10 12.41 -4.92 -16.53
N LEU Z 11 11.92 -4.32 -17.61
CA LEU Z 11 11.46 -5.09 -18.76
C LEU Z 11 12.64 -5.90 -19.27
N ARG Z 12 13.77 -5.20 -19.41
CA ARG Z 12 15.01 -5.76 -19.95
C ARG Z 12 15.45 -7.01 -19.23
N SER Z 13 15.51 -6.93 -17.90
CA SER Z 13 15.85 -8.06 -17.06
C SER Z 13 14.94 -9.27 -17.29
N LEU Z 14 13.68 -9.01 -17.58
CA LEU Z 14 12.77 -10.10 -17.82
C LEU Z 14 13.16 -10.71 -19.13
N ALA Z 15 13.71 -9.88 -20.01
CA ALA Z 15 14.15 -10.35 -21.31
C ALA Z 15 15.42 -11.15 -21.10
N SER Z 16 16.47 -10.51 -20.60
CA SER Z 16 17.77 -11.17 -20.37
C SER Z 16 17.54 -12.52 -19.76
N THR Z 17 16.68 -12.57 -18.76
CA THR Z 17 16.27 -13.83 -18.18
C THR Z 17 15.66 -14.77 -19.20
N LEU Z 18 14.73 -14.28 -19.99
CA LEU Z 18 14.10 -15.13 -20.99
C LEU Z 18 15.14 -15.66 -21.98
N ASP Z 19 16.07 -14.80 -22.39
CA ASP Z 19 17.15 -15.16 -23.29
C ASP Z 19 17.95 -16.30 -22.70
N CYS Z 20 18.68 -15.95 -21.65
CA CYS Z 20 19.63 -16.82 -20.96
C CYS Z 20 19.02 -18.18 -20.65
N GLU Z 21 17.87 -18.20 -19.98
CA GLU Z 21 17.34 -19.48 -19.48
C GLU Z 21 16.73 -20.38 -20.54
N THR Z 22 16.23 -19.81 -21.62
CA THR Z 22 15.68 -20.63 -22.69
C THR Z 22 16.82 -21.34 -23.42
N ALA Z 23 17.91 -20.60 -23.61
CA ALA Z 23 19.15 -21.16 -24.16
C ALA Z 23 19.57 -22.39 -23.39
N ARG Z 24 19.95 -22.18 -22.13
CA ARG Z 24 20.50 -23.24 -21.32
C ARG Z 24 19.54 -24.40 -21.15
N LEU Z 25 18.29 -24.10 -20.81
CA LEU Z 25 17.29 -25.17 -20.65
C LEU Z 25 17.21 -26.09 -21.88
N GLN Z 26 17.41 -25.53 -23.07
CA GLN Z 26 17.44 -26.37 -24.26
C GLN Z 26 18.65 -27.27 -24.12
N ARG Z 27 19.82 -26.68 -23.88
CA ARG Z 27 21.05 -27.44 -23.76
C ARG Z 27 20.89 -28.54 -22.71
N ALA Z 28 20.43 -28.16 -21.54
CA ALA Z 28 20.17 -29.11 -20.48
C ALA Z 28 19.29 -30.25 -20.96
N LEU Z 29 18.25 -29.92 -21.70
CA LEU Z 29 17.36 -30.93 -22.24
C LEU Z 29 18.15 -31.86 -23.15
N ASP Z 30 19.13 -31.29 -23.86
CA ASP Z 30 19.93 -32.00 -24.85
C ASP Z 30 21.13 -32.73 -24.26
N GLY Z 31 21.49 -32.43 -23.02
CA GLY Z 31 22.61 -33.10 -22.38
C GLY Z 31 23.91 -32.31 -22.36
N GLU Z 32 23.89 -31.09 -22.90
CA GLU Z 32 25.01 -30.17 -22.74
C GLU Z 32 24.86 -29.31 -21.47
N GLU Z 33 25.68 -28.25 -21.41
CA GLU Z 33 25.58 -27.16 -20.43
C GLU Z 33 26.14 -27.53 -19.06
N SER Z 34 26.23 -28.81 -18.79
CA SER Z 34 27.09 -29.35 -17.73
C SER Z 34 26.72 -28.92 -16.33
N ASP Z 35 26.01 -27.82 -16.18
CA ASP Z 35 25.80 -27.29 -14.85
C ASP Z 35 24.77 -28.18 -14.20
N PHE Z 36 23.94 -28.78 -15.06
CA PHE Z 36 22.76 -29.50 -14.60
C PHE Z 36 23.01 -30.95 -14.20
N GLU Z 37 24.06 -31.57 -14.75
CA GLU Z 37 24.53 -32.84 -14.21
C GLU Z 37 25.71 -32.70 -13.23
N ASP Z 38 26.35 -31.53 -13.20
CA ASP Z 38 27.50 -31.28 -12.31
C ASP Z 38 27.17 -30.86 -10.86
N TYR Z 39 26.29 -29.89 -10.71
CA TYR Z 39 25.89 -29.43 -9.39
C TYR Z 39 25.02 -30.39 -8.56
N PRO Z 40 23.95 -30.97 -9.17
CA PRO Z 40 23.14 -31.95 -8.42
C PRO Z 40 23.99 -33.11 -7.93
N MET Z 41 25.04 -33.41 -8.67
CA MET Z 41 26.03 -34.35 -8.21
C MET Z 41 26.61 -33.81 -6.92
N ARG Z 42 27.18 -32.61 -6.98
CA ARG Z 42 27.91 -32.05 -5.84
C ARG Z 42 27.08 -31.92 -4.56
N ILE Z 43 25.79 -31.59 -4.70
CA ILE Z 43 24.91 -31.57 -3.54
C ILE Z 43 24.43 -32.96 -3.15
N LEU Z 44 24.27 -33.86 -4.12
CA LEU Z 44 23.97 -35.25 -3.76
C LEU Z 44 25.15 -35.88 -3.03
N TYR Z 45 26.36 -35.50 -3.38
CA TYR Z 45 27.55 -36.07 -2.74
C TYR Z 45 27.73 -35.49 -1.36
N ASP Z 46 27.33 -34.24 -1.18
CA ASP Z 46 27.31 -33.67 0.15
C ASP Z 46 26.27 -34.39 1.01
N LEU Z 47 25.08 -34.54 0.45
CA LEU Z 47 24.00 -35.26 1.12
C LEU Z 47 24.43 -36.67 1.53
N HIS Z 48 25.18 -37.32 0.66
CA HIS Z 48 25.73 -38.62 0.96
C HIS Z 48 26.66 -38.50 2.15
N SER Z 49 27.56 -37.53 2.07
CA SER Z 49 28.56 -37.32 3.11
C SER Z 49 27.95 -37.06 4.46
N GLU Z 50 26.81 -36.37 4.46
CA GLU Z 50 26.04 -36.20 5.68
C GLU Z 50 25.60 -37.55 6.23
N VAL Z 51 24.79 -38.26 5.47
CA VAL Z 51 24.27 -39.55 5.92
C VAL Z 51 25.36 -40.47 6.49
N GLN Z 52 26.53 -40.47 5.86
CA GLN Z 52 27.64 -41.26 6.38
C GLN Z 52 28.22 -40.66 7.68
N THR Z 53 28.43 -39.35 7.71
CA THR Z 53 28.96 -38.72 8.92
C THR Z 53 28.04 -39.03 10.09
N LEU Z 54 26.74 -39.13 9.81
CA LEU Z 54 25.75 -39.52 10.80
C LEU Z 54 25.89 -41.00 11.16
N LYS Z 55 26.13 -41.82 10.14
CA LYS Z 55 26.37 -43.24 10.36
C LYS Z 55 27.58 -43.36 11.26
N ASP Z 56 28.55 -42.47 11.06
CA ASP Z 56 29.79 -42.45 11.81
C ASP Z 56 29.64 -41.75 13.17
N ASP Z 57 28.41 -41.37 13.49
CA ASP Z 57 28.06 -40.92 14.83
C ASP Z 57 27.24 -41.99 15.54
N ILE Z 58 26.08 -42.34 14.99
CA ILE Z 58 25.30 -43.48 15.46
C ILE Z 58 26.15 -44.73 15.59
N ASN Z 59 27.21 -44.84 14.80
CA ASN Z 59 28.17 -45.92 15.01
C ASN Z 59 29.03 -45.72 16.26
N ILE Z 60 29.71 -44.58 16.37
CA ILE Z 60 30.61 -44.36 17.50
C ILE Z 60 29.84 -44.13 18.79
N LEU Z 61 28.52 -43.94 18.67
CA LEU Z 61 27.65 -43.92 19.83
C LEU Z 61 27.37 -45.34 20.27
N LEU Z 62 27.22 -46.24 19.31
CA LEU Z 62 27.08 -47.65 19.61
C LEU Z 62 28.35 -48.17 20.29
N ASP Z 63 29.47 -47.52 20.03
CA ASP Z 63 30.72 -47.86 20.68
C ASP Z 63 30.75 -47.45 22.15
N LYS Z 64 30.41 -46.20 22.43
CA LYS Z 64 30.35 -45.73 23.81
C LYS Z 64 29.32 -46.53 24.62
N ALA Z 65 28.25 -46.97 23.96
CA ALA Z 65 27.16 -47.67 24.63
C ALA Z 65 27.47 -49.12 24.91
N ARG Z 66 28.21 -49.75 23.99
CA ARG Z 66 28.69 -51.10 24.23
C ARG Z 66 29.80 -51.05 25.28
N LEU Z 67 30.49 -49.90 25.33
CA LEU Z 67 31.59 -49.68 26.28
C LEU Z 67 31.11 -49.38 27.69
N GLU Z 68 30.16 -48.46 27.79
CA GLU Z 68 29.54 -48.14 29.07
C GLU Z 68 29.05 -49.44 29.69
N ASN Z 69 28.24 -50.16 28.90
CA ASN Z 69 27.61 -51.41 29.30
C ASN Z 69 28.60 -52.49 29.78
N GLN Z 70 29.78 -52.53 29.20
CA GLN Z 70 30.79 -53.52 29.59
C GLN Z 70 31.46 -53.15 30.91
N GLU Z 71 31.82 -51.88 31.06
CA GLU Z 71 32.47 -51.41 32.28
C GLU Z 71 31.53 -51.44 33.48
N GLY Z 72 30.24 -51.62 33.21
CA GLY Z 72 29.27 -51.88 34.26
C GLY Z 72 29.34 -53.33 34.70
N ILE Z 73 29.37 -54.25 33.73
CA ILE Z 73 29.50 -55.67 34.02
C ILE Z 73 30.83 -55.95 34.71
N ASP Z 74 31.85 -55.22 34.29
CA ASP Z 74 33.18 -55.34 34.90
C ASP Z 74 33.21 -54.72 36.31
N PHE Z 75 32.46 -53.63 36.52
CA PHE Z 75 32.45 -52.91 37.80
C PHE Z 75 31.59 -53.54 38.90
N ILE Z 76 30.49 -54.21 38.52
CA ILE Z 76 29.70 -54.97 39.48
C ILE Z 76 30.51 -56.14 40.03
N LYS Z 77 31.36 -56.71 39.17
CA LYS Z 77 32.27 -57.79 39.57
C LYS Z 77 33.52 -57.24 40.27
N ALA Z 78 34.00 -56.09 39.79
CA ALA Z 78 35.22 -55.46 40.30
C ALA Z 78 35.22 -55.28 41.80
N THR Z 79 34.29 -54.49 42.28
CA THR Z 79 34.18 -54.27 43.71
C THR Z 79 33.41 -55.40 44.39
N LYS Z 80 32.93 -56.35 43.61
CA LYS Z 80 32.35 -57.57 44.19
C LYS Z 80 33.47 -58.36 44.87
N VAL Z 81 34.62 -58.42 44.20
CA VAL Z 81 35.81 -59.01 44.77
C VAL Z 81 36.40 -58.10 45.84
N LEU Z 82 36.27 -56.78 45.67
CA LEU Z 82 36.84 -55.84 46.63
C LEU Z 82 36.08 -55.82 47.96
N MET Z 83 34.76 -55.99 47.90
CA MET Z 83 33.91 -55.89 49.08
C MET Z 83 33.99 -57.12 49.99
N GLU Z 84 34.28 -58.27 49.38
CA GLU Z 84 34.35 -59.52 50.14
C GLU Z 84 35.70 -59.75 50.84
N LYS Z 85 36.74 -59.03 50.42
CA LYS Z 85 38.00 -59.03 51.17
C LYS Z 85 37.94 -58.04 52.34
N ASN Z 86 37.21 -56.94 52.16
CA ASN Z 86 36.93 -56.03 53.26
C ASN Z 86 36.04 -56.71 54.30
N SER Z 87 35.15 -57.58 53.81
CA SER Z 87 34.15 -58.22 54.66
C SER Z 87 34.73 -59.35 55.51
N MET Z 88 35.59 -60.18 54.92
CA MET Z 88 36.32 -61.19 55.70
C MET Z 88 37.32 -60.49 56.62
N ASP Z 89 37.98 -59.46 56.10
CA ASP Z 89 38.85 -58.64 56.94
C ASP Z 89 38.05 -57.91 58.05
N ILE Z 90 36.75 -57.65 57.82
CA ILE Z 90 35.87 -57.18 58.89
C ILE Z 90 35.60 -58.31 59.91
N MET Z 91 35.15 -59.45 59.40
CA MET Z 91 34.84 -60.61 60.23
C MET Z 91 36.02 -61.13 61.05
N LYS Z 92 37.24 -61.02 60.50
CA LYS Z 92 38.44 -61.42 61.26
C LYS Z 92 38.96 -60.27 62.14
N ILE Z 93 38.49 -59.05 61.85
CA ILE Z 93 38.72 -57.90 62.73
C ILE Z 93 37.72 -58.03 63.88
N ARG Z 94 36.83 -59.01 63.74
CA ARG Z 94 35.80 -59.35 64.72
C ARG Z 94 36.21 -60.57 65.58
N GLU Z 95 36.45 -61.71 64.92
CA GLU Z 95 36.86 -62.95 65.59
C GLU Z 95 38.01 -62.72 66.56
N TYR Z 96 38.82 -61.71 66.25
CA TYR Z 96 39.99 -61.37 67.04
C TYR Z 96 39.66 -60.65 68.35
N PHE Z 97 38.69 -59.74 68.30
CA PHE Z 97 38.37 -58.95 69.49
C PHE Z 97 37.65 -59.74 70.57
N GLN Z 98 36.75 -60.63 70.16
CA GLN Z 98 35.99 -61.47 71.08
C GLN Z 98 36.90 -62.09 72.16
N LYS Z 99 37.80 -62.97 71.75
CA LYS Z 99 38.89 -63.39 72.64
C LYS Z 99 40.18 -62.81 72.10
N TYR Z 100 40.70 -61.80 72.78
CA TYR Z 100 41.87 -61.09 72.27
C TYR Z 100 43.13 -61.97 72.31
N PRO AA 3 -19.22 0.14 -14.18
CA PRO AA 3 -17.80 0.41 -13.95
C PRO AA 3 -17.39 1.73 -14.54
N ILE AA 4 -18.31 2.34 -15.30
CA ILE AA 4 -18.20 3.73 -15.80
C ILE AA 4 -18.77 4.80 -14.88
N ARG AA 5 -20.01 4.59 -14.41
CA ARG AA 5 -20.66 5.55 -13.53
C ARG AA 5 -19.97 5.54 -12.18
N SER AA 6 -19.46 4.37 -11.81
CA SER AA 6 -18.69 4.21 -10.60
C SER AA 6 -17.61 5.29 -10.50
N PHE AA 7 -16.94 5.57 -11.61
CA PHE AA 7 -16.01 6.70 -11.65
C PHE AA 7 -16.74 8.03 -11.51
N CYS AA 8 -17.72 8.22 -12.36
CA CYS AA 8 -18.41 9.49 -12.44
C CYS AA 8 -19.14 9.82 -11.13
N GLY AA 9 -19.74 8.80 -10.52
CA GLY AA 9 -20.39 8.96 -9.23
C GLY AA 9 -19.48 9.66 -8.23
N LYS AA 10 -18.27 9.14 -8.06
CA LYS AA 10 -17.24 9.83 -7.30
C LYS AA 10 -17.01 11.25 -7.84
N LEU AA 11 -16.81 11.37 -9.14
CA LEU AA 11 -16.53 12.67 -9.72
C LEU AA 11 -17.70 13.59 -9.41
N ARG AA 12 -18.90 13.07 -9.62
CA ARG AA 12 -20.16 13.79 -9.42
C ARG AA 12 -20.30 14.40 -8.02
N SER AA 13 -20.03 13.58 -7.00
CA SER AA 13 -20.11 14.03 -5.62
C SER AA 13 -19.16 15.20 -5.38
N LEU AA 14 -18.04 15.20 -6.07
CA LEU AA 14 -17.06 16.26 -5.88
C LEU AA 14 -17.64 17.52 -6.51
N ALA AA 15 -18.46 17.30 -7.52
CA ALA AA 15 -19.11 18.40 -8.20
C ALA AA 15 -20.20 18.89 -7.27
N SER AA 16 -21.18 18.03 -6.97
CA SER AA 16 -22.34 18.40 -6.15
C SER AA 16 -21.85 19.21 -4.97
N THR AA 17 -20.81 18.70 -4.32
CA THR AA 17 -20.14 19.42 -3.26
C THR AA 17 -19.68 20.81 -3.72
N LEU AA 18 -19.01 20.85 -4.86
CA LEU AA 18 -18.50 22.13 -5.33
C LEU AA 18 -19.65 23.09 -5.54
N ASP AA 19 -20.74 22.59 -6.12
CA ASP AA 19 -21.96 23.36 -6.38
C ASP AA 19 -22.53 23.96 -5.10
N CYS AA 20 -23.06 23.05 -4.28
CA CYS AA 20 -23.71 23.36 -3.02
C CYS AA 20 -22.88 24.34 -2.16
N GLU AA 21 -21.62 24.03 -1.92
CA GLU AA 21 -20.87 24.80 -0.94
C GLU AA 21 -20.42 26.18 -1.43
N THR AA 22 -20.21 26.30 -2.73
CA THR AA 22 -19.82 27.61 -3.25
C THR AA 22 -20.99 28.55 -3.16
N ALA AA 23 -22.17 28.01 -3.46
CA ALA AA 23 -23.42 28.74 -3.32
C ALA AA 23 -23.51 29.32 -1.90
N ARG AA 24 -23.64 28.41 -0.93
CA ARG AA 24 -23.89 28.84 0.42
C ARG AA 24 -22.79 29.72 0.95
N LEU AA 25 -21.54 29.35 0.71
CA LEU AA 25 -20.43 30.16 1.22
C LEU AA 25 -20.50 31.61 0.74
N GLN AA 26 -21.04 31.81 -0.45
CA GLN AA 26 -21.24 33.18 -0.92
C GLN AA 26 -22.28 33.83 -0.03
N ARG AA 27 -23.44 33.18 0.10
CA ARG AA 27 -24.52 33.69 0.95
C ARG AA 27 -24.02 34.00 2.36
N ALA AA 28 -23.36 33.03 2.98
CA ALA AA 28 -22.73 33.20 4.29
C ALA AA 28 -21.82 34.43 4.35
N LEU AA 29 -21.00 34.60 3.32
CA LEU AA 29 -20.19 35.81 3.20
C LEU AA 29 -21.07 37.07 3.17
N ASP AA 30 -22.24 36.94 2.52
CA ASP AA 30 -23.17 38.04 2.33
C ASP AA 30 -24.13 38.29 3.50
N GLY AA 31 -24.23 37.33 4.41
CA GLY AA 31 -25.11 37.50 5.54
C GLY AA 31 -26.46 36.81 5.42
N GLU AA 32 -26.66 36.08 4.34
CA GLU AA 32 -27.82 35.20 4.23
C GLU AA 32 -27.51 33.78 4.72
N GLU AA 33 -28.41 32.86 4.37
CA GLU AA 33 -28.21 31.41 4.54
C GLU AA 33 -28.40 30.92 5.97
N SER AA 34 -28.30 31.83 6.93
CA SER AA 34 -28.86 31.65 8.26
C SER AA 34 -28.27 30.51 9.08
N ASP AA 35 -27.65 29.54 8.42
CA ASP AA 35 -27.19 28.35 9.14
C ASP AA 35 -25.96 28.76 9.91
N PHE AA 36 -25.26 29.73 9.36
CA PHE AA 36 -23.94 30.13 9.83
C PHE AA 36 -23.95 31.10 11.01
N GLU AA 37 -25.03 31.89 11.16
CA GLU AA 37 -25.24 32.61 12.42
C GLU AA 37 -26.19 31.91 13.39
N ASP AA 38 -26.95 30.93 12.91
CA ASP AA 38 -27.89 30.18 13.75
C ASP AA 38 -27.29 29.02 14.60
N TYR AA 39 -26.51 28.15 13.98
CA TYR AA 39 -25.88 27.05 14.71
C TYR AA 39 -24.74 27.39 15.67
N PRO AA 40 -23.79 28.26 15.25
CA PRO AA 40 -22.74 28.68 16.19
C PRO AA 40 -23.33 29.35 17.43
N MET AA 41 -24.49 29.98 17.25
CA MET AA 41 -25.26 30.46 18.37
C MET AA 41 -25.60 29.26 19.24
N ARG AA 42 -26.30 28.29 18.67
CA ARG AA 42 -26.81 27.17 19.45
C ARG AA 42 -25.74 26.38 20.19
N ILE AA 43 -24.55 26.22 19.60
CA ILE AA 43 -23.46 25.57 20.32
C ILE AA 43 -22.77 26.53 21.28
N LEU AA 44 -22.73 27.82 20.96
CA LEU AA 44 -22.18 28.76 21.93
C LEU AA 44 -23.08 28.84 23.17
N TYR AA 45 -24.39 28.70 22.96
CA TYR AA 45 -25.34 28.76 24.07
C TYR AA 45 -25.28 27.50 24.90
N ASP AA 46 -25.00 26.38 24.25
CA ASP AA 46 -24.74 25.15 25.00
C ASP AA 46 -23.48 25.29 25.84
N LEU AA 47 -22.41 25.77 25.21
CA LEU AA 47 -21.13 26.00 25.88
C LEU AA 47 -21.31 26.94 27.06
N HIS AA 48 -22.15 27.95 26.90
CA HIS AA 48 -22.48 28.85 27.99
C HIS AA 48 -23.17 28.07 29.10
N SER AA 49 -24.19 27.29 28.72
CA SER AA 49 -24.95 26.49 29.67
C SER AA 49 -24.07 25.52 30.46
N GLU AA 50 -23.02 25.01 29.82
CA GLU AA 50 -22.03 24.20 30.53
C GLU AA 50 -21.35 25.04 31.61
N VAL AA 51 -20.68 26.14 31.21
CA VAL AA 51 -19.92 26.99 32.12
C VAL AA 51 -20.74 27.45 33.33
N GLN AA 52 -22.01 27.78 33.10
CA GLN AA 52 -22.90 28.22 34.15
C GLN AA 52 -23.19 27.07 35.11
N THR AA 53 -23.39 25.88 34.56
CA THR AA 53 -23.69 24.73 35.41
C THR AA 53 -22.46 24.29 36.20
N LEU AA 54 -21.28 24.55 35.67
CA LEU AA 54 -20.07 24.28 36.43
C LEU AA 54 -20.04 25.22 37.61
N LYS AA 55 -20.21 26.51 37.35
CA LYS AA 55 -20.26 27.52 38.39
C LYS AA 55 -21.31 27.15 39.42
N ASP AA 56 -22.41 26.56 38.95
CA ASP AA 56 -23.52 26.17 39.81
C ASP AA 56 -23.24 24.84 40.51
N ASP AA 57 -22.05 24.31 40.25
CA ASP AA 57 -21.56 23.11 40.92
C ASP AA 57 -20.44 23.47 41.90
N ILE AA 58 -19.41 24.15 41.42
CA ILE AA 58 -18.44 24.72 42.33
C ILE AA 58 -19.08 25.64 43.38
N ASN AA 59 -20.16 26.34 43.02
CA ASN AA 59 -20.85 27.17 43.99
C ASN AA 59 -21.44 26.38 45.15
N ILE AA 60 -22.30 25.41 44.81
CA ILE AA 60 -22.91 24.53 45.81
C ILE AA 60 -21.86 23.77 46.66
N LEU AA 61 -20.70 23.49 46.06
CA LEU AA 61 -19.59 22.92 46.83
C LEU AA 61 -18.98 23.94 47.76
N LEU AA 62 -18.79 25.17 47.29
CA LEU AA 62 -18.25 26.21 48.15
C LEU AA 62 -19.20 26.43 49.33
N ASP AA 63 -20.49 26.22 49.11
CA ASP AA 63 -21.46 26.30 50.18
C ASP AA 63 -21.28 25.20 51.24
N LYS AA 64 -21.07 23.96 50.82
CA LYS AA 64 -20.86 22.86 51.78
C LYS AA 64 -19.56 23.04 52.58
N ALA AA 65 -18.51 23.46 51.91
CA ALA AA 65 -17.21 23.69 52.56
C ALA AA 65 -17.27 24.87 53.51
N ARG AA 66 -17.98 25.92 53.11
CA ARG AA 66 -18.15 27.10 53.95
C ARG AA 66 -18.63 26.77 55.39
N LEU AA 67 -19.63 25.89 55.52
CA LEU AA 67 -20.13 25.53 56.84
C LEU AA 67 -19.27 24.50 57.55
N GLU AA 68 -18.68 23.59 56.78
CA GLU AA 68 -17.86 22.55 57.35
C GLU AA 68 -16.67 23.13 58.12
N ASN AA 69 -16.09 24.21 57.61
CA ASN AA 69 -15.06 24.91 58.36
C ASN AA 69 -15.65 25.59 59.59
N GLN AA 70 -16.87 26.10 59.46
CA GLN AA 70 -17.58 26.77 60.55
C GLN AA 70 -18.13 25.79 61.55
N GLU AA 71 -18.86 24.78 61.05
CA GLU AA 71 -19.39 23.75 61.91
C GLU AA 71 -18.22 23.06 62.64
N GLY AA 72 -17.06 23.07 61.99
CA GLY AA 72 -15.86 22.60 62.64
C GLY AA 72 -15.49 23.47 63.82
N ILE AA 73 -15.29 24.77 63.60
CA ILE AA 73 -14.95 25.67 64.71
C ILE AA 73 -16.09 25.64 65.72
N ASP AA 74 -17.32 25.51 65.23
CA ASP AA 74 -18.48 25.34 66.11
C ASP AA 74 -18.40 24.06 66.93
N PHE AA 75 -17.77 23.02 66.40
CA PHE AA 75 -17.59 21.79 67.16
C PHE AA 75 -16.42 21.83 68.14
N ILE AA 76 -15.33 22.49 67.76
CA ILE AA 76 -14.16 22.53 68.61
C ILE AA 76 -14.31 23.59 69.69
N LYS AA 77 -15.33 24.44 69.57
CA LYS AA 77 -15.72 25.31 70.68
C LYS AA 77 -16.36 24.44 71.75
N ALA AA 78 -17.35 23.65 71.35
CA ALA AA 78 -18.07 22.77 72.25
C ALA AA 78 -17.15 21.83 73.00
N THR AA 79 -16.09 21.38 72.34
CA THR AA 79 -15.17 20.44 72.97
C THR AA 79 -14.20 21.08 73.99
N LYS AA 80 -13.57 22.21 73.66
CA LYS AA 80 -12.64 22.87 74.59
C LYS AA 80 -13.28 23.22 75.96
N VAL AA 81 -14.58 23.49 75.97
CA VAL AA 81 -15.32 23.66 77.22
C VAL AA 81 -15.53 22.31 77.88
N LEU AA 82 -16.35 21.46 77.26
CA LEU AA 82 -16.68 20.16 77.85
C LEU AA 82 -15.43 19.31 78.15
N MET AA 83 -14.29 19.65 77.56
CA MET AA 83 -13.01 19.00 77.90
C MET AA 83 -12.40 19.59 79.18
N GLU AA 84 -12.52 20.90 79.33
CA GLU AA 84 -11.94 21.60 80.48
C GLU AA 84 -12.58 21.18 81.80
N LYS AA 85 -13.91 21.09 81.85
CA LYS AA 85 -14.59 20.65 83.08
C LYS AA 85 -14.28 19.19 83.35
N ASN AA 86 -13.82 18.49 82.32
CA ASN AA 86 -13.27 17.15 82.51
C ASN AA 86 -11.84 17.25 83.03
N SER AA 87 -11.15 18.32 82.66
CA SER AA 87 -9.80 18.57 83.16
C SER AA 87 -9.77 18.79 84.69
N MET AA 88 -10.58 19.72 85.19
CA MET AA 88 -10.64 19.97 86.64
C MET AA 88 -11.33 18.85 87.41
N ASP AA 89 -12.25 18.13 86.77
CA ASP AA 89 -12.90 17.01 87.45
C ASP AA 89 -12.04 15.75 87.44
N ILE AA 90 -11.04 15.69 86.56
CA ILE AA 90 -10.00 14.67 86.68
C ILE AA 90 -8.96 15.05 87.74
N MET AA 91 -8.50 16.30 87.67
CA MET AA 91 -7.52 16.85 88.61
C MET AA 91 -8.05 16.76 90.03
N LYS AA 92 -9.37 16.93 90.17
CA LYS AA 92 -10.03 16.81 91.45
C LYS AA 92 -10.21 15.33 91.86
N ILE AA 93 -10.50 14.47 90.89
CA ILE AA 93 -10.72 13.06 91.18
C ILE AA 93 -9.43 12.43 91.65
N ARG AA 94 -8.32 12.89 91.08
CA ARG AA 94 -6.99 12.43 91.47
C ARG AA 94 -6.52 13.03 92.81
N GLU AA 95 -6.62 14.35 92.95
CA GLU AA 95 -6.15 15.04 94.15
C GLU AA 95 -6.73 14.39 95.41
N TYR AA 96 -8.02 14.06 95.35
CA TYR AA 96 -8.73 13.40 96.44
C TYR AA 96 -8.25 11.97 96.63
N PHE AA 97 -8.04 11.26 95.53
CA PHE AA 97 -7.49 9.92 95.57
C PHE AA 97 -6.14 9.96 96.26
N GLN AA 98 -5.42 11.07 96.07
CA GLN AA 98 -4.15 11.30 96.74
C GLN AA 98 -4.34 11.51 98.27
N LYS AA 99 -5.54 11.87 98.70
CA LYS AA 99 -5.81 12.03 100.13
C LYS AA 99 -6.37 10.74 100.72
N TYR AA 100 -6.62 9.75 99.86
CA TYR AA 100 -7.04 8.41 100.28
C TYR AA 100 -7.10 7.51 99.05
N PRO BA 3 -7.38 -15.98 15.30
CA PRO BA 3 -7.73 -14.56 15.11
C PRO BA 3 -7.15 -13.71 16.22
N ILE BA 4 -6.85 -14.39 17.35
CA ILE BA 4 -6.24 -13.81 18.55
C ILE BA 4 -4.77 -14.12 18.52
N ARG BA 5 -4.49 -15.42 18.62
CA ARG BA 5 -3.14 -15.99 18.63
C ARG BA 5 -2.34 -15.58 17.41
N SER BA 6 -3.05 -15.39 16.31
CA SER BA 6 -2.43 -14.89 15.08
C SER BA 6 -1.57 -13.67 15.37
N PHE BA 7 -2.06 -12.77 16.23
CA PHE BA 7 -1.24 -11.65 16.66
C PHE BA 7 -0.09 -12.13 17.49
N CYS BA 8 -0.43 -12.87 18.53
CA CYS BA 8 0.54 -13.28 19.53
C CYS BA 8 1.63 -14.15 18.92
N GLY BA 9 1.22 -15.02 17.99
CA GLY BA 9 2.16 -15.87 17.26
C GLY BA 9 3.28 -15.04 16.68
N LYS BA 10 2.94 -13.98 15.95
CA LYS BA 10 3.93 -13.02 15.48
C LYS BA 10 4.72 -12.40 16.61
N LEU BA 11 4.02 -11.97 17.66
CA LEU BA 11 4.67 -11.36 18.82
C LEU BA 11 5.62 -12.38 19.42
N ARG BA 12 5.11 -13.59 19.60
CA ARG BA 12 5.86 -14.70 20.20
C ARG BA 12 7.19 -14.99 19.52
N SER BA 13 7.15 -15.12 18.20
CA SER BA 13 8.36 -15.31 17.41
C SER BA 13 9.40 -14.21 17.65
N LEU BA 14 8.95 -12.98 17.88
CA LEU BA 14 9.88 -11.90 18.11
C LEU BA 14 10.46 -12.10 19.45
N ALA BA 15 9.68 -12.73 20.33
CA ALA BA 15 10.18 -13.05 21.65
C ALA BA 15 11.19 -14.18 21.52
N SER BA 16 10.74 -15.35 21.08
CA SER BA 16 11.60 -16.53 20.95
C SER BA 16 12.92 -16.12 20.36
N THR BA 17 12.86 -15.37 19.27
CA THR BA 17 14.07 -14.77 18.74
C THR BA 17 14.87 -13.98 19.79
N LEU BA 18 14.20 -13.12 20.54
CA LEU BA 18 14.92 -12.29 21.47
C LEU BA 18 15.56 -13.16 22.56
N ASP BA 19 14.84 -14.20 22.98
CA ASP BA 19 15.34 -15.18 23.94
C ASP BA 19 16.62 -15.84 23.45
N CYS BA 20 16.44 -16.66 22.43
CA CYS BA 20 17.48 -17.45 21.80
C CYS BA 20 18.73 -16.65 21.49
N GLU BA 21 18.60 -15.54 20.77
CA GLU BA 21 19.77 -14.84 20.27
C GLU BA 21 20.52 -14.04 21.33
N THR BA 22 19.83 -13.62 22.38
CA THR BA 22 20.52 -12.88 23.42
C THR BA 22 21.37 -13.85 24.21
N ALA BA 23 20.81 -15.03 24.47
CA ALA BA 23 21.53 -16.13 25.11
C ALA BA 23 22.85 -16.39 24.39
N ARG BA 24 22.73 -16.87 23.17
CA ARG BA 24 23.90 -17.26 22.41
C ARG BA 24 24.88 -16.12 22.21
N LEU BA 25 24.41 -14.95 21.82
CA LEU BA 25 25.32 -13.83 21.64
C LEU BA 25 26.14 -13.51 22.88
N GLN BA 26 25.59 -13.76 24.06
CA GLN BA 26 26.39 -13.61 25.28
C GLN BA 26 27.49 -14.67 25.23
N ARG BA 27 27.08 -15.92 25.08
CA ARG BA 27 28.03 -17.02 25.01
C ARG BA 27 29.14 -16.73 23.98
N ALA BA 28 28.73 -16.40 22.77
CA ALA BA 28 29.66 -16.03 21.72
C ALA BA 28 30.63 -14.94 22.17
N LEU BA 29 30.12 -13.96 22.91
CA LEU BA 29 30.95 -12.90 23.43
C LEU BA 29 31.96 -13.47 24.43
N ASP BA 30 31.52 -14.51 25.14
CA ASP BA 30 32.31 -15.17 26.18
C ASP BA 30 33.25 -16.25 25.67
N GLY BA 31 33.05 -16.72 24.46
CA GLY BA 31 33.94 -17.73 23.91
C GLY BA 31 33.36 -19.13 23.91
N GLU BA 32 32.13 -19.26 24.38
CA GLU BA 32 31.40 -20.52 24.25
C GLU BA 32 30.56 -20.58 22.97
N GLU BA 33 29.66 -21.56 22.93
CA GLU BA 33 28.62 -21.69 21.90
C GLU BA 33 29.11 -22.25 20.57
N SER BA 34 30.41 -22.13 20.34
CA SER BA 34 31.11 -22.95 19.35
C SER BA 34 30.70 -22.73 17.92
N ASP BA 35 29.50 -22.22 17.70
CA ASP BA 35 28.99 -22.13 16.33
C ASP BA 35 29.74 -21.01 15.66
N PHE BA 36 30.14 -20.04 16.47
CA PHE BA 36 30.70 -18.79 15.98
C PHE BA 36 32.20 -18.84 15.63
N GLU BA 37 32.94 -19.74 16.26
CA GLU BA 37 34.29 -20.02 15.78
C GLU BA 37 34.38 -21.25 14.85
N ASP BA 38 33.33 -22.08 14.83
CA ASP BA 38 33.30 -23.29 14.00
C ASP BA 38 32.89 -23.08 12.53
N TYR BA 39 31.79 -22.37 12.30
CA TYR BA 39 31.32 -22.12 10.93
C TYR BA 39 32.16 -21.14 10.09
N PRO BA 40 32.54 -19.97 10.65
CA PRO BA 40 33.42 -19.06 9.90
C PRO BA 40 34.73 -19.75 9.53
N MET BA 41 35.14 -20.71 10.35
CA MET BA 41 36.25 -21.54 9.97
C MET BA 41 35.85 -22.24 8.67
N ARG BA 42 34.75 -22.99 8.72
CA ARG BA 42 34.36 -23.86 7.61
C ARG BA 42 34.17 -23.12 6.29
N ILE BA 43 33.62 -21.90 6.34
CA ILE BA 43 33.52 -21.09 5.12
C ILE BA 43 34.82 -20.38 4.78
N LEU BA 44 35.65 -20.07 5.78
CA LEU BA 44 36.98 -19.57 5.45
C LEU BA 44 37.82 -20.66 4.78
N TYR BA 45 37.64 -21.90 5.22
CA TYR BA 45 38.40 -23.01 4.65
C TYR BA 45 37.93 -23.32 3.22
N ASP BA 46 36.64 -23.15 2.97
CA ASP BA 46 36.14 -23.29 1.62
C ASP BA 46 36.72 -22.19 0.75
N LEU BA 47 36.65 -20.95 1.23
CA LEU BA 47 37.20 -19.79 0.53
C LEU BA 47 38.67 -20.00 0.20
N HIS BA 48 39.39 -20.59 1.14
CA HIS BA 48 40.78 -20.96 0.91
C HIS BA 48 40.85 -21.96 -0.23
N SER BA 49 40.04 -23.00 -0.13
CA SER BA 49 40.03 -24.07 -1.12
C SER BA 49 39.72 -23.55 -2.51
N GLU BA 50 38.87 -22.52 -2.59
CA GLU BA 50 38.63 -21.87 -3.87
C GLU BA 50 39.89 -21.20 -4.35
N VAL BA 51 40.40 -20.25 -3.55
CA VAL BA 51 41.59 -19.45 -3.87
C VAL BA 51 42.79 -20.31 -4.24
N GLN BA 52 42.92 -21.42 -3.53
CA GLN BA 52 44.00 -22.33 -3.82
C GLN BA 52 43.74 -23.04 -5.14
N THR BA 53 42.58 -23.66 -5.28
CA THR BA 53 42.30 -24.40 -6.52
C THR BA 53 42.22 -23.47 -7.73
N LEU BA 54 41.90 -22.20 -7.48
CA LEU BA 54 41.93 -21.20 -8.54
C LEU BA 54 43.36 -20.95 -8.96
N LYS BA 55 44.27 -21.02 -8.00
CA LYS BA 55 45.67 -20.83 -8.33
C LYS BA 55 46.21 -22.01 -9.14
N ASP BA 56 45.62 -23.17 -8.95
CA ASP BA 56 45.97 -24.33 -9.77
C ASP BA 56 45.67 -24.02 -11.23
N ASP BA 57 44.49 -23.45 -11.49
CA ASP BA 57 44.14 -23.01 -12.84
C ASP BA 57 45.09 -21.91 -13.33
N ILE BA 58 45.19 -20.81 -12.58
CA ILE BA 58 46.00 -19.66 -12.99
C ILE BA 58 47.46 -20.02 -13.24
N ASN BA 59 47.92 -21.09 -12.59
CA ASN BA 59 49.25 -21.65 -12.83
C ASN BA 59 49.26 -22.58 -14.04
N ILE BA 60 48.20 -23.39 -14.14
CA ILE BA 60 48.00 -24.33 -15.25
C ILE BA 60 48.13 -23.60 -16.57
N LEU BA 61 47.45 -22.46 -16.68
CA LEU BA 61 47.43 -21.65 -17.90
C LEU BA 61 48.81 -21.10 -18.20
N LEU BA 62 49.58 -20.82 -17.15
CA LEU BA 62 50.97 -20.45 -17.31
C LEU BA 62 51.74 -21.63 -17.93
N ASP BA 63 51.52 -22.81 -17.38
CA ASP BA 63 52.20 -24.01 -17.86
C ASP BA 63 51.89 -24.33 -19.33
N LYS BA 64 50.75 -23.85 -19.80
CA LYS BA 64 50.47 -23.85 -21.23
C LYS BA 64 51.29 -22.77 -21.93
N ALA BA 65 51.19 -21.53 -21.45
CA ALA BA 65 51.75 -20.38 -22.16
C ALA BA 65 53.27 -20.38 -22.21
N ARG BA 66 53.91 -21.06 -21.26
CA ARG BA 66 55.34 -21.25 -21.33
C ARG BA 66 55.64 -22.27 -22.43
N LEU BA 67 54.81 -23.30 -22.48
CA LEU BA 67 54.92 -24.37 -23.47
C LEU BA 67 54.81 -23.83 -24.89
N GLU BA 68 53.64 -23.27 -25.21
CA GLU BA 68 53.36 -22.69 -26.52
C GLU BA 68 54.50 -21.77 -26.98
N ASN BA 69 55.05 -20.99 -26.05
CA ASN BA 69 56.13 -20.06 -26.37
C ASN BA 69 57.46 -20.77 -26.67
N GLN BA 70 57.83 -21.72 -25.83
CA GLN BA 70 59.01 -22.52 -26.14
C GLN BA 70 58.73 -23.37 -27.38
N GLU BA 71 57.66 -24.16 -27.33
CA GLU BA 71 57.30 -25.09 -28.41
C GLU BA 71 57.10 -24.39 -29.76
N GLY BA 72 56.77 -23.10 -29.72
CA GLY BA 72 56.70 -22.30 -30.93
C GLY BA 72 58.09 -21.90 -31.40
N ILE BA 73 58.90 -21.40 -30.48
CA ILE BA 73 60.29 -21.06 -30.76
C ILE BA 73 61.02 -22.31 -31.19
N ASP BA 74 60.69 -23.40 -30.49
CA ASP BA 74 61.14 -24.74 -30.82
C ASP BA 74 60.83 -25.08 -32.28
N PHE BA 75 59.67 -24.63 -32.75
CA PHE BA 75 59.19 -24.92 -34.10
C PHE BA 75 59.79 -24.04 -35.19
N ILE BA 76 60.08 -22.78 -34.90
CA ILE BA 76 60.65 -21.91 -35.94
C ILE BA 76 62.12 -22.22 -36.14
N LYS BA 77 62.78 -22.79 -35.12
CA LYS BA 77 64.10 -23.39 -35.32
C LYS BA 77 63.93 -24.77 -35.94
N ALA BA 78 62.91 -25.53 -35.52
CA ALA BA 78 62.65 -26.84 -36.10
C ALA BA 78 62.39 -26.77 -37.61
N THR BA 79 61.66 -25.75 -38.03
CA THR BA 79 61.41 -25.54 -39.44
C THR BA 79 62.68 -25.10 -40.17
N LYS BA 80 63.37 -24.10 -39.62
CA LYS BA 80 64.54 -23.50 -40.26
C LYS BA 80 65.63 -24.53 -40.65
N VAL BA 81 65.79 -25.58 -39.86
CA VAL BA 81 66.73 -26.65 -40.19
C VAL BA 81 66.17 -27.56 -41.30
N LEU BA 82 64.90 -27.92 -41.20
CA LEU BA 82 64.28 -28.79 -42.20
C LEU BA 82 64.12 -28.10 -43.57
N MET BA 83 64.11 -26.77 -43.57
CA MET BA 83 64.06 -26.00 -44.81
C MET BA 83 65.44 -25.88 -45.49
N GLU BA 84 66.48 -25.61 -44.70
CA GLU BA 84 67.84 -25.50 -45.24
C GLU BA 84 68.41 -26.81 -45.82
N LYS BA 85 67.78 -27.94 -45.51
CA LYS BA 85 68.18 -29.23 -46.10
C LYS BA 85 67.37 -29.54 -47.34
N ASN BA 86 66.32 -28.75 -47.58
CA ASN BA 86 65.63 -28.77 -48.87
C ASN BA 86 66.29 -27.85 -49.89
N SER BA 87 66.79 -26.72 -49.41
CA SER BA 87 67.50 -25.76 -50.24
C SER BA 87 68.83 -26.34 -50.72
N MET BA 88 69.59 -26.94 -49.80
CA MET BA 88 70.90 -27.50 -50.13
C MET BA 88 70.83 -28.91 -50.72
N ASP BA 89 69.64 -29.54 -50.67
CA ASP BA 89 69.40 -30.74 -51.46
C ASP BA 89 68.69 -30.49 -52.82
N ILE BA 90 68.18 -29.28 -53.03
CA ILE BA 90 67.65 -28.89 -54.35
C ILE BA 90 68.82 -28.52 -55.28
N MET BA 91 69.77 -27.76 -54.76
CA MET BA 91 71.00 -27.45 -55.47
C MET BA 91 71.86 -28.70 -55.57
N LYS BA 92 71.58 -29.69 -54.71
CA LYS BA 92 72.19 -31.02 -54.85
C LYS BA 92 71.45 -31.81 -55.93
N ILE BA 93 70.12 -31.63 -55.97
CA ILE BA 93 69.30 -32.21 -57.04
C ILE BA 93 69.62 -31.49 -58.34
N ARG BA 94 70.05 -30.24 -58.21
CA ARG BA 94 70.50 -29.45 -59.37
C ARG BA 94 71.85 -29.94 -59.92
N GLU BA 95 72.83 -30.16 -59.04
CA GLU BA 95 74.18 -30.57 -59.44
C GLU BA 95 74.26 -31.99 -60.07
N TYR BA 96 73.14 -32.70 -60.02
CA TYR BA 96 73.01 -34.01 -60.66
C TYR BA 96 72.44 -33.87 -62.06
N PHE BA 97 72.02 -32.67 -62.42
CA PHE BA 97 71.39 -32.45 -63.73
C PHE BA 97 72.21 -31.59 -64.69
N GLN BA 98 72.05 -31.88 -65.98
CA GLN BA 98 72.83 -31.32 -67.09
C GLN BA 98 74.29 -31.80 -67.07
N LYS BA 99 74.71 -32.37 -65.94
CA LYS BA 99 75.98 -33.07 -65.85
C LYS BA 99 75.76 -34.58 -66.02
N TYR BA 100 74.48 -34.96 -66.09
CA TYR BA 100 74.04 -36.35 -66.23
C TYR BA 100 72.51 -36.43 -66.10
N PRO CA 3 4.70 -22.58 -1.58
CA PRO CA 3 4.74 -22.08 -0.20
C PRO CA 3 6.16 -21.78 0.22
N ILE CA 4 7.07 -22.70 -0.13
CA ILE CA 4 8.50 -22.63 0.16
C ILE CA 4 9.27 -22.13 -1.04
N ARG CA 5 9.23 -22.94 -2.09
CA ARG CA 5 9.93 -22.68 -3.35
C ARG CA 5 9.53 -21.35 -3.95
N SER CA 6 8.28 -20.97 -3.70
CA SER CA 6 7.77 -19.66 -4.10
C SER CA 6 8.74 -18.54 -3.70
N PHE CA 7 9.28 -18.64 -2.49
CA PHE CA 7 10.34 -17.72 -2.07
C PHE CA 7 11.60 -17.94 -2.89
N CYS CA 8 12.06 -19.18 -2.89
CA CYS CA 8 13.32 -19.52 -3.48
C CYS CA 8 13.31 -19.24 -4.98
N GLY CA 9 12.19 -19.53 -5.64
CA GLY CA 9 12.02 -19.25 -7.05
C GLY CA 9 12.40 -17.82 -7.35
N LYS CA 10 11.80 -16.87 -6.64
CA LYS CA 10 12.22 -15.48 -6.74
C LYS CA 10 13.71 -15.29 -6.45
N LEU CA 11 14.19 -15.90 -5.38
CA LEU CA 11 15.59 -15.77 -5.00
C LEU CA 11 16.44 -16.31 -6.14
N ARG CA 12 16.05 -17.50 -6.60
CA ARG CA 12 16.75 -18.23 -7.66
C ARG CA 12 16.96 -17.40 -8.91
N SER CA 13 15.88 -16.80 -9.43
CA SER CA 13 15.95 -15.91 -10.57
C SER CA 13 16.98 -14.79 -10.37
N LEU CA 14 17.12 -14.30 -9.14
CA LEU CA 14 18.04 -13.22 -8.88
C LEU CA 14 19.44 -13.81 -8.96
N ALA CA 15 19.51 -15.11 -8.69
CA ALA CA 15 20.78 -15.79 -8.82
C ALA CA 15 21.07 -15.98 -10.30
N SER CA 16 20.22 -16.75 -10.99
CA SER CA 16 20.39 -17.07 -12.41
C SER CA 16 20.79 -15.81 -13.13
N THR CA 17 20.06 -14.74 -12.89
CA THR CA 17 20.49 -13.45 -13.38
C THR CA 17 21.92 -13.09 -12.99
N LEU CA 18 22.27 -13.24 -11.73
CA LEU CA 18 23.58 -12.83 -11.31
C LEU CA 18 24.66 -13.69 -12.01
N ASP CA 19 24.34 -14.97 -12.18
CA ASP CA 19 25.21 -15.92 -12.87
C ASP CA 19 25.45 -15.46 -14.30
N CYS CA 20 24.39 -15.56 -15.08
CA CYS CA 20 24.37 -15.25 -16.50
C CYS CA 20 25.03 -13.92 -16.83
N GLU CA 21 24.60 -12.85 -16.17
CA GLU CA 21 25.07 -11.53 -16.60
C GLU CA 21 26.49 -11.21 -16.20
N THR CA 22 26.98 -11.83 -15.14
CA THR CA 22 28.34 -11.56 -14.71
C THR CA 22 29.30 -12.22 -15.67
N ALA CA 23 28.92 -13.44 -16.08
CA ALA CA 23 29.63 -14.18 -17.11
C ALA CA 23 29.82 -13.31 -18.35
N ARG CA 24 28.70 -13.00 -18.99
CA ARG CA 24 28.74 -12.32 -20.26
C ARG CA 24 29.40 -10.95 -20.13
N LEU CA 25 29.05 -10.20 -19.12
CA LEU CA 25 29.64 -8.86 -18.98
C LEU CA 25 31.16 -8.92 -18.91
N GLN CA 26 31.70 -10.01 -18.38
CA GLN CA 26 33.15 -10.16 -18.39
C GLN CA 26 33.57 -10.34 -19.83
N ARG CA 27 32.96 -11.30 -20.52
CA ARG CA 27 33.29 -11.55 -21.92
C ARG CA 27 33.21 -10.25 -22.73
N ALA CA 28 32.07 -9.57 -22.62
CA ALA CA 28 31.87 -8.27 -23.27
C ALA CA 28 33.01 -7.30 -22.99
N LEU CA 29 33.42 -7.24 -21.74
CA LEU CA 29 34.55 -6.42 -21.35
C LEU CA 29 35.81 -6.86 -22.11
N ASP CA 30 35.89 -8.16 -22.34
CA ASP CA 30 37.06 -8.80 -22.95
C ASP CA 30 37.03 -8.81 -24.46
N GLY CA 31 35.87 -8.56 -25.05
CA GLY CA 31 35.79 -8.54 -26.50
C GLY CA 31 35.18 -9.78 -27.13
N GLU CA 32 34.77 -10.73 -26.30
CA GLU CA 32 33.99 -11.87 -26.76
C GLU CA 32 32.49 -11.62 -26.67
N GLU CA 33 31.73 -12.71 -26.79
CA GLU CA 33 30.28 -12.75 -26.54
C GLU CA 33 29.44 -12.15 -27.66
N SER CA 34 30.05 -11.32 -28.49
CA SER CA 34 29.55 -10.99 -29.82
C SER CA 34 28.23 -10.27 -29.85
N ASP CA 35 27.43 -10.38 -28.78
CA ASP CA 35 26.08 -9.84 -28.80
C ASP CA 35 26.23 -8.35 -28.70
N PHE CA 36 27.30 -7.95 -28.03
CA PHE CA 36 27.49 -6.56 -27.67
C PHE CA 36 28.10 -5.67 -28.76
N GLU CA 37 28.86 -6.25 -29.69
CA GLU CA 37 29.24 -5.53 -30.91
C GLU CA 37 28.32 -5.80 -32.11
N ASP CA 38 27.53 -6.87 -32.03
CA ASP CA 38 26.62 -7.26 -33.13
C ASP CA 38 25.27 -6.53 -33.19
N TYR CA 39 24.55 -6.46 -32.05
CA TYR CA 39 23.26 -5.75 -31.99
C TYR CA 39 23.29 -4.23 -32.07
N PRO CA 40 24.19 -3.55 -31.32
CA PRO CA 40 24.29 -2.09 -31.48
C PRO CA 40 24.63 -1.70 -32.91
N MET CA 41 25.34 -2.58 -33.61
CA MET CA 41 25.54 -2.41 -35.03
C MET CA 41 24.17 -2.38 -35.68
N ARG CA 42 23.41 -3.47 -35.50
CA ARG CA 42 22.14 -3.63 -36.22
C ARG CA 42 21.14 -2.52 -35.96
N ILE CA 43 21.11 -1.98 -34.75
CA ILE CA 43 20.25 -0.83 -34.49
C ILE CA 43 20.90 0.46 -34.96
N LEU CA 44 22.23 0.55 -34.94
CA LEU CA 44 22.84 1.73 -35.50
C LEU CA 44 22.63 1.78 -37.02
N TYR CA 45 22.62 0.61 -37.67
CA TYR CA 45 22.41 0.55 -39.12
C TYR CA 45 20.96 0.85 -39.47
N ASP CA 46 20.04 0.46 -38.60
CA ASP CA 46 18.66 0.84 -38.78
C ASP CA 46 18.53 2.34 -38.64
N LEU CA 47 19.10 2.89 -37.57
CA LEU CA 47 19.10 4.34 -37.34
C LEU CA 47 19.69 5.10 -38.52
N HIS CA 48 20.72 4.54 -39.13
CA HIS CA 48 21.31 5.12 -40.31
C HIS CA 48 20.28 5.08 -41.43
N SER CA 49 19.69 3.93 -41.63
CA SER CA 49 18.70 3.73 -42.70
C SER CA 49 17.52 4.69 -42.56
N GLU CA 50 17.14 5.01 -41.33
CA GLU CA 50 16.14 6.04 -41.11
C GLU CA 50 16.67 7.37 -41.63
N VAL CA 51 17.80 7.81 -41.07
CA VAL CA 51 18.33 9.15 -41.34
C VAL CA 51 18.58 9.40 -42.82
N GLN CA 52 18.86 8.33 -43.55
CA GLN CA 52 19.08 8.40 -45.00
C GLN CA 52 17.76 8.71 -45.69
N THR CA 53 16.76 7.87 -45.44
CA THR CA 53 15.42 8.09 -46.03
C THR CA 53 14.92 9.49 -45.69
N LEU CA 54 15.21 9.95 -44.48
CA LEU CA 54 14.89 11.32 -44.09
C LEU CA 54 15.62 12.37 -44.93
N LYS CA 55 16.91 12.14 -45.19
CA LYS CA 55 17.64 13.09 -46.02
C LYS CA 55 17.19 12.99 -47.47
N ASP CA 56 16.58 11.87 -47.82
CA ASP CA 56 15.95 11.75 -49.14
C ASP CA 56 14.70 12.61 -49.25
N ASP CA 57 13.79 12.43 -48.30
CA ASP CA 57 12.57 13.20 -48.31
C ASP CA 57 12.87 14.69 -48.23
N ILE CA 58 13.59 15.10 -47.19
CA ILE CA 58 13.99 16.49 -47.03
C ILE CA 58 14.70 17.04 -48.26
N ASN CA 59 15.33 16.19 -49.05
CA ASN CA 59 15.90 16.63 -50.30
C ASN CA 59 14.80 16.70 -51.33
N ILE CA 60 14.04 15.61 -51.46
CA ILE CA 60 12.96 15.47 -52.43
C ILE CA 60 12.00 16.66 -52.40
N LEU CA 61 11.65 17.08 -51.19
CA LEU CA 61 10.73 18.20 -51.02
C LEU CA 61 11.33 19.44 -51.61
N LEU CA 62 12.54 19.74 -51.16
CA LEU CA 62 13.30 20.88 -51.62
C LEU CA 62 13.23 21.01 -53.14
N ASP CA 63 13.29 19.87 -53.80
CA ASP CA 63 13.15 19.81 -55.24
C ASP CA 63 11.78 20.32 -55.70
N LYS CA 64 10.70 19.79 -55.14
CA LYS CA 64 9.35 20.24 -55.53
C LYS CA 64 9.18 21.74 -55.30
N ALA CA 65 9.84 22.29 -54.29
CA ALA CA 65 9.80 23.73 -54.08
C ALA CA 65 10.69 24.52 -55.02
N ARG CA 66 11.85 23.99 -55.36
CA ARG CA 66 12.67 24.66 -56.35
C ARG CA 66 11.88 24.85 -57.65
N LEU CA 67 11.16 23.80 -58.02
CA LEU CA 67 10.27 23.76 -59.15
C LEU CA 67 9.15 24.78 -59.02
N GLU CA 68 8.28 24.62 -58.03
CA GLU CA 68 7.12 25.49 -57.90
C GLU CA 68 7.51 26.96 -57.87
N ASN CA 69 8.71 27.27 -57.41
CA ASN CA 69 9.16 28.64 -57.57
C ASN CA 69 9.49 28.89 -59.03
N GLN CA 70 9.92 27.87 -59.74
CA GLN CA 70 10.19 28.04 -61.17
C GLN CA 70 8.92 28.01 -62.00
N GLU CA 71 8.24 26.85 -62.00
CA GLU CA 71 7.03 26.68 -62.79
C GLU CA 71 6.17 27.94 -62.59
N GLY CA 72 6.24 28.49 -61.37
CA GLY CA 72 5.80 29.86 -61.13
C GLY CA 72 6.60 30.99 -61.76
N ILE CA 73 7.89 31.11 -61.47
CA ILE CA 73 8.63 32.30 -61.94
C ILE CA 73 8.63 32.46 -63.47
N ASP CA 74 8.62 31.36 -64.25
CA ASP CA 74 8.11 31.54 -65.61
C ASP CA 74 6.75 30.92 -65.79
N PHE CA 75 5.77 31.75 -65.50
CA PHE CA 75 4.41 31.61 -65.92
C PHE CA 75 4.12 33.07 -66.09
N ILE CA 76 4.34 33.78 -64.99
CA ILE CA 76 4.21 35.22 -64.92
C ILE CA 76 4.87 35.92 -66.12
N LYS CA 77 6.01 35.44 -66.57
CA LYS CA 77 6.62 35.97 -67.80
C LYS CA 77 6.00 35.38 -69.07
N ALA CA 78 5.61 34.11 -68.98
CA ALA CA 78 5.01 33.44 -70.12
C ALA CA 78 3.60 33.96 -70.31
N THR CA 79 3.02 34.45 -69.23
CA THR CA 79 1.73 35.11 -69.29
C THR CA 79 1.93 36.54 -69.75
N LYS CA 80 2.92 37.22 -69.19
CA LYS CA 80 3.24 38.59 -69.58
C LYS CA 80 3.71 38.76 -71.05
N VAL CA 81 3.98 37.69 -71.77
CA VAL CA 81 4.05 37.81 -73.25
C VAL CA 81 2.73 37.69 -74.00
N LEU CA 82 1.82 36.84 -73.56
CA LEU CA 82 0.48 36.85 -74.14
C LEU CA 82 -0.23 38.17 -73.83
N MET CA 83 0.19 38.82 -72.75
CA MET CA 83 -0.35 40.14 -72.43
C MET CA 83 -0.02 41.12 -73.54
N GLU CA 84 1.27 41.25 -73.85
CA GLU CA 84 1.70 42.12 -74.96
C GLU CA 84 0.99 41.77 -76.29
N LYS CA 85 0.74 40.50 -76.54
CA LYS CA 85 0.08 40.06 -77.76
C LYS CA 85 -1.38 40.44 -77.78
N ASN CA 86 -2.07 40.18 -76.68
CA ASN CA 86 -3.46 40.56 -76.61
C ASN CA 86 -3.63 42.07 -76.47
N SER CA 87 -2.58 42.74 -76.00
CA SER CA 87 -2.59 44.20 -75.91
C SER CA 87 -2.50 44.89 -77.28
N MET CA 88 -1.71 44.34 -78.21
CA MET CA 88 -1.71 44.85 -79.58
C MET CA 88 -3.02 44.48 -80.26
N ASP CA 89 -3.39 43.20 -80.18
CA ASP CA 89 -4.61 42.69 -80.79
C ASP CA 89 -5.89 43.46 -80.41
N ILE CA 90 -5.95 44.04 -79.22
CA ILE CA 90 -7.04 44.98 -78.98
C ILE CA 90 -6.74 46.31 -79.66
N MET CA 91 -5.54 46.87 -79.44
CA MET CA 91 -5.18 48.19 -79.99
C MET CA 91 -5.26 48.19 -81.51
N LYS CA 92 -5.12 47.00 -82.08
CA LYS CA 92 -5.26 46.81 -83.51
C LYS CA 92 -6.76 46.72 -83.87
N ILE CA 93 -7.55 46.08 -83.01
CA ILE CA 93 -9.00 46.05 -83.20
C ILE CA 93 -9.61 47.43 -82.92
N ARG CA 94 -9.17 48.09 -81.87
CA ARG CA 94 -9.64 49.44 -81.56
C ARG CA 94 -9.34 50.47 -82.66
N GLU CA 95 -8.09 50.52 -83.11
CA GLU CA 95 -7.71 51.47 -84.16
C GLU CA 95 -8.55 51.24 -85.40
N TYR CA 96 -8.97 49.99 -85.58
CA TYR CA 96 -9.80 49.60 -86.71
C TYR CA 96 -11.22 50.12 -86.59
N PHE CA 97 -11.86 49.80 -85.48
CA PHE CA 97 -13.28 50.11 -85.34
C PHE CA 97 -13.58 51.60 -85.24
N GLN CA 98 -12.60 52.39 -84.84
CA GLN CA 98 -12.77 53.84 -84.83
C GLN CA 98 -12.92 54.35 -86.26
N LYS CA 99 -11.96 54.00 -87.13
CA LYS CA 99 -12.08 54.38 -88.54
C LYS CA 99 -13.00 53.41 -89.26
N TYR CA 100 -12.57 52.15 -89.33
CA TYR CA 100 -12.96 51.12 -90.33
C TYR CA 100 -12.06 51.05 -91.58
N GLY CA 101 -11.11 51.97 -91.72
CA GLY CA 101 -10.29 51.99 -92.92
C GLY CA 101 -9.20 53.07 -92.97
N PRO DA 3 -2.27 -12.97 -19.58
CA PRO DA 3 -1.31 -12.87 -18.47
C PRO DA 3 -0.01 -12.33 -19.01
N ILE DA 4 0.05 -12.34 -20.34
CA ILE DA 4 1.12 -11.79 -21.18
C ILE DA 4 0.62 -10.47 -21.71
N ARG DA 5 -0.50 -10.54 -22.44
CA ARG DA 5 -1.08 -9.38 -23.10
C ARG DA 5 -1.55 -8.33 -22.11
N SER DA 6 -2.02 -8.79 -20.96
CA SER DA 6 -2.43 -7.93 -19.86
C SER DA 6 -1.36 -6.89 -19.58
N PHE DA 7 -0.10 -7.33 -19.58
CA PHE DA 7 1.03 -6.39 -19.48
C PHE DA 7 1.10 -5.51 -20.73
N CYS DA 8 1.16 -6.16 -21.87
CA CYS DA 8 1.40 -5.47 -23.12
C CYS DA 8 0.27 -4.49 -23.42
N GLY DA 9 -0.96 -4.89 -23.13
CA GLY DA 9 -2.12 -4.03 -23.30
C GLY DA 9 -1.87 -2.69 -22.65
N LYS DA 10 -1.47 -2.70 -21.38
CA LYS DA 10 -1.08 -1.46 -20.70
C LYS DA 10 0.05 -0.77 -21.47
N LEU DA 11 1.06 -1.54 -21.84
CA LEU DA 11 2.23 -0.97 -22.48
C LEU DA 11 1.76 -0.35 -23.80
N ARG DA 12 0.99 -1.13 -24.54
CA ARG DA 12 0.43 -0.71 -25.82
C ARG DA 12 -0.28 0.64 -25.77
N SER DA 13 -1.20 0.80 -24.82
CA SER DA 13 -1.92 2.05 -24.62
C SER DA 13 -0.97 3.23 -24.42
N LEU DA 14 0.15 3.00 -23.76
CA LEU DA 14 1.12 4.05 -23.56
C LEU DA 14 1.78 4.35 -24.90
N ALA DA 15 1.81 3.34 -25.75
CA ALA DA 15 2.38 3.55 -27.07
C ALA DA 15 1.37 4.32 -27.87
N SER DA 16 0.19 3.73 -28.06
CA SER DA 16 -0.87 4.33 -28.89
C SER DA 16 -0.96 5.79 -28.55
N THR DA 17 -1.03 6.08 -27.27
CA THR DA 17 -0.98 7.44 -26.83
C THR DA 17 0.25 8.18 -27.36
N LEU DA 18 1.42 7.58 -27.24
CA LEU DA 18 2.62 8.27 -27.66
C LEU DA 18 2.57 8.56 -29.16
N ASP DA 19 2.04 7.59 -29.90
CA ASP DA 19 1.85 7.72 -31.35
C ASP DA 19 0.97 8.92 -31.65
N CYS DA 20 -0.32 8.75 -31.32
CA CYS DA 20 -1.39 9.68 -31.60
C CYS DA 20 -1.00 11.11 -31.21
N GLU DA 21 -0.55 11.31 -29.98
CA GLU DA 21 -0.40 12.68 -29.51
C GLU DA 21 0.81 13.38 -30.05
N THR DA 22 1.82 12.62 -30.45
CA THR DA 22 3.04 13.23 -30.97
C THR DA 22 2.72 13.75 -32.33
N ALA DA 23 1.94 12.94 -33.05
CA ALA DA 23 1.46 13.30 -34.38
C ALA DA 23 0.79 14.65 -34.29
N ARG DA 24 -0.34 14.66 -33.59
CA ARG DA 24 -1.20 15.83 -33.59
C ARG DA 24 -0.49 17.05 -33.03
N LEU DA 25 0.23 16.87 -31.92
CA LEU DA 25 0.95 18.01 -31.35
C LEU DA 25 1.88 18.68 -32.37
N GLN DA 26 2.45 17.90 -33.28
CA GLN DA 26 3.30 18.49 -34.28
C GLN DA 26 2.40 19.34 -35.13
N ARG DA 27 1.32 18.74 -35.63
CA ARG DA 27 0.38 19.44 -36.50
C ARG DA 27 -0.07 20.73 -35.83
N ALA DA 28 -0.53 20.60 -34.58
CA ALA DA 28 -0.94 21.75 -33.78
C ALA DA 28 0.11 22.83 -33.74
N LEU DA 29 1.36 22.42 -33.55
CA LEU DA 29 2.48 23.34 -33.57
C LEU DA 29 2.55 24.03 -34.95
N ASP DA 30 2.21 23.28 -35.99
CA ASP DA 30 2.32 23.73 -37.38
C ASP DA 30 1.10 24.52 -37.88
N GLY DA 31 -0.01 24.45 -37.16
CA GLY DA 31 -1.18 25.19 -37.56
C GLY DA 31 -2.24 24.34 -38.23
N GLU DA 32 -2.00 23.03 -38.33
CA GLU DA 32 -3.02 22.11 -38.82
C GLU DA 32 -3.83 21.52 -37.67
N GLU DA 33 -4.57 20.46 -37.99
CA GLU DA 33 -5.25 19.60 -37.00
C GLU DA 33 -6.53 20.19 -36.44
N SER DA 34 -6.66 21.50 -36.53
CA SER DA 34 -7.94 22.18 -36.42
C SER DA 34 -8.65 22.07 -35.07
N ASP DA 35 -8.33 21.05 -34.29
CA ASP DA 35 -9.06 20.82 -33.05
C ASP DA 35 -8.64 21.87 -32.07
N PHE DA 36 -7.41 22.32 -32.26
CA PHE DA 36 -6.75 23.18 -31.29
C PHE DA 36 -7.07 24.68 -31.44
N GLU DA 37 -7.44 25.13 -32.63
CA GLU DA 37 -8.02 26.45 -32.77
C GLU DA 37 -9.56 26.44 -32.80
N ASP DA 38 -10.16 25.29 -33.01
CA ASP DA 38 -11.62 25.15 -33.08
C ASP DA 38 -12.36 25.04 -31.72
N TYR DA 39 -11.89 24.15 -30.85
CA TYR DA 39 -12.51 23.98 -29.52
C TYR DA 39 -12.28 25.11 -28.50
N PRO DA 40 -11.03 25.63 -28.37
CA PRO DA 40 -10.84 26.78 -27.47
C PRO DA 40 -11.68 27.97 -27.91
N MET DA 41 -11.96 28.06 -29.20
CA MET DA 41 -12.92 29.03 -29.69
C MET DA 41 -14.24 28.72 -29.01
N ARG DA 42 -14.75 27.51 -29.22
CA ARG DA 42 -16.09 27.14 -28.76
C ARG DA 42 -16.30 27.31 -27.26
N ILE DA 43 -15.30 27.02 -26.44
CA ILE DA 43 -15.42 27.28 -25.01
C ILE DA 43 -15.17 28.75 -24.68
N LEU DA 44 -14.34 29.44 -25.47
CA LEU DA 44 -14.19 30.88 -25.24
C LEU DA 44 -15.48 31.59 -25.58
N TYR DA 45 -16.18 31.11 -26.60
CA TYR DA 45 -17.45 31.72 -27.00
C TYR DA 45 -18.56 31.43 -25.98
N ASP DA 46 -18.50 30.26 -25.36
CA ASP DA 46 -19.42 29.94 -24.28
C ASP DA 46 -19.12 30.87 -23.12
N LEU DA 47 -17.84 30.97 -22.76
CA LEU DA 47 -17.40 31.87 -21.69
C LEU DA 47 -17.85 33.31 -21.93
N HIS DA 48 -17.79 33.73 -23.19
CA HIS DA 48 -18.27 35.04 -23.56
C HIS DA 48 -19.77 35.11 -23.29
N SER DA 49 -20.50 34.11 -23.77
CA SER DA 49 -21.95 34.07 -23.64
C SER DA 49 -22.38 34.11 -22.18
N GLU DA 50 -21.59 33.50 -21.30
CA GLU DA 50 -21.82 33.64 -19.88
C GLU DA 50 -21.68 35.13 -19.51
N VAL DA 51 -20.50 35.72 -19.81
CA VAL DA 51 -20.11 37.10 -19.45
C VAL DA 51 -21.06 38.12 -19.98
N GLN DA 52 -21.65 37.86 -21.15
CA GLN DA 52 -22.52 38.84 -21.73
C GLN DA 52 -23.79 38.95 -20.92
N THR DA 53 -24.48 37.82 -20.73
CA THR DA 53 -25.75 37.84 -20.02
C THR DA 53 -25.58 38.34 -18.58
N LEU DA 54 -24.36 38.28 -18.06
CA LEU DA 54 -24.06 38.85 -16.75
C LEU DA 54 -24.17 40.37 -16.81
N LYS DA 55 -23.55 40.95 -17.85
CA LYS DA 55 -23.53 42.39 -18.04
C LYS DA 55 -24.97 42.82 -18.23
N ASP DA 56 -25.77 41.93 -18.81
CA ASP DA 56 -27.20 42.12 -18.87
C ASP DA 56 -27.81 42.25 -17.47
N ASP DA 57 -27.83 41.14 -16.73
CA ASP DA 57 -28.44 41.14 -15.43
C ASP DA 57 -27.92 42.29 -14.57
N ILE DA 58 -26.63 42.53 -14.64
CA ILE DA 58 -26.01 43.56 -13.82
C ILE DA 58 -26.43 44.95 -14.29
N ASN DA 59 -26.92 45.04 -15.51
CA ASN DA 59 -27.54 46.28 -15.95
C ASN DA 59 -28.96 46.35 -15.42
N ILE DA 60 -29.73 45.29 -15.58
CA ILE DA 60 -31.14 45.32 -15.20
C ILE DA 60 -31.35 45.49 -13.70
N LEU DA 61 -30.33 45.14 -12.91
CA LEU DA 61 -30.42 45.41 -11.49
C LEU DA 61 -30.22 46.89 -11.29
N LEU DA 62 -29.44 47.50 -12.17
CA LEU DA 62 -29.14 48.91 -12.05
C LEU DA 62 -30.41 49.75 -12.19
N ASP DA 63 -31.26 49.41 -13.16
CA ASP DA 63 -32.49 50.18 -13.36
C ASP DA 63 -33.61 49.81 -12.38
N LYS DA 64 -33.50 48.63 -11.76
CA LYS DA 64 -34.41 48.29 -10.68
C LYS DA 64 -34.03 49.18 -9.52
N ALA DA 65 -32.75 49.45 -9.41
CA ALA DA 65 -32.23 50.32 -8.36
C ALA DA 65 -32.38 51.78 -8.73
N ARG DA 66 -32.12 52.10 -9.98
CA ARG DA 66 -32.17 53.50 -10.41
C ARG DA 66 -33.54 54.14 -10.18
N LEU DA 67 -34.62 53.50 -10.62
CA LEU DA 67 -35.96 54.06 -10.37
C LEU DA 67 -36.47 53.80 -8.97
N GLU DA 68 -35.96 52.76 -8.32
CA GLU DA 68 -36.27 52.54 -6.91
C GLU DA 68 -35.88 53.81 -6.20
N ASN DA 69 -34.63 54.22 -6.41
CA ASN DA 69 -34.11 55.46 -5.86
C ASN DA 69 -34.96 56.65 -6.32
N GLN DA 70 -35.45 56.60 -7.56
CA GLN DA 70 -36.22 57.71 -8.13
C GLN DA 70 -37.62 57.79 -7.55
N GLU DA 71 -38.33 56.66 -7.55
CA GLU DA 71 -39.67 56.59 -6.97
C GLU DA 71 -39.62 57.17 -5.58
N GLY DA 72 -38.51 56.90 -4.90
CA GLY DA 72 -38.28 57.34 -3.55
C GLY DA 72 -37.96 58.82 -3.43
N ILE DA 73 -37.17 59.35 -4.37
CA ILE DA 73 -36.85 60.76 -4.34
C ILE DA 73 -38.11 61.56 -4.57
N ASP DA 74 -39.11 60.89 -5.16
CA ASP DA 74 -40.45 61.45 -5.38
C ASP DA 74 -41.31 61.39 -4.14
N PHE DA 75 -41.56 60.17 -3.68
CA PHE DA 75 -42.35 59.90 -2.49
C PHE DA 75 -41.91 60.75 -1.29
N ILE DA 76 -40.62 61.07 -1.23
CA ILE DA 76 -40.12 61.98 -0.20
C ILE DA 76 -40.56 63.43 -0.44
N LYS DA 77 -40.30 63.96 -1.64
CA LYS DA 77 -40.64 65.35 -1.94
C LYS DA 77 -42.14 65.55 -2.07
N ALA DA 78 -42.80 64.56 -2.68
CA ALA DA 78 -44.25 64.62 -2.89
C ALA DA 78 -44.99 64.62 -1.55
N THR DA 79 -44.61 63.73 -0.64
CA THR DA 79 -45.32 63.66 0.62
C THR DA 79 -44.87 64.75 1.59
N LYS DA 80 -43.77 65.42 1.28
CA LYS DA 80 -43.31 66.54 2.11
C LYS DA 80 -44.18 67.79 1.86
N VAL DA 81 -44.74 67.91 0.67
CA VAL DA 81 -45.64 69.02 0.41
C VAL DA 81 -47.05 68.77 0.96
N LEU DA 82 -47.36 67.50 1.24
CA LEU DA 82 -48.66 67.16 1.82
C LEU DA 82 -48.73 67.44 3.32
N MET DA 83 -47.58 67.42 4.00
CA MET DA 83 -47.55 67.77 5.42
C MET DA 83 -47.66 69.26 5.59
N GLU DA 84 -46.89 70.02 4.79
CA GLU DA 84 -46.97 71.47 4.77
C GLU DA 84 -48.42 71.94 4.58
N LYS DA 85 -49.15 71.26 3.70
CA LYS DA 85 -50.58 71.51 3.53
C LYS DA 85 -51.33 71.16 4.80
N ASN DA 86 -51.08 69.96 5.32
CA ASN DA 86 -51.68 69.57 6.59
C ASN DA 86 -51.13 70.38 7.75
N SER DA 87 -49.94 70.94 7.60
CA SER DA 87 -49.30 71.75 8.64
C SER DA 87 -49.97 73.12 8.78
N MET DA 88 -50.52 73.63 7.67
CA MET DA 88 -51.29 74.87 7.71
C MET DA 88 -52.65 74.59 8.30
N ASP DA 89 -53.30 73.55 7.77
CA ASP DA 89 -54.62 73.14 8.24
C ASP DA 89 -54.57 72.63 9.67
N ILE DA 90 -53.36 72.46 10.21
CA ILE DA 90 -53.20 72.29 11.65
C ILE DA 90 -53.07 73.67 12.27
N MET DA 91 -52.01 74.39 11.92
CA MET DA 91 -51.78 75.74 12.47
C MET DA 91 -52.97 76.70 12.26
N LYS DA 92 -53.66 76.59 11.12
CA LYS DA 92 -54.86 77.41 10.92
C LYS DA 92 -56.04 76.87 11.72
N ILE DA 93 -56.08 75.56 11.94
CA ILE DA 93 -57.15 74.94 12.72
C ILE DA 93 -57.11 75.43 14.16
N ARG DA 94 -55.92 75.83 14.62
CA ARG DA 94 -55.73 76.34 15.96
C ARG DA 94 -56.34 77.75 16.13
N GLU DA 95 -56.44 78.47 15.01
CA GLU DA 95 -56.99 79.83 15.02
C GLU DA 95 -58.45 79.92 15.51
N TYR DA 96 -59.32 79.02 15.03
CA TYR DA 96 -60.72 79.03 15.47
C TYR DA 96 -60.92 78.20 16.74
N PHE DA 97 -59.82 77.66 17.27
CA PHE DA 97 -59.81 77.06 18.60
C PHE DA 97 -59.66 78.11 19.70
N GLN DA 98 -59.04 79.24 19.37
CA GLN DA 98 -58.96 80.38 20.28
C GLN DA 98 -60.05 81.45 20.07
N LYS DA 99 -60.81 81.32 18.99
CA LYS DA 99 -61.91 82.25 18.69
C LYS DA 99 -63.04 81.59 17.90
#